data_6YAC
#
_entry.id   6YAC
#
_cell.length_a   1.00
_cell.length_b   1.00
_cell.length_c   1.00
_cell.angle_alpha   90.00
_cell.angle_beta   90.00
_cell.angle_gamma   90.00
#
_symmetry.space_group_name_H-M   'P 1'
#
loop_
_entity.id
_entity.type
_entity.pdbx_description
1 polymer 'Photosystem I P700 chlorophyll a apoprotein A1'
2 polymer 'Photosystem I P700 chlorophyll a apoprotein A2'
3 polymer 'Photosystem I iron-sulfur center'
4 polymer PsaD
5 polymer PsaE
6 polymer PsaF
7 polymer PsaG
8 polymer PsaH
9 polymer 'Photosystem I reaction center subunit VIII'
10 polymer 'Photosystem I reaction center subunit IX'
11 polymer 'Photosystem I reaction center subunit X psaK'
12 polymer PsaL
13 polymer Lhca1
14 polymer 'Chlorophyll a-b binding protein, chloroplastic'
15 polymer 'Chlorophyll a-b binding protein 3, chloroplastic'
16 polymer 'Chlorophyll a-b binding protein P4, chloroplastic'
17 polymer 'Ferredoxin-1, chloroplastic'
18 non-polymer 'CHLOROPHYLL A ISOMER'
19 non-polymer 'CHLOROPHYLL A'
20 non-polymer PHYLLOQUINONE
21 non-polymer 'IRON/SULFUR CLUSTER'
22 non-polymer BETA-CAROTENE
23 non-polymer 1,2-DIPALMITOYL-PHOSPHATIDYL-GLYCEROLE
24 non-polymer DODECYL-BETA-D-MALTOSIDE
25 non-polymer 1,2-DISTEAROYL-MONOGALACTOSYL-DIGLYCERIDE
26 non-polymer 'CALCIUM ION'
27 non-polymer 'DIGALACTOSYL DIACYL GLYCEROL (DGDG)'
28 non-polymer "(3R,3'R,6S)-4,5-DIDEHYDRO-5,6-DIHYDRO-BETA,BETA-CAROTENE-3,3'-DIOL"
29 non-polymer 'CHLOROPHYLL B'
30 non-polymer "(3S,5R,6S,3'S,5'R,6'S)-5,6,5',6'-DIEPOXY-5,6,5',6'- TETRAHYDRO-BETA,BETA-CAROTENE-3,3'-DIOL"
31 non-polymer (1~{S})-3,5,5-trimethyl-4-[(1~{E},3~{E},5~{E},7~{E},9~{E},11~{E},13~{E},15~{E},17~{E})-3,7,12,16-tetramethyl-18-[(4~{S})-2,6,6-trimethyl-4-oxidanyl-cyclohexen-1-yl]octadeca-1,3,5,7,9,11,13,15,17-nonaenyl]cyclohex-3-en-1-ol
32 non-polymer 'FE2/S2 (INORGANIC) CLUSTER'
33 water water
#
loop_
_entity_poly.entity_id
_entity_poly.type
_entity_poly.pdbx_seq_one_letter_code
_entity_poly.pdbx_strand_id
1 'polypeptide(L)'
;PEVKILVDRDPIKTSFEQWAKPGHFSRTIAKGPDTTTWIWNLHADAHDFDSHTSDLEEISRKVFSAHFGQLSIIFLWLSG
MYFHGARFSNYEAWLNDPTHIRPSAQVVWPIVGQEILNGDVGGGFRGIQITSGFFQIWRASGITSELQLYCTAIGALVFA
ALMLFAGWFHYHKAAPKLVWFQDVESMLNHHLAGLLGLGSLSWAGHQVHVSLPINQFLNAGVDPKEIPLPHEFILNRDLL
AQLYPSFAEGATPFFTLNWSKYADFLTFRGGLDPLTGGLWLTDIAHHHLAIAILFLIAGHMYRTNWGIGHGIKDILEAHK
GPFTGQGHKGLYEILTTSWHAQLSINLAMLGSLTIIVAHHMYAMPPYPYLATDYGTQLSLFTHHMWIGGFLIVGAAAHAA
IFMVRDYDPTTRYNDLLDRVLRHRDAIISHLNWVCIFLGFHSFGLYIHNDTMSALGRPQDMFSDTAIQLQPVFAQWIQNT
HALAPGTTAPGATTSTSLTWGGGDLVSVGGKVALLPIPLGTADFLVHHIHAFTIHVTVLILLKGVLFARSSRLIPDKANL
GFRFPCDGPGRGGTCQVSAWDHVFLGLFWMYNAISVVIFHFSWKMQSDVWGSINDQGVVTHITGGNFAQSSITINGWLRD
FLWAQASQVIQSYGSSLSAYGLFFLGAHFVWAFSLMFLFSGRGYWQELIESIVWAHNKLKVAPATQPRALSIVQGRAVGV
THYLLGGIATTWAFFLARIIAVG
;
A
2 'polypeptide(L)'
;ALRFPRFSQGLAQDPTTRRIWFGIATAHDFESHDDITEGRLYQNIFASHFGQLAIIFLWTSGNLFHVAWQGNFEAWVQDP
LHVRPIAHAIWDPHFGQPAVEAFTRGGALGPVNIAYSGVYQWWYTIGLRTNEDLYTGAIFLLFLSFISLLAGWLHLQPKW
KPSVSWFKNAESRLNHHLSGLFGVSSLAWAGHLVHVAIPGSRGEYVRWNNFLSVLPHPQGLGPLFTGQWNLYAQNPDSSN
HLFSTSQGAGTAILTLLGGFHPQTQSLWLTDMAHHHLAIAILFLIGGHMYRTNFGIGHSIKYILEAHIPPGGRLGRGHKG
LYDTINNSIHFQLGLALASLGVITSLVAQHMYSLPAYAFIAQDFTTQAALYTHHQYIAGFIMTGAFAHGAIFFIRDYNPE
QNADNVLARMLEHKEAIISHLSWASLFLGFHTLGLYVHNDVMLAFGTPEKQILIEPIFAQWIQSAHGKTSYGFDVLLSST
NSPALNAGRSIWLPGWLNAINENSNSLFLTIGPGDFLVHHAIALGLHTTTLILVKGALDARGSKLMPDKKDFGYSFPCDG
PGRGGTCDISAWDAFYLAVFWMLNTIGWVTFYWHWKHITLWQGNVSQFNESSTYLMGWLRDYLWLNSSQLINGYNPFGMN
SLSVWAWMFLFGHLVWATGFMFLISWRGYWQELIETLAWAHERTPLANLIRWRDKPVALSIVQARLVGLVHFSVGYIFTY
AAFLIASTSGKFG
;
B
3 'polypeptide(L)' SHSVKIYDTCIGCTQCVRACPTDVLEMIPWGGCKAKQIASAPRTEDCVGCKRCESACPTDFLSVRVYLWHETTRSMGLAY C
4 'polypeptide(L)'
;GFTPPELDPNTPSPIFGGSTGGLLRKAQVEEFYVITWESPKEQIFEMPTGGAAIMREGPNLLKLARKEQCLALGTRLRSK
YKIKYQFYRVFPSGEVQYLHPKDGVYPEKVNPGRQGVGVNFRSIGKNVSPIEVKFTGKQPYDL
;
D
5 'polypeptide(L)' PPIGPKRGAKVKILRQESYWYKGTGSVVAVDQDPNTRYPVVVRFNKVNYANVSTNNYALDEVEEVK E
6 'polypeptide(L)'
;DIAGLTPCKDSKQFAKREKQSIKKLESSLKLYAPDSAPALAINATIEKTKRRFDNYGKQGLLCGADGLPHLIVSGDQRHW
GEFITPGILFLYIAGWIGWVGRSYLIAIRDDKKPTQKEIIIDVPLATGLVFRGFSWPIAAYRELLNGELVAKDV
;
F
7 'polypeptide(L)'
;LNPSLVISLSTGLSLFLGRFVFFNFQRENVAKQGLPEQNGVTHFEAGDTRAKEYVSLLKSNDPVGFNIVDVLAWGSIGHI
VAYYILATSSNGYDPKF
;
G
8 'polypeptide(L)'
;VYFDLEDLGNTTGQWDLYGSDAPSPYNSLQSKFFETFAAPFTKRGLLLKFLILGGGSTLAYFSATASGDILPIKKGPQLP
PQLGPRLG
;
H
9 'polypeptide(L)' INLPSLFVPLVGLLFPAVAMASLFLHVEKRL I
10 'polypeptide(L)' MRDLKTYLSVAPVASTLWFAALAGLLIEINRFFPDALTFPFF J
11 'polypeptide(L)'
;FIGSPTNLIMVTSTSLMLFAGRFGLAPSANRKATAGLKLEARDSGLQTGDPAGFTLADTLACGVVGHIIGVGVVLGLKNI
G
;
K
12 'polypeptide(L)'
;YQVVQPINGDPFIGSLETPVTSSPLVAWYLSNLPGYRTAVNPLLRGIEVGLAHGFLLVGPFVKAGPLRNTEIAGQAGSLA
AGGLVVILSICLTIYGISSFNEGDPSTAPSLTLTGRKKQPDQLQTADGWAKFTGGFFFGGISGVIWAFFLLYVLDLP
;
L
13 'polypeptide(L)'
;DWMPGQPRPSYLDGSAPGDFGFDPLRLGEVPENLERFKESELIHCRWAMLAVPGILVPEALGLGNWVKAQEWAALPGGQA
TYLGNPVPWGTLPTILVIEFLSIAFVEHQRSMEKDPEKKKYPGGAFDPLGYSKDPKKFHEYKIKEVKNGRLALLAFVGIC
VQQSAYPGTGPLENLATHLADPWHNTIGNVLIP
;
1
14 'polypeptide(L)'
;TVAEPDRPLWFPGSTPPPWLDGSLPGDFGFDPLGLGSDPESLRWNVQAELVHSRWAMLGAAGIFIPEFLTKLGILNTPSW
YTAGEQEYFTDTTTLFIVELVFIGWAEGRRWADILNPGCVNTDPIFPNNKLTGTDVGYPGGLWFDPLGWGSASPQKLKEL
RTKEIKNGRLAMLAVMGAWFQHIYTGTGPIDNLFAHLADPGHATIFAA
;
2
15 'polypeptide(L)'
;RPLWFASKQSLSYLDGSLPGDYGFDPLGLSDPEGTGGFIEPRWLAYGEVINGRFAMLGAVGAIAPEYLGKVGLIPQETAL
AWFQTGVIPPAGTYNYWADNYTLFVLEMALMGFAEHRRFQDWAKPGSMGKQYFLGLEKGFGGSGNPAYPGGPFFNPLGFG
KDEKSLKELKLKEVKNGRLAMLAILGYFIQGLVTGVGPYQNLLDHVADPVNNNVLTSLKFH
;
3
16 'polypeptide(L)'
;KKGEWLPGLASPGYLTGSLPGDNGFDPLGLAEDPENLKWFVQAELVNGRWAMLGVAGMLLPEVFTSIGIINVPKWYDAGK
EEYFASSSTLFVIEFILFHYVEIRRWQDIKNPGSVNQDPIFKQYSLPAGEVGYPGGIFNPLNFAPTLEAKEKEIANGRLA
MLAFLGFIIQHNVTGKGPFDNLLQHISDPWHNTIVQTL
;
4
17 'polypeptide(L)'
;ASYKVKLVTPDGTQEFECPSDVYILDHAEEVGIDLPYSCRAGSCSSCAGKVVGGEVDQSDGSFLDDEQIEAGFVLTCVAY
PTSDVVIETHKEEDLTA
;
N
#
# COMPACT_ATOMS: atom_id res chain seq x y z
N PRO A 1 21.64 49.86 -7.22
CA PRO A 1 20.44 50.22 -7.97
C PRO A 1 20.39 49.60 -9.36
N GLU A 2 21.47 49.78 -10.12
CA GLU A 2 21.47 49.37 -11.52
C GLU A 2 21.56 47.85 -11.63
N VAL A 3 21.31 47.36 -12.83
CA VAL A 3 21.16 45.95 -13.11
C VAL A 3 22.44 45.42 -13.75
N LYS A 4 22.95 44.31 -13.24
CA LYS A 4 24.22 43.78 -13.73
C LYS A 4 24.31 42.31 -13.37
N ILE A 5 25.30 41.65 -13.96
CA ILE A 5 25.59 40.27 -13.62
C ILE A 5 26.44 40.23 -12.36
N LEU A 6 26.11 39.32 -11.46
CA LEU A 6 26.80 39.18 -10.19
C LEU A 6 26.94 37.70 -9.86
N VAL A 7 28.17 37.22 -9.73
CA VAL A 7 28.45 35.79 -9.68
C VAL A 7 29.63 35.54 -8.73
N ASP A 8 29.64 34.36 -8.11
CA ASP A 8 30.77 33.87 -7.32
C ASP A 8 31.44 32.72 -8.05
N ARG A 9 32.76 32.59 -7.83
CA ARG A 9 33.57 31.56 -8.47
C ARG A 9 33.78 30.40 -7.51
N ASP A 10 33.58 29.19 -8.01
CA ASP A 10 33.88 27.94 -7.30
C ASP A 10 33.26 27.85 -5.90
N PRO A 11 31.94 28.01 -5.77
CA PRO A 11 31.37 27.92 -4.42
C PRO A 11 31.47 26.52 -3.82
N ILE A 12 31.22 25.49 -4.61
CA ILE A 12 31.28 24.11 -4.16
C ILE A 12 32.17 23.33 -5.12
N LYS A 13 32.89 22.35 -4.59
CA LYS A 13 33.88 21.62 -5.37
C LYS A 13 33.35 20.25 -5.77
N THR A 14 33.53 19.90 -7.04
CA THR A 14 33.09 18.62 -7.55
C THR A 14 33.85 17.48 -6.90
N SER A 15 33.12 16.57 -6.27
CA SER A 15 33.71 15.51 -5.48
C SER A 15 32.74 14.35 -5.38
N PHE A 16 33.28 13.17 -5.08
CA PHE A 16 32.48 11.97 -4.88
C PHE A 16 32.30 11.63 -3.40
N GLU A 17 33.08 12.24 -2.51
CA GLU A 17 33.06 11.90 -1.10
C GLU A 17 31.67 12.07 -0.50
N GLN A 18 30.89 13.02 -0.98
CA GLN A 18 29.55 13.23 -0.45
C GLN A 18 28.53 12.24 -1.00
N TRP A 19 28.86 11.54 -2.09
CA TRP A 19 27.97 10.49 -2.59
C TRP A 19 27.99 9.30 -1.66
N ALA A 20 29.16 8.98 -1.11
CA ALA A 20 29.32 7.80 -0.25
C ALA A 20 28.81 8.03 1.16
N LYS A 21 28.53 9.27 1.56
CA LYS A 21 27.96 9.57 2.86
C LYS A 21 26.50 9.97 2.68
N PRO A 22 25.56 9.03 2.76
CA PRO A 22 24.16 9.37 2.53
C PRO A 22 23.62 10.36 3.54
N GLY A 23 22.85 11.32 3.02
CA GLY A 23 22.17 12.36 3.83
C GLY A 23 23.11 13.46 4.27
N HIS A 24 24.01 13.90 3.38
CA HIS A 24 24.98 14.99 3.70
C HIS A 24 24.26 16.32 3.97
N PHE A 25 23.18 16.58 3.22
CA PHE A 25 22.42 17.86 3.28
C PHE A 25 21.84 18.14 4.67
N SER A 26 21.28 17.14 5.35
CA SER A 26 20.67 17.37 6.68
C SER A 26 21.54 16.77 7.80
N ARG A 27 21.77 17.53 8.85
CA ARG A 27 22.63 17.08 9.98
C ARG A 27 22.03 15.82 10.61
N THR A 28 20.71 15.78 10.80
CA THR A 28 20.05 14.61 11.43
C THR A 28 20.27 13.33 10.61
N ILE A 29 20.06 13.39 9.29
CA ILE A 29 20.26 12.18 8.43
C ILE A 29 21.74 11.78 8.36
N ALA A 30 22.63 12.78 8.25
CA ALA A 30 24.10 12.56 8.14
C ALA A 30 24.57 11.59 9.22
N LYS A 31 24.12 11.80 10.46
CA LYS A 31 24.52 10.96 11.63
C LYS A 31 24.41 9.46 11.29
N GLY A 32 23.48 9.06 10.42
CA GLY A 32 23.37 7.66 10.07
C GLY A 32 22.14 6.98 10.66
N PRO A 33 21.82 5.79 10.19
CA PRO A 33 20.59 5.11 10.62
C PRO A 33 20.74 4.26 11.87
N ASP A 34 19.71 4.30 12.70
CA ASP A 34 19.47 3.31 13.74
C ASP A 34 18.31 2.39 13.39
N THR A 35 17.26 2.95 12.83
CA THR A 35 16.07 2.24 12.41
C THR A 35 15.83 2.49 10.93
N THR A 36 14.89 1.74 10.36
CA THR A 36 14.58 1.88 8.95
C THR A 36 13.91 3.20 8.62
N THR A 37 13.32 3.87 9.62
CA THR A 37 12.68 5.16 9.41
C THR A 37 13.63 6.13 8.71
N TRP A 38 14.90 6.11 9.09
CA TRP A 38 15.94 6.88 8.43
C TRP A 38 15.82 6.84 6.91
N ILE A 39 15.77 5.63 6.34
CA ILE A 39 15.77 5.49 4.88
C ILE A 39 14.61 6.25 4.25
N TRP A 40 13.47 6.30 4.93
CA TRP A 40 12.34 7.05 4.41
C TRP A 40 12.59 8.55 4.49
N ASN A 41 13.04 9.03 5.65
CA ASN A 41 13.25 10.46 5.81
C ASN A 41 14.25 10.96 4.78
N LEU A 42 15.29 10.18 4.52
CA LEU A 42 16.30 10.55 3.55
C LEU A 42 15.69 10.97 2.22
N HIS A 43 14.61 10.29 1.81
CA HIS A 43 13.99 10.64 0.54
C HIS A 43 12.94 11.71 0.67
N ALA A 44 12.29 11.81 1.83
CA ALA A 44 11.18 12.75 1.95
C ALA A 44 11.68 14.18 2.00
N ASP A 45 12.89 14.41 2.51
CA ASP A 45 13.43 15.74 2.70
C ASP A 45 14.51 16.08 1.69
N ALA A 46 14.58 15.34 0.59
CA ALA A 46 15.70 15.47 -0.34
C ALA A 46 15.71 16.81 -1.06
N HIS A 47 14.53 17.34 -1.41
CA HIS A 47 14.44 18.58 -2.16
C HIS A 47 13.84 19.71 -1.34
N ASP A 48 13.76 19.54 -0.02
CA ASP A 48 13.30 20.61 0.86
C ASP A 48 14.48 21.54 1.16
N PHE A 49 14.83 22.33 0.14
CA PHE A 49 16.05 23.14 0.21
C PHE A 49 16.01 24.11 1.38
N ASP A 50 14.93 24.88 1.51
CA ASP A 50 14.93 25.90 2.56
C ASP A 50 14.86 25.33 3.95
N SER A 51 14.78 24.01 4.10
CA SER A 51 14.91 23.38 5.41
C SER A 51 16.30 22.82 5.68
N HIS A 52 17.08 22.54 4.64
CA HIS A 52 18.46 22.14 4.85
C HIS A 52 19.31 23.29 5.36
N THR A 53 18.93 24.52 5.03
CA THR A 53 19.71 25.69 5.45
C THR A 53 18.78 26.87 5.67
N SER A 54 19.37 27.96 6.15
CA SER A 54 18.67 29.20 6.41
C SER A 54 18.97 30.30 5.41
N ASP A 55 20.00 30.13 4.59
CA ASP A 55 20.51 31.20 3.73
C ASP A 55 19.76 31.22 2.40
N LEU A 56 19.22 32.39 2.05
CA LEU A 56 18.41 32.50 0.84
C LEU A 56 19.25 32.31 -0.42
N GLU A 57 20.49 32.79 -0.39
CA GLU A 57 21.39 32.63 -1.53
C GLU A 57 21.58 31.17 -1.89
N GLU A 58 21.78 30.32 -0.89
CA GLU A 58 22.02 28.90 -1.16
C GLU A 58 20.78 28.24 -1.74
N ILE A 59 19.61 28.56 -1.20
CA ILE A 59 18.38 27.99 -1.71
C ILE A 59 18.18 28.38 -3.17
N SER A 60 18.45 29.63 -3.52
CA SER A 60 18.23 30.05 -4.90
C SER A 60 19.23 29.40 -5.86
N ARG A 61 20.49 29.25 -5.44
CA ARG A 61 21.45 28.55 -6.28
C ARG A 61 20.99 27.13 -6.56
N LYS A 62 20.59 26.42 -5.50
CA LYS A 62 20.11 25.06 -5.67
C LYS A 62 18.92 25.00 -6.62
N VAL A 63 17.98 25.95 -6.48
CA VAL A 63 16.78 25.93 -7.31
C VAL A 63 17.16 26.12 -8.78
N PHE A 64 18.05 27.07 -9.07
CA PHE A 64 18.46 27.33 -10.44
C PHE A 64 19.06 26.07 -11.09
N SER A 65 20.01 25.43 -10.40
CA SER A 65 20.63 24.28 -11.05
C SER A 65 19.68 23.08 -11.12
N ALA A 66 18.77 22.95 -10.16
CA ALA A 66 17.76 21.90 -10.26
C ALA A 66 16.88 22.10 -11.48
N HIS A 67 16.56 23.35 -11.80
CA HIS A 67 15.80 23.62 -13.00
C HIS A 67 16.56 23.20 -14.26
N PHE A 68 17.87 23.45 -14.28
CA PHE A 68 18.65 22.98 -15.41
C PHE A 68 18.60 21.47 -15.54
N GLY A 69 18.65 20.75 -14.42
CA GLY A 69 18.54 19.29 -14.48
C GLY A 69 17.22 18.84 -15.06
N GLN A 70 16.13 19.48 -14.65
CA GLN A 70 14.81 19.13 -15.18
C GLN A 70 14.74 19.36 -16.69
N LEU A 71 15.31 20.47 -17.16
CA LEU A 71 15.30 20.75 -18.61
C LEU A 71 16.12 19.72 -19.39
N SER A 72 17.26 19.31 -18.83
CA SER A 72 18.04 18.25 -19.48
C SER A 72 17.21 16.97 -19.61
N ILE A 73 16.46 16.63 -18.56
CA ILE A 73 15.63 15.42 -18.63
C ILE A 73 14.57 15.56 -19.72
N ILE A 74 13.92 16.72 -19.80
CA ILE A 74 12.88 16.90 -20.81
C ILE A 74 13.46 16.77 -22.21
N PHE A 75 14.66 17.32 -22.43
CA PHE A 75 15.27 17.19 -23.74
C PHE A 75 15.58 15.74 -24.07
N LEU A 76 16.00 14.96 -23.08
CA LEU A 76 16.25 13.54 -23.33
C LEU A 76 14.98 12.81 -23.73
N TRP A 77 13.85 13.17 -23.09
CA TRP A 77 12.58 12.54 -23.44
C TRP A 77 12.14 12.92 -24.86
N LEU A 78 12.33 14.18 -25.24
CA LEU A 78 12.06 14.59 -26.62
C LEU A 78 12.96 13.86 -27.61
N SER A 79 14.24 13.73 -27.28
CA SER A 79 15.15 12.99 -28.13
C SER A 79 14.64 11.58 -28.36
N GLY A 80 14.14 10.94 -27.30
CA GLY A 80 13.59 9.61 -27.46
C GLY A 80 12.38 9.56 -28.37
N MET A 81 11.49 10.55 -28.24
CA MET A 81 10.31 10.56 -29.09
C MET A 81 10.68 10.67 -30.57
N TYR A 82 11.59 11.59 -30.89
CA TYR A 82 11.98 11.77 -32.28
C TYR A 82 12.74 10.55 -32.81
N PHE A 83 13.62 9.97 -32.00
CA PHE A 83 14.33 8.79 -32.45
C PHE A 83 13.38 7.63 -32.70
N HIS A 84 12.35 7.48 -31.87
CA HIS A 84 11.44 6.36 -32.08
C HIS A 84 10.55 6.60 -33.29
N GLY A 85 10.16 7.84 -33.52
CA GLY A 85 9.47 8.14 -34.77
C GLY A 85 10.34 7.85 -35.97
N ALA A 86 11.65 8.07 -35.85
CA ALA A 86 12.54 7.87 -36.99
C ALA A 86 12.87 6.40 -37.23
N ARG A 87 12.96 5.60 -36.18
CA ARG A 87 13.54 4.28 -36.27
C ARG A 87 12.55 3.13 -36.16
N PHE A 88 11.54 3.21 -35.31
CA PHE A 88 10.63 2.09 -35.08
C PHE A 88 9.19 2.45 -35.39
N SER A 89 8.95 3.16 -36.48
CA SER A 89 7.63 3.74 -36.71
C SER A 89 7.17 3.46 -38.14
N ASN A 90 5.89 3.74 -38.38
CA ASN A 90 5.30 3.68 -39.70
C ASN A 90 4.85 5.06 -40.17
N TYR A 91 5.66 6.08 -39.87
CA TYR A 91 5.24 7.46 -40.10
C TYR A 91 5.14 7.78 -41.59
N GLU A 92 6.02 7.22 -42.41
CA GLU A 92 6.01 7.55 -43.83
C GLU A 92 4.75 7.02 -44.51
N ALA A 93 4.40 5.76 -44.23
CA ALA A 93 3.19 5.19 -44.81
C ALA A 93 1.96 5.94 -44.34
N TRP A 94 1.92 6.33 -43.07
CA TRP A 94 0.81 7.13 -42.57
C TRP A 94 0.74 8.48 -43.29
N LEU A 95 1.90 9.08 -43.53
CA LEU A 95 1.97 10.29 -44.34
C LEU A 95 1.35 10.08 -45.70
N ASN A 96 1.46 8.86 -46.24
CA ASN A 96 0.89 8.60 -47.55
C ASN A 96 -0.64 8.51 -47.50
N ASP A 97 -1.19 7.87 -46.48
CA ASP A 97 -2.64 7.71 -46.35
C ASP A 97 -3.06 7.87 -44.90
N PRO A 98 -3.31 9.11 -44.47
CA PRO A 98 -3.49 9.35 -43.03
C PRO A 98 -4.79 8.80 -42.46
N THR A 99 -5.85 8.67 -43.27
CA THR A 99 -7.14 8.27 -42.74
C THR A 99 -7.37 6.76 -42.79
N HIS A 100 -6.33 5.98 -43.02
CA HIS A 100 -6.47 4.52 -42.95
C HIS A 100 -5.42 3.89 -42.07
N ILE A 101 -4.21 4.42 -42.06
CA ILE A 101 -3.13 3.89 -41.23
C ILE A 101 -3.29 4.42 -39.82
N ARG A 102 -3.33 3.55 -38.81
CA ARG A 102 -3.44 4.08 -37.42
C ARG A 102 -2.01 4.13 -36.93
N PRO A 103 -1.28 5.38 -36.49
CA PRO A 103 0.10 5.67 -36.11
C PRO A 103 0.61 4.71 -35.05
N SER A 104 1.91 4.40 -35.13
CA SER A 104 2.50 3.43 -34.21
C SER A 104 4.01 3.64 -34.19
N ALA A 105 4.57 3.90 -33.01
CA ALA A 105 6.00 4.16 -32.88
C ALA A 105 6.58 3.41 -31.69
N GLN A 106 6.21 2.15 -31.52
CA GLN A 106 6.84 1.31 -30.50
C GLN A 106 6.62 -0.16 -30.87
N VAL A 107 7.72 -0.90 -30.99
CA VAL A 107 7.64 -2.34 -31.26
C VAL A 107 8.26 -3.08 -30.10
N VAL A 108 7.87 -4.33 -29.94
CA VAL A 108 8.32 -5.14 -28.81
C VAL A 108 9.05 -6.37 -29.31
N TRP A 109 9.97 -6.86 -28.49
CA TRP A 109 10.74 -8.04 -28.82
C TRP A 109 9.93 -9.31 -28.58
N PRO A 110 10.19 -10.35 -29.36
CA PRO A 110 9.48 -11.62 -29.16
C PRO A 110 10.10 -12.49 -28.08
N ILE A 111 9.76 -12.30 -26.81
CA ILE A 111 10.46 -12.95 -25.72
C ILE A 111 9.64 -14.07 -25.08
N VAL A 112 8.41 -13.77 -24.64
CA VAL A 112 7.64 -14.79 -23.93
C VAL A 112 6.25 -14.93 -24.53
N GLY A 113 6.13 -14.67 -25.83
CA GLY A 113 4.84 -14.62 -26.48
C GLY A 113 4.26 -13.22 -26.54
N GLN A 114 4.95 -12.23 -25.97
CA GLN A 114 4.47 -10.87 -25.93
C GLN A 114 4.43 -10.20 -27.29
N GLU A 115 4.97 -10.84 -28.33
CA GLU A 115 4.92 -10.24 -29.66
C GLU A 115 3.50 -10.10 -30.18
N ILE A 116 2.52 -10.74 -29.53
CA ILE A 116 1.13 -10.51 -29.85
C ILE A 116 0.76 -9.04 -29.68
N LEU A 117 1.51 -8.30 -28.86
CA LEU A 117 1.28 -6.88 -28.70
C LEU A 117 1.68 -6.07 -29.92
N ASN A 118 2.35 -6.68 -30.90
CA ASN A 118 2.72 -6.02 -32.14
C ASN A 118 1.57 -6.23 -33.12
N GLY A 119 0.58 -5.34 -33.07
CA GLY A 119 -0.63 -5.52 -33.84
C GLY A 119 -0.60 -4.86 -35.20
N ASP A 120 -1.56 -5.26 -36.03
CA ASP A 120 -1.64 -4.77 -37.40
C ASP A 120 -2.13 -3.33 -37.46
N VAL A 121 -1.21 -2.37 -37.48
CA VAL A 121 -1.56 -0.96 -37.51
C VAL A 121 -1.57 -0.41 -38.93
N GLY A 122 -1.48 -1.27 -39.93
CA GLY A 122 -1.56 -0.82 -41.31
C GLY A 122 -0.26 -0.30 -41.87
N GLY A 123 -0.07 -0.44 -43.18
CA GLY A 123 1.12 0.04 -43.83
C GLY A 123 2.30 -0.92 -43.85
N GLY A 124 2.05 -2.22 -43.70
CA GLY A 124 3.14 -3.18 -43.69
C GLY A 124 3.95 -3.16 -42.42
N PHE A 125 3.31 -2.91 -41.29
CA PHE A 125 3.99 -2.66 -40.04
C PHE A 125 3.15 -3.22 -38.90
N ARG A 126 3.82 -3.68 -37.85
CA ARG A 126 3.14 -4.30 -36.71
C ARG A 126 3.76 -3.80 -35.42
N GLY A 127 2.96 -3.07 -34.63
CA GLY A 127 3.43 -2.50 -33.38
C GLY A 127 2.31 -1.95 -32.53
N ILE A 128 2.60 -0.93 -31.72
CA ILE A 128 1.67 -0.37 -30.74
C ILE A 128 1.17 0.97 -31.24
N GLN A 129 -0.15 1.13 -31.34
CA GLN A 129 -0.73 2.38 -31.82
C GLN A 129 -0.60 3.45 -30.74
N ILE A 130 0.03 4.56 -31.08
CA ILE A 130 0.28 5.63 -30.11
C ILE A 130 -0.85 6.65 -30.17
N THR A 131 -1.05 7.35 -29.06
CA THR A 131 -2.11 8.34 -28.97
C THR A 131 -1.63 9.71 -28.52
N SER A 132 -0.32 9.96 -28.52
CA SER A 132 0.18 11.27 -28.16
C SER A 132 -0.02 12.32 -29.26
N GLY A 133 -0.41 11.89 -30.46
CA GLY A 133 -0.62 12.84 -31.54
C GLY A 133 0.65 13.42 -32.13
N PHE A 134 1.73 12.65 -32.19
CA PHE A 134 2.99 13.19 -32.68
C PHE A 134 3.02 13.27 -34.20
N PHE A 135 2.39 12.32 -34.89
CA PHE A 135 2.34 12.38 -36.35
C PHE A 135 1.66 13.64 -36.82
N GLN A 136 0.60 14.05 -36.13
CA GLN A 136 -0.10 15.28 -36.52
C GLN A 136 0.80 16.49 -36.37
N ILE A 137 1.60 16.53 -35.30
CA ILE A 137 2.53 17.65 -35.13
C ILE A 137 3.58 17.62 -36.22
N TRP A 138 4.13 16.44 -36.52
CA TRP A 138 5.19 16.36 -37.51
C TRP A 138 4.68 16.67 -38.90
N ARG A 139 3.42 16.40 -39.19
CA ARG A 139 2.86 16.80 -40.47
C ARG A 139 2.61 18.30 -40.51
N ALA A 140 2.06 18.87 -39.44
CA ALA A 140 1.91 20.32 -39.39
C ALA A 140 3.24 21.05 -39.39
N SER A 141 4.34 20.35 -39.10
CA SER A 141 5.66 20.97 -39.12
C SER A 141 6.30 20.98 -40.50
N GLY A 142 5.84 20.11 -41.40
CA GLY A 142 6.46 19.95 -42.70
C GLY A 142 7.38 18.76 -42.82
N ILE A 143 7.53 17.96 -41.77
CA ILE A 143 8.46 16.84 -41.78
C ILE A 143 7.93 15.75 -42.70
N THR A 144 8.77 15.33 -43.66
CA THR A 144 8.34 14.34 -44.64
C THR A 144 9.27 13.15 -44.80
N SER A 145 10.44 13.15 -44.17
CA SER A 145 11.33 12.01 -44.24
C SER A 145 11.83 11.68 -42.85
N GLU A 146 12.30 10.45 -42.70
CA GLU A 146 12.81 10.00 -41.41
C GLU A 146 14.18 10.57 -41.10
N LEU A 147 14.85 11.14 -42.10
CA LEU A 147 16.14 11.77 -41.87
C LEU A 147 15.98 13.03 -41.03
N GLN A 148 14.88 13.77 -41.25
CA GLN A 148 14.62 14.95 -40.43
C GLN A 148 14.32 14.57 -38.98
N LEU A 149 13.61 13.46 -38.78
CA LEU A 149 13.37 12.98 -37.42
C LEU A 149 14.67 12.55 -36.74
N TYR A 150 15.54 11.82 -37.47
CA TYR A 150 16.87 11.51 -36.93
C TYR A 150 17.60 12.78 -36.53
N CYS A 151 17.59 13.78 -37.41
CA CYS A 151 18.33 15.00 -37.15
C CYS A 151 17.84 15.69 -35.89
N THR A 152 16.52 15.72 -35.69
CA THR A 152 16.00 16.39 -34.51
C THR A 152 16.28 15.57 -33.25
N ALA A 153 16.29 14.24 -33.35
CA ALA A 153 16.69 13.43 -32.21
C ALA A 153 18.13 13.74 -31.79
N ILE A 154 19.03 13.86 -32.76
CA ILE A 154 20.42 14.17 -32.44
C ILE A 154 20.55 15.56 -31.83
N GLY A 155 19.85 16.54 -32.41
CA GLY A 155 19.90 17.88 -31.86
C GLY A 155 19.38 17.94 -30.43
N ALA A 156 18.32 17.20 -30.14
CA ALA A 156 17.79 17.18 -28.78
C ALA A 156 18.77 16.51 -27.82
N LEU A 157 19.46 15.45 -28.27
CA LEU A 157 20.46 14.84 -27.39
C LEU A 157 21.57 15.83 -27.06
N VAL A 158 22.03 16.56 -28.07
CA VAL A 158 23.06 17.58 -27.83
C VAL A 158 22.57 18.60 -26.82
N PHE A 159 21.34 19.10 -27.01
CA PHE A 159 20.79 20.10 -26.10
C PHE A 159 20.64 19.57 -24.68
N ALA A 160 20.35 18.29 -24.53
CA ALA A 160 20.25 17.71 -23.19
C ALA A 160 21.61 17.69 -22.49
N ALA A 161 22.65 17.27 -23.21
CA ALA A 161 23.99 17.35 -22.63
C ALA A 161 24.35 18.78 -22.26
N LEU A 162 23.96 19.75 -23.11
CA LEU A 162 24.26 21.15 -22.83
C LEU A 162 23.58 21.62 -21.55
N MET A 163 22.29 21.27 -21.39
CA MET A 163 21.57 21.63 -20.18
C MET A 163 22.23 21.04 -18.94
N LEU A 164 22.63 19.76 -19.02
CA LEU A 164 23.26 19.14 -17.86
C LEU A 164 24.56 19.84 -17.50
N PHE A 165 25.36 20.21 -18.50
CA PHE A 165 26.61 20.90 -18.21
C PHE A 165 26.34 22.26 -17.58
N ALA A 166 25.37 23.01 -18.10
CA ALA A 166 25.03 24.30 -17.51
C ALA A 166 24.53 24.16 -16.08
N GLY A 167 23.82 23.07 -15.80
CA GLY A 167 23.40 22.82 -14.44
C GLY A 167 24.58 22.61 -13.51
N TRP A 168 25.57 21.85 -13.95
CA TRP A 168 26.78 21.71 -13.14
C TRP A 168 27.51 23.04 -13.01
N PHE A 169 27.56 23.81 -14.09
CA PHE A 169 28.37 25.01 -14.13
C PHE A 169 27.84 26.07 -13.19
N HIS A 170 26.54 26.34 -13.25
CA HIS A 170 26.01 27.42 -12.44
C HIS A 170 25.94 27.08 -10.96
N TYR A 171 26.21 25.83 -10.58
CA TYR A 171 26.25 25.51 -9.17
C TYR A 171 27.66 25.37 -8.64
N HIS A 172 28.60 24.87 -9.43
CA HIS A 172 29.92 24.61 -8.90
C HIS A 172 30.98 25.62 -9.33
N LYS A 173 30.79 26.34 -10.44
CA LYS A 173 31.84 27.21 -10.94
C LYS A 173 31.45 28.69 -10.97
N ALA A 174 30.27 29.02 -11.47
CA ALA A 174 29.82 30.40 -11.57
C ALA A 174 28.40 30.48 -11.01
N ALA A 175 28.28 30.73 -9.72
CA ALA A 175 26.98 30.70 -9.06
C ALA A 175 26.50 32.13 -8.79
N PRO A 176 25.34 32.52 -9.31
CA PRO A 176 24.90 33.90 -9.12
C PRO A 176 24.44 34.16 -7.70
N LYS A 177 24.58 35.40 -7.27
CA LYS A 177 24.24 35.77 -5.91
C LYS A 177 22.83 36.30 -5.81
N LEU A 178 22.39 36.53 -4.57
CA LEU A 178 20.99 36.80 -4.28
C LEU A 178 20.47 38.03 -5.03
N VAL A 179 21.29 39.08 -5.14
CA VAL A 179 20.83 40.31 -5.78
C VAL A 179 20.53 40.08 -7.25
N TRP A 180 21.21 39.11 -7.88
CA TRP A 180 20.90 38.75 -9.25
C TRP A 180 19.50 38.17 -9.36
N PHE A 181 19.18 37.19 -8.51
CA PHE A 181 17.85 36.58 -8.54
C PHE A 181 16.76 37.59 -8.22
N GLN A 182 17.01 38.47 -7.26
CA GLN A 182 15.96 39.33 -6.75
C GLN A 182 15.63 40.50 -7.66
N ASP A 183 16.08 40.48 -8.91
CA ASP A 183 15.74 41.53 -9.87
C ASP A 183 14.61 41.01 -10.73
N VAL A 184 13.38 41.34 -10.36
CA VAL A 184 12.21 40.82 -11.05
C VAL A 184 11.80 41.65 -12.26
N GLU A 185 12.14 42.94 -12.29
CA GLU A 185 11.74 43.78 -13.42
C GLU A 185 12.47 43.37 -14.71
N SER A 186 13.78 43.20 -14.63
CA SER A 186 14.53 42.75 -15.80
C SER A 186 14.12 41.35 -16.20
N MET A 187 13.82 40.50 -15.23
CA MET A 187 13.38 39.15 -15.52
C MET A 187 12.08 39.14 -16.31
N LEU A 188 11.11 39.92 -15.85
CA LEU A 188 9.83 39.98 -16.55
C LEU A 188 10.00 40.59 -17.93
N ASN A 189 10.83 41.63 -18.05
CA ASN A 189 11.09 42.22 -19.36
C ASN A 189 11.67 41.20 -20.33
N HIS A 190 12.52 40.31 -19.84
CA HIS A 190 13.10 39.30 -20.73
C HIS A 190 12.13 38.18 -21.06
N HIS A 191 11.36 37.72 -20.08
CA HIS A 191 10.46 36.61 -20.39
C HIS A 191 9.29 37.05 -21.24
N LEU A 192 8.83 38.28 -21.07
CA LEU A 192 7.72 38.76 -21.87
C LEU A 192 8.16 39.03 -23.30
N ALA A 193 9.25 39.75 -23.48
CA ALA A 193 9.66 40.19 -24.80
C ALA A 193 10.70 39.29 -25.45
N GLY A 194 11.47 38.56 -24.67
CA GLY A 194 12.52 37.74 -25.23
C GLY A 194 12.13 36.29 -25.41
N LEU A 195 11.50 35.70 -24.39
CA LEU A 195 11.15 34.29 -24.47
C LEU A 195 9.86 34.08 -25.25
N LEU A 196 8.82 34.85 -24.92
CA LEU A 196 7.52 34.66 -25.56
C LEU A 196 7.37 35.48 -26.84
N GLY A 197 7.96 36.66 -26.90
CA GLY A 197 7.87 37.46 -28.12
C GLY A 197 8.72 36.91 -29.24
N LEU A 198 10.03 36.81 -29.00
CA LEU A 198 10.92 36.29 -30.01
C LEU A 198 10.60 34.84 -30.35
N GLY A 199 10.11 34.08 -29.37
CA GLY A 199 9.77 32.70 -29.64
C GLY A 199 8.67 32.56 -30.68
N SER A 200 7.55 33.24 -30.46
CA SER A 200 6.46 33.12 -31.39
C SER A 200 6.73 33.86 -32.69
N LEU A 201 7.59 34.88 -32.67
CA LEU A 201 8.01 35.48 -33.94
C LEU A 201 8.80 34.49 -34.79
N SER A 202 9.79 33.83 -34.18
CA SER A 202 10.58 32.83 -34.89
C SER A 202 9.69 31.69 -35.39
N TRP A 203 8.70 31.30 -34.58
CA TRP A 203 7.84 30.22 -35.02
C TRP A 203 6.93 30.64 -36.16
N ALA A 204 6.36 31.84 -36.08
CA ALA A 204 5.62 32.38 -37.22
C ALA A 204 6.49 32.38 -38.46
N GLY A 205 7.77 32.70 -38.30
CA GLY A 205 8.67 32.62 -39.43
C GLY A 205 8.74 31.22 -40.02
N HIS A 206 8.88 30.21 -39.16
CA HIS A 206 8.99 28.85 -39.69
C HIS A 206 7.70 28.42 -40.38
N GLN A 207 6.55 28.85 -39.86
CA GLN A 207 5.30 28.46 -40.50
C GLN A 207 5.13 29.13 -41.86
N VAL A 208 5.65 30.35 -42.02
CA VAL A 208 5.51 31.06 -43.28
C VAL A 208 6.39 30.44 -44.36
N HIS A 209 7.49 29.80 -43.99
CA HIS A 209 8.45 29.31 -44.96
C HIS A 209 8.47 27.81 -45.14
N VAL A 210 7.96 27.04 -44.19
CA VAL A 210 8.08 25.60 -44.29
C VAL A 210 6.72 24.93 -44.20
N SER A 211 6.03 25.12 -43.08
CA SER A 211 4.77 24.43 -42.85
C SER A 211 3.74 24.80 -43.91
N LEU A 212 3.61 26.10 -44.19
CA LEU A 212 2.59 26.53 -45.15
C LEU A 212 2.83 25.95 -46.54
N PRO A 213 4.01 26.09 -47.17
CA PRO A 213 4.16 25.53 -48.52
C PRO A 213 4.14 24.02 -48.57
N ILE A 214 4.77 23.35 -47.60
CA ILE A 214 4.78 21.88 -47.64
C ILE A 214 3.38 21.33 -47.43
N ASN A 215 2.58 21.98 -46.57
CA ASN A 215 1.22 21.53 -46.39
C ASN A 215 0.35 21.88 -47.59
N GLN A 216 0.62 22.99 -48.26
CA GLN A 216 -0.08 23.28 -49.51
C GLN A 216 0.18 22.20 -50.54
N PHE A 217 1.44 21.79 -50.68
CA PHE A 217 1.78 20.71 -51.59
C PHE A 217 1.14 19.40 -51.18
N LEU A 218 1.13 19.10 -49.89
CA LEU A 218 0.57 17.83 -49.42
C LEU A 218 -0.93 17.78 -49.64
N ASN A 219 -1.63 18.89 -49.38
CA ASN A 219 -3.06 18.92 -49.59
C ASN A 219 -3.42 18.99 -51.07
N ALA A 220 -2.47 19.39 -51.93
CA ALA A 220 -2.71 19.34 -53.36
C ALA A 220 -2.68 17.91 -53.91
N GLY A 221 -2.17 16.95 -53.14
CA GLY A 221 -2.11 15.57 -53.57
C GLY A 221 -0.74 15.06 -53.95
N VAL A 222 0.30 15.86 -53.81
CA VAL A 222 1.62 15.48 -54.29
C VAL A 222 2.23 14.40 -53.42
N ASP A 223 2.97 13.49 -54.04
CA ASP A 223 3.62 12.41 -53.31
C ASP A 223 4.60 12.99 -52.30
N PRO A 224 4.58 12.53 -51.04
CA PRO A 224 5.42 13.16 -50.01
C PRO A 224 6.91 13.06 -50.27
N LYS A 225 7.34 12.29 -51.27
CA LYS A 225 8.74 12.25 -51.62
C LYS A 225 9.09 13.17 -52.78
N GLU A 226 8.12 13.52 -53.62
CA GLU A 226 8.35 14.41 -54.75
C GLU A 226 8.11 15.87 -54.41
N ILE A 227 7.83 16.19 -53.15
CA ILE A 227 7.72 17.57 -52.70
C ILE A 227 9.13 18.11 -52.55
N PRO A 228 9.41 19.35 -52.95
CA PRO A 228 10.74 19.92 -52.71
C PRO A 228 11.08 19.93 -51.23
N LEU A 229 12.39 19.97 -50.96
CA LEU A 229 12.85 20.14 -49.60
C LEU A 229 12.54 21.57 -49.13
N PRO A 230 12.39 21.77 -47.82
CA PRO A 230 12.06 23.13 -47.34
C PRO A 230 13.05 24.19 -47.78
N HIS A 231 14.35 23.90 -47.72
CA HIS A 231 15.35 24.93 -48.01
C HIS A 231 15.28 25.40 -49.45
N GLU A 232 14.80 24.55 -50.36
CA GLU A 232 14.55 25.00 -51.72
C GLU A 232 13.62 26.19 -51.74
N PHE A 233 12.52 26.11 -50.98
CA PHE A 233 11.59 27.22 -50.87
C PHE A 233 12.29 28.51 -50.45
N ILE A 234 13.43 28.41 -49.77
CA ILE A 234 14.17 29.59 -49.37
C ILE A 234 15.18 30.00 -50.42
N LEU A 235 15.81 29.06 -51.10
CA LEU A 235 16.78 29.41 -52.14
C LEU A 235 16.07 29.97 -53.35
N ASN A 236 15.24 29.14 -53.99
CA ASN A 236 14.40 29.57 -55.10
C ASN A 236 13.10 30.12 -54.54
N ARG A 237 12.78 31.36 -54.87
CA ARG A 237 11.56 31.98 -54.37
C ARG A 237 10.39 31.91 -55.33
N ASP A 238 10.64 31.65 -56.62
CA ASP A 238 9.52 31.50 -57.54
C ASP A 238 8.64 30.33 -57.14
N LEU A 239 9.22 29.32 -56.48
CA LEU A 239 8.42 28.24 -55.91
C LEU A 239 7.37 28.80 -54.95
N LEU A 240 7.79 29.71 -54.06
CA LEU A 240 6.85 30.33 -53.14
C LEU A 240 5.84 31.20 -53.87
N ALA A 241 6.30 32.00 -54.84
CA ALA A 241 5.39 32.91 -55.52
C ALA A 241 4.38 32.18 -56.39
N GLN A 242 4.64 30.92 -56.74
CA GLN A 242 3.63 30.15 -57.45
C GLN A 242 2.43 29.84 -56.56
N LEU A 243 2.68 29.53 -55.28
CA LEU A 243 1.60 29.24 -54.35
C LEU A 243 1.00 30.48 -53.72
N TYR A 244 1.79 31.55 -53.57
CA TYR A 244 1.35 32.78 -52.96
C TYR A 244 1.96 33.95 -53.72
N PRO A 245 1.23 34.51 -54.69
CA PRO A 245 1.78 35.62 -55.49
C PRO A 245 2.40 36.74 -54.66
N SER A 246 1.88 36.97 -53.45
CA SER A 246 2.36 38.07 -52.63
C SER A 246 3.85 37.96 -52.32
N PHE A 247 4.43 36.77 -52.42
CA PHE A 247 5.86 36.61 -52.15
C PHE A 247 6.73 37.11 -53.29
N ALA A 248 6.13 37.75 -54.29
CA ALA A 248 6.94 38.39 -55.33
C ALA A 248 7.37 39.79 -54.91
N GLU A 249 6.47 40.55 -54.28
CA GLU A 249 6.84 41.87 -53.79
C GLU A 249 7.82 41.80 -52.63
N GLY A 250 7.70 40.78 -51.79
CA GLY A 250 8.75 40.42 -50.86
C GLY A 250 9.29 41.48 -49.92
N ALA A 251 8.51 41.88 -48.93
CA ALA A 251 8.84 42.82 -47.86
C ALA A 251 8.75 44.28 -48.30
N THR A 252 8.48 44.56 -49.56
CA THR A 252 8.18 45.94 -49.92
C THR A 252 6.88 46.38 -49.26
N PRO A 253 5.81 45.56 -49.28
CA PRO A 253 4.60 45.97 -48.55
C PRO A 253 4.83 46.24 -47.08
N PHE A 254 5.48 45.32 -46.36
CA PHE A 254 5.68 45.45 -44.93
C PHE A 254 6.28 46.79 -44.52
N PHE A 255 6.94 47.46 -45.48
CA PHE A 255 7.55 48.79 -45.25
C PHE A 255 6.64 49.86 -45.87
N THR A 256 6.10 49.60 -47.06
CA THR A 256 5.18 50.55 -47.75
C THR A 256 3.84 50.58 -47.00
N LEU A 257 3.77 49.85 -45.88
CA LEU A 257 2.60 49.75 -45.01
C LEU A 257 1.37 49.20 -45.71
N ASN A 258 1.44 48.80 -46.98
CA ASN A 258 0.30 48.19 -47.67
C ASN A 258 0.19 46.71 -47.29
N TRP A 259 0.02 46.47 -45.99
CA TRP A 259 -0.11 45.11 -45.50
C TRP A 259 -1.22 44.34 -46.19
N SER A 260 -2.17 45.06 -46.80
CA SER A 260 -3.24 44.40 -47.55
C SER A 260 -2.68 43.40 -48.56
N LYS A 261 -1.56 43.73 -49.18
CA LYS A 261 -1.00 42.87 -50.21
C LYS A 261 -0.48 41.55 -49.68
N TYR A 262 -0.47 41.35 -48.36
CA TYR A 262 -0.13 40.05 -47.80
C TYR A 262 -1.34 39.18 -47.52
N ALA A 263 -2.55 39.66 -47.82
CA ALA A 263 -3.77 38.90 -47.53
C ALA A 263 -3.75 37.52 -48.17
N ASP A 264 -2.79 37.27 -49.05
CA ASP A 264 -2.54 35.94 -49.60
C ASP A 264 -2.50 34.88 -48.51
N PHE A 265 -1.56 35.01 -47.58
CA PHE A 265 -1.28 33.96 -46.61
C PHE A 265 -1.45 34.39 -45.16
N LEU A 266 -1.85 35.63 -44.91
CA LEU A 266 -2.19 36.08 -43.55
C LEU A 266 -3.67 36.43 -43.58
N THR A 267 -4.51 35.48 -43.17
CA THR A 267 -5.95 35.63 -43.30
C THR A 267 -6.60 35.75 -41.93
N PHE A 268 -7.92 35.91 -41.94
CA PHE A 268 -8.73 35.92 -40.72
C PHE A 268 -10.01 35.11 -40.95
N ARG A 269 -9.86 33.88 -41.44
CA ARG A 269 -11.01 33.15 -41.94
C ARG A 269 -11.92 32.65 -40.82
N GLY A 270 -11.37 31.88 -39.89
CA GLY A 270 -12.21 31.27 -38.87
C GLY A 270 -12.85 30.00 -39.38
N GLY A 271 -13.12 29.06 -38.50
CA GLY A 271 -13.60 27.77 -38.94
C GLY A 271 -12.46 26.83 -39.29
N LEU A 272 -12.85 25.69 -39.85
CA LEU A 272 -11.91 24.61 -40.12
C LEU A 272 -11.59 24.52 -41.60
N ASP A 273 -10.50 23.81 -41.89
CA ASP A 273 -10.11 23.43 -43.25
C ASP A 273 -10.90 22.19 -43.63
N PRO A 274 -11.80 22.28 -44.62
CA PRO A 274 -12.66 21.13 -44.94
C PRO A 274 -11.94 19.98 -45.60
N LEU A 275 -10.63 20.05 -45.80
CA LEU A 275 -9.86 18.95 -46.35
C LEU A 275 -9.19 18.09 -45.28
N THR A 276 -8.69 18.72 -44.22
CA THR A 276 -7.96 18.00 -43.19
C THR A 276 -8.61 18.10 -41.82
N GLY A 277 -9.68 18.88 -41.68
CA GLY A 277 -10.35 18.99 -40.40
C GLY A 277 -9.57 19.75 -39.34
N GLY A 278 -8.73 20.70 -39.75
CA GLY A 278 -8.00 21.52 -38.82
C GLY A 278 -8.13 22.99 -39.17
N LEU A 279 -7.53 23.82 -38.32
CA LEU A 279 -7.55 25.25 -38.54
C LEU A 279 -6.71 25.62 -39.75
N TRP A 280 -7.12 26.68 -40.43
CA TRP A 280 -6.34 27.19 -41.56
C TRP A 280 -4.96 27.60 -41.09
N LEU A 281 -3.92 27.12 -41.80
CA LEU A 281 -2.57 27.50 -41.44
C LEU A 281 -2.32 28.98 -41.67
N THR A 282 -2.95 29.54 -42.70
CA THR A 282 -2.86 30.97 -42.95
C THR A 282 -3.47 31.79 -41.82
N ASP A 283 -4.30 31.16 -40.98
CA ASP A 283 -4.80 31.86 -39.80
C ASP A 283 -3.81 31.76 -38.65
N ILE A 284 -3.14 30.61 -38.52
CA ILE A 284 -2.24 30.39 -37.40
C ILE A 284 -0.98 31.24 -37.54
N ALA A 285 -0.47 31.39 -38.76
CA ALA A 285 0.72 32.23 -38.95
C ALA A 285 0.42 33.68 -38.59
N HIS A 286 -0.72 34.19 -39.06
CA HIS A 286 -1.13 35.55 -38.76
C HIS A 286 -1.36 35.74 -37.26
N HIS A 287 -1.95 34.73 -36.62
CA HIS A 287 -2.12 34.75 -35.17
C HIS A 287 -0.78 34.90 -34.47
N HIS A 288 0.21 34.11 -34.86
CA HIS A 288 1.48 34.15 -34.16
C HIS A 288 2.19 35.47 -34.38
N LEU A 289 2.08 36.03 -35.59
CA LEU A 289 2.60 37.37 -35.83
C LEU A 289 2.01 38.36 -34.84
N ALA A 290 0.69 38.36 -34.70
CA ALA A 290 0.03 39.31 -33.81
C ALA A 290 0.45 39.11 -32.36
N ILE A 291 0.52 37.85 -31.91
CA ILE A 291 0.90 37.56 -30.53
C ILE A 291 2.33 38.00 -30.26
N ALA A 292 3.22 37.77 -31.22
CA ALA A 292 4.61 38.23 -31.06
C ALA A 292 4.68 39.74 -30.93
N ILE A 293 3.95 40.48 -31.76
CA ILE A 293 3.95 41.93 -31.63
C ILE A 293 3.48 42.34 -30.24
N LEU A 294 2.39 41.74 -29.77
CA LEU A 294 1.82 42.10 -28.48
C LEU A 294 2.81 41.85 -27.35
N PHE A 295 3.48 40.69 -27.37
CA PHE A 295 4.42 40.38 -26.29
C PHE A 295 5.67 41.24 -26.36
N LEU A 296 6.19 41.47 -27.56
CA LEU A 296 7.38 42.30 -27.69
C LEU A 296 7.13 43.71 -27.17
N ILE A 297 5.92 44.24 -27.39
CA ILE A 297 5.60 45.54 -26.79
C ILE A 297 5.45 45.42 -25.29
N ALA A 298 4.79 44.35 -24.81
CA ALA A 298 4.53 44.24 -23.38
C ALA A 298 5.80 43.99 -22.57
N GLY A 299 6.88 43.57 -23.20
CA GLY A 299 8.13 43.37 -22.49
C GLY A 299 8.93 44.64 -22.30
N HIS A 300 8.27 45.79 -22.47
CA HIS A 300 8.87 47.11 -22.27
C HIS A 300 8.03 47.92 -21.33
N MET A 301 7.68 47.34 -20.19
CA MET A 301 6.87 48.05 -19.20
C MET A 301 7.66 48.47 -17.97
N TYR A 302 8.55 47.63 -17.51
CA TYR A 302 9.19 47.79 -16.21
C TYR A 302 10.52 48.49 -16.36
N ARG A 303 10.83 49.35 -15.39
CA ARG A 303 12.09 50.09 -15.42
C ARG A 303 13.23 49.19 -14.98
N THR A 304 14.31 49.18 -15.75
CA THR A 304 15.51 48.46 -15.36
C THR A 304 16.69 49.38 -15.10
N ASN A 305 17.12 50.13 -16.11
CA ASN A 305 18.39 50.83 -16.02
C ASN A 305 18.39 52.21 -16.68
N TRP A 306 17.26 52.69 -17.19
CA TRP A 306 17.27 53.90 -17.98
C TRP A 306 16.12 54.82 -17.63
N GLY A 307 15.63 54.75 -16.40
CA GLY A 307 14.55 55.60 -15.97
C GLY A 307 13.19 55.17 -16.48
N ILE A 308 13.03 55.14 -17.81
CA ILE A 308 11.73 54.82 -18.39
C ILE A 308 11.30 53.42 -17.97
N GLY A 309 10.02 53.28 -17.66
CA GLY A 309 9.44 52.04 -17.22
C GLY A 309 8.58 52.25 -16.01
N HIS A 310 8.15 51.15 -15.42
CA HIS A 310 7.27 51.16 -14.26
C HIS A 310 7.92 50.47 -13.09
N GLY A 311 7.86 51.08 -11.91
CA GLY A 311 8.27 50.42 -10.69
C GLY A 311 7.13 49.63 -10.12
N ILE A 312 7.37 48.33 -9.89
CA ILE A 312 6.30 47.47 -9.38
C ILE A 312 5.87 47.93 -7.99
N LYS A 313 6.82 48.32 -7.15
CA LYS A 313 6.48 48.85 -5.84
C LYS A 313 5.56 50.07 -5.96
N ASP A 314 5.82 50.93 -6.94
CA ASP A 314 4.99 52.13 -7.10
C ASP A 314 3.57 51.76 -7.51
N ILE A 315 3.43 50.81 -8.45
CA ILE A 315 2.10 50.39 -8.86
C ILE A 315 1.34 49.80 -7.68
N LEU A 316 1.98 48.92 -6.92
CA LEU A 316 1.30 48.29 -5.81
C LEU A 316 0.93 49.30 -4.72
N GLU A 317 1.85 50.22 -4.40
CA GLU A 317 1.55 51.20 -3.37
C GLU A 317 0.47 52.18 -3.80
N ALA A 318 0.30 52.39 -5.11
CA ALA A 318 -0.70 53.36 -5.55
C ALA A 318 -2.11 52.85 -5.34
N HIS A 319 -2.32 51.55 -5.32
CA HIS A 319 -3.65 50.97 -5.24
C HIS A 319 -4.07 50.77 -3.79
N LYS A 320 -5.10 51.49 -3.36
CA LYS A 320 -5.71 51.33 -2.06
C LYS A 320 -6.96 52.20 -1.98
N GLY A 321 -7.90 51.80 -1.14
CA GLY A 321 -9.16 52.49 -1.04
C GLY A 321 -9.77 52.39 0.35
N PRO A 322 -11.02 52.83 0.48
CA PRO A 322 -11.66 52.89 1.81
C PRO A 322 -12.18 51.57 2.32
N PHE A 323 -12.17 50.50 1.52
CA PHE A 323 -12.56 49.20 2.03
C PHE A 323 -11.37 48.34 2.43
N THR A 324 -10.18 48.61 1.89
CA THR A 324 -9.04 47.73 2.07
C THR A 324 -7.87 48.38 2.80
N GLY A 325 -8.07 49.53 3.43
CA GLY A 325 -6.99 50.13 4.20
C GLY A 325 -5.82 50.62 3.38
N GLN A 326 -4.69 49.92 3.47
CA GLN A 326 -3.46 50.30 2.79
C GLN A 326 -3.05 49.34 1.69
N GLY A 327 -3.96 48.45 1.28
CA GLY A 327 -3.63 47.26 0.52
C GLY A 327 -2.63 47.37 -0.60
N HIS A 328 -1.89 46.30 -0.85
CA HIS A 328 -0.82 46.12 -1.83
C HIS A 328 0.47 46.77 -1.40
N LYS A 329 0.49 47.55 -0.33
CA LYS A 329 1.75 48.03 0.23
C LYS A 329 2.37 46.93 1.07
N GLY A 330 3.53 46.44 0.65
CA GLY A 330 4.19 45.36 1.33
C GLY A 330 4.14 44.01 0.63
N LEU A 331 3.65 43.96 -0.60
CA LEU A 331 3.67 42.71 -1.35
C LEU A 331 4.92 42.53 -2.19
N TYR A 332 5.59 43.63 -2.56
CA TYR A 332 6.85 43.51 -3.28
C TYR A 332 7.93 42.91 -2.37
N GLU A 333 7.94 43.30 -1.10
CA GLU A 333 8.89 42.72 -0.16
C GLU A 333 8.63 41.24 0.07
N ILE A 334 7.38 40.82 -0.04
CA ILE A 334 7.04 39.42 0.22
C ILE A 334 7.33 38.55 -0.99
N LEU A 335 6.90 39.01 -2.15
CA LEU A 335 7.06 38.30 -3.40
C LEU A 335 8.46 38.30 -3.91
N THR A 336 9.42 38.83 -3.17
CA THR A 336 10.82 38.77 -3.56
C THR A 336 11.67 38.07 -2.52
N THR A 337 11.09 37.59 -1.42
CA THR A 337 11.85 36.93 -0.38
C THR A 337 11.42 35.51 -0.08
N SER A 338 10.28 35.06 -0.62
CA SER A 338 9.81 33.70 -0.41
C SER A 338 9.62 33.02 -1.75
N TRP A 339 10.26 31.86 -1.92
CA TRP A 339 10.04 31.05 -3.10
C TRP A 339 8.67 30.39 -3.10
N HIS A 340 8.08 30.16 -1.92
CA HIS A 340 6.83 29.42 -1.85
C HIS A 340 5.66 30.26 -2.32
N ALA A 341 5.66 31.56 -2.02
CA ALA A 341 4.62 32.43 -2.55
C ALA A 341 4.64 32.45 -4.07
N GLN A 342 5.83 32.62 -4.65
CA GLN A 342 5.98 32.61 -6.09
C GLN A 342 5.49 31.29 -6.66
N LEU A 343 5.90 30.17 -6.04
CA LEU A 343 5.50 28.87 -6.55
C LEU A 343 3.99 28.68 -6.51
N SER A 344 3.34 29.19 -5.47
CA SER A 344 1.89 29.03 -5.39
C SER A 344 1.17 29.80 -6.48
N ILE A 345 1.54 31.07 -6.67
CA ILE A 345 0.92 31.83 -7.74
C ILE A 345 1.17 31.17 -9.10
N ASN A 346 2.40 30.72 -9.31
CA ASN A 346 2.75 30.16 -10.61
C ASN A 346 2.02 28.86 -10.88
N LEU A 347 1.90 28.00 -9.86
CA LEU A 347 1.18 26.75 -10.02
C LEU A 347 -0.28 26.98 -10.30
N ALA A 348 -0.90 27.92 -9.57
CA ALA A 348 -2.32 28.21 -9.82
C ALA A 348 -2.54 28.60 -11.27
N MET A 349 -1.73 29.54 -11.77
CA MET A 349 -1.92 30.02 -13.13
C MET A 349 -1.63 28.94 -14.17
N LEU A 350 -0.59 28.12 -13.95
CA LEU A 350 -0.26 27.10 -14.94
C LEU A 350 -1.31 25.99 -14.98
N GLY A 351 -1.88 25.63 -13.83
CA GLY A 351 -2.95 24.64 -13.84
C GLY A 351 -4.19 25.13 -14.57
N SER A 352 -4.63 26.36 -14.26
CA SER A 352 -5.77 26.92 -14.99
C SER A 352 -5.48 26.97 -16.48
N LEU A 353 -4.27 27.35 -16.86
CA LEU A 353 -3.91 27.41 -18.27
C LEU A 353 -4.03 26.04 -18.93
N THR A 354 -3.58 24.99 -18.25
CA THR A 354 -3.67 23.66 -18.86
C THR A 354 -5.11 23.25 -19.10
N ILE A 355 -6.00 23.56 -18.17
CA ILE A 355 -7.42 23.23 -18.39
C ILE A 355 -7.97 23.99 -19.60
N ILE A 356 -7.62 25.28 -19.70
CA ILE A 356 -8.06 26.07 -20.85
C ILE A 356 -7.51 25.50 -22.15
N VAL A 357 -6.28 24.99 -22.12
CA VAL A 357 -5.71 24.36 -23.31
C VAL A 357 -6.53 23.15 -23.71
N ALA A 358 -6.93 22.32 -22.74
CA ALA A 358 -7.77 21.17 -23.06
C ALA A 358 -9.02 21.59 -23.82
N HIS A 359 -9.76 22.55 -23.26
CA HIS A 359 -11.00 22.98 -23.90
C HIS A 359 -10.75 23.53 -25.30
N HIS A 360 -9.78 24.43 -25.44
CA HIS A 360 -9.61 25.08 -26.73
C HIS A 360 -9.11 24.11 -27.78
N MET A 361 -8.33 23.11 -27.40
CA MET A 361 -7.82 22.19 -28.41
C MET A 361 -8.87 21.18 -28.84
N TYR A 362 -9.81 20.78 -27.99
CA TYR A 362 -10.92 20.01 -28.55
C TYR A 362 -11.80 20.88 -29.44
N ALA A 363 -12.09 22.12 -29.02
CA ALA A 363 -13.14 22.86 -29.69
C ALA A 363 -12.69 23.50 -31.01
N MET A 364 -11.42 23.88 -31.13
CA MET A 364 -10.89 24.42 -32.38
C MET A 364 -9.62 23.67 -32.73
N PRO A 365 -9.73 22.50 -33.35
CA PRO A 365 -8.59 21.58 -33.50
C PRO A 365 -7.46 22.21 -34.29
N PRO A 366 -6.26 22.28 -33.71
CA PRO A 366 -5.14 22.95 -34.40
C PRO A 366 -4.43 22.10 -35.44
N TYR A 367 -4.33 20.84 -35.23
CA TYR A 367 -3.47 20.14 -36.19
C TYR A 367 -4.30 19.50 -37.28
N PRO A 368 -3.72 19.25 -38.46
CA PRO A 368 -4.46 18.57 -39.51
C PRO A 368 -4.59 17.08 -39.21
N TYR A 369 -5.76 16.54 -39.51
CA TYR A 369 -6.07 15.13 -39.33
C TYR A 369 -6.07 14.71 -37.87
N LEU A 370 -6.26 15.66 -36.97
CA LEU A 370 -6.38 15.36 -35.55
C LEU A 370 -7.82 15.18 -35.13
N ALA A 371 -8.74 15.97 -35.72
CA ALA A 371 -10.13 15.94 -35.31
C ALA A 371 -10.78 14.59 -35.57
N THR A 372 -10.38 13.90 -36.64
CA THR A 372 -10.99 12.61 -36.96
C THR A 372 -10.26 11.45 -36.33
N ASP A 373 -9.11 11.69 -35.69
CA ASP A 373 -8.41 10.70 -34.91
C ASP A 373 -8.95 10.79 -33.49
N TYR A 374 -9.97 9.97 -33.20
CA TYR A 374 -10.73 10.15 -31.98
C TYR A 374 -9.92 9.78 -30.75
N GLY A 375 -9.09 8.74 -30.85
CA GLY A 375 -8.30 8.33 -29.71
C GLY A 375 -7.33 9.39 -29.25
N THR A 376 -6.69 10.07 -30.20
CA THR A 376 -5.75 11.13 -29.85
C THR A 376 -6.48 12.30 -29.18
N GLN A 377 -7.65 12.66 -29.68
CA GLN A 377 -8.40 13.77 -29.09
C GLN A 377 -8.81 13.45 -27.66
N LEU A 378 -9.38 12.26 -27.43
CA LEU A 378 -9.73 11.85 -26.09
C LEU A 378 -8.51 11.87 -25.18
N SER A 379 -7.41 11.27 -25.64
CA SER A 379 -6.20 11.20 -24.83
C SER A 379 -5.71 12.59 -24.44
N LEU A 380 -5.68 13.52 -25.39
CA LEU A 380 -5.12 14.84 -25.10
C LEU A 380 -5.99 15.61 -24.12
N PHE A 381 -7.30 15.62 -24.34
CA PHE A 381 -8.18 16.30 -23.40
C PHE A 381 -8.00 15.75 -21.99
N THR A 382 -8.02 14.42 -21.85
CA THR A 382 -7.95 13.80 -20.52
C THR A 382 -6.61 14.08 -19.84
N HIS A 383 -5.51 13.83 -20.55
CA HIS A 383 -4.17 14.10 -20.02
C HIS A 383 -4.07 15.51 -19.48
N HIS A 384 -4.49 16.50 -20.27
CA HIS A 384 -4.27 17.87 -19.85
C HIS A 384 -5.18 18.28 -18.71
N MET A 385 -6.39 17.74 -18.65
CA MET A 385 -7.24 17.99 -17.48
C MET A 385 -6.58 17.47 -16.20
N TRP A 386 -6.02 16.26 -16.25
CA TRP A 386 -5.37 15.72 -15.05
C TRP A 386 -4.19 16.59 -14.63
N ILE A 387 -3.38 17.02 -15.58
CA ILE A 387 -2.21 17.84 -15.24
C ILE A 387 -2.65 19.15 -14.60
N GLY A 388 -3.65 19.81 -15.20
CA GLY A 388 -4.14 21.06 -14.63
C GLY A 388 -4.63 20.91 -13.21
N GLY A 389 -5.41 19.86 -12.94
CA GLY A 389 -5.91 19.65 -11.58
C GLY A 389 -4.79 19.46 -10.59
N PHE A 390 -3.80 18.63 -10.93
CA PHE A 390 -2.71 18.39 -10.00
C PHE A 390 -1.96 19.68 -9.68
N LEU A 391 -1.67 20.50 -10.70
CA LEU A 391 -0.94 21.72 -10.45
C LEU A 391 -1.72 22.69 -9.57
N ILE A 392 -3.03 22.78 -9.79
CA ILE A 392 -3.85 23.65 -8.95
C ILE A 392 -3.79 23.19 -7.49
N VAL A 393 -3.75 21.88 -7.25
CA VAL A 393 -3.70 21.43 -5.85
C VAL A 393 -2.35 21.74 -5.22
N GLY A 394 -1.27 21.60 -6.00
CA GLY A 394 0.04 21.99 -5.49
C GLY A 394 0.12 23.47 -5.13
N ALA A 395 -0.62 24.32 -5.87
CA ALA A 395 -0.69 25.74 -5.52
C ALA A 395 -1.12 25.94 -4.08
N ALA A 396 -2.16 25.22 -3.66
CA ALA A 396 -2.61 25.29 -2.28
C ALA A 396 -1.54 24.79 -1.32
N ALA A 397 -0.89 23.69 -1.67
CA ALA A 397 0.19 23.19 -0.81
C ALA A 397 1.22 24.27 -0.51
N HIS A 398 1.64 24.99 -1.52
CA HIS A 398 2.73 25.93 -1.28
C HIS A 398 2.27 27.26 -0.71
N ALA A 399 1.01 27.65 -0.93
CA ALA A 399 0.46 28.76 -0.15
C ALA A 399 0.46 28.42 1.33
N ALA A 400 0.11 27.18 1.68
CA ALA A 400 0.13 26.79 3.09
C ALA A 400 1.55 26.79 3.65
N ILE A 401 2.51 26.33 2.85
CA ILE A 401 3.90 26.36 3.31
C ILE A 401 4.35 27.79 3.56
N PHE A 402 3.97 28.72 2.68
CA PHE A 402 4.31 30.12 2.92
C PHE A 402 3.68 30.63 4.21
N MET A 403 2.42 30.25 4.47
CA MET A 403 1.77 30.76 5.66
C MET A 403 2.41 30.22 6.94
N VAL A 404 2.93 29.00 6.90
CA VAL A 404 3.52 28.42 8.11
C VAL A 404 4.96 28.86 8.32
N ARG A 405 5.76 28.92 7.25
CA ARG A 405 7.19 29.15 7.41
C ARG A 405 7.65 30.56 7.11
N ASP A 406 6.85 31.38 6.43
CA ASP A 406 7.40 32.63 5.91
C ASP A 406 6.64 33.88 6.32
N TYR A 407 5.32 33.78 6.48
CA TYR A 407 4.53 34.95 6.85
C TYR A 407 5.00 35.49 8.20
N ASP A 408 5.16 36.81 8.27
CA ASP A 408 5.79 37.44 9.43
C ASP A 408 5.40 38.91 9.54
N PRO A 409 4.37 39.25 10.31
CA PRO A 409 3.95 40.66 10.38
C PRO A 409 4.91 41.53 11.16
N THR A 410 5.93 40.96 11.78
CA THR A 410 6.88 41.77 12.53
C THR A 410 7.89 42.46 11.63
N THR A 411 8.25 41.85 10.50
CA THR A 411 9.21 42.45 9.59
C THR A 411 8.71 42.65 8.17
N ARG A 412 7.60 42.03 7.78
CA ARG A 412 7.03 42.22 6.44
C ARG A 412 5.50 42.22 6.57
N TYR A 413 4.93 43.39 6.74
CA TYR A 413 3.51 43.52 7.03
C TYR A 413 2.77 43.97 5.79
N ASN A 414 1.73 43.23 5.41
CA ASN A 414 0.83 43.62 4.35
C ASN A 414 -0.60 43.67 4.89
N ASP A 415 -1.37 44.65 4.42
CA ASP A 415 -2.67 44.93 4.99
C ASP A 415 -3.72 43.91 4.52
N LEU A 416 -3.77 43.63 3.22
CA LEU A 416 -4.81 42.75 2.69
C LEU A 416 -4.75 41.38 3.31
N LEU A 417 -3.55 40.81 3.41
CA LEU A 417 -3.37 39.52 4.06
C LEU A 417 -3.89 39.56 5.50
N ASP A 418 -3.59 40.64 6.22
CA ASP A 418 -4.02 40.76 7.60
C ASP A 418 -5.54 40.82 7.72
N ARG A 419 -6.20 41.53 6.80
CA ARG A 419 -7.66 41.65 6.87
C ARG A 419 -8.35 40.35 6.53
N VAL A 420 -7.84 39.63 5.52
CA VAL A 420 -8.40 38.32 5.22
C VAL A 420 -8.22 37.39 6.42
N LEU A 421 -7.05 37.46 7.07
CA LEU A 421 -6.86 36.68 8.28
C LEU A 421 -7.83 37.10 9.38
N ARG A 422 -8.26 38.36 9.37
CA ARG A 422 -9.14 38.81 10.44
C ARG A 422 -10.61 38.56 10.17
N HIS A 423 -11.01 38.11 8.99
CA HIS A 423 -12.40 37.65 8.82
C HIS A 423 -12.51 36.26 8.18
N ARG A 424 -11.46 35.44 8.30
CA ARG A 424 -11.52 34.06 7.81
C ARG A 424 -12.75 33.29 8.26
N ASP A 425 -13.32 33.60 9.43
CA ASP A 425 -14.47 32.85 9.92
C ASP A 425 -15.68 33.05 9.01
N ALA A 426 -15.99 34.30 8.71
CA ALA A 426 -17.09 34.58 7.79
C ALA A 426 -16.81 34.01 6.41
N ILE A 427 -15.55 34.11 5.96
CA ILE A 427 -15.20 33.56 4.65
C ILE A 427 -15.56 32.07 4.57
N ILE A 428 -15.05 31.29 5.52
CA ILE A 428 -15.26 29.85 5.48
C ILE A 428 -16.72 29.52 5.72
N SER A 429 -17.43 30.30 6.53
CA SER A 429 -18.85 30.06 6.74
C SER A 429 -19.63 30.15 5.43
N HIS A 430 -19.44 31.24 4.68
CA HIS A 430 -20.22 31.42 3.47
C HIS A 430 -19.85 30.39 2.41
N LEU A 431 -18.57 30.06 2.28
CA LEU A 431 -18.19 29.05 1.30
C LEU A 431 -18.78 27.69 1.65
N ASN A 432 -18.72 27.30 2.92
CA ASN A 432 -19.38 26.09 3.40
C ASN A 432 -20.85 26.07 3.01
N TRP A 433 -21.55 27.18 3.26
CA TRP A 433 -22.97 27.21 2.95
C TRP A 433 -23.21 27.01 1.46
N VAL A 434 -22.46 27.73 0.63
CA VAL A 434 -22.79 27.66 -0.79
C VAL A 434 -22.48 26.28 -1.34
N CYS A 435 -21.49 25.58 -0.78
CA CYS A 435 -21.26 24.21 -1.25
C CYS A 435 -22.40 23.28 -0.83
N ILE A 436 -22.93 23.45 0.37
CA ILE A 436 -24.07 22.60 0.76
C ILE A 436 -25.28 22.86 -0.15
N PHE A 437 -25.59 24.15 -0.36
CA PHE A 437 -26.73 24.48 -1.22
C PHE A 437 -26.52 23.99 -2.65
N LEU A 438 -25.30 24.11 -3.17
CA LEU A 438 -25.03 23.66 -4.54
C LEU A 438 -25.10 22.15 -4.65
N GLY A 439 -24.72 21.44 -3.59
CA GLY A 439 -24.81 19.99 -3.62
C GLY A 439 -26.22 19.49 -3.54
N PHE A 440 -27.09 20.21 -2.83
CA PHE A 440 -28.49 19.77 -2.77
C PHE A 440 -29.17 19.94 -4.11
N HIS A 441 -28.88 21.02 -4.83
CA HIS A 441 -29.64 21.40 -6.02
C HIS A 441 -29.07 20.84 -7.31
N SER A 442 -28.00 20.04 -7.26
CA SER A 442 -27.52 19.37 -8.47
C SER A 442 -27.57 17.86 -8.34
N PHE A 443 -26.94 17.28 -7.33
CA PHE A 443 -27.04 15.84 -7.14
C PHE A 443 -28.44 15.45 -6.70
N GLY A 444 -29.09 16.32 -5.93
CA GLY A 444 -30.46 16.06 -5.53
C GLY A 444 -31.40 15.89 -6.70
N LEU A 445 -31.19 16.66 -7.76
CA LEU A 445 -32.01 16.51 -8.95
C LEU A 445 -31.82 15.13 -9.56
N TYR A 446 -30.59 14.62 -9.59
CA TYR A 446 -30.36 13.26 -10.06
C TYR A 446 -31.09 12.25 -9.21
N ILE A 447 -31.11 12.44 -7.89
CA ILE A 447 -31.74 11.46 -7.03
C ILE A 447 -33.26 11.49 -7.20
N HIS A 448 -33.82 12.69 -7.29
CA HIS A 448 -35.21 12.87 -7.68
C HIS A 448 -35.52 12.16 -8.99
N ASN A 449 -34.63 12.31 -9.98
CA ASN A 449 -34.88 11.72 -11.30
C ASN A 449 -34.86 10.19 -11.24
N ASP A 450 -33.87 9.62 -10.57
CA ASP A 450 -33.82 8.17 -10.43
C ASP A 450 -35.05 7.65 -9.73
N THR A 451 -35.49 8.33 -8.68
CA THR A 451 -36.64 7.84 -7.92
C THR A 451 -37.95 7.99 -8.70
N MET A 452 -38.06 9.04 -9.53
CA MET A 452 -39.24 9.20 -10.37
C MET A 452 -39.25 8.23 -11.53
N SER A 453 -38.07 7.87 -12.05
CA SER A 453 -38.00 6.89 -13.13
C SER A 453 -38.23 5.48 -12.63
N ALA A 454 -37.85 5.18 -11.39
CA ALA A 454 -38.13 3.84 -10.86
C ALA A 454 -39.55 3.71 -10.35
N LEU A 455 -40.21 4.81 -10.01
CA LEU A 455 -41.58 4.78 -9.52
C LEU A 455 -42.59 4.90 -10.64
N GLY A 456 -42.19 4.64 -11.88
CA GLY A 456 -43.09 4.74 -13.02
C GLY A 456 -43.73 6.10 -13.18
N ARG A 457 -42.98 7.16 -12.90
CA ARG A 457 -43.48 8.53 -13.03
C ARG A 457 -42.51 9.38 -13.84
N PRO A 458 -42.33 9.06 -15.13
CA PRO A 458 -41.40 9.85 -15.94
C PRO A 458 -41.91 11.23 -16.31
N GLN A 459 -43.21 11.50 -16.18
CA GLN A 459 -43.69 12.85 -16.43
C GLN A 459 -43.36 13.80 -15.29
N ASP A 460 -42.86 13.27 -14.17
CA ASP A 460 -42.45 14.08 -13.03
C ASP A 460 -40.94 14.24 -12.95
N MET A 461 -40.22 13.98 -14.04
CA MET A 461 -38.77 14.01 -14.04
C MET A 461 -38.27 15.42 -14.31
N PHE A 462 -36.96 15.60 -14.28
CA PHE A 462 -36.32 16.84 -14.70
C PHE A 462 -35.62 16.54 -16.02
N SER A 463 -36.35 16.72 -17.14
CA SER A 463 -35.80 16.36 -18.43
C SER A 463 -36.45 17.20 -19.52
N ASP A 464 -35.95 17.01 -20.75
CA ASP A 464 -36.43 17.77 -21.94
C ASP A 464 -37.89 17.42 -22.25
N THR A 465 -38.37 16.25 -21.79
CA THR A 465 -39.74 15.87 -22.11
C THR A 465 -40.75 16.23 -21.02
N ALA A 466 -40.33 16.37 -19.76
CA ALA A 466 -41.29 16.57 -18.69
C ALA A 466 -41.15 17.93 -18.00
N ILE A 467 -40.02 18.23 -17.37
CA ILE A 467 -39.80 19.48 -16.66
C ILE A 467 -38.45 20.01 -17.11
N GLN A 468 -38.50 20.98 -18.04
CA GLN A 468 -37.30 21.52 -18.72
C GLN A 468 -36.54 22.55 -17.88
N LEU A 469 -35.21 22.42 -17.90
CA LEU A 469 -34.25 23.35 -17.23
C LEU A 469 -33.23 23.73 -18.30
N GLN A 470 -33.64 24.56 -19.26
CA GLN A 470 -32.77 24.97 -20.39
C GLN A 470 -31.78 26.06 -19.96
N PRO A 471 -30.46 25.89 -20.22
CA PRO A 471 -29.47 26.92 -19.89
C PRO A 471 -29.63 28.05 -20.90
N VAL A 472 -30.55 28.98 -20.63
CA VAL A 472 -30.87 30.11 -21.55
C VAL A 472 -29.63 30.95 -21.86
N PHE A 473 -28.78 31.22 -20.86
CA PHE A 473 -27.63 32.09 -21.10
C PHE A 473 -26.61 31.42 -22.00
N ALA A 474 -26.41 30.12 -21.83
CA ALA A 474 -25.43 29.43 -22.67
C ALA A 474 -25.89 29.39 -24.12
N GLN A 475 -27.20 29.14 -24.30
CA GLN A 475 -27.81 29.10 -25.65
C GLN A 475 -27.74 30.50 -26.26
N TRP A 476 -28.02 31.53 -25.44
CA TRP A 476 -27.97 32.91 -25.90
C TRP A 476 -26.57 33.31 -26.33
N ILE A 477 -25.56 32.88 -25.57
CA ILE A 477 -24.19 33.25 -25.89
C ILE A 477 -23.71 32.53 -27.16
N GLN A 478 -24.05 31.25 -27.32
CA GLN A 478 -23.59 30.60 -28.53
C GLN A 478 -24.39 31.03 -29.76
N ASN A 479 -25.61 31.53 -29.56
CA ASN A 479 -26.33 32.17 -30.66
C ASN A 479 -25.67 33.49 -31.04
N THR A 480 -25.20 34.25 -30.05
CA THR A 480 -24.44 35.47 -30.35
C THR A 480 -23.13 35.15 -31.06
N HIS A 481 -22.47 34.07 -30.66
CA HIS A 481 -21.26 33.62 -31.34
C HIS A 481 -21.55 33.08 -32.74
N ALA A 482 -22.79 32.67 -33.01
CA ALA A 482 -23.13 32.22 -34.35
C ALA A 482 -23.33 33.40 -35.29
N LEU A 483 -24.03 34.43 -34.84
CA LEU A 483 -24.28 35.61 -35.65
C LEU A 483 -23.11 36.58 -35.66
N ALA A 484 -22.03 36.28 -34.95
CA ALA A 484 -20.92 37.22 -34.85
C ALA A 484 -20.26 37.52 -36.19
N PRO A 485 -19.80 36.52 -36.98
CA PRO A 485 -19.08 36.86 -38.20
C PRO A 485 -19.97 37.57 -39.20
N GLY A 486 -19.68 38.86 -39.43
CA GLY A 486 -20.46 39.70 -40.31
C GLY A 486 -21.22 40.81 -39.61
N THR A 487 -21.50 40.67 -38.32
CA THR A 487 -22.28 41.67 -37.59
C THR A 487 -21.44 42.39 -36.53
N THR A 488 -20.90 41.66 -35.56
CA THR A 488 -19.97 42.23 -34.61
C THR A 488 -18.53 41.90 -34.95
N ALA A 489 -18.31 41.13 -36.00
CA ALA A 489 -16.96 40.85 -36.52
C ALA A 489 -17.03 40.85 -38.04
N PRO A 490 -17.15 42.04 -38.65
CA PRO A 490 -17.24 42.10 -40.11
C PRO A 490 -16.04 41.55 -40.83
N GLY A 491 -14.88 41.50 -40.18
CA GLY A 491 -13.71 40.97 -40.84
C GLY A 491 -13.59 39.47 -40.87
N ALA A 492 -14.47 38.75 -40.19
CA ALA A 492 -14.43 37.29 -40.18
C ALA A 492 -15.44 36.72 -41.16
N THR A 493 -15.14 35.52 -41.65
CA THR A 493 -16.01 34.85 -42.62
C THR A 493 -16.88 33.80 -41.95
N THR A 494 -16.22 32.84 -41.31
CA THR A 494 -16.87 31.79 -40.49
C THR A 494 -16.60 32.14 -39.02
N SER A 495 -17.36 31.58 -38.08
CA SER A 495 -17.10 31.91 -36.69
C SER A 495 -15.97 31.04 -36.13
N THR A 496 -15.57 31.35 -34.91
CA THR A 496 -14.34 30.80 -34.35
C THR A 496 -14.35 29.28 -34.32
N SER A 497 -15.48 28.68 -33.96
CA SER A 497 -15.57 27.23 -33.86
C SER A 497 -16.86 26.77 -34.52
N LEU A 498 -16.94 25.46 -34.75
CA LEU A 498 -18.14 24.84 -35.37
C LEU A 498 -19.12 24.45 -34.27
N THR A 499 -18.70 24.50 -32.99
CA THR A 499 -19.64 24.19 -31.93
C THR A 499 -20.65 25.30 -31.69
N TRP A 500 -20.32 26.54 -32.07
CA TRP A 500 -21.27 27.63 -31.89
C TRP A 500 -22.52 27.40 -32.71
N GLY A 501 -22.36 27.00 -33.96
CA GLY A 501 -23.52 26.72 -34.79
C GLY A 501 -23.48 27.38 -36.15
N GLY A 502 -24.67 27.63 -36.70
CA GLY A 502 -24.78 28.21 -38.05
C GLY A 502 -25.13 27.14 -39.08
N GLY A 503 -25.28 25.89 -38.63
CA GLY A 503 -25.66 24.78 -39.53
C GLY A 503 -24.50 24.25 -40.36
N ASP A 504 -23.25 24.60 -40.01
CA ASP A 504 -22.07 24.14 -40.80
C ASP A 504 -21.47 22.88 -40.14
N LEU A 505 -21.31 21.81 -40.94
CA LEU A 505 -20.73 20.52 -40.47
C LEU A 505 -19.51 20.18 -41.31
N VAL A 506 -18.40 19.77 -40.67
CA VAL A 506 -17.16 19.41 -41.41
C VAL A 506 -16.89 17.91 -41.26
N SER A 507 -16.63 17.24 -42.39
CA SER A 507 -16.37 15.81 -42.45
C SER A 507 -15.03 15.55 -43.11
N VAL A 508 -14.41 14.42 -42.76
CA VAL A 508 -13.13 14.03 -43.32
C VAL A 508 -13.10 12.51 -43.41
N GLY A 509 -12.89 11.99 -44.62
CA GLY A 509 -12.81 10.55 -44.81
C GLY A 509 -14.05 9.79 -44.42
N GLY A 510 -15.21 10.43 -44.48
CA GLY A 510 -16.44 9.80 -44.05
C GLY A 510 -16.67 9.80 -42.56
N LYS A 511 -15.86 10.59 -41.85
CA LYS A 511 -15.97 10.76 -40.37
C LYS A 511 -16.40 12.21 -40.09
N VAL A 512 -16.92 12.47 -38.90
CA VAL A 512 -17.36 13.81 -38.53
C VAL A 512 -16.23 14.52 -37.79
N ALA A 513 -15.76 15.63 -38.36
CA ALA A 513 -14.79 16.45 -37.67
C ALA A 513 -15.48 17.34 -36.65
N LEU A 514 -16.38 18.21 -37.11
CA LEU A 514 -17.10 19.08 -36.15
C LEU A 514 -18.47 19.48 -36.68
N LEU A 515 -19.35 19.84 -35.76
CA LEU A 515 -20.71 20.30 -36.03
C LEU A 515 -21.25 21.01 -34.78
N PRO A 516 -22.38 21.71 -34.84
CA PRO A 516 -22.85 22.45 -33.66
C PRO A 516 -23.26 21.51 -32.54
N ILE A 517 -22.74 21.80 -31.34
CA ILE A 517 -23.02 20.97 -30.12
C ILE A 517 -24.30 21.51 -29.46
N PRO A 518 -25.35 20.67 -29.28
CA PRO A 518 -26.60 21.12 -28.68
C PRO A 518 -26.61 21.12 -27.15
N LEU A 519 -27.07 22.22 -26.55
CA LEU A 519 -27.19 22.38 -25.08
C LEU A 519 -28.65 22.13 -24.69
N GLY A 520 -28.85 21.32 -23.64
CA GLY A 520 -30.18 20.91 -23.15
C GLY A 520 -30.17 20.69 -21.65
N THR A 521 -31.32 20.29 -21.10
CA THR A 521 -31.46 20.03 -19.64
C THR A 521 -30.28 19.22 -19.09
N ALA A 522 -29.82 18.20 -19.81
CA ALA A 522 -28.74 17.38 -19.28
C ALA A 522 -27.44 18.17 -19.14
N ASP A 523 -27.21 19.10 -20.08
CA ASP A 523 -26.01 19.97 -20.03
C ASP A 523 -26.10 20.86 -18.79
N PHE A 524 -27.32 21.35 -18.49
CA PHE A 524 -27.58 22.23 -17.32
C PHE A 524 -27.24 21.45 -16.04
N LEU A 525 -27.72 20.21 -15.92
CA LEU A 525 -27.47 19.39 -14.74
C LEU A 525 -25.99 19.11 -14.56
N VAL A 526 -25.31 18.72 -15.65
CA VAL A 526 -23.91 18.35 -15.54
C VAL A 526 -23.08 19.55 -15.12
N HIS A 527 -23.38 20.72 -15.67
CA HIS A 527 -22.59 21.89 -15.33
C HIS A 527 -22.77 22.31 -13.88
N HIS A 528 -23.97 22.11 -13.33
CA HIS A 528 -24.13 22.46 -11.92
C HIS A 528 -23.45 21.45 -11.01
N ILE A 529 -23.40 20.17 -11.43
CA ILE A 529 -22.55 19.21 -10.74
C ILE A 529 -21.10 19.68 -10.71
N HIS A 530 -20.61 20.20 -11.84
CA HIS A 530 -19.22 20.65 -11.91
C HIS A 530 -18.97 21.83 -10.98
N ALA A 531 -19.88 22.81 -10.98
CA ALA A 531 -19.75 23.92 -10.04
C ALA A 531 -19.68 23.42 -8.61
N PHE A 532 -20.51 22.42 -8.29
CA PHE A 532 -20.51 21.85 -6.94
C PHE A 532 -19.13 21.28 -6.58
N THR A 533 -18.57 20.46 -7.46
CA THR A 533 -17.30 19.80 -7.12
C THR A 533 -16.17 20.82 -6.98
N ILE A 534 -16.12 21.80 -7.86
CA ILE A 534 -15.05 22.80 -7.77
C ILE A 534 -15.18 23.61 -6.48
N HIS A 535 -16.41 23.98 -6.10
CA HIS A 535 -16.61 24.72 -4.85
C HIS A 535 -16.15 23.90 -3.65
N VAL A 536 -16.42 22.59 -3.64
CA VAL A 536 -16.00 21.79 -2.49
C VAL A 536 -14.48 21.71 -2.40
N THR A 537 -13.82 21.43 -3.53
CA THR A 537 -12.36 21.40 -3.51
C THR A 537 -11.80 22.71 -3.00
N VAL A 538 -12.36 23.84 -3.45
CA VAL A 538 -11.89 25.13 -2.99
C VAL A 538 -12.06 25.26 -1.48
N LEU A 539 -13.23 24.85 -0.97
CA LEU A 539 -13.46 24.94 0.47
C LEU A 539 -12.37 24.22 1.24
N ILE A 540 -12.06 23.00 0.86
CA ILE A 540 -11.07 22.22 1.60
C ILE A 540 -9.69 22.90 1.54
N LEU A 541 -9.26 23.29 0.34
CA LEU A 541 -7.92 23.83 0.21
C LEU A 541 -7.79 25.20 0.89
N LEU A 542 -8.79 26.07 0.74
CA LEU A 542 -8.73 27.38 1.34
C LEU A 542 -8.86 27.33 2.85
N LYS A 543 -9.66 26.40 3.37
CA LYS A 543 -9.67 26.19 4.82
C LYS A 543 -8.31 25.74 5.30
N GLY A 544 -7.63 24.90 4.53
CA GLY A 544 -6.29 24.48 4.92
C GLY A 544 -5.31 25.63 4.94
N VAL A 545 -5.43 26.55 3.98
CA VAL A 545 -4.48 27.66 3.91
C VAL A 545 -4.77 28.71 4.98
N LEU A 546 -6.05 29.08 5.18
CA LEU A 546 -6.37 30.21 6.05
C LEU A 546 -6.13 29.89 7.52
N PHE A 547 -6.25 28.62 7.91
CA PHE A 547 -6.07 28.23 9.30
C PHE A 547 -4.79 27.42 9.49
N ALA A 548 -3.74 27.74 8.74
CA ALA A 548 -2.49 27.03 8.84
C ALA A 548 -1.68 27.41 10.06
N ARG A 549 -1.95 28.55 10.67
CA ARG A 549 -1.14 29.05 11.77
C ARG A 549 -1.79 28.90 13.14
N SER A 550 -3.12 28.97 13.22
CA SER A 550 -3.77 28.95 14.52
C SER A 550 -5.26 28.71 14.31
N SER A 551 -5.92 28.26 15.38
CA SER A 551 -7.35 28.01 15.36
C SER A 551 -7.90 28.27 16.74
N ARG A 552 -9.23 28.26 16.84
CA ARG A 552 -9.87 28.25 18.15
C ARG A 552 -9.65 26.94 18.87
N LEU A 553 -9.32 25.87 18.14
CA LEU A 553 -9.06 24.57 18.73
C LEU A 553 -7.60 24.40 19.14
N ILE A 554 -6.66 24.81 18.29
CA ILE A 554 -5.23 24.71 18.59
C ILE A 554 -4.60 26.07 18.33
N PRO A 555 -4.41 26.89 19.37
CA PRO A 555 -4.09 28.31 19.16
C PRO A 555 -2.65 28.61 18.80
N ASP A 556 -1.77 27.62 18.73
CA ASP A 556 -0.37 27.84 18.35
C ASP A 556 0.05 26.80 17.32
N LYS A 557 -0.79 26.63 16.29
CA LYS A 557 -0.57 25.55 15.33
C LYS A 557 0.70 25.74 14.52
N ALA A 558 1.11 26.98 14.29
CA ALA A 558 2.30 27.23 13.49
C ALA A 558 3.56 26.66 14.14
N ASN A 559 3.55 26.44 15.45
CA ASN A 559 4.72 25.90 16.12
C ASN A 559 4.88 24.40 15.91
N LEU A 560 3.87 23.72 15.41
CA LEU A 560 3.95 22.29 15.15
C LEU A 560 4.38 21.97 13.73
N GLY A 561 4.59 22.99 12.91
CA GLY A 561 5.09 22.77 11.57
C GLY A 561 4.00 22.84 10.51
N PHE A 562 4.35 22.34 9.34
CA PHE A 562 3.44 22.25 8.21
C PHE A 562 2.89 20.85 8.02
N ARG A 563 3.67 19.84 8.39
CA ARG A 563 3.32 18.43 8.19
C ARG A 563 3.53 17.72 9.52
N PHE A 564 2.47 17.57 10.30
CA PHE A 564 2.52 16.83 11.56
C PHE A 564 1.29 15.95 11.63
N PRO A 565 1.36 14.83 12.34
CA PRO A 565 0.22 13.91 12.38
C PRO A 565 -1.00 14.47 13.08
N CYS A 566 -0.81 15.08 14.24
CA CYS A 566 -1.93 15.51 15.09
C CYS A 566 -1.35 16.33 16.23
N ASP A 567 -2.21 16.69 17.18
CA ASP A 567 -1.80 17.21 18.47
C ASP A 567 -2.37 16.35 19.59
N GLY A 568 -2.43 15.04 19.39
CA GLY A 568 -2.89 14.13 20.40
C GLY A 568 -4.38 13.85 20.35
N PRO A 569 -4.83 12.87 21.14
CA PRO A 569 -6.27 12.54 21.17
C PRO A 569 -7.13 13.44 22.03
N GLY A 570 -6.55 14.39 22.75
CA GLY A 570 -7.33 15.28 23.58
C GLY A 570 -7.96 16.39 22.79
N ARG A 571 -8.67 17.26 23.51
CA ARG A 571 -9.56 18.27 22.93
C ARG A 571 -10.68 17.64 22.12
N GLY A 572 -10.94 16.35 22.33
CA GLY A 572 -11.86 15.60 21.52
C GLY A 572 -11.20 14.71 20.48
N GLY A 573 -9.95 14.99 20.13
CA GLY A 573 -9.20 14.30 19.09
C GLY A 573 -8.87 15.32 18.01
N THR A 574 -7.59 15.39 17.64
CA THR A 574 -7.13 16.41 16.71
C THR A 574 -6.33 15.80 15.56
N CYS A 575 -6.73 14.62 15.09
CA CYS A 575 -6.10 14.07 13.90
C CYS A 575 -6.34 14.99 12.72
N GLN A 576 -5.29 15.20 11.92
CA GLN A 576 -5.41 15.86 10.62
C GLN A 576 -5.83 17.32 10.74
N VAL A 577 -5.19 18.05 11.66
CA VAL A 577 -5.41 19.49 11.71
C VAL A 577 -4.41 20.25 10.84
N SER A 578 -3.26 19.65 10.53
CA SER A 578 -2.22 20.33 9.76
C SER A 578 -2.72 20.69 8.35
N ALA A 579 -1.99 21.58 7.71
CA ALA A 579 -2.34 21.97 6.35
C ALA A 579 -1.98 20.89 5.34
N TRP A 580 -0.93 20.12 5.63
CA TRP A 580 -0.60 18.97 4.79
C TRP A 580 -1.78 18.02 4.69
N ASP A 581 -2.48 17.79 5.80
CA ASP A 581 -3.65 16.92 5.76
C ASP A 581 -4.77 17.51 4.94
N HIS A 582 -4.89 18.83 4.90
CA HIS A 582 -5.87 19.46 4.02
C HIS A 582 -5.52 19.24 2.56
N VAL A 583 -4.23 19.31 2.21
CA VAL A 583 -3.83 19.00 0.85
C VAL A 583 -4.13 17.54 0.53
N PHE A 584 -3.86 16.65 1.50
CA PHE A 584 -4.12 15.23 1.35
C PHE A 584 -5.60 14.97 1.10
N LEU A 585 -6.48 15.70 1.79
CA LEU A 585 -7.90 15.53 1.57
C LEU A 585 -8.36 16.16 0.26
N GLY A 586 -7.76 17.28 -0.13
CA GLY A 586 -8.14 17.92 -1.37
C GLY A 586 -7.77 17.14 -2.60
N LEU A 587 -6.76 16.27 -2.50
CA LEU A 587 -6.39 15.44 -3.65
C LEU A 587 -7.53 14.50 -4.04
N PHE A 588 -8.21 13.90 -3.06
CA PHE A 588 -9.35 13.04 -3.37
C PHE A 588 -10.46 13.80 -4.08
N TRP A 589 -10.74 15.03 -3.65
CA TRP A 589 -11.82 15.78 -4.26
C TRP A 589 -11.46 16.31 -5.63
N MET A 590 -10.19 16.66 -5.85
CA MET A 590 -9.75 16.96 -7.20
C MET A 590 -9.93 15.76 -8.10
N TYR A 591 -9.58 14.57 -7.60
CA TYR A 591 -9.77 13.35 -8.38
C TYR A 591 -11.23 13.18 -8.76
N ASN A 592 -12.13 13.38 -7.80
CA ASN A 592 -13.56 13.30 -8.05
C ASN A 592 -14.00 14.27 -9.15
N ALA A 593 -13.61 15.54 -9.03
CA ALA A 593 -14.08 16.55 -9.97
C ALA A 593 -13.56 16.30 -11.38
N ILE A 594 -12.27 16.02 -11.51
CA ILE A 594 -11.70 15.79 -12.83
C ILE A 594 -12.27 14.53 -13.46
N SER A 595 -12.49 13.48 -12.65
CA SER A 595 -13.07 12.25 -13.19
C SER A 595 -14.44 12.51 -13.78
N VAL A 596 -15.28 13.26 -13.07
CA VAL A 596 -16.59 13.56 -13.62
C VAL A 596 -16.47 14.43 -14.87
N VAL A 597 -15.50 15.34 -14.92
CA VAL A 597 -15.34 16.18 -16.11
C VAL A 597 -15.02 15.33 -17.33
N ILE A 598 -14.10 14.38 -17.18
CA ILE A 598 -13.69 13.60 -18.34
C ILE A 598 -14.75 12.58 -18.73
N PHE A 599 -15.56 12.12 -17.78
CA PHE A 599 -16.67 11.24 -18.14
C PHE A 599 -17.74 11.99 -18.93
N HIS A 600 -18.03 13.21 -18.48
CA HIS A 600 -19.05 14.07 -19.17
C HIS A 600 -18.59 14.32 -20.62
N PHE A 601 -17.34 14.73 -20.80
CA PHE A 601 -16.80 15.03 -22.15
C PHE A 601 -16.79 13.78 -23.03
N SER A 602 -16.34 12.64 -22.48
CA SER A 602 -16.23 11.40 -23.28
C SER A 602 -17.59 10.92 -23.79
N TRP A 603 -18.60 10.89 -22.91
CA TRP A 603 -19.96 10.43 -23.31
C TRP A 603 -20.62 11.43 -24.28
N LYS A 604 -20.49 12.73 -24.00
CA LYS A 604 -21.12 13.79 -24.84
C LYS A 604 -20.54 13.78 -26.27
N MET A 605 -19.22 13.66 -26.40
CA MET A 605 -18.60 13.71 -27.75
C MET A 605 -19.08 12.53 -28.60
N GLN A 606 -19.08 11.32 -28.05
CA GLN A 606 -19.52 10.12 -28.81
C GLN A 606 -21.01 10.24 -29.14
N SER A 607 -21.82 10.65 -28.16
CA SER A 607 -23.29 10.74 -28.32
C SER A 607 -23.77 11.79 -29.32
N ASP A 608 -23.20 13.01 -29.29
CA ASP A 608 -23.73 14.07 -30.18
C ASP A 608 -22.68 14.67 -31.14
N VAL A 609 -21.42 14.21 -31.13
CA VAL A 609 -20.44 14.88 -32.02
C VAL A 609 -19.79 13.89 -32.99
N TRP A 610 -19.08 12.89 -32.45
CA TRP A 610 -18.35 11.92 -33.25
C TRP A 610 -19.30 10.97 -33.96
N GLY A 611 -18.79 10.32 -34.99
CA GLY A 611 -19.56 9.35 -35.73
C GLY A 611 -19.10 9.28 -37.17
N SER A 612 -19.95 8.70 -38.00
CA SER A 612 -19.68 8.51 -39.41
C SER A 612 -20.78 9.16 -40.24
N ILE A 613 -20.41 9.78 -41.34
CA ILE A 613 -21.40 10.38 -42.22
C ILE A 613 -21.40 9.65 -43.55
N ASN A 614 -22.57 9.58 -44.15
CA ASN A 614 -22.82 8.90 -45.41
C ASN A 614 -22.78 9.90 -46.55
N ASP A 615 -22.59 9.38 -47.77
CA ASP A 615 -22.59 10.22 -48.96
C ASP A 615 -23.89 11.00 -49.09
N GLN A 616 -25.02 10.37 -48.76
CA GLN A 616 -26.28 11.10 -48.74
C GLN A 616 -26.31 12.15 -47.63
N GLY A 617 -25.50 11.97 -46.59
CA GLY A 617 -25.37 12.99 -45.56
C GLY A 617 -26.21 12.73 -44.32
N VAL A 618 -26.19 11.49 -43.84
CA VAL A 618 -26.92 11.12 -42.63
C VAL A 618 -25.89 10.65 -41.61
N VAL A 619 -25.77 11.39 -40.51
CA VAL A 619 -24.72 11.16 -39.52
C VAL A 619 -25.20 10.11 -38.54
N THR A 620 -24.37 9.07 -38.35
CA THR A 620 -24.61 8.02 -37.37
C THR A 620 -23.54 8.16 -36.29
N HIS A 621 -23.96 8.53 -35.09
CA HIS A 621 -23.03 8.77 -34.00
C HIS A 621 -22.59 7.45 -33.38
N ILE A 622 -21.40 7.47 -32.76
CA ILE A 622 -20.83 6.25 -32.17
C ILE A 622 -21.81 5.62 -31.21
N THR A 623 -22.18 6.33 -30.16
CA THR A 623 -23.36 5.96 -29.41
C THR A 623 -24.57 6.65 -30.05
N GLY A 624 -25.74 6.10 -29.79
CA GLY A 624 -26.88 6.48 -30.61
C GLY A 624 -27.39 7.91 -30.43
N GLY A 625 -26.75 8.72 -29.61
CA GLY A 625 -27.34 9.97 -29.21
C GLY A 625 -28.13 9.89 -27.93
N ASN A 626 -27.75 8.99 -27.02
CA ASN A 626 -28.53 8.70 -25.82
C ASN A 626 -28.13 9.56 -24.63
N PHE A 627 -27.30 10.57 -24.85
CA PHE A 627 -26.85 11.43 -23.72
C PHE A 627 -27.99 12.34 -23.25
N ALA A 628 -28.88 12.76 -24.17
CA ALA A 628 -29.93 13.69 -23.79
C ALA A 628 -30.94 13.06 -22.86
N GLN A 629 -31.15 11.75 -22.94
CA GLN A 629 -32.21 11.08 -22.20
C GLN A 629 -31.73 10.08 -21.16
N SER A 630 -30.48 9.65 -21.20
CA SER A 630 -29.99 8.70 -20.22
C SER A 630 -29.00 9.29 -19.23
N SER A 631 -28.43 10.47 -19.52
CA SER A 631 -27.49 11.10 -18.62
C SER A 631 -28.15 11.73 -17.40
N ILE A 632 -29.48 11.85 -17.38
CA ILE A 632 -30.17 12.59 -16.34
C ILE A 632 -30.46 11.75 -15.10
N THR A 633 -30.24 10.44 -15.15
CA THR A 633 -30.35 9.58 -13.99
C THR A 633 -29.01 8.93 -13.71
N ILE A 634 -28.84 8.44 -12.49
CA ILE A 634 -27.60 7.77 -12.14
C ILE A 634 -27.53 6.39 -12.78
N ASN A 635 -28.68 5.72 -12.86
CA ASN A 635 -28.77 4.41 -13.49
C ASN A 635 -28.34 4.46 -14.96
N GLY A 636 -28.61 5.58 -15.64
CA GLY A 636 -28.16 5.72 -17.01
C GLY A 636 -26.66 5.88 -17.14
N TRP A 637 -26.00 6.44 -16.12
CA TRP A 637 -24.55 6.49 -16.12
C TRP A 637 -23.96 5.12 -15.85
N LEU A 638 -24.55 4.38 -14.91
CA LEU A 638 -24.01 3.06 -14.62
C LEU A 638 -24.25 2.09 -15.78
N ARG A 639 -25.40 2.20 -16.45
CA ARG A 639 -25.79 1.23 -17.46
C ARG A 639 -25.25 1.58 -18.85
N ASP A 640 -25.59 2.77 -19.35
CA ASP A 640 -25.31 3.12 -20.73
C ASP A 640 -23.90 3.64 -20.94
N PHE A 641 -23.17 3.96 -19.88
CA PHE A 641 -21.80 4.43 -20.03
C PHE A 641 -20.78 3.41 -19.52
N LEU A 642 -20.85 3.00 -18.26
CA LEU A 642 -19.80 2.14 -17.73
C LEU A 642 -19.95 0.71 -18.22
N TRP A 643 -21.13 0.12 -18.01
CA TRP A 643 -21.33 -1.29 -18.35
C TRP A 643 -21.24 -1.52 -19.85
N ALA A 644 -21.73 -0.57 -20.64
CA ALA A 644 -21.82 -0.79 -22.08
C ALA A 644 -20.50 -0.50 -22.78
N GLN A 645 -19.67 0.36 -22.23
CA GLN A 645 -18.40 0.69 -22.88
C GLN A 645 -17.21 -0.05 -22.30
N ALA A 646 -17.36 -0.72 -21.15
CA ALA A 646 -16.28 -1.57 -20.68
C ALA A 646 -16.15 -2.86 -21.47
N SER A 647 -17.06 -3.10 -22.41
CA SER A 647 -17.03 -4.33 -23.21
C SER A 647 -15.73 -4.45 -23.99
N GLN A 648 -15.24 -3.34 -24.56
CA GLN A 648 -14.04 -3.41 -25.37
C GLN A 648 -12.84 -3.87 -24.54
N VAL A 649 -12.71 -3.38 -23.32
CA VAL A 649 -11.55 -3.74 -22.52
C VAL A 649 -11.70 -5.11 -21.85
N ILE A 650 -12.92 -5.60 -21.62
CA ILE A 650 -13.02 -6.91 -20.99
C ILE A 650 -13.05 -8.01 -22.04
N GLN A 651 -12.79 -7.66 -23.30
CA GLN A 651 -12.78 -8.64 -24.37
C GLN A 651 -11.51 -8.56 -25.21
N SER A 652 -10.44 -8.00 -24.65
CA SER A 652 -9.22 -7.78 -25.40
C SER A 652 -8.21 -8.91 -25.23
N TYR A 653 -8.50 -9.89 -24.38
CA TYR A 653 -7.59 -11.02 -24.21
C TYR A 653 -7.50 -11.80 -25.50
N GLY A 654 -6.29 -11.95 -26.02
CA GLY A 654 -6.05 -12.63 -27.27
C GLY A 654 -5.79 -11.72 -28.45
N SER A 655 -6.10 -10.44 -28.33
CA SER A 655 -5.87 -9.45 -29.38
C SER A 655 -4.62 -8.65 -29.08
N SER A 656 -4.37 -7.62 -29.88
CA SER A 656 -3.28 -6.71 -29.59
C SER A 656 -3.63 -5.66 -28.55
N LEU A 657 -4.88 -5.60 -28.12
CA LEU A 657 -5.29 -4.69 -27.05
C LEU A 657 -5.32 -5.37 -25.70
N SER A 658 -4.67 -6.53 -25.56
CA SER A 658 -4.73 -7.28 -24.31
C SER A 658 -3.92 -6.64 -23.20
N ALA A 659 -2.92 -5.82 -23.53
CA ALA A 659 -2.21 -5.10 -22.49
C ALA A 659 -3.14 -4.17 -21.72
N TYR A 660 -4.14 -3.59 -22.40
CA TYR A 660 -5.13 -2.78 -21.70
C TYR A 660 -5.98 -3.63 -20.78
N GLY A 661 -6.31 -4.85 -21.20
CA GLY A 661 -7.05 -5.74 -20.32
C GLY A 661 -6.26 -6.13 -19.09
N LEU A 662 -4.95 -6.27 -19.23
CA LEU A 662 -4.11 -6.56 -18.06
C LEU A 662 -4.00 -5.35 -17.15
N PHE A 663 -3.91 -4.15 -17.72
CA PHE A 663 -3.74 -2.94 -16.91
C PHE A 663 -5.03 -2.54 -16.21
N PHE A 664 -6.18 -2.74 -16.84
CA PHE A 664 -7.46 -2.60 -16.17
C PHE A 664 -7.45 -3.30 -14.82
N LEU A 665 -7.13 -4.59 -14.83
CA LEU A 665 -7.17 -5.41 -13.62
C LEU A 665 -6.06 -5.03 -12.66
N GLY A 666 -4.85 -4.76 -13.17
CA GLY A 666 -3.79 -4.31 -12.28
C GLY A 666 -4.12 -3.02 -11.56
N ALA A 667 -4.78 -2.09 -12.25
CA ALA A 667 -5.13 -0.82 -11.66
C ALA A 667 -6.22 -0.98 -10.61
N HIS A 668 -7.23 -1.83 -10.89
CA HIS A 668 -8.19 -2.17 -9.85
C HIS A 668 -7.47 -2.70 -8.60
N PHE A 669 -6.47 -3.56 -8.81
CA PHE A 669 -5.74 -4.14 -7.69
C PHE A 669 -5.01 -3.09 -6.89
N VAL A 670 -4.31 -2.17 -7.57
CA VAL A 670 -3.54 -1.17 -6.85
C VAL A 670 -4.45 -0.23 -6.06
N TRP A 671 -5.58 0.14 -6.67
CA TRP A 671 -6.57 0.95 -5.96
C TRP A 671 -7.04 0.25 -4.70
N ALA A 672 -7.44 -1.02 -4.80
CA ALA A 672 -7.92 -1.70 -3.60
C ALA A 672 -6.81 -1.93 -2.60
N PHE A 673 -5.57 -2.00 -3.06
CA PHE A 673 -4.43 -2.17 -2.18
C PHE A 673 -4.20 -0.92 -1.33
N SER A 674 -4.52 0.27 -1.86
CA SER A 674 -4.29 1.47 -1.05
C SER A 674 -5.23 1.56 0.15
N LEU A 675 -6.42 0.99 0.06
CA LEU A 675 -7.39 1.12 1.15
C LEU A 675 -6.83 0.55 2.45
N MET A 676 -5.94 -0.42 2.36
CA MET A 676 -5.30 -0.98 3.54
C MET A 676 -4.48 0.08 4.26
N PHE A 677 -3.73 0.90 3.52
CA PHE A 677 -2.98 1.98 4.14
C PHE A 677 -3.89 3.11 4.61
N LEU A 678 -5.01 3.33 3.91
CA LEU A 678 -5.87 4.44 4.26
C LEU A 678 -6.76 4.13 5.46
N PHE A 679 -7.16 2.88 5.66
CA PHE A 679 -8.11 2.54 6.70
C PHE A 679 -7.48 2.12 8.02
N SER A 680 -6.16 1.96 8.10
CA SER A 680 -5.55 1.41 9.30
C SER A 680 -4.60 2.43 9.94
N GLY A 681 -3.89 1.97 10.98
CA GLY A 681 -2.95 2.82 11.68
C GLY A 681 -1.72 2.03 12.09
N ARG A 682 -0.66 2.76 12.43
CA ARG A 682 0.66 2.16 12.56
C ARG A 682 0.88 1.40 13.87
N GLY A 683 0.03 1.59 14.87
CA GLY A 683 0.21 0.84 16.11
C GLY A 683 0.08 -0.66 15.90
N TYR A 684 -0.99 -1.06 15.19
CA TYR A 684 -1.17 -2.46 14.86
C TYR A 684 0.05 -3.02 14.13
N TRP A 685 0.58 -2.25 13.18
CA TRP A 685 1.66 -2.75 12.34
C TRP A 685 2.95 -2.90 13.13
N GLN A 686 3.27 -1.93 14.00
CA GLN A 686 4.48 -2.07 14.80
C GLN A 686 4.36 -3.25 15.75
N GLU A 687 3.17 -3.49 16.32
CA GLU A 687 3.05 -4.64 17.20
C GLU A 687 3.16 -5.96 16.45
N LEU A 688 2.72 -6.03 15.20
CA LEU A 688 2.92 -7.26 14.43
C LEU A 688 4.40 -7.45 14.05
N ILE A 689 5.06 -6.36 13.70
CA ILE A 689 6.49 -6.42 13.40
C ILE A 689 7.27 -6.92 14.61
N GLU A 690 6.81 -6.62 15.83
CA GLU A 690 7.47 -7.15 17.02
C GLU A 690 7.62 -8.67 16.98
N SER A 691 6.53 -9.39 16.71
CA SER A 691 6.58 -10.85 16.71
C SER A 691 7.41 -11.37 15.55
N ILE A 692 7.30 -10.74 14.38
CA ILE A 692 8.13 -11.18 13.26
C ILE A 692 9.61 -11.03 13.60
N VAL A 693 9.97 -9.93 14.28
CA VAL A 693 11.35 -9.71 14.68
C VAL A 693 11.80 -10.78 15.66
N TRP A 694 10.92 -11.15 16.60
CA TRP A 694 11.25 -12.27 17.49
C TRP A 694 11.64 -13.50 16.69
N ALA A 695 10.83 -13.85 15.69
CA ALA A 695 11.12 -15.05 14.90
C ALA A 695 12.48 -14.95 14.24
N HIS A 696 12.86 -13.76 13.78
CA HIS A 696 14.18 -13.63 13.17
C HIS A 696 15.30 -13.74 14.20
N ASN A 697 15.06 -13.21 15.40
CA ASN A 697 16.06 -13.26 16.45
C ASN A 697 16.33 -14.69 16.87
N LYS A 698 15.29 -15.52 16.85
CA LYS A 698 15.43 -16.93 17.21
C LYS A 698 16.50 -17.65 16.38
N LEU A 699 16.82 -17.15 15.19
CA LEU A 699 17.74 -17.85 14.30
C LEU A 699 19.00 -17.04 14.00
N LYS A 700 19.32 -16.04 14.82
CA LYS A 700 20.50 -15.20 14.64
C LYS A 700 20.53 -14.58 13.24
N VAL A 701 19.39 -14.14 12.76
CA VAL A 701 19.29 -13.61 11.40
C VAL A 701 18.57 -12.27 11.44
N ALA A 702 18.58 -11.63 12.59
CA ALA A 702 17.83 -10.39 12.76
C ALA A 702 18.66 -9.20 12.32
N PRO A 703 18.07 -8.21 11.67
CA PRO A 703 18.85 -7.10 11.12
C PRO A 703 19.22 -6.07 12.19
N ALA A 704 20.31 -5.36 11.91
CA ALA A 704 20.80 -4.37 12.87
C ALA A 704 20.11 -3.03 12.73
N THR A 705 19.63 -2.68 11.55
CA THR A 705 18.82 -1.47 11.38
C THR A 705 17.38 -1.86 11.69
N GLN A 706 16.96 -1.59 12.92
CA GLN A 706 15.73 -2.12 13.48
C GLN A 706 14.52 -1.76 12.63
N PRO A 707 13.72 -2.73 12.20
CA PRO A 707 12.54 -2.42 11.38
C PRO A 707 11.45 -1.73 12.19
N ARG A 708 10.93 -0.64 11.63
CA ARG A 708 9.80 0.06 12.22
C ARG A 708 8.64 0.06 11.23
N ALA A 709 7.46 0.31 11.74
CA ALA A 709 6.32 0.62 10.88
C ALA A 709 6.46 2.04 10.34
N LEU A 710 5.74 2.31 9.27
CA LEU A 710 5.83 3.62 8.63
C LEU A 710 5.32 4.70 9.56
N SER A 711 5.64 5.94 9.22
CA SER A 711 5.15 7.08 9.96
C SER A 711 3.63 7.22 9.78
N ILE A 712 3.00 8.05 10.61
CA ILE A 712 1.58 8.33 10.43
C ILE A 712 1.37 9.09 9.12
N VAL A 713 2.16 10.14 8.90
CA VAL A 713 2.05 10.92 7.68
C VAL A 713 2.45 10.08 6.47
N GLN A 714 3.47 9.23 6.62
CA GLN A 714 3.84 8.37 5.50
C GLN A 714 2.73 7.38 5.17
N GLY A 715 2.03 6.89 6.19
CA GLY A 715 0.88 6.03 5.93
C GLY A 715 -0.17 6.74 5.08
N ARG A 716 -0.54 7.96 5.49
CA ARG A 716 -1.48 8.73 4.69
C ARG A 716 -0.98 8.95 3.25
N ALA A 717 0.31 9.23 3.10
CA ALA A 717 0.84 9.59 1.78
C ALA A 717 0.90 8.39 0.86
N VAL A 718 1.36 7.24 1.36
CA VAL A 718 1.32 6.00 0.58
C VAL A 718 -0.12 5.69 0.19
N GLY A 719 -1.07 5.90 1.11
CA GLY A 719 -2.46 5.62 0.79
C GLY A 719 -2.97 6.45 -0.36
N VAL A 720 -2.79 7.77 -0.29
CA VAL A 720 -3.33 8.61 -1.36
C VAL A 720 -2.59 8.36 -2.67
N THR A 721 -1.29 8.07 -2.61
CA THR A 721 -0.54 7.83 -3.85
C THR A 721 -1.08 6.60 -4.58
N HIS A 722 -1.26 5.50 -3.85
CA HIS A 722 -1.78 4.31 -4.53
C HIS A 722 -3.23 4.48 -4.94
N TYR A 723 -4.02 5.22 -4.17
CA TYR A 723 -5.41 5.46 -4.57
C TYR A 723 -5.47 6.18 -5.90
N LEU A 724 -4.72 7.28 -6.04
CA LEU A 724 -4.74 8.04 -7.28
C LEU A 724 -4.21 7.22 -8.44
N LEU A 725 -3.10 6.49 -8.24
CA LEU A 725 -2.56 5.69 -9.32
C LEU A 725 -3.57 4.64 -9.79
N GLY A 726 -4.14 3.89 -8.85
CA GLY A 726 -5.12 2.88 -9.23
C GLY A 726 -6.29 3.44 -10.01
N GLY A 727 -6.92 4.49 -9.48
CA GLY A 727 -8.09 5.04 -10.15
C GLY A 727 -7.79 5.59 -11.53
N ILE A 728 -6.74 6.42 -11.63
CA ILE A 728 -6.44 7.05 -12.91
C ILE A 728 -6.03 6.00 -13.93
N ALA A 729 -5.28 4.98 -13.52
CA ALA A 729 -4.87 3.96 -14.48
C ALA A 729 -6.05 3.12 -14.94
N THR A 730 -7.02 2.85 -14.06
CA THR A 730 -8.23 2.16 -14.50
C THR A 730 -8.93 2.94 -15.60
N THR A 731 -9.13 4.24 -15.38
CA THR A 731 -9.79 5.02 -16.42
C THR A 731 -8.94 5.11 -17.68
N TRP A 732 -7.62 5.10 -17.54
CA TRP A 732 -6.72 5.14 -18.69
C TRP A 732 -6.93 3.92 -19.58
N ALA A 733 -6.90 2.73 -18.98
CA ALA A 733 -7.08 1.51 -19.75
C ALA A 733 -8.46 1.47 -20.39
N PHE A 734 -9.49 1.79 -19.60
CA PHE A 734 -10.86 1.81 -20.13
C PHE A 734 -10.97 2.71 -21.36
N PHE A 735 -10.55 3.96 -21.23
CA PHE A 735 -10.64 4.92 -22.34
C PHE A 735 -9.88 4.42 -23.57
N LEU A 736 -8.61 4.05 -23.39
CA LEU A 736 -7.80 3.74 -24.57
C LEU A 736 -8.31 2.50 -25.27
N ALA A 737 -8.66 1.46 -24.52
CA ALA A 737 -9.19 0.26 -25.17
C ALA A 737 -10.48 0.55 -25.93
N ARG A 738 -11.41 1.22 -25.25
CA ARG A 738 -12.74 1.56 -25.83
C ARG A 738 -12.57 2.36 -27.13
N ILE A 739 -11.90 3.52 -27.06
CA ILE A 739 -11.76 4.42 -28.24
C ILE A 739 -10.96 3.75 -29.37
N ILE A 740 -9.89 3.01 -29.07
CA ILE A 740 -9.10 2.33 -30.14
C ILE A 740 -9.95 1.25 -30.82
N ALA A 741 -10.72 0.49 -30.05
CA ALA A 741 -11.54 -0.62 -30.58
C ALA A 741 -12.62 -0.15 -31.56
N VAL A 742 -13.30 0.96 -31.27
CA VAL A 742 -14.41 1.42 -32.17
C VAL A 742 -13.96 2.61 -33.01
N GLY A 743 -13.97 2.44 -34.34
CA GLY A 743 -13.57 3.51 -35.27
C GLY A 743 -13.18 2.95 -36.63
N ALA B 1 -26.68 11.48 37.57
CA ALA B 1 -28.01 11.39 36.98
C ALA B 1 -28.51 12.77 36.59
N LEU B 2 -29.74 13.06 36.99
CA LEU B 2 -30.45 14.31 36.69
C LEU B 2 -30.44 14.64 35.19
N ARG B 3 -30.21 13.63 34.35
CA ARG B 3 -30.05 13.83 32.92
C ARG B 3 -29.90 12.48 32.25
N PHE B 4 -30.18 12.44 30.95
CA PHE B 4 -29.89 11.23 30.19
C PHE B 4 -28.42 11.24 29.79
N PRO B 5 -27.69 10.12 29.99
CA PRO B 5 -28.14 8.84 30.51
C PRO B 5 -27.98 8.67 32.02
N ARG B 6 -28.82 7.83 32.63
CA ARG B 6 -28.76 7.67 34.08
C ARG B 6 -27.62 6.78 34.50
N PHE B 7 -27.29 5.77 33.69
CA PHE B 7 -26.32 4.77 34.09
C PHE B 7 -24.92 5.36 34.22
N SER B 8 -24.62 6.44 33.49
CA SER B 8 -23.31 7.07 33.52
C SER B 8 -23.44 8.50 33.99
N GLN B 9 -22.75 8.83 35.08
CA GLN B 9 -22.68 10.21 35.55
C GLN B 9 -21.64 11.01 34.78
N GLY B 10 -20.59 10.34 34.30
CA GLY B 10 -19.57 11.05 33.55
C GLY B 10 -20.08 11.55 32.21
N LEU B 11 -20.95 10.77 31.56
CA LEU B 11 -21.55 11.23 30.31
C LEU B 11 -22.62 12.28 30.55
N ALA B 12 -23.35 12.18 31.67
CA ALA B 12 -24.45 13.09 31.90
C ALA B 12 -24.00 14.53 32.10
N GLN B 13 -22.77 14.73 32.58
CA GLN B 13 -22.22 16.06 32.76
C GLN B 13 -21.44 16.53 31.55
N ASP B 14 -21.59 15.86 30.42
CA ASP B 14 -20.96 16.29 29.17
C ASP B 14 -21.87 17.31 28.50
N PRO B 15 -21.41 18.53 28.27
CA PRO B 15 -22.29 19.57 27.71
C PRO B 15 -22.39 19.60 26.20
N THR B 16 -21.70 18.71 25.50
CA THR B 16 -21.69 18.66 24.05
C THR B 16 -22.61 17.55 23.56
N THR B 17 -22.78 17.46 22.23
CA THR B 17 -23.65 16.46 21.65
C THR B 17 -23.13 15.04 21.87
N ARG B 18 -21.83 14.88 22.13
CA ARG B 18 -21.26 13.59 22.46
C ARG B 18 -22.13 12.84 23.45
N ARG B 19 -22.59 13.55 24.49
CA ARG B 19 -23.39 12.95 25.55
C ARG B 19 -24.49 12.07 25.00
N ILE B 20 -25.20 12.54 23.97
CA ILE B 20 -26.31 11.77 23.44
C ILE B 20 -25.78 10.52 22.74
N TRP B 21 -24.84 10.69 21.80
CA TRP B 21 -24.31 9.57 21.02
C TRP B 21 -23.86 8.43 21.92
N PHE B 22 -22.88 8.71 22.77
CA PHE B 22 -22.32 7.68 23.62
C PHE B 22 -23.34 7.15 24.60
N GLY B 23 -24.36 7.94 24.93
CA GLY B 23 -25.41 7.43 25.79
C GLY B 23 -26.08 6.22 25.19
N ILE B 24 -26.25 6.22 23.87
CA ILE B 24 -26.96 5.13 23.21
C ILE B 24 -26.05 3.91 23.07
N ALA B 25 -24.79 4.12 22.71
CA ALA B 25 -23.87 3.04 22.39
C ALA B 25 -23.20 2.43 23.60
N THR B 26 -23.63 2.76 24.81
CA THR B 26 -23.09 2.14 26.02
C THR B 26 -24.18 1.50 26.85
N ALA B 27 -25.40 1.41 26.32
CA ALA B 27 -26.57 1.10 27.15
C ALA B 27 -26.60 -0.35 27.62
N HIS B 28 -26.04 -1.28 26.86
CA HIS B 28 -26.08 -2.69 27.24
C HIS B 28 -24.74 -3.21 27.76
N ASP B 29 -23.76 -2.34 27.95
CA ASP B 29 -22.49 -2.78 28.56
C ASP B 29 -22.60 -2.60 30.06
N PHE B 30 -23.28 -3.55 30.70
CA PHE B 30 -23.71 -3.36 32.09
C PHE B 30 -22.54 -3.20 33.05
N GLU B 31 -21.39 -3.81 32.74
CA GLU B 31 -20.27 -3.75 33.66
C GLU B 31 -19.65 -2.37 33.76
N SER B 32 -20.05 -1.42 32.91
CA SER B 32 -19.48 -0.08 32.89
C SER B 32 -20.40 0.97 33.48
N HIS B 33 -21.52 0.57 34.06
CA HIS B 33 -22.50 1.50 34.60
C HIS B 33 -22.21 1.82 36.06
N ASP B 34 -22.66 2.98 36.49
CA ASP B 34 -22.40 3.42 37.86
C ASP B 34 -23.13 2.54 38.86
N ASP B 35 -22.42 2.16 39.93
CA ASP B 35 -23.00 1.36 41.02
C ASP B 35 -23.44 -0.02 40.51
N ILE B 36 -22.55 -0.70 39.82
CA ILE B 36 -22.87 -2.02 39.31
C ILE B 36 -22.36 -3.07 40.28
N THR B 37 -23.20 -4.05 40.57
CA THR B 37 -22.89 -5.19 41.40
C THR B 37 -22.78 -6.42 40.52
N GLU B 38 -22.54 -7.57 41.15
CA GLU B 38 -22.61 -8.83 40.42
C GLU B 38 -24.05 -9.27 40.22
N GLY B 39 -24.87 -9.10 41.26
CA GLY B 39 -26.26 -9.45 41.15
C GLY B 39 -27.02 -8.62 40.14
N ARG B 40 -26.76 -7.30 40.13
CA ARG B 40 -27.42 -6.44 39.17
C ARG B 40 -27.06 -6.80 37.75
N LEU B 41 -25.77 -7.09 37.51
CA LEU B 41 -25.33 -7.50 36.19
C LEU B 41 -26.01 -8.80 35.75
N TYR B 42 -26.00 -9.82 36.60
CA TYR B 42 -26.59 -11.10 36.22
C TYR B 42 -28.10 -10.97 36.01
N GLN B 43 -28.79 -10.25 36.88
CA GLN B 43 -30.23 -10.15 36.77
C GLN B 43 -30.63 -9.34 35.55
N ASN B 44 -29.88 -8.28 35.25
CA ASN B 44 -30.11 -7.52 34.03
C ASN B 44 -29.98 -8.44 32.81
N ILE B 45 -28.94 -9.27 32.78
CA ILE B 45 -28.74 -10.11 31.61
C ILE B 45 -29.86 -11.13 31.47
N PHE B 46 -30.32 -11.69 32.58
CA PHE B 46 -31.43 -12.65 32.54
C PHE B 46 -32.69 -12.01 31.94
N ALA B 47 -33.09 -10.85 32.47
CA ALA B 47 -34.26 -10.17 31.92
C ALA B 47 -34.06 -9.81 30.44
N SER B 48 -32.84 -9.43 30.06
CA SER B 48 -32.58 -9.09 28.67
C SER B 48 -32.78 -10.30 27.77
N HIS B 49 -32.31 -11.47 28.21
CA HIS B 49 -32.56 -12.68 27.45
C HIS B 49 -34.04 -12.88 27.22
N PHE B 50 -34.83 -12.70 28.27
CA PHE B 50 -36.27 -12.89 28.12
C PHE B 50 -36.86 -11.93 27.09
N GLY B 51 -36.39 -10.68 27.10
CA GLY B 51 -36.83 -9.73 26.09
C GLY B 51 -36.51 -10.19 24.68
N GLN B 52 -35.31 -10.72 24.46
CA GLN B 52 -34.95 -11.19 23.13
C GLN B 52 -35.82 -12.36 22.69
N LEU B 53 -36.18 -13.24 23.64
CA LEU B 53 -37.07 -14.35 23.30
C LEU B 53 -38.44 -13.85 22.84
N ALA B 54 -39.01 -12.90 23.58
CA ALA B 54 -40.26 -12.28 23.13
C ALA B 54 -40.11 -11.70 21.72
N ILE B 55 -38.97 -11.06 21.45
CA ILE B 55 -38.76 -10.47 20.13
C ILE B 55 -38.85 -11.52 19.04
N ILE B 56 -38.15 -12.64 19.24
CA ILE B 56 -38.09 -13.66 18.20
C ILE B 56 -39.48 -14.23 17.94
N PHE B 57 -40.24 -14.48 19.01
CA PHE B 57 -41.58 -15.02 18.82
C PHE B 57 -42.49 -14.04 18.09
N LEU B 58 -42.37 -12.75 18.39
CA LEU B 58 -43.21 -11.77 17.71
C LEU B 58 -42.86 -11.67 16.22
N TRP B 59 -41.58 -11.81 15.88
CA TRP B 59 -41.17 -11.74 14.49
C TRP B 59 -41.72 -12.93 13.68
N THR B 60 -41.59 -14.14 14.22
CA THR B 60 -42.14 -15.27 13.47
C THR B 60 -43.67 -15.24 13.45
N SER B 61 -44.29 -14.70 14.51
CA SER B 61 -45.72 -14.41 14.48
C SER B 61 -46.08 -13.53 13.30
N GLY B 62 -45.31 -12.47 13.10
CA GLY B 62 -45.59 -11.56 12.00
C GLY B 62 -45.53 -12.23 10.65
N ASN B 63 -44.50 -13.06 10.42
CA ASN B 63 -44.38 -13.74 9.13
C ASN B 63 -45.58 -14.65 8.87
N LEU B 64 -45.94 -15.47 9.85
CA LEU B 64 -47.10 -16.34 9.69
C LEU B 64 -48.37 -15.55 9.39
N PHE B 65 -48.65 -14.56 10.24
CA PHE B 65 -49.87 -13.79 10.05
C PHE B 65 -49.91 -13.17 8.66
N HIS B 66 -48.77 -12.64 8.19
CA HIS B 66 -48.83 -11.86 6.98
C HIS B 66 -48.96 -12.71 5.75
N VAL B 67 -48.35 -13.90 5.71
CA VAL B 67 -48.64 -14.69 4.53
C VAL B 67 -50.01 -15.36 4.63
N ALA B 68 -50.57 -15.50 5.83
CA ALA B 68 -51.95 -15.99 5.89
C ALA B 68 -52.95 -14.91 5.49
N TRP B 69 -52.60 -13.65 5.67
CA TRP B 69 -53.53 -12.57 5.37
C TRP B 69 -53.40 -12.05 3.95
N GLN B 70 -52.19 -11.68 3.53
CA GLN B 70 -51.99 -11.08 2.21
C GLN B 70 -51.29 -12.01 1.25
N GLY B 71 -51.41 -13.33 1.46
CA GLY B 71 -50.49 -14.28 0.92
C GLY B 71 -51.04 -15.12 -0.21
N ASN B 72 -50.36 -16.23 -0.46
CA ASN B 72 -50.48 -17.04 -1.67
C ASN B 72 -50.51 -18.52 -1.36
N PHE B 73 -50.52 -18.90 -0.08
CA PHE B 73 -50.18 -20.26 0.32
C PHE B 73 -51.10 -21.29 -0.30
N GLU B 74 -52.40 -21.03 -0.27
CA GLU B 74 -53.37 -22.05 -0.68
C GLU B 74 -53.17 -22.44 -2.15
N ALA B 75 -52.98 -21.46 -3.02
CA ALA B 75 -52.72 -21.76 -4.42
C ALA B 75 -51.35 -22.40 -4.60
N TRP B 76 -50.39 -22.06 -3.73
CA TRP B 76 -49.06 -22.64 -3.85
C TRP B 76 -49.06 -24.13 -3.51
N VAL B 77 -49.91 -24.54 -2.56
CA VAL B 77 -49.95 -25.94 -2.17
C VAL B 77 -50.47 -26.82 -3.31
N GLN B 78 -51.23 -26.25 -4.24
CA GLN B 78 -51.79 -27.03 -5.34
C GLN B 78 -50.80 -27.28 -6.46
N ASP B 79 -49.73 -26.49 -6.56
CA ASP B 79 -48.77 -26.65 -7.64
C ASP B 79 -47.46 -25.97 -7.26
N PRO B 80 -46.64 -26.58 -6.41
CA PRO B 80 -45.45 -25.87 -5.91
C PRO B 80 -44.48 -25.44 -6.99
N LEU B 81 -44.50 -26.05 -8.16
CA LEU B 81 -43.52 -25.75 -9.19
C LEU B 81 -43.96 -24.67 -10.17
N HIS B 82 -45.22 -24.23 -10.13
CA HIS B 82 -45.70 -23.31 -11.14
C HIS B 82 -46.47 -22.15 -10.53
N VAL B 83 -45.98 -21.62 -9.41
CA VAL B 83 -46.60 -20.45 -8.79
C VAL B 83 -45.58 -19.83 -7.83
N ARG B 84 -45.57 -18.51 -7.77
CA ARG B 84 -44.59 -17.81 -6.93
C ARG B 84 -45.21 -17.39 -5.61
N PRO B 85 -44.57 -17.70 -4.49
CA PRO B 85 -45.17 -17.43 -3.19
C PRO B 85 -45.09 -15.95 -2.81
N ILE B 86 -46.15 -15.46 -2.20
CA ILE B 86 -46.24 -14.06 -1.82
C ILE B 86 -45.73 -13.90 -0.39
N ALA B 87 -45.04 -12.78 -0.16
CA ALA B 87 -44.56 -12.37 1.15
C ALA B 87 -45.56 -11.45 1.87
N HIS B 88 -46.04 -10.42 1.19
CA HIS B 88 -46.97 -9.44 1.76
C HIS B 88 -47.35 -8.44 0.68
N ALA B 89 -48.30 -7.57 1.01
CA ALA B 89 -48.79 -6.59 0.05
C ALA B 89 -47.95 -5.32 0.07
N ILE B 90 -48.05 -4.57 -1.01
CA ILE B 90 -47.42 -3.25 -1.13
C ILE B 90 -48.51 -2.20 -1.06
N TRP B 91 -48.36 -1.24 -0.16
CA TRP B 91 -49.14 -0.01 -0.17
C TRP B 91 -48.14 1.13 -0.08
N ASP B 92 -47.93 1.82 -1.19
CA ASP B 92 -47.00 2.95 -1.23
C ASP B 92 -47.64 4.08 -2.02
N PRO B 93 -47.97 5.19 -1.38
CA PRO B 93 -48.62 6.30 -2.08
C PRO B 93 -47.73 7.04 -3.09
N HIS B 94 -46.42 6.80 -3.10
CA HIS B 94 -45.58 7.41 -4.13
C HIS B 94 -45.55 6.60 -5.41
N PHE B 95 -46.27 5.48 -5.47
CA PHE B 95 -46.31 4.66 -6.65
C PHE B 95 -47.04 5.37 -7.79
N GLY B 96 -46.52 5.19 -9.00
CA GLY B 96 -47.23 5.54 -10.21
C GLY B 96 -47.96 4.34 -10.76
N GLN B 97 -48.80 4.57 -11.75
CA GLN B 97 -49.63 3.49 -12.28
C GLN B 97 -48.83 2.37 -12.92
N PRO B 98 -47.82 2.62 -13.78
CA PRO B 98 -47.08 1.48 -14.35
C PRO B 98 -46.40 0.60 -13.32
N ALA B 99 -45.85 1.17 -12.25
CA ALA B 99 -45.26 0.33 -11.22
C ALA B 99 -46.33 -0.51 -10.53
N VAL B 100 -47.50 0.09 -10.30
CA VAL B 100 -48.64 -0.64 -9.76
C VAL B 100 -48.92 -1.87 -10.61
N GLU B 101 -48.96 -1.70 -11.94
CA GLU B 101 -49.18 -2.84 -12.80
C GLU B 101 -48.01 -3.82 -12.77
N ALA B 102 -46.79 -3.30 -12.62
CA ALA B 102 -45.59 -4.14 -12.74
C ALA B 102 -45.46 -5.10 -11.57
N PHE B 103 -45.82 -4.68 -10.36
CA PHE B 103 -45.60 -5.51 -9.19
C PHE B 103 -46.76 -6.44 -8.86
N THR B 104 -47.82 -6.44 -9.66
CA THR B 104 -49.01 -7.24 -9.38
C THR B 104 -48.84 -8.61 -10.05
N ARG B 105 -48.39 -9.59 -9.30
CA ARG B 105 -48.11 -10.91 -9.85
C ARG B 105 -48.57 -11.96 -8.85
N GLY B 106 -48.24 -13.22 -9.16
CA GLY B 106 -48.63 -14.34 -8.32
C GLY B 106 -50.12 -14.54 -8.21
N GLY B 107 -50.92 -13.92 -9.07
CA GLY B 107 -52.36 -14.01 -9.00
C GLY B 107 -53.02 -13.07 -8.01
N ALA B 108 -52.23 -12.27 -7.28
CA ALA B 108 -52.79 -11.33 -6.34
C ALA B 108 -53.63 -10.27 -7.05
N LEU B 109 -54.35 -9.49 -6.25
CA LEU B 109 -55.22 -8.44 -6.77
C LEU B 109 -54.60 -7.05 -6.63
N GLY B 110 -53.27 -6.97 -6.55
CA GLY B 110 -52.59 -5.71 -6.37
C GLY B 110 -51.11 -5.95 -6.10
N PRO B 111 -50.35 -4.87 -5.94
CA PRO B 111 -48.89 -5.01 -5.84
C PRO B 111 -48.47 -5.78 -4.59
N VAL B 112 -47.51 -6.67 -4.76
CA VAL B 112 -47.09 -7.62 -3.73
C VAL B 112 -45.58 -7.82 -3.82
N ASN B 113 -45.05 -8.61 -2.89
CA ASN B 113 -43.66 -9.04 -2.89
C ASN B 113 -43.61 -10.55 -2.99
N ILE B 114 -42.63 -11.07 -3.71
CA ILE B 114 -42.40 -12.51 -3.74
C ILE B 114 -41.43 -12.87 -2.61
N ALA B 115 -41.70 -13.96 -1.92
CA ALA B 115 -40.89 -14.35 -0.77
C ALA B 115 -39.71 -15.20 -1.20
N TYR B 116 -38.57 -14.99 -0.54
CA TYR B 116 -37.39 -15.82 -0.79
C TYR B 116 -36.82 -16.41 0.48
N SER B 117 -37.49 -16.24 1.62
CA SER B 117 -37.04 -16.87 2.85
C SER B 117 -37.20 -18.39 2.81
N GLY B 118 -38.09 -18.91 1.98
CA GLY B 118 -38.34 -20.33 1.91
C GLY B 118 -39.33 -20.86 2.90
N VAL B 119 -40.24 -20.02 3.41
CA VAL B 119 -41.14 -20.50 4.46
C VAL B 119 -42.28 -21.32 3.91
N TYR B 120 -42.69 -21.10 2.65
CA TYR B 120 -43.73 -21.94 2.08
C TYR B 120 -43.26 -23.38 2.00
N GLN B 121 -42.03 -23.60 1.53
CA GLN B 121 -41.52 -24.97 1.44
C GLN B 121 -41.36 -25.59 2.81
N TRP B 122 -40.89 -24.82 3.79
CA TRP B 122 -40.68 -25.38 5.12
C TRP B 122 -42.00 -25.71 5.79
N TRP B 123 -42.97 -24.79 5.74
CA TRP B 123 -44.25 -25.06 6.37
C TRP B 123 -45.02 -26.15 5.64
N TYR B 124 -44.93 -26.18 4.31
CA TYR B 124 -45.54 -27.27 3.57
C TYR B 124 -44.91 -28.60 3.93
N THR B 125 -43.60 -28.61 4.16
CA THR B 125 -42.91 -29.87 4.46
C THR B 125 -43.34 -30.43 5.79
N ILE B 126 -43.65 -29.59 6.77
CA ILE B 126 -43.94 -30.07 8.12
C ILE B 126 -45.43 -30.26 8.39
N GLY B 127 -46.31 -29.74 7.53
CA GLY B 127 -47.71 -30.13 7.65
C GLY B 127 -48.79 -29.10 7.39
N LEU B 128 -48.45 -27.81 7.47
CA LEU B 128 -49.47 -26.77 7.34
C LEU B 128 -49.99 -26.71 5.91
N ARG B 129 -51.31 -26.67 5.76
CA ARG B 129 -51.95 -26.79 4.45
C ARG B 129 -52.85 -25.63 4.08
N THR B 130 -53.65 -25.11 5.02
CA THR B 130 -54.58 -24.04 4.70
C THR B 130 -54.33 -22.86 5.63
N ASN B 131 -54.96 -21.72 5.29
CA ASN B 131 -54.67 -20.47 5.98
C ASN B 131 -55.03 -20.52 7.47
N GLU B 132 -55.92 -21.42 7.86
CA GLU B 132 -56.27 -21.49 9.28
C GLU B 132 -55.13 -22.04 10.10
N ASP B 133 -54.31 -22.94 9.55
CA ASP B 133 -53.12 -23.40 10.26
C ASP B 133 -52.17 -22.24 10.52
N LEU B 134 -51.97 -21.38 9.52
CA LEU B 134 -51.05 -20.25 9.68
C LEU B 134 -51.59 -19.24 10.70
N TYR B 135 -52.90 -18.96 10.64
CA TYR B 135 -53.51 -18.09 11.64
C TYR B 135 -53.37 -18.68 13.05
N THR B 136 -53.67 -19.97 13.20
CA THR B 136 -53.51 -20.65 14.47
C THR B 136 -52.10 -20.47 15.01
N GLY B 137 -51.10 -20.79 14.19
CA GLY B 137 -49.73 -20.66 14.63
C GLY B 137 -49.37 -19.25 15.03
N ALA B 138 -49.83 -18.27 14.27
CA ALA B 138 -49.52 -16.88 14.58
C ALA B 138 -50.08 -16.48 15.94
N ILE B 139 -51.31 -16.87 16.23
CA ILE B 139 -51.90 -16.53 17.54
C ILE B 139 -51.13 -17.21 18.67
N PHE B 140 -50.76 -18.47 18.47
CA PHE B 140 -49.98 -19.16 19.50
C PHE B 140 -48.64 -18.47 19.74
N LEU B 141 -48.02 -17.97 18.67
CA LEU B 141 -46.75 -17.27 18.83
C LEU B 141 -46.93 -15.95 19.56
N LEU B 142 -48.02 -15.24 19.27
CA LEU B 142 -48.33 -14.03 20.04
C LEU B 142 -48.43 -14.35 21.52
N PHE B 143 -49.12 -15.45 21.85
CA PHE B 143 -49.24 -15.88 23.23
C PHE B 143 -47.87 -16.13 23.85
N LEU B 144 -47.00 -16.85 23.15
CA LEU B 144 -45.70 -17.17 23.72
C LEU B 144 -44.83 -15.93 23.88
N SER B 145 -44.97 -14.96 22.98
CA SER B 145 -44.30 -13.68 23.14
C SER B 145 -44.74 -13.00 24.44
N PHE B 146 -46.05 -12.94 24.68
CA PHE B 146 -46.54 -12.33 25.90
C PHE B 146 -46.03 -13.05 27.15
N ILE B 147 -46.00 -14.39 27.10
CA ILE B 147 -45.53 -15.14 28.26
C ILE B 147 -44.05 -14.88 28.51
N SER B 148 -43.25 -14.80 27.43
CA SER B 148 -41.84 -14.44 27.56
C SER B 148 -41.70 -13.10 28.27
N LEU B 149 -42.48 -12.10 27.84
CA LEU B 149 -42.42 -10.79 28.48
C LEU B 149 -42.78 -10.88 29.96
N LEU B 150 -43.80 -11.67 30.28
CA LEU B 150 -44.23 -11.78 31.67
C LEU B 150 -43.13 -12.38 32.54
N ALA B 151 -42.45 -13.41 32.06
CA ALA B 151 -41.35 -13.99 32.82
C ALA B 151 -40.21 -12.99 32.99
N GLY B 152 -39.88 -12.27 31.93
CA GLY B 152 -38.88 -11.23 32.03
C GLY B 152 -39.20 -10.22 33.11
N TRP B 153 -40.46 -9.80 33.20
CA TRP B 153 -40.84 -8.88 34.26
C TRP B 153 -40.75 -9.55 35.63
N LEU B 154 -41.30 -10.77 35.74
CA LEU B 154 -41.38 -11.43 37.03
C LEU B 154 -40.00 -11.63 37.64
N HIS B 155 -38.99 -11.86 36.82
CA HIS B 155 -37.66 -12.14 37.39
C HIS B 155 -36.81 -10.89 37.55
N LEU B 156 -37.43 -9.75 37.83
CA LEU B 156 -36.69 -8.55 38.17
C LEU B 156 -37.07 -7.95 39.50
N GLN B 157 -38.21 -8.31 40.07
CA GLN B 157 -38.58 -7.83 41.39
C GLN B 157 -37.83 -8.62 42.45
N PRO B 158 -37.80 -8.12 43.68
CA PRO B 158 -37.48 -8.99 44.80
C PRO B 158 -38.44 -10.16 44.83
N LYS B 159 -38.17 -11.10 45.71
CA LYS B 159 -39.06 -12.23 45.91
C LYS B 159 -38.98 -13.18 44.72
N TRP B 160 -38.31 -12.75 43.64
CA TRP B 160 -38.15 -13.59 42.47
C TRP B 160 -36.80 -13.42 41.77
N LYS B 161 -35.88 -12.71 42.35
CA LYS B 161 -34.64 -12.67 41.59
C LYS B 161 -33.66 -13.69 42.14
N PRO B 162 -33.03 -14.49 41.29
CA PRO B 162 -32.07 -15.49 41.77
C PRO B 162 -30.75 -14.85 42.16
N SER B 163 -29.94 -15.62 42.87
CA SER B 163 -28.68 -15.15 43.39
C SER B 163 -27.55 -15.45 42.41
N VAL B 164 -26.41 -14.78 42.60
CA VAL B 164 -25.28 -14.97 41.71
C VAL B 164 -24.80 -16.42 41.74
N SER B 165 -24.90 -17.10 42.88
CA SER B 165 -24.40 -18.46 42.91
C SER B 165 -25.41 -19.48 42.43
N TRP B 166 -26.65 -19.07 42.17
CA TRP B 166 -27.52 -19.91 41.34
C TRP B 166 -27.03 -19.93 39.91
N PHE B 167 -26.64 -18.77 39.39
CA PHE B 167 -26.16 -18.67 38.03
C PHE B 167 -24.81 -19.34 37.83
N LYS B 168 -24.11 -19.71 38.90
CA LYS B 168 -22.78 -20.31 38.80
C LYS B 168 -22.79 -21.80 39.03
N ASN B 169 -23.95 -22.44 38.99
CA ASN B 169 -24.05 -23.89 39.12
C ASN B 169 -23.98 -24.49 37.72
N ALA B 170 -22.78 -24.91 37.32
CA ALA B 170 -22.56 -25.34 35.94
C ALA B 170 -23.00 -26.78 35.69
N GLU B 171 -22.73 -27.69 36.63
CA GLU B 171 -23.12 -29.07 36.45
C GLU B 171 -24.62 -29.23 36.31
N SER B 172 -25.38 -28.51 37.14
CA SER B 172 -26.83 -28.53 37.07
C SER B 172 -27.31 -28.10 35.69
N ARG B 173 -26.84 -26.95 35.23
CA ARG B 173 -27.30 -26.40 33.96
C ARG B 173 -26.95 -27.33 32.82
N LEU B 174 -25.77 -27.94 32.86
CA LEU B 174 -25.37 -28.79 31.75
C LEU B 174 -26.20 -30.08 31.73
N ASN B 175 -26.48 -30.66 32.90
CA ASN B 175 -27.38 -31.81 32.93
C ASN B 175 -28.73 -31.48 32.29
N HIS B 176 -29.31 -30.33 32.66
CA HIS B 176 -30.63 -29.99 32.15
C HIS B 176 -30.59 -29.61 30.67
N HIS B 177 -29.57 -28.87 30.25
CA HIS B 177 -29.55 -28.45 28.85
C HIS B 177 -29.25 -29.62 27.94
N LEU B 178 -28.51 -30.61 28.42
CA LEU B 178 -28.19 -31.75 27.57
C LEU B 178 -29.38 -32.71 27.48
N SER B 179 -29.94 -33.12 28.61
CA SER B 179 -31.03 -34.07 28.49
C SER B 179 -32.39 -33.41 28.33
N GLY B 180 -32.56 -32.18 28.81
CA GLY B 180 -33.84 -31.51 28.69
C GLY B 180 -33.98 -30.63 27.46
N LEU B 181 -33.05 -29.70 27.25
CA LEU B 181 -33.22 -28.73 26.18
C LEU B 181 -32.91 -29.31 24.81
N PHE B 182 -31.94 -30.21 24.70
CA PHE B 182 -31.56 -30.81 23.43
C PHE B 182 -32.20 -32.16 23.19
N GLY B 183 -32.33 -32.99 24.22
CA GLY B 183 -32.89 -34.31 24.04
C GLY B 183 -34.40 -34.35 24.00
N VAL B 184 -35.05 -33.68 24.95
CA VAL B 184 -36.51 -33.73 25.01
C VAL B 184 -37.10 -33.01 23.81
N SER B 185 -36.49 -31.90 23.40
CA SER B 185 -37.00 -31.17 22.24
C SER B 185 -36.89 -32.00 20.97
N SER B 186 -35.77 -32.68 20.78
CA SER B 186 -35.59 -33.53 19.60
C SER B 186 -36.55 -34.71 19.63
N LEU B 187 -36.83 -35.24 20.82
CA LEU B 187 -37.82 -36.31 20.92
C LEU B 187 -39.21 -35.82 20.52
N ALA B 188 -39.60 -34.65 21.01
CA ALA B 188 -40.91 -34.12 20.65
C ALA B 188 -40.98 -33.73 19.17
N TRP B 189 -39.85 -33.37 18.57
CA TRP B 189 -39.89 -33.08 17.14
C TRP B 189 -40.02 -34.36 16.32
N ALA B 190 -39.30 -35.42 16.71
CA ALA B 190 -39.54 -36.71 16.10
C ALA B 190 -41.01 -37.08 16.23
N GLY B 191 -41.62 -36.71 17.35
CA GLY B 191 -43.04 -36.96 17.52
C GLY B 191 -43.90 -36.21 16.52
N HIS B 192 -43.63 -34.91 16.34
CA HIS B 192 -44.41 -34.16 15.36
C HIS B 192 -44.27 -34.74 13.97
N LEU B 193 -43.06 -35.14 13.59
CA LEU B 193 -42.86 -35.73 12.27
C LEU B 193 -43.62 -37.05 12.14
N VAL B 194 -43.58 -37.88 13.17
CA VAL B 194 -44.24 -39.18 13.09
C VAL B 194 -45.75 -39.02 13.07
N HIS B 195 -46.28 -38.00 13.72
CA HIS B 195 -47.72 -37.90 13.93
C HIS B 195 -48.45 -37.03 12.93
N VAL B 196 -47.79 -36.03 12.36
CA VAL B 196 -48.46 -34.98 11.60
C VAL B 196 -47.93 -34.89 10.17
N ALA B 197 -46.61 -34.86 10.01
CA ALA B 197 -46.03 -34.56 8.71
C ALA B 197 -45.87 -35.80 7.83
N ILE B 198 -45.54 -36.94 8.42
CA ILE B 198 -45.46 -38.18 7.65
C ILE B 198 -46.86 -38.54 7.19
N PRO B 199 -47.91 -38.41 8.00
CA PRO B 199 -49.26 -38.53 7.44
C PRO B 199 -49.58 -37.44 6.46
N GLY B 200 -49.15 -36.21 6.74
CA GLY B 200 -49.46 -35.10 5.86
C GLY B 200 -48.99 -35.32 4.45
N SER B 201 -47.86 -35.98 4.28
CA SER B 201 -47.35 -36.34 2.97
C SER B 201 -47.87 -37.69 2.49
N ARG B 202 -48.99 -38.15 3.01
CA ARG B 202 -49.62 -39.37 2.51
C ARG B 202 -51.13 -39.19 2.33
N GLY B 203 -51.62 -37.96 2.42
CA GLY B 203 -53.00 -37.65 2.14
C GLY B 203 -53.82 -37.26 3.36
N GLU B 204 -53.47 -37.78 4.53
CA GLU B 204 -54.31 -37.58 5.70
C GLU B 204 -54.01 -36.25 6.37
N TYR B 205 -55.04 -35.66 6.98
CA TYR B 205 -54.92 -34.39 7.68
C TYR B 205 -55.19 -34.64 9.16
N VAL B 206 -54.13 -34.92 9.91
CA VAL B 206 -54.18 -35.08 11.34
C VAL B 206 -54.02 -33.70 11.99
N ARG B 207 -54.89 -33.39 12.94
CA ARG B 207 -54.87 -32.10 13.60
C ARG B 207 -55.18 -32.31 15.08
N TRP B 208 -55.35 -31.22 15.82
CA TRP B 208 -55.60 -31.33 17.25
C TRP B 208 -56.95 -31.98 17.53
N ASN B 209 -57.93 -31.83 16.64
CA ASN B 209 -59.27 -32.30 16.91
C ASN B 209 -59.48 -33.78 16.62
N ASN B 210 -58.49 -34.47 16.06
CA ASN B 210 -58.67 -35.87 15.76
C ASN B 210 -57.45 -36.74 16.06
N PHE B 211 -56.33 -36.18 16.50
CA PHE B 211 -55.08 -36.93 16.49
C PHE B 211 -55.07 -38.05 17.51
N LEU B 212 -55.80 -37.90 18.61
CA LEU B 212 -55.92 -39.01 19.54
C LEU B 212 -56.68 -40.18 18.95
N SER B 213 -57.20 -40.05 17.73
CA SER B 213 -58.02 -41.07 17.10
C SER B 213 -57.46 -41.51 15.75
N VAL B 214 -56.16 -41.36 15.52
CA VAL B 214 -55.53 -41.81 14.29
C VAL B 214 -54.22 -42.49 14.64
N LEU B 215 -54.05 -43.74 14.23
CA LEU B 215 -52.80 -44.43 14.49
C LEU B 215 -51.70 -43.92 13.57
N PRO B 216 -50.49 -43.69 14.08
CA PRO B 216 -49.39 -43.30 13.19
C PRO B 216 -48.81 -44.50 12.45
N HIS B 217 -48.86 -45.67 13.07
CA HIS B 217 -48.45 -46.94 12.48
C HIS B 217 -49.59 -47.93 12.61
N PRO B 218 -49.65 -48.94 11.74
CA PRO B 218 -50.73 -49.94 11.86
C PRO B 218 -50.78 -50.69 13.17
N GLN B 219 -49.67 -50.84 13.90
CA GLN B 219 -49.65 -51.66 15.11
C GLN B 219 -49.10 -50.86 16.29
N GLY B 220 -49.63 -49.66 16.49
CA GLY B 220 -49.08 -48.68 17.41
C GLY B 220 -48.50 -49.16 18.72
N LEU B 221 -47.23 -48.81 18.96
CA LEU B 221 -46.54 -49.01 20.23
C LEU B 221 -46.43 -50.46 20.64
N GLY B 222 -46.90 -51.37 19.81
CA GLY B 222 -46.69 -52.78 20.04
C GLY B 222 -45.22 -53.12 19.93
N PRO B 223 -44.66 -53.00 18.72
CA PRO B 223 -43.25 -53.33 18.50
C PRO B 223 -42.28 -52.72 19.51
N LEU B 224 -42.49 -51.46 19.89
CA LEU B 224 -41.51 -50.75 20.69
C LEU B 224 -41.16 -51.49 21.97
N PHE B 225 -42.17 -52.03 22.66
CA PHE B 225 -41.94 -52.68 23.95
C PHE B 225 -41.63 -54.16 23.82
N THR B 226 -42.11 -54.80 22.76
CA THR B 226 -41.72 -56.18 22.52
C THR B 226 -40.30 -56.29 21.98
N GLY B 227 -39.73 -55.18 21.50
CA GLY B 227 -38.33 -55.11 21.17
C GLY B 227 -38.01 -55.14 19.69
N GLN B 228 -38.91 -55.68 18.86
CA GLN B 228 -38.62 -55.86 17.44
C GLN B 228 -38.94 -54.57 16.70
N TRP B 229 -37.99 -53.63 16.75
CA TRP B 229 -38.21 -52.34 16.12
C TRP B 229 -38.30 -52.44 14.61
N ASN B 230 -37.75 -53.49 14.00
CA ASN B 230 -37.64 -53.54 12.54
C ASN B 230 -38.99 -53.42 11.86
N LEU B 231 -40.07 -53.82 12.53
CA LEU B 231 -41.39 -53.74 11.94
C LEU B 231 -41.77 -52.31 11.57
N TYR B 232 -41.13 -51.31 12.16
CA TYR B 232 -41.47 -49.93 11.84
C TYR B 232 -40.94 -49.50 10.48
N ALA B 233 -40.09 -50.30 9.83
CA ALA B 233 -39.57 -49.95 8.52
C ALA B 233 -39.92 -50.99 7.46
N GLN B 234 -41.00 -51.73 7.67
CA GLN B 234 -41.28 -52.89 6.83
C GLN B 234 -41.92 -52.54 5.49
N ASN B 235 -42.24 -51.29 5.22
CA ASN B 235 -42.95 -50.97 3.99
C ASN B 235 -42.78 -49.50 3.63
N PRO B 236 -41.65 -49.12 3.06
CA PRO B 236 -41.39 -47.69 2.81
C PRO B 236 -42.24 -47.16 1.68
N ASP B 237 -42.25 -45.83 1.57
CA ASP B 237 -42.83 -45.18 0.40
C ASP B 237 -42.13 -45.68 -0.86
N SER B 238 -42.92 -46.12 -1.83
CA SER B 238 -42.34 -46.54 -3.09
C SER B 238 -41.72 -45.34 -3.80
N SER B 239 -40.81 -45.63 -4.71
CA SER B 239 -40.11 -44.57 -5.43
C SER B 239 -40.89 -44.03 -6.61
N ASN B 240 -42.21 -44.27 -6.69
CA ASN B 240 -43.10 -43.46 -7.52
C ASN B 240 -44.23 -43.00 -6.60
N HIS B 241 -43.92 -41.98 -5.81
CA HIS B 241 -44.87 -41.40 -4.87
C HIS B 241 -45.05 -39.93 -5.23
N LEU B 242 -46.25 -39.42 -5.01
CA LEU B 242 -46.55 -38.03 -5.20
C LEU B 242 -46.84 -37.42 -3.84
N PHE B 243 -46.15 -36.33 -3.52
CA PHE B 243 -45.89 -35.96 -2.13
C PHE B 243 -47.16 -35.93 -1.28
N SER B 244 -48.10 -35.04 -1.59
CA SER B 244 -49.23 -34.85 -0.70
C SER B 244 -50.42 -35.73 -1.05
N THR B 245 -50.17 -36.89 -1.63
CA THR B 245 -51.22 -37.80 -2.09
C THR B 245 -50.95 -39.19 -1.56
N SER B 246 -51.90 -40.09 -1.81
CA SER B 246 -51.78 -41.47 -1.38
C SER B 246 -51.17 -42.38 -2.44
N GLN B 247 -51.04 -41.90 -3.68
CA GLN B 247 -50.54 -42.73 -4.75
C GLN B 247 -49.06 -43.05 -4.53
N GLY B 248 -48.76 -44.32 -4.31
CA GLY B 248 -47.40 -44.73 -4.05
C GLY B 248 -46.93 -44.51 -2.63
N ALA B 249 -47.84 -44.42 -1.67
CA ALA B 249 -47.50 -44.22 -0.27
C ALA B 249 -47.30 -45.54 0.44
N GLY B 250 -46.38 -45.54 1.39
CA GLY B 250 -46.12 -46.69 2.25
C GLY B 250 -46.73 -46.52 3.62
N THR B 251 -46.20 -47.29 4.58
CA THR B 251 -46.63 -47.14 5.96
C THR B 251 -45.49 -46.91 6.96
N ALA B 252 -44.24 -47.09 6.56
CA ALA B 252 -43.13 -46.98 7.50
C ALA B 252 -43.09 -45.59 8.13
N ILE B 253 -42.53 -45.50 9.33
CA ILE B 253 -42.38 -44.20 9.98
C ILE B 253 -40.92 -43.90 10.26
N LEU B 254 -40.09 -44.93 10.43
CA LEU B 254 -38.65 -44.75 10.59
C LEU B 254 -37.92 -45.59 9.56
N THR B 255 -36.98 -44.97 8.84
CA THR B 255 -36.16 -45.71 7.90
C THR B 255 -34.72 -45.24 7.96
N LEU B 256 -33.89 -45.87 7.13
CA LEU B 256 -32.53 -45.44 6.85
C LEU B 256 -32.27 -45.82 5.41
N LEU B 257 -32.48 -44.87 4.49
CA LEU B 257 -32.38 -45.13 3.06
C LEU B 257 -31.19 -44.42 2.41
N GLY B 258 -31.00 -43.14 2.71
CA GLY B 258 -29.85 -42.43 2.22
C GLY B 258 -30.13 -41.52 1.04
N GLY B 259 -30.95 -41.98 0.11
CA GLY B 259 -31.19 -41.22 -1.10
C GLY B 259 -32.10 -40.02 -0.88
N PHE B 260 -32.55 -39.48 -2.00
CA PHE B 260 -33.51 -38.39 -2.02
C PHE B 260 -34.89 -38.92 -2.38
N HIS B 261 -35.90 -38.12 -2.11
CA HIS B 261 -37.21 -38.41 -2.64
C HIS B 261 -37.20 -38.13 -4.14
N PRO B 262 -37.65 -39.07 -4.98
CA PRO B 262 -37.51 -38.87 -6.43
C PRO B 262 -38.24 -37.66 -6.97
N GLN B 263 -39.42 -37.34 -6.43
CA GLN B 263 -40.23 -36.29 -7.02
C GLN B 263 -39.81 -34.91 -6.53
N THR B 264 -39.57 -34.76 -5.24
CA THR B 264 -39.25 -33.46 -4.67
C THR B 264 -37.75 -33.22 -4.54
N GLN B 265 -36.92 -34.21 -4.84
CA GLN B 265 -35.46 -34.10 -4.74
C GLN B 265 -35.05 -33.66 -3.34
N SER B 266 -35.68 -34.25 -2.34
CA SER B 266 -35.54 -33.85 -0.95
C SER B 266 -35.29 -35.09 -0.11
N LEU B 267 -34.91 -34.86 1.14
CA LEU B 267 -34.69 -35.95 2.07
C LEU B 267 -36.01 -36.63 2.41
N TRP B 268 -35.96 -37.93 2.67
CA TRP B 268 -37.15 -38.64 3.08
C TRP B 268 -37.60 -38.16 4.46
N LEU B 269 -38.91 -38.13 4.69
CA LEU B 269 -39.39 -37.72 6.00
C LEU B 269 -39.11 -38.76 7.06
N THR B 270 -39.17 -40.04 6.68
CA THR B 270 -38.94 -41.11 7.63
C THR B 270 -37.48 -41.13 8.08
N ASP B 271 -36.55 -40.80 7.16
CA ASP B 271 -35.16 -40.66 7.54
C ASP B 271 -34.98 -39.59 8.61
N MET B 272 -35.67 -38.46 8.46
CA MET B 272 -35.47 -37.36 9.41
C MET B 272 -36.11 -37.67 10.75
N ALA B 273 -37.27 -38.33 10.75
CA ALA B 273 -37.87 -38.74 12.02
C ALA B 273 -36.96 -39.71 12.76
N HIS B 274 -36.39 -40.67 12.05
CA HIS B 274 -35.49 -41.65 12.66
C HIS B 274 -34.22 -40.99 13.16
N HIS B 275 -33.69 -40.00 12.42
CA HIS B 275 -32.52 -39.28 12.85
C HIS B 275 -32.77 -38.54 14.16
N HIS B 276 -33.89 -37.83 14.23
CA HIS B 276 -34.16 -37.04 15.44
C HIS B 276 -34.38 -37.94 16.64
N LEU B 277 -35.01 -39.09 16.42
CA LEU B 277 -35.15 -40.04 17.52
C LEU B 277 -33.79 -40.54 17.99
N ALA B 278 -32.91 -40.89 17.06
CA ALA B 278 -31.59 -41.41 17.42
C ALA B 278 -30.79 -40.39 18.24
N ILE B 279 -30.73 -39.15 17.76
CA ILE B 279 -29.92 -38.18 18.49
C ILE B 279 -30.59 -37.77 19.79
N ALA B 280 -31.92 -37.81 19.87
CA ALA B 280 -32.57 -37.52 21.15
C ALA B 280 -32.21 -38.58 22.19
N ILE B 281 -32.14 -39.84 21.77
CA ILE B 281 -31.68 -40.90 22.68
C ILE B 281 -30.26 -40.61 23.15
N LEU B 282 -29.37 -40.27 22.20
CA LEU B 282 -27.98 -39.99 22.57
C LEU B 282 -27.89 -38.84 23.58
N PHE B 283 -28.63 -37.76 23.33
CA PHE B 283 -28.57 -36.60 24.21
C PHE B 283 -29.13 -36.93 25.59
N LEU B 284 -30.23 -37.66 25.64
CA LEU B 284 -30.82 -38.00 26.93
C LEU B 284 -29.86 -38.83 27.77
N ILE B 285 -29.22 -39.83 27.15
CA ILE B 285 -28.29 -40.65 27.91
C ILE B 285 -27.07 -39.85 28.33
N GLY B 286 -26.58 -38.96 27.45
CA GLY B 286 -25.40 -38.18 27.78
C GLY B 286 -25.63 -37.03 28.73
N GLY B 287 -26.87 -36.64 28.97
CA GLY B 287 -27.15 -35.59 29.92
C GLY B 287 -27.15 -36.03 31.37
N HIS B 288 -26.58 -37.20 31.65
CA HIS B 288 -26.54 -37.73 33.01
C HIS B 288 -25.10 -37.92 33.47
N MET B 289 -24.25 -36.93 33.23
CA MET B 289 -22.82 -37.08 33.47
C MET B 289 -22.39 -36.46 34.80
N TYR B 290 -22.67 -35.18 34.98
CA TYR B 290 -22.13 -34.40 36.08
C TYR B 290 -22.98 -34.56 37.33
N ARG B 291 -22.40 -34.18 38.46
CA ARG B 291 -22.98 -34.46 39.77
C ARG B 291 -23.84 -33.31 40.27
N THR B 292 -24.93 -33.66 40.96
CA THR B 292 -25.92 -32.73 41.49
C THR B 292 -26.31 -33.25 42.87
N ASN B 293 -27.51 -32.88 43.32
CA ASN B 293 -28.03 -33.20 44.64
C ASN B 293 -28.14 -34.69 45.00
N PHE B 294 -27.82 -35.62 44.11
CA PHE B 294 -28.12 -37.02 44.35
C PHE B 294 -26.91 -37.90 44.63
N GLY B 295 -25.73 -37.32 44.77
CA GLY B 295 -24.59 -38.07 45.26
C GLY B 295 -23.89 -38.99 44.28
N ILE B 296 -24.14 -38.83 42.98
CA ILE B 296 -23.40 -39.54 41.94
C ILE B 296 -23.05 -38.56 40.85
N GLY B 297 -22.12 -38.95 40.00
CA GLY B 297 -21.74 -38.17 38.85
C GLY B 297 -20.37 -37.56 39.01
N HIS B 298 -20.08 -36.59 38.15
CA HIS B 298 -18.75 -36.03 38.01
C HIS B 298 -18.66 -34.61 38.53
N SER B 299 -17.48 -34.27 39.05
CA SER B 299 -17.09 -32.90 39.32
C SER B 299 -16.27 -32.40 38.13
N ILE B 300 -16.75 -31.34 37.48
CA ILE B 300 -16.03 -30.81 36.33
C ILE B 300 -14.65 -30.31 36.75
N LYS B 301 -14.58 -29.64 37.90
CA LYS B 301 -13.32 -29.12 38.38
C LYS B 301 -12.30 -30.23 38.61
N TYR B 302 -12.75 -31.39 39.10
CA TYR B 302 -11.83 -32.49 39.33
C TYR B 302 -11.32 -33.08 38.02
N ILE B 303 -12.20 -33.21 37.03
CA ILE B 303 -11.76 -33.68 35.71
C ILE B 303 -10.73 -32.73 35.13
N LEU B 304 -10.97 -31.44 35.27
CA LEU B 304 -10.05 -30.47 34.70
C LEU B 304 -8.71 -30.49 35.43
N GLU B 305 -8.72 -30.64 36.75
CA GLU B 305 -7.48 -30.63 37.50
C GLU B 305 -6.72 -31.95 37.39
N ALA B 306 -7.37 -33.04 37.01
CA ALA B 306 -6.67 -34.31 36.89
C ALA B 306 -5.98 -34.49 35.55
N HIS B 307 -6.21 -33.61 34.59
CA HIS B 307 -5.70 -33.81 33.22
C HIS B 307 -4.42 -33.01 33.04
N ILE B 308 -3.32 -33.59 33.53
CA ILE B 308 -2.01 -32.99 33.39
C ILE B 308 -1.01 -34.06 32.98
N PRO B 309 -0.36 -33.94 31.84
CA PRO B 309 0.54 -34.99 31.38
C PRO B 309 1.82 -35.01 32.20
N PRO B 310 2.26 -36.17 32.67
CA PRO B 310 3.59 -36.26 33.27
C PRO B 310 4.64 -36.00 32.21
N GLY B 311 5.82 -35.60 32.65
CA GLY B 311 6.78 -35.01 31.75
C GLY B 311 6.60 -33.53 31.55
N GLY B 312 5.56 -32.95 32.15
CA GLY B 312 5.39 -31.52 32.28
C GLY B 312 5.52 -30.70 31.01
N ARG B 313 5.05 -31.25 29.89
CA ARG B 313 5.11 -30.51 28.64
C ARG B 313 3.98 -29.50 28.52
N LEU B 314 2.88 -29.73 29.22
CA LEU B 314 1.78 -28.77 29.28
C LEU B 314 1.78 -27.99 30.60
N GLY B 315 2.90 -27.98 31.30
CA GLY B 315 3.03 -27.24 32.54
C GLY B 315 2.18 -27.79 33.65
N ARG B 316 1.29 -26.94 34.18
CA ARG B 316 0.31 -27.35 35.17
C ARG B 316 -1.01 -27.76 34.54
N GLY B 317 -1.04 -28.01 33.24
CA GLY B 317 -2.20 -28.56 32.58
C GLY B 317 -3.41 -27.65 32.56
N HIS B 318 -4.51 -28.13 33.14
CA HIS B 318 -5.77 -27.38 33.19
C HIS B 318 -6.13 -26.98 34.60
N LYS B 319 -5.20 -27.05 35.55
CA LYS B 319 -5.48 -26.78 36.95
C LYS B 319 -5.90 -25.34 37.16
N GLY B 320 -7.17 -25.13 37.50
CA GLY B 320 -7.68 -23.81 37.77
C GLY B 320 -8.51 -23.19 36.67
N LEU B 321 -8.88 -23.95 35.65
CA LEU B 321 -9.67 -23.40 34.56
C LEU B 321 -11.16 -23.37 34.87
N TYR B 322 -11.64 -24.22 35.78
CA TYR B 322 -13.04 -24.16 36.14
C TYR B 322 -13.42 -22.81 36.71
N ASP B 323 -12.56 -22.22 37.54
CA ASP B 323 -12.89 -20.93 38.12
C ASP B 323 -12.60 -19.78 37.16
N THR B 324 -11.69 -19.96 36.21
CA THR B 324 -11.47 -18.95 35.20
C THR B 324 -12.66 -18.86 34.25
N ILE B 325 -13.28 -20.00 33.92
CA ILE B 325 -14.43 -20.00 33.03
C ILE B 325 -15.69 -19.63 33.80
N ASN B 326 -15.85 -20.16 35.01
CA ASN B 326 -17.08 -19.96 35.75
C ASN B 326 -17.25 -18.52 36.20
N ASN B 327 -16.16 -17.78 36.38
CA ASN B 327 -16.22 -16.43 36.91
C ASN B 327 -16.20 -15.35 35.83
N SER B 328 -15.92 -15.70 34.58
CA SER B 328 -15.84 -14.73 33.50
C SER B 328 -17.00 -14.98 32.54
N ILE B 329 -17.81 -13.95 32.31
CA ILE B 329 -18.91 -14.08 31.38
C ILE B 329 -18.44 -13.88 29.94
N HIS B 330 -17.36 -13.11 29.76
CA HIS B 330 -16.84 -12.91 28.42
C HIS B 330 -16.17 -14.18 27.89
N PHE B 331 -15.52 -14.94 28.76
CA PHE B 331 -15.01 -16.25 28.38
C PHE B 331 -16.13 -17.14 27.87
N GLN B 332 -17.21 -17.25 28.64
CA GLN B 332 -18.32 -18.11 28.27
C GLN B 332 -18.96 -17.65 26.97
N LEU B 333 -19.10 -16.33 26.80
CA LEU B 333 -19.70 -15.82 25.57
C LEU B 333 -18.81 -16.08 24.36
N GLY B 334 -17.50 -15.92 24.51
CA GLY B 334 -16.60 -16.27 23.41
C GLY B 334 -16.71 -17.73 23.02
N LEU B 335 -16.77 -18.62 24.00
CA LEU B 335 -16.94 -20.04 23.69
C LEU B 335 -18.25 -20.29 22.96
N ALA B 336 -19.35 -19.73 23.48
CA ALA B 336 -20.66 -19.92 22.89
C ALA B 336 -20.69 -19.44 21.45
N LEU B 337 -20.14 -18.24 21.21
CA LEU B 337 -20.15 -17.68 19.86
C LEU B 337 -19.28 -18.49 18.92
N ALA B 338 -18.16 -19.03 19.38
CA ALA B 338 -17.30 -19.82 18.49
C ALA B 338 -18.01 -21.10 18.04
N SER B 339 -18.56 -21.83 19.01
CA SER B 339 -19.28 -23.06 18.65
C SER B 339 -20.47 -22.76 17.73
N LEU B 340 -21.22 -21.69 18.04
CA LEU B 340 -22.38 -21.36 17.21
C LEU B 340 -21.97 -20.92 15.81
N GLY B 341 -20.85 -20.21 15.66
CA GLY B 341 -20.42 -19.82 14.33
C GLY B 341 -20.03 -21.01 13.47
N VAL B 342 -19.27 -21.95 14.04
CA VAL B 342 -18.89 -23.13 13.27
C VAL B 342 -20.13 -23.91 12.84
N ILE B 343 -21.07 -24.12 13.76
CA ILE B 343 -22.23 -24.89 13.32
C ILE B 343 -23.16 -24.07 12.41
N THR B 344 -23.07 -22.74 12.40
CA THR B 344 -23.85 -21.96 11.45
C THR B 344 -23.35 -22.15 10.03
N SER B 345 -22.03 -22.09 9.82
CA SER B 345 -21.60 -22.40 8.46
C SER B 345 -21.71 -23.89 8.14
N LEU B 346 -21.77 -24.76 9.15
CA LEU B 346 -22.12 -26.15 8.86
C LEU B 346 -23.55 -26.28 8.37
N VAL B 347 -24.48 -25.54 8.98
CA VAL B 347 -25.83 -25.44 8.46
C VAL B 347 -25.81 -25.00 7.01
N ALA B 348 -25.01 -23.98 6.70
CA ALA B 348 -24.95 -23.47 5.33
C ALA B 348 -24.48 -24.56 4.37
N GLN B 349 -23.42 -25.29 4.75
CA GLN B 349 -22.85 -26.28 3.84
C GLN B 349 -23.74 -27.51 3.68
N HIS B 350 -24.53 -27.86 4.70
CA HIS B 350 -25.35 -29.05 4.59
C HIS B 350 -26.74 -28.79 4.01
N MET B 351 -27.27 -27.57 4.12
CA MET B 351 -28.61 -27.32 3.63
C MET B 351 -28.68 -27.17 2.11
N TYR B 352 -27.58 -26.84 1.45
CA TYR B 352 -27.62 -26.79 -0.01
C TYR B 352 -27.34 -28.13 -0.65
N SER B 353 -26.57 -28.99 0.01
CA SER B 353 -26.21 -30.26 -0.58
C SER B 353 -27.23 -31.35 -0.26
N LEU B 354 -27.82 -31.31 0.93
CA LEU B 354 -28.84 -32.26 1.36
C LEU B 354 -30.09 -31.48 1.75
N PRO B 355 -30.85 -30.97 0.77
CA PRO B 355 -32.05 -30.21 1.09
C PRO B 355 -33.06 -31.04 1.86
N ALA B 356 -33.67 -30.42 2.86
CA ALA B 356 -34.65 -31.11 3.69
C ALA B 356 -36.08 -30.86 3.29
N TYR B 357 -36.36 -29.81 2.53
CA TYR B 357 -37.72 -29.38 2.26
C TYR B 357 -38.13 -29.72 0.83
N ALA B 358 -39.41 -30.01 0.65
CA ALA B 358 -39.90 -30.51 -0.62
C ALA B 358 -40.11 -29.36 -1.59
N PHE B 359 -39.52 -29.49 -2.78
CA PHE B 359 -39.58 -28.49 -3.85
C PHE B 359 -38.77 -27.25 -3.54
N ILE B 360 -37.72 -27.37 -2.74
CA ILE B 360 -36.86 -26.23 -2.43
C ILE B 360 -35.61 -26.31 -3.28
N ALA B 361 -35.23 -27.52 -3.69
CA ALA B 361 -34.09 -27.69 -4.58
C ALA B 361 -34.38 -27.22 -5.98
N GLN B 362 -35.66 -27.08 -6.33
CA GLN B 362 -36.05 -26.55 -7.63
C GLN B 362 -36.29 -25.05 -7.62
N ASP B 363 -36.28 -24.41 -6.44
CA ASP B 363 -36.38 -22.96 -6.31
C ASP B 363 -34.96 -22.42 -6.11
N PHE B 364 -34.33 -22.00 -7.20
CA PHE B 364 -32.91 -21.67 -7.16
C PHE B 364 -32.64 -20.42 -6.34
N THR B 365 -33.49 -19.40 -6.49
CA THR B 365 -33.25 -18.14 -5.80
C THR B 365 -33.25 -18.32 -4.29
N THR B 366 -34.16 -19.14 -3.77
CA THR B 366 -34.20 -19.39 -2.33
C THR B 366 -32.94 -20.12 -1.87
N GLN B 367 -32.41 -21.02 -2.70
CA GLN B 367 -31.16 -21.69 -2.37
C GLN B 367 -30.02 -20.69 -2.21
N ALA B 368 -29.84 -19.84 -3.22
CA ALA B 368 -28.75 -18.86 -3.17
C ALA B 368 -28.93 -17.88 -2.01
N ALA B 369 -30.16 -17.41 -1.79
CA ALA B 369 -30.42 -16.47 -0.71
C ALA B 369 -30.10 -17.09 0.64
N LEU B 370 -30.59 -18.30 0.89
CA LEU B 370 -30.33 -18.94 2.18
C LEU B 370 -28.84 -19.15 2.40
N TYR B 371 -28.12 -19.63 1.38
CA TYR B 371 -26.71 -19.90 1.56
C TYR B 371 -25.94 -18.62 1.92
N THR B 372 -26.17 -17.54 1.17
CA THR B 372 -25.44 -16.31 1.44
C THR B 372 -25.80 -15.72 2.81
N HIS B 373 -27.09 -15.74 3.17
CA HIS B 373 -27.52 -15.25 4.48
C HIS B 373 -26.80 -15.98 5.60
N HIS B 374 -26.77 -17.32 5.55
CA HIS B 374 -26.21 -18.06 6.66
C HIS B 374 -24.69 -17.96 6.71
N GLN B 375 -24.03 -17.88 5.55
CA GLN B 375 -22.57 -17.71 5.60
C GLN B 375 -22.19 -16.35 6.16
N TYR B 376 -22.88 -15.28 5.77
CA TYR B 376 -22.51 -13.97 6.28
C TYR B 376 -22.77 -13.86 7.78
N ILE B 377 -23.87 -14.45 8.25
CA ILE B 377 -24.13 -14.42 9.70
C ILE B 377 -23.08 -15.23 10.45
N ALA B 378 -22.63 -16.36 9.88
CA ALA B 378 -21.56 -17.12 10.52
C ALA B 378 -20.26 -16.33 10.61
N GLY B 379 -19.95 -15.55 9.59
CA GLY B 379 -18.74 -14.74 9.63
C GLY B 379 -18.79 -13.68 10.73
N PHE B 380 -19.92 -12.98 10.84
CA PHE B 380 -20.05 -12.02 11.92
C PHE B 380 -19.92 -12.71 13.28
N ILE B 381 -20.53 -13.88 13.42
CA ILE B 381 -20.47 -14.58 14.70
C ILE B 381 -19.04 -14.96 15.04
N MET B 382 -18.24 -15.34 14.03
CA MET B 382 -16.83 -15.66 14.29
C MET B 382 -16.07 -14.44 14.79
N THR B 383 -16.26 -13.29 14.14
CA THR B 383 -15.53 -12.10 14.59
C THR B 383 -15.91 -11.74 16.02
N GLY B 384 -17.17 -11.93 16.40
CA GLY B 384 -17.56 -11.68 17.78
C GLY B 384 -16.98 -12.68 18.76
N ALA B 385 -16.95 -13.96 18.38
CA ALA B 385 -16.34 -14.98 19.21
C ALA B 385 -14.91 -14.61 19.55
N PHE B 386 -14.18 -14.06 18.58
CA PHE B 386 -12.81 -13.67 18.89
C PHE B 386 -12.73 -12.36 19.65
N ALA B 387 -13.67 -11.43 19.43
CA ALA B 387 -13.63 -10.16 20.16
C ALA B 387 -13.83 -10.38 21.65
N HIS B 388 -14.74 -11.26 22.03
CA HIS B 388 -14.97 -11.43 23.46
C HIS B 388 -13.83 -12.15 24.15
N GLY B 389 -12.98 -12.85 23.41
CA GLY B 389 -11.74 -13.36 24.00
C GLY B 389 -10.79 -12.25 24.44
N ALA B 390 -10.66 -11.21 23.62
CA ALA B 390 -9.82 -10.08 24.01
C ALA B 390 -10.45 -9.29 25.14
N ILE B 391 -11.78 -9.13 25.12
CA ILE B 391 -12.43 -8.48 26.26
C ILE B 391 -12.19 -9.28 27.53
N PHE B 392 -12.23 -10.62 27.45
CA PHE B 392 -11.98 -11.44 28.63
C PHE B 392 -10.55 -11.27 29.12
N PHE B 393 -9.59 -11.29 28.20
CA PHE B 393 -8.20 -11.14 28.60
C PHE B 393 -7.95 -9.82 29.29
N ILE B 394 -8.60 -8.75 28.83
CA ILE B 394 -8.40 -7.46 29.48
C ILE B 394 -9.12 -7.43 30.83
N ARG B 395 -10.42 -7.70 30.84
CA ARG B 395 -11.24 -7.39 32.01
C ARG B 395 -11.08 -8.44 33.11
N ASP B 396 -11.40 -9.70 32.82
CA ASP B 396 -11.61 -10.69 33.88
C ASP B 396 -10.42 -11.62 34.10
N TYR B 397 -9.36 -11.53 33.31
CA TYR B 397 -8.27 -12.47 33.47
C TYR B 397 -7.45 -12.17 34.72
N ASN B 398 -7.08 -13.21 35.44
CA ASN B 398 -6.25 -13.10 36.64
C ASN B 398 -4.99 -13.91 36.45
N PRO B 399 -3.82 -13.30 36.36
CA PRO B 399 -2.59 -14.05 36.08
C PRO B 399 -2.20 -15.04 37.16
N GLU B 400 -2.17 -14.59 38.42
CA GLU B 400 -1.67 -15.43 39.50
C GLU B 400 -2.54 -16.66 39.73
N GLN B 401 -3.83 -16.57 39.43
CA GLN B 401 -4.72 -17.70 39.60
C GLN B 401 -4.66 -18.69 38.44
N ASN B 402 -3.92 -18.40 37.39
CA ASN B 402 -3.76 -19.29 36.26
C ASN B 402 -2.30 -19.66 36.04
N ALA B 403 -1.51 -19.62 37.10
CA ALA B 403 -0.06 -19.71 36.96
C ALA B 403 0.36 -21.04 36.36
N ASP B 404 0.98 -20.96 35.18
CA ASP B 404 1.62 -22.08 34.50
C ASP B 404 0.65 -23.10 33.92
N ASN B 405 -0.61 -22.77 33.70
CA ASN B 405 -1.50 -23.71 33.04
C ASN B 405 -1.54 -23.38 31.55
N VAL B 406 -2.49 -24.02 30.84
CA VAL B 406 -2.50 -23.92 29.38
C VAL B 406 -2.69 -22.47 28.93
N LEU B 407 -3.47 -21.69 29.68
CA LEU B 407 -3.77 -20.31 29.27
C LEU B 407 -2.55 -19.42 29.35
N ALA B 408 -1.90 -19.38 30.52
CA ALA B 408 -0.69 -18.58 30.66
C ALA B 408 0.39 -19.05 29.69
N ARG B 409 0.43 -20.35 29.41
CA ARG B 409 1.38 -20.85 28.43
C ARG B 409 1.06 -20.33 27.03
N MET B 410 -0.22 -20.21 26.69
CA MET B 410 -0.58 -19.53 25.45
C MET B 410 -0.05 -18.12 25.43
N LEU B 411 -0.20 -17.41 26.55
CA LEU B 411 0.33 -16.06 26.63
C LEU B 411 1.85 -16.02 26.54
N GLU B 412 2.52 -17.12 26.86
CA GLU B 412 3.97 -17.12 27.02
C GLU B 412 4.74 -17.30 25.73
N HIS B 413 4.11 -17.80 24.68
CA HIS B 413 4.76 -17.93 23.38
C HIS B 413 3.85 -17.35 22.30
N LYS B 414 3.32 -16.16 22.57
CA LYS B 414 2.48 -15.49 21.57
C LYS B 414 3.26 -15.16 20.31
N GLU B 415 4.56 -14.89 20.45
CA GLU B 415 5.37 -14.57 19.29
C GLU B 415 5.44 -15.76 18.34
N ALA B 416 5.55 -16.98 18.87
CA ALA B 416 5.65 -18.15 18.02
C ALA B 416 4.31 -18.48 17.35
N ILE B 417 3.19 -18.08 17.95
CA ILE B 417 1.91 -18.29 17.30
C ILE B 417 1.70 -17.28 16.19
N ILE B 418 1.93 -16.00 16.49
CA ILE B 418 1.71 -14.96 15.50
C ILE B 418 2.67 -15.11 14.33
N SER B 419 3.93 -15.49 14.60
CA SER B 419 4.90 -15.58 13.52
C SER B 419 4.55 -16.68 12.53
N HIS B 420 4.00 -17.79 13.02
CA HIS B 420 3.67 -18.90 12.13
C HIS B 420 2.36 -18.66 11.40
N LEU B 421 1.38 -18.05 12.07
CA LEU B 421 0.21 -17.59 11.34
C LEU B 421 0.61 -16.64 10.21
N SER B 422 1.55 -15.74 10.50
CA SER B 422 2.01 -14.79 9.50
C SER B 422 2.69 -15.49 8.34
N TRP B 423 3.56 -16.47 8.65
CA TRP B 423 4.21 -17.24 7.59
C TRP B 423 3.19 -17.93 6.70
N ALA B 424 2.22 -18.61 7.33
CA ALA B 424 1.22 -19.35 6.55
C ALA B 424 0.46 -18.43 5.62
N SER B 425 0.04 -17.26 6.12
CA SER B 425 -0.79 -16.40 5.28
C SER B 425 0.04 -15.73 4.20
N LEU B 426 1.29 -15.39 4.48
CA LEU B 426 2.19 -14.92 3.43
C LEU B 426 2.33 -15.95 2.32
N PHE B 427 2.58 -17.21 2.70
CA PHE B 427 2.79 -18.26 1.72
C PHE B 427 1.57 -18.42 0.81
N LEU B 428 0.38 -18.51 1.43
CA LEU B 428 -0.83 -18.70 0.65
C LEU B 428 -1.09 -17.52 -0.27
N GLY B 429 -0.95 -16.30 0.23
CA GLY B 429 -1.18 -15.13 -0.60
C GLY B 429 -0.24 -15.08 -1.79
N PHE B 430 1.07 -15.24 -1.53
CA PHE B 430 2.05 -15.20 -2.60
C PHE B 430 1.71 -16.18 -3.70
N HIS B 431 1.51 -17.45 -3.34
CA HIS B 431 1.38 -18.45 -4.40
C HIS B 431 0.02 -18.40 -5.08
N THR B 432 -1.06 -18.11 -4.34
CA THR B 432 -2.38 -18.01 -4.97
C THR B 432 -2.44 -16.85 -5.94
N LEU B 433 -2.11 -15.65 -5.49
CA LEU B 433 -2.13 -14.50 -6.40
C LEU B 433 -1.17 -14.72 -7.56
N GLY B 434 -0.02 -15.36 -7.30
CA GLY B 434 0.93 -15.58 -8.36
C GLY B 434 0.40 -16.48 -9.46
N LEU B 435 -0.25 -17.58 -9.08
CA LEU B 435 -0.78 -18.49 -10.08
C LEU B 435 -1.95 -17.85 -10.84
N TYR B 436 -2.79 -17.09 -10.15
CA TYR B 436 -3.87 -16.40 -10.86
C TYR B 436 -3.32 -15.42 -11.89
N VAL B 437 -2.26 -14.69 -11.53
CA VAL B 437 -1.71 -13.70 -12.46
C VAL B 437 -0.98 -14.40 -13.61
N HIS B 438 -0.27 -15.49 -13.32
CA HIS B 438 0.31 -16.32 -14.38
C HIS B 438 -0.76 -16.71 -15.40
N ASN B 439 -1.88 -17.25 -14.91
CA ASN B 439 -2.93 -17.70 -15.81
C ASN B 439 -3.53 -16.55 -16.62
N ASP B 440 -3.79 -15.41 -15.96
CA ASP B 440 -4.33 -14.26 -16.67
C ASP B 440 -3.41 -13.82 -17.79
N VAL B 441 -2.10 -13.74 -17.50
CA VAL B 441 -1.15 -13.35 -18.54
C VAL B 441 -1.14 -14.36 -19.67
N MET B 442 -1.12 -15.65 -19.33
CA MET B 442 -1.13 -16.69 -20.35
C MET B 442 -2.32 -16.53 -21.29
N LEU B 443 -3.48 -16.15 -20.76
CA LEU B 443 -4.64 -16.01 -21.64
C LEU B 443 -4.69 -14.67 -22.36
N ALA B 444 -4.08 -13.64 -21.79
CA ALA B 444 -3.99 -12.37 -22.52
C ALA B 444 -3.13 -12.51 -23.76
N PHE B 445 -2.13 -13.39 -23.73
CA PHE B 445 -1.26 -13.62 -24.87
C PHE B 445 -1.78 -14.70 -25.80
N GLY B 446 -2.98 -15.23 -25.55
CA GLY B 446 -3.56 -16.21 -26.44
C GLY B 446 -3.04 -17.61 -26.29
N THR B 447 -2.46 -17.96 -25.14
CA THR B 447 -1.86 -19.28 -24.92
C THR B 447 -2.47 -19.91 -23.68
N PRO B 448 -3.74 -20.33 -23.75
CA PRO B 448 -4.36 -20.97 -22.57
C PRO B 448 -3.81 -22.34 -22.25
N GLU B 449 -3.08 -22.98 -23.17
CA GLU B 449 -2.43 -24.24 -22.89
C GLU B 449 -1.17 -24.09 -22.04
N LYS B 450 -0.69 -22.87 -21.85
CA LYS B 450 0.44 -22.58 -20.99
C LYS B 450 0.04 -22.32 -19.55
N GLN B 451 -1.24 -22.46 -19.22
CA GLN B 451 -1.71 -22.24 -17.86
C GLN B 451 -1.10 -23.25 -16.90
N ILE B 452 -0.97 -22.84 -15.64
CA ILE B 452 -0.67 -23.77 -14.55
C ILE B 452 -2.00 -24.20 -13.96
N LEU B 453 -2.39 -25.44 -14.25
CA LEU B 453 -3.69 -25.97 -13.76
C LEU B 453 -3.46 -27.18 -12.85
N ILE B 454 -3.27 -26.93 -11.56
CA ILE B 454 -3.07 -28.05 -10.59
C ILE B 454 -4.41 -28.76 -10.41
N GLU B 455 -4.42 -30.09 -10.40
CA GLU B 455 -5.66 -30.87 -10.24
C GLU B 455 -5.84 -31.20 -8.75
N PRO B 456 -7.01 -30.93 -8.13
CA PRO B 456 -7.22 -31.25 -6.71
C PRO B 456 -7.41 -32.77 -6.59
N ILE B 457 -6.29 -33.51 -6.54
CA ILE B 457 -6.34 -35.00 -6.50
C ILE B 457 -6.70 -35.50 -5.10
N PHE B 458 -6.57 -34.67 -4.07
CA PHE B 458 -6.95 -35.20 -2.75
C PHE B 458 -8.47 -35.14 -2.56
N ALA B 459 -9.09 -34.04 -2.96
CA ALA B 459 -10.53 -33.93 -2.83
C ALA B 459 -11.24 -34.89 -3.79
N GLN B 460 -10.60 -35.15 -4.94
CA GLN B 460 -11.15 -36.12 -5.91
C GLN B 460 -11.04 -37.52 -5.29
N TRP B 461 -9.95 -37.78 -4.54
CA TRP B 461 -9.79 -39.06 -3.89
C TRP B 461 -10.83 -39.24 -2.79
N ILE B 462 -11.06 -38.20 -1.99
CA ILE B 462 -12.06 -38.31 -0.92
C ILE B 462 -13.45 -38.49 -1.50
N GLN B 463 -13.74 -37.84 -2.63
CA GLN B 463 -15.00 -38.07 -3.31
C GLN B 463 -15.11 -39.49 -3.84
N SER B 464 -14.01 -40.07 -4.29
CA SER B 464 -14.04 -41.48 -4.68
C SER B 464 -14.34 -42.37 -3.48
N ALA B 465 -13.69 -42.09 -2.34
CA ALA B 465 -13.91 -42.88 -1.15
C ALA B 465 -15.36 -42.82 -0.65
N HIS B 466 -16.14 -41.85 -1.12
CA HIS B 466 -17.56 -41.82 -0.80
C HIS B 466 -18.41 -42.51 -1.86
N GLY B 467 -17.80 -43.06 -2.89
CA GLY B 467 -18.53 -43.78 -3.90
C GLY B 467 -18.75 -43.07 -5.21
N LYS B 468 -18.04 -41.98 -5.47
CA LYS B 468 -18.12 -41.31 -6.76
C LYS B 468 -17.28 -42.06 -7.78
N THR B 469 -17.80 -42.20 -9.00
CA THR B 469 -17.08 -42.92 -10.03
C THR B 469 -16.79 -42.04 -11.24
N SER B 470 -16.27 -40.84 -11.03
CA SER B 470 -15.91 -39.96 -12.12
C SER B 470 -14.41 -39.84 -12.32
N TYR B 471 -13.59 -40.30 -11.36
CA TYR B 471 -12.15 -40.19 -11.46
C TYR B 471 -11.46 -41.55 -11.44
N GLY B 472 -12.22 -42.65 -11.46
CA GLY B 472 -11.64 -43.97 -11.58
C GLY B 472 -10.60 -44.32 -10.55
N PHE B 473 -10.83 -43.93 -9.30
CA PHE B 473 -9.83 -44.23 -8.27
C PHE B 473 -10.04 -45.59 -7.61
N ASP B 474 -11.29 -46.01 -7.44
CA ASP B 474 -11.64 -47.33 -6.92
C ASP B 474 -11.02 -47.58 -5.55
N VAL B 475 -11.49 -46.77 -4.59
CA VAL B 475 -11.12 -46.87 -3.19
C VAL B 475 -12.42 -47.15 -2.45
N LEU B 476 -12.38 -47.15 -1.13
CA LEU B 476 -13.53 -47.46 -0.28
C LEU B 476 -14.85 -46.95 -0.84
N LEU B 477 -15.86 -47.83 -0.89
CA LEU B 477 -17.19 -47.52 -1.41
C LEU B 477 -17.16 -47.28 -2.91
N SER B 478 -15.97 -47.22 -3.49
CA SER B 478 -15.80 -47.16 -4.92
C SER B 478 -15.04 -48.37 -5.46
N SER B 479 -14.54 -49.24 -4.59
CA SER B 479 -13.93 -50.49 -4.99
C SER B 479 -15.00 -51.56 -5.07
N THR B 480 -14.60 -52.82 -5.22
CA THR B 480 -15.58 -53.88 -5.39
C THR B 480 -15.77 -54.74 -4.15
N ASN B 481 -14.70 -55.12 -3.46
CA ASN B 481 -14.80 -56.08 -2.37
C ASN B 481 -14.28 -55.53 -1.05
N SER B 482 -14.25 -54.23 -0.87
CA SER B 482 -13.74 -53.70 0.38
C SER B 482 -14.79 -53.82 1.48
N PRO B 483 -14.36 -54.04 2.73
CA PRO B 483 -15.34 -54.23 3.81
C PRO B 483 -16.22 -53.02 4.07
N ALA B 484 -15.78 -51.83 3.67
CA ALA B 484 -16.61 -50.64 3.82
C ALA B 484 -17.86 -50.72 2.96
N LEU B 485 -17.69 -50.94 1.66
CA LEU B 485 -18.84 -51.12 0.78
C LEU B 485 -19.59 -52.41 1.12
N ASN B 486 -18.88 -53.39 1.70
CA ASN B 486 -19.49 -54.69 1.96
C ASN B 486 -20.44 -54.64 3.16
N ALA B 487 -20.10 -53.85 4.18
CA ALA B 487 -20.85 -53.86 5.43
C ALA B 487 -22.09 -52.97 5.39
N GLY B 488 -22.21 -52.09 4.42
CA GLY B 488 -23.33 -51.18 4.39
C GLY B 488 -24.23 -51.34 3.19
N ARG B 489 -23.87 -52.29 2.32
CA ARG B 489 -24.58 -52.48 1.05
C ARG B 489 -26.07 -52.71 1.23
N SER B 490 -26.50 -53.13 2.41
CA SER B 490 -27.88 -53.47 2.61
C SER B 490 -28.72 -52.29 3.11
N ILE B 491 -28.14 -51.30 3.76
CA ILE B 491 -28.98 -50.35 4.48
C ILE B 491 -29.10 -49.01 3.76
N TRP B 492 -28.00 -48.25 3.68
CA TRP B 492 -28.06 -46.92 3.11
C TRP B 492 -27.26 -46.78 1.83
N LEU B 493 -26.37 -47.71 1.54
CA LEU B 493 -25.45 -47.59 0.42
C LEU B 493 -26.15 -47.55 -0.93
N PRO B 494 -27.22 -48.33 -1.17
CA PRO B 494 -27.96 -48.14 -2.42
C PRO B 494 -28.41 -46.72 -2.66
N GLY B 495 -29.15 -46.14 -1.72
CA GLY B 495 -29.63 -44.79 -1.91
C GLY B 495 -28.51 -43.76 -2.00
N TRP B 496 -27.50 -43.92 -1.15
CA TRP B 496 -26.37 -42.99 -1.17
C TRP B 496 -25.64 -43.02 -2.50
N LEU B 497 -25.26 -44.22 -2.95
CA LEU B 497 -24.55 -44.33 -4.22
C LEU B 497 -25.40 -43.86 -5.38
N ASN B 498 -26.73 -44.05 -5.30
CA ASN B 498 -27.58 -43.54 -6.37
C ASN B 498 -27.58 -42.02 -6.40
N ALA B 499 -27.63 -41.38 -5.23
CA ALA B 499 -27.67 -39.91 -5.20
C ALA B 499 -26.32 -39.27 -5.53
N ILE B 500 -25.24 -39.82 -4.99
CA ILE B 500 -23.93 -39.20 -5.17
C ILE B 500 -23.46 -39.29 -6.62
N ASN B 501 -23.92 -40.29 -7.35
CA ASN B 501 -23.51 -40.50 -8.73
C ASN B 501 -24.46 -39.85 -9.73
N GLU B 502 -25.46 -39.11 -9.26
CA GLU B 502 -26.28 -38.27 -10.11
C GLU B 502 -25.63 -36.89 -10.21
N ASN B 503 -25.73 -36.27 -11.38
CA ASN B 503 -25.00 -35.04 -11.67
C ASN B 503 -25.94 -33.89 -12.03
N SER B 504 -27.10 -33.84 -11.36
CA SER B 504 -27.97 -32.67 -11.43
C SER B 504 -28.44 -32.26 -10.04
N ASN B 505 -27.94 -32.90 -9.00
CA ASN B 505 -28.08 -32.42 -7.64
C ASN B 505 -26.78 -31.69 -7.27
N SER B 506 -26.68 -31.27 -6.00
CA SER B 506 -25.47 -30.63 -5.51
C SER B 506 -24.75 -31.48 -4.48
N LEU B 507 -24.97 -32.79 -4.50
CA LEU B 507 -24.29 -33.71 -3.60
C LEU B 507 -22.95 -34.07 -4.22
N PHE B 508 -21.88 -33.44 -3.75
CA PHE B 508 -20.51 -33.70 -4.20
C PHE B 508 -20.37 -33.45 -5.70
N LEU B 509 -20.50 -32.16 -6.05
CA LEU B 509 -20.28 -31.73 -7.43
C LEU B 509 -18.88 -32.11 -7.88
N THR B 510 -18.74 -32.33 -9.20
CA THR B 510 -17.44 -32.54 -9.79
C THR B 510 -16.55 -31.32 -9.58
N ILE B 511 -15.24 -31.56 -9.46
CA ILE B 511 -14.29 -30.44 -9.21
C ILE B 511 -13.16 -30.49 -10.24
N GLY B 512 -12.42 -29.37 -10.36
CA GLY B 512 -11.30 -29.25 -11.31
C GLY B 512 -10.33 -28.17 -10.87
N PRO B 513 -9.37 -27.74 -11.72
CA PRO B 513 -8.40 -26.70 -11.35
C PRO B 513 -9.01 -25.45 -10.71
N GLY B 514 -10.13 -24.93 -11.24
CA GLY B 514 -10.73 -23.74 -10.69
C GLY B 514 -11.10 -23.89 -9.22
N ASP B 515 -11.64 -25.07 -8.87
CA ASP B 515 -11.97 -25.36 -7.48
C ASP B 515 -10.73 -25.35 -6.60
N PHE B 516 -9.63 -25.91 -7.10
CA PHE B 516 -8.37 -25.88 -6.37
C PHE B 516 -7.94 -24.45 -6.03
N LEU B 517 -7.91 -23.59 -7.04
CA LEU B 517 -7.41 -22.23 -6.83
C LEU B 517 -8.30 -21.46 -5.86
N VAL B 518 -9.63 -21.54 -6.05
CA VAL B 518 -10.49 -20.76 -5.17
C VAL B 518 -10.46 -21.32 -3.74
N HIS B 519 -10.22 -22.63 -3.58
CA HIS B 519 -10.12 -23.17 -2.24
C HIS B 519 -8.88 -22.67 -1.53
N HIS B 520 -7.79 -22.47 -2.27
CA HIS B 520 -6.61 -21.90 -1.60
C HIS B 520 -6.81 -20.42 -1.29
N ALA B 521 -7.58 -19.71 -2.11
CA ALA B 521 -7.94 -18.34 -1.74
C ALA B 521 -8.76 -18.31 -0.45
N ILE B 522 -9.73 -19.24 -0.32
CA ILE B 522 -10.52 -19.32 0.91
C ILE B 522 -9.61 -19.59 2.11
N ALA B 523 -8.62 -20.48 1.94
CA ALA B 523 -7.70 -20.77 3.03
C ALA B 523 -6.90 -19.53 3.42
N LEU B 524 -6.44 -18.77 2.43
CA LEU B 524 -5.75 -17.51 2.71
C LEU B 524 -6.61 -16.58 3.54
N GLY B 525 -7.87 -16.41 3.14
CA GLY B 525 -8.77 -15.54 3.88
C GLY B 525 -8.93 -15.97 5.32
N LEU B 526 -9.17 -17.26 5.55
CA LEU B 526 -9.36 -17.73 6.91
C LEU B 526 -8.11 -17.51 7.74
N HIS B 527 -6.93 -17.77 7.17
CA HIS B 527 -5.69 -17.63 7.92
C HIS B 527 -5.41 -16.18 8.27
N THR B 528 -5.69 -15.25 7.36
CA THR B 528 -5.40 -13.85 7.64
C THR B 528 -6.38 -13.26 8.63
N THR B 529 -7.66 -13.61 8.53
CA THR B 529 -8.61 -13.15 9.53
C THR B 529 -8.25 -13.71 10.90
N THR B 530 -7.85 -14.98 10.96
CA THR B 530 -7.41 -15.56 12.23
C THR B 530 -6.19 -14.84 12.77
N LEU B 531 -5.25 -14.49 11.89
CA LEU B 531 -4.05 -13.78 12.36
C LEU B 531 -4.42 -12.46 13.00
N ILE B 532 -5.28 -11.68 12.34
CA ILE B 532 -5.66 -10.39 12.91
C ILE B 532 -6.35 -10.57 14.26
N LEU B 533 -7.33 -11.46 14.32
CA LEU B 533 -8.10 -11.61 15.56
C LEU B 533 -7.24 -12.17 16.69
N VAL B 534 -6.40 -13.16 16.39
CA VAL B 534 -5.56 -13.77 17.41
C VAL B 534 -4.53 -12.78 17.92
N LYS B 535 -3.91 -12.02 17.02
CA LYS B 535 -2.96 -11.01 17.46
C LYS B 535 -3.65 -9.98 18.34
N GLY B 536 -4.84 -9.52 17.94
CA GLY B 536 -5.56 -8.59 18.78
C GLY B 536 -5.88 -9.15 20.16
N ALA B 537 -6.18 -10.44 20.25
CA ALA B 537 -6.49 -11.03 21.54
C ALA B 537 -5.25 -11.19 22.40
N LEU B 538 -4.17 -11.75 21.85
CA LEU B 538 -2.98 -12.09 22.60
C LEU B 538 -2.13 -10.87 22.97
N ASP B 539 -2.41 -9.71 22.39
CA ASP B 539 -1.68 -8.50 22.68
C ASP B 539 -2.53 -7.47 23.43
N ALA B 540 -3.71 -7.85 23.90
CA ALA B 540 -4.64 -6.89 24.48
C ALA B 540 -4.27 -6.50 25.90
N ARG B 541 -3.47 -7.30 26.59
CA ARG B 541 -3.02 -6.95 27.93
C ARG B 541 -1.78 -6.08 27.92
N GLY B 542 -1.12 -5.92 26.79
CA GLY B 542 0.07 -5.10 26.69
C GLY B 542 1.05 -5.71 25.71
N SER B 543 1.85 -4.85 25.09
CA SER B 543 2.88 -5.26 24.15
C SER B 543 4.13 -4.47 24.47
N LYS B 544 5.10 -4.47 23.57
CA LYS B 544 6.31 -3.70 23.82
C LYS B 544 6.12 -2.22 23.53
N LEU B 545 5.29 -1.88 22.54
CA LEU B 545 5.01 -0.48 22.23
C LEU B 545 4.11 0.17 23.26
N MET B 546 3.34 -0.63 24.00
CA MET B 546 2.54 -0.10 25.11
C MET B 546 2.36 -1.22 26.12
N PRO B 547 3.22 -1.29 27.13
CA PRO B 547 3.19 -2.45 28.04
C PRO B 547 2.11 -2.38 29.09
N ASP B 548 1.42 -1.24 29.24
CA ASP B 548 0.39 -1.08 30.25
C ASP B 548 -1.00 -0.95 29.62
N LYS B 549 -1.21 -1.57 28.46
CA LYS B 549 -2.45 -1.35 27.74
C LYS B 549 -3.67 -1.79 28.54
N LYS B 550 -3.52 -2.78 29.41
CA LYS B 550 -4.66 -3.29 30.16
C LYS B 550 -5.28 -2.22 31.06
N ASP B 551 -4.52 -1.20 31.45
CA ASP B 551 -5.05 -0.13 32.29
C ASP B 551 -5.88 0.87 31.51
N PHE B 552 -6.11 0.65 30.22
CA PHE B 552 -6.82 1.61 29.39
C PHE B 552 -8.15 1.13 28.87
N GLY B 553 -8.45 -0.16 28.97
CA GLY B 553 -9.73 -0.68 28.55
C GLY B 553 -9.64 -1.41 27.23
N TYR B 554 -10.78 -1.96 26.82
CA TYR B 554 -10.85 -2.68 25.57
C TYR B 554 -10.71 -1.74 24.38
N SER B 555 -11.36 -0.58 24.44
CA SER B 555 -11.40 0.34 23.32
C SER B 555 -10.98 1.72 23.76
N PHE B 556 -10.05 2.31 23.01
CA PHE B 556 -9.60 3.69 23.22
C PHE B 556 -8.92 4.14 21.94
N PRO B 557 -8.86 5.46 21.68
CA PRO B 557 -8.37 5.93 20.39
C PRO B 557 -6.92 5.56 20.09
N CYS B 558 -6.00 5.97 20.95
CA CYS B 558 -4.57 5.86 20.68
C CYS B 558 -3.84 6.22 21.97
N ASP B 559 -2.52 6.31 21.87
CA ASP B 559 -1.68 6.81 22.95
C ASP B 559 -0.92 8.05 22.49
N GLY B 560 -1.54 8.87 21.65
CA GLY B 560 -0.92 10.07 21.16
C GLY B 560 0.10 9.77 20.08
N PRO B 561 0.78 10.82 19.60
CA PRO B 561 1.79 10.64 18.54
C PRO B 561 3.19 10.35 19.04
N GLY B 562 3.41 10.13 20.33
CA GLY B 562 4.72 9.82 20.82
C GLY B 562 5.11 8.38 20.59
N ARG B 563 6.42 8.12 20.69
CA ARG B 563 7.02 6.81 20.48
C ARG B 563 6.83 6.33 19.04
N GLY B 564 6.72 7.27 18.11
CA GLY B 564 6.50 6.96 16.72
C GLY B 564 5.06 7.10 16.26
N GLY B 565 4.11 7.05 17.18
CA GLY B 565 2.72 7.13 16.80
C GLY B 565 1.99 5.85 17.12
N THR B 566 0.78 5.95 17.65
CA THR B 566 0.09 4.78 18.17
C THR B 566 -1.36 4.69 17.67
N CYS B 567 -1.63 5.16 16.46
CA CYS B 567 -2.97 5.01 15.90
C CYS B 567 -3.34 3.53 15.81
N ASP B 568 -4.57 3.21 16.24
CA ASP B 568 -5.17 1.89 16.04
C ASP B 568 -4.43 0.79 16.80
N ILE B 569 -4.21 1.00 18.10
CA ILE B 569 -3.41 0.08 18.90
C ILE B 569 -4.24 -0.70 19.91
N SER B 570 -5.51 -0.32 20.15
CA SER B 570 -6.37 -1.08 21.03
C SER B 570 -6.77 -2.42 20.39
N ALA B 571 -7.34 -3.32 21.20
CA ALA B 571 -7.82 -4.60 20.69
C ALA B 571 -9.14 -4.46 19.95
N TRP B 572 -9.97 -3.50 20.36
CA TRP B 572 -11.11 -3.10 19.56
C TRP B 572 -10.70 -2.77 18.14
N ASP B 573 -9.53 -2.15 17.98
CA ASP B 573 -9.09 -1.76 16.65
C ASP B 573 -8.66 -2.96 15.82
N ALA B 574 -8.10 -3.98 16.46
CA ALA B 574 -7.83 -5.22 15.75
C ALA B 574 -9.13 -5.87 15.27
N PHE B 575 -10.16 -5.87 16.12
CA PHE B 575 -11.46 -6.36 15.68
C PHE B 575 -11.97 -5.56 14.47
N TYR B 576 -11.84 -4.25 14.54
CA TYR B 576 -12.36 -3.39 13.48
C TYR B 576 -11.65 -3.67 12.16
N LEU B 577 -10.34 -3.89 12.21
CA LEU B 577 -9.61 -4.27 11.00
C LEU B 577 -10.03 -5.66 10.50
N ALA B 578 -10.28 -6.59 11.43
CA ALA B 578 -10.61 -7.95 11.01
C ALA B 578 -11.99 -8.06 10.36
N VAL B 579 -12.89 -7.12 10.65
CA VAL B 579 -14.21 -7.18 10.01
C VAL B 579 -14.08 -7.02 8.49
N PHE B 580 -13.17 -6.16 8.05
CA PHE B 580 -12.94 -5.99 6.61
C PHE B 580 -12.55 -7.31 5.96
N TRP B 581 -11.59 -8.02 6.57
CA TRP B 581 -11.12 -9.28 6.01
C TRP B 581 -12.18 -10.36 6.07
N MET B 582 -13.00 -10.35 7.12
CA MET B 582 -14.13 -11.28 7.17
C MET B 582 -15.08 -11.05 5.99
N LEU B 583 -15.42 -9.78 5.73
CA LEU B 583 -16.32 -9.48 4.62
C LEU B 583 -15.71 -9.92 3.30
N ASN B 584 -14.42 -9.66 3.10
CA ASN B 584 -13.75 -10.09 1.88
C ASN B 584 -13.77 -11.62 1.72
N THR B 585 -13.56 -12.35 2.82
CA THR B 585 -13.49 -13.80 2.75
C THR B 585 -14.84 -14.40 2.42
N ILE B 586 -15.89 -13.94 3.12
CA ILE B 586 -17.23 -14.43 2.80
C ILE B 586 -17.61 -14.04 1.39
N GLY B 587 -17.12 -12.89 0.91
CA GLY B 587 -17.33 -12.55 -0.48
C GLY B 587 -16.75 -13.58 -1.43
N TRP B 588 -15.49 -13.96 -1.23
CA TRP B 588 -14.89 -14.98 -2.09
C TRP B 588 -15.69 -16.27 -2.05
N VAL B 589 -16.08 -16.70 -0.85
CA VAL B 589 -16.81 -17.96 -0.69
C VAL B 589 -18.12 -17.92 -1.46
N THR B 590 -18.92 -16.86 -1.25
CA THR B 590 -20.25 -16.82 -1.85
C THR B 590 -20.19 -16.56 -3.35
N PHE B 591 -19.19 -15.81 -3.82
CA PHE B 591 -18.98 -15.68 -5.26
C PHE B 591 -18.72 -17.05 -5.88
N TYR B 592 -17.84 -17.82 -5.26
CA TYR B 592 -17.56 -19.18 -5.73
C TYR B 592 -18.85 -20.00 -5.81
N TRP B 593 -19.61 -20.05 -4.71
CA TRP B 593 -20.82 -20.86 -4.68
C TRP B 593 -21.80 -20.43 -5.76
N HIS B 594 -22.02 -19.11 -5.89
CA HIS B 594 -23.06 -18.65 -6.79
C HIS B 594 -22.68 -18.82 -8.25
N TRP B 595 -21.41 -18.59 -8.61
CA TRP B 595 -21.03 -18.81 -10.00
C TRP B 595 -21.10 -20.29 -10.37
N LYS B 596 -20.56 -21.16 -9.51
CA LYS B 596 -20.65 -22.58 -9.81
C LYS B 596 -22.10 -23.02 -9.99
N HIS B 597 -22.98 -22.58 -9.10
CA HIS B 597 -24.36 -23.06 -9.18
C HIS B 597 -25.11 -22.43 -10.35
N ILE B 598 -24.85 -21.18 -10.66
CA ILE B 598 -25.58 -20.57 -11.77
C ILE B 598 -25.15 -21.16 -13.11
N THR B 599 -23.90 -21.61 -13.22
CA THR B 599 -23.56 -22.30 -14.47
C THR B 599 -24.04 -23.74 -14.47
N LEU B 600 -24.21 -24.35 -13.30
CA LEU B 600 -24.76 -25.71 -13.28
C LEU B 600 -26.25 -25.71 -13.57
N TRP B 601 -26.99 -24.72 -13.08
CA TRP B 601 -28.43 -24.66 -13.31
C TRP B 601 -28.78 -24.38 -14.75
N GLN B 602 -27.83 -23.92 -15.55
CA GLN B 602 -28.04 -23.62 -16.95
C GLN B 602 -27.52 -24.69 -17.88
N GLY B 603 -27.04 -25.82 -17.35
CA GLY B 603 -26.47 -26.85 -18.19
C GLY B 603 -25.21 -26.42 -18.89
N ASN B 604 -24.45 -25.50 -18.31
CA ASN B 604 -23.30 -24.88 -18.95
C ASN B 604 -22.09 -24.94 -18.03
N VAL B 605 -21.83 -26.13 -17.50
CA VAL B 605 -20.78 -26.30 -16.49
C VAL B 605 -19.41 -26.00 -17.07
N SER B 606 -19.21 -26.33 -18.36
CA SER B 606 -17.94 -26.04 -19.00
C SER B 606 -17.61 -24.56 -18.97
N GLN B 607 -18.62 -23.70 -18.93
CA GLN B 607 -18.37 -22.26 -18.83
C GLN B 607 -17.58 -21.92 -17.57
N PHE B 608 -18.05 -22.41 -16.42
CA PHE B 608 -17.30 -22.20 -15.19
C PHE B 608 -15.95 -22.89 -15.26
N ASN B 609 -15.92 -24.15 -15.70
CA ASN B 609 -14.67 -24.91 -15.70
C ASN B 609 -13.60 -24.26 -16.56
N GLU B 610 -13.99 -23.47 -17.56
CA GLU B 610 -13.00 -22.80 -18.40
C GLU B 610 -12.70 -21.37 -17.95
N SER B 611 -13.68 -20.65 -17.43
CA SER B 611 -13.44 -19.25 -17.12
C SER B 611 -12.99 -19.01 -15.68
N SER B 612 -13.00 -20.03 -14.82
CA SER B 612 -12.72 -19.80 -13.41
C SER B 612 -11.24 -19.73 -13.08
N THR B 613 -10.34 -19.98 -14.03
CA THR B 613 -8.93 -20.13 -13.72
C THR B 613 -8.13 -18.86 -13.90
N TYR B 614 -8.76 -17.75 -14.25
CA TYR B 614 -8.08 -16.47 -14.38
C TYR B 614 -9.09 -15.39 -14.03
N LEU B 615 -8.58 -14.29 -13.47
CA LEU B 615 -9.47 -13.33 -12.82
C LEU B 615 -10.27 -12.49 -13.80
N MET B 616 -9.78 -12.31 -15.03
CA MET B 616 -10.63 -11.70 -16.04
C MET B 616 -11.87 -12.53 -16.30
N GLY B 617 -11.75 -13.85 -16.19
CA GLY B 617 -12.93 -14.70 -16.30
C GLY B 617 -13.98 -14.36 -15.27
N TRP B 618 -13.57 -14.26 -14.01
CA TRP B 618 -14.51 -13.89 -12.95
C TRP B 618 -15.11 -12.52 -13.21
N LEU B 619 -14.29 -11.55 -13.63
CA LEU B 619 -14.82 -10.20 -13.79
C LEU B 619 -15.80 -10.11 -14.95
N ARG B 620 -15.48 -10.74 -16.08
CA ARG B 620 -16.31 -10.57 -17.26
C ARG B 620 -17.49 -11.53 -17.30
N ASP B 621 -17.23 -12.82 -17.07
CA ASP B 621 -18.25 -13.83 -17.30
C ASP B 621 -19.18 -14.04 -16.13
N TYR B 622 -18.83 -13.52 -14.95
CA TYR B 622 -19.72 -13.62 -13.81
C TYR B 622 -20.29 -12.26 -13.42
N LEU B 623 -19.45 -11.27 -13.15
CA LEU B 623 -19.95 -9.99 -12.67
C LEU B 623 -20.62 -9.20 -13.79
N TRP B 624 -19.90 -8.98 -14.89
CA TRP B 624 -20.43 -8.14 -15.96
C TRP B 624 -21.60 -8.83 -16.67
N LEU B 625 -21.44 -10.11 -16.98
CA LEU B 625 -22.42 -10.81 -17.80
C LEU B 625 -23.77 -10.94 -17.10
N ASN B 626 -23.78 -11.11 -15.78
CA ASN B 626 -25.01 -11.37 -15.06
C ASN B 626 -25.66 -10.11 -14.52
N SER B 627 -25.27 -8.93 -15.00
CA SER B 627 -25.76 -7.66 -14.48
C SER B 627 -26.80 -6.98 -15.37
N SER B 628 -27.06 -7.50 -16.58
CA SER B 628 -27.81 -6.73 -17.56
C SER B 628 -29.26 -6.47 -17.12
N GLN B 629 -29.96 -7.52 -16.69
CA GLN B 629 -31.37 -7.38 -16.36
C GLN B 629 -31.56 -6.46 -15.15
N LEU B 630 -30.77 -6.67 -14.10
CA LEU B 630 -30.82 -5.81 -12.93
C LEU B 630 -30.71 -4.34 -13.31
N ILE B 631 -29.65 -3.98 -14.04
CA ILE B 631 -29.47 -2.58 -14.39
C ILE B 631 -30.44 -2.10 -15.46
N ASN B 632 -31.19 -2.99 -16.09
CA ASN B 632 -32.26 -2.55 -16.96
C ASN B 632 -33.61 -2.52 -16.28
N GLY B 633 -33.67 -2.85 -15.00
CA GLY B 633 -34.87 -2.72 -14.20
C GLY B 633 -35.69 -1.45 -14.44
N TYR B 634 -35.03 -0.32 -14.66
CA TYR B 634 -35.73 0.85 -15.14
C TYR B 634 -34.81 1.61 -16.08
N ASN B 635 -35.38 2.19 -17.14
CA ASN B 635 -34.61 2.85 -18.18
C ASN B 635 -35.55 3.81 -18.90
N PRO B 636 -35.01 4.67 -19.80
CA PRO B 636 -35.86 5.68 -20.45
C PRO B 636 -37.13 5.15 -21.10
N PHE B 637 -37.22 3.84 -21.30
CA PHE B 637 -38.36 3.25 -21.99
C PHE B 637 -39.33 2.56 -21.06
N GLY B 638 -39.10 2.62 -19.75
CA GLY B 638 -40.04 2.05 -18.82
C GLY B 638 -39.40 1.28 -17.68
N MET B 639 -40.22 0.68 -16.82
CA MET B 639 -39.76 -0.10 -15.70
C MET B 639 -40.50 -1.43 -15.66
N ASN B 640 -39.85 -2.44 -15.11
CA ASN B 640 -40.47 -3.72 -14.88
C ASN B 640 -40.30 -4.09 -13.41
N SER B 641 -40.62 -5.32 -13.03
CA SER B 641 -40.61 -5.62 -11.61
C SER B 641 -39.21 -5.78 -11.03
N LEU B 642 -38.16 -5.68 -11.84
CA LEU B 642 -36.82 -5.63 -11.28
C LEU B 642 -36.46 -4.24 -10.79
N SER B 643 -37.37 -3.29 -10.94
CA SER B 643 -37.10 -1.89 -10.62
C SER B 643 -36.55 -1.74 -9.20
N VAL B 644 -37.22 -2.36 -8.24
CA VAL B 644 -36.84 -2.22 -6.83
C VAL B 644 -35.42 -2.72 -6.60
N TRP B 645 -34.96 -3.70 -7.38
CA TRP B 645 -33.59 -4.14 -7.19
C TRP B 645 -32.62 -3.18 -7.88
N ALA B 646 -32.97 -2.69 -9.08
CA ALA B 646 -32.13 -1.72 -9.75
C ALA B 646 -31.89 -0.51 -8.88
N TRP B 647 -32.93 -0.09 -8.16
CA TRP B 647 -32.81 0.98 -7.19
C TRP B 647 -31.92 0.57 -6.03
N MET B 648 -32.16 -0.62 -5.46
CA MET B 648 -31.46 -1.00 -4.25
C MET B 648 -29.96 -1.15 -4.50
N PHE B 649 -29.60 -1.78 -5.62
CA PHE B 649 -28.25 -1.87 -6.13
C PHE B 649 -27.52 -0.55 -5.99
N LEU B 650 -28.19 0.54 -6.33
CA LEU B 650 -27.52 1.83 -6.32
C LEU B 650 -27.41 2.37 -4.90
N PHE B 651 -28.47 2.19 -4.10
CA PHE B 651 -28.44 2.50 -2.69
C PHE B 651 -27.20 1.90 -2.03
N GLY B 652 -27.00 0.59 -2.24
CA GLY B 652 -25.83 -0.06 -1.67
C GLY B 652 -24.51 0.53 -2.14
N HIS B 653 -24.46 0.95 -3.41
CA HIS B 653 -23.24 1.59 -3.89
C HIS B 653 -23.05 2.95 -3.24
N LEU B 654 -24.15 3.64 -2.93
CA LEU B 654 -24.04 4.95 -2.30
C LEU B 654 -23.58 4.83 -0.86
N VAL B 655 -24.30 4.02 -0.07
CA VAL B 655 -23.98 3.90 1.36
C VAL B 655 -22.52 3.51 1.54
N TRP B 656 -22.09 2.46 0.85
CA TRP B 656 -20.70 2.02 0.84
C TRP B 656 -19.74 3.20 0.66
N ALA B 657 -19.96 4.00 -0.37
CA ALA B 657 -19.03 5.10 -0.65
C ALA B 657 -19.04 6.13 0.46
N THR B 658 -20.20 6.39 1.06
CA THR B 658 -20.24 7.31 2.19
C THR B 658 -19.40 6.80 3.35
N GLY B 659 -19.34 5.47 3.52
CA GLY B 659 -18.47 4.91 4.54
C GLY B 659 -17.02 5.28 4.35
N PHE B 660 -16.59 5.50 3.09
CA PHE B 660 -15.21 5.91 2.87
C PHE B 660 -14.92 7.25 3.53
N MET B 661 -15.90 8.16 3.52
CA MET B 661 -15.65 9.47 4.11
C MET B 661 -15.19 9.33 5.55
N PHE B 662 -16.06 8.80 6.40
CA PHE B 662 -15.73 8.60 7.80
C PHE B 662 -14.46 7.78 8.00
N LEU B 663 -14.04 7.01 7.00
CA LEU B 663 -12.88 6.16 7.21
C LEU B 663 -11.58 6.81 6.75
N ILE B 664 -11.63 7.80 5.86
CA ILE B 664 -10.44 8.42 5.34
C ILE B 664 -10.20 9.80 5.95
N SER B 665 -11.26 10.59 6.09
CA SER B 665 -11.19 11.86 6.80
C SER B 665 -11.28 11.61 8.29
N TRP B 666 -10.46 12.30 9.07
CA TRP B 666 -10.44 12.13 10.52
C TRP B 666 -10.85 13.45 11.20
N ARG B 667 -10.76 13.49 12.52
CA ARG B 667 -11.64 14.37 13.30
C ARG B 667 -11.30 15.85 13.24
N GLY B 668 -10.01 16.20 13.26
CA GLY B 668 -9.64 17.60 13.47
C GLY B 668 -10.21 18.54 12.43
N TYR B 669 -10.11 18.15 11.16
CA TYR B 669 -10.67 18.93 10.06
C TYR B 669 -12.12 19.30 10.34
N TRP B 670 -12.93 18.30 10.70
CA TRP B 670 -14.35 18.52 10.90
C TRP B 670 -14.62 19.38 12.12
N GLN B 671 -13.84 19.21 13.19
CA GLN B 671 -14.06 20.03 14.38
C GLN B 671 -13.82 21.51 14.09
N GLU B 672 -12.77 21.82 13.31
CA GLU B 672 -12.54 23.22 12.95
C GLU B 672 -13.68 23.76 12.10
N LEU B 673 -14.14 22.96 11.13
CA LEU B 673 -15.31 23.37 10.34
C LEU B 673 -16.50 23.71 11.24
N ILE B 674 -16.75 22.88 12.25
CA ILE B 674 -17.92 23.09 13.09
C ILE B 674 -17.77 24.37 13.93
N GLU B 675 -16.55 24.67 14.40
CA GLU B 675 -16.35 25.93 15.10
C GLU B 675 -16.70 27.11 14.20
N THR B 676 -16.30 27.04 12.92
CA THR B 676 -16.68 28.10 11.98
C THR B 676 -18.20 28.24 11.88
N LEU B 677 -18.90 27.11 11.76
CA LEU B 677 -20.36 27.17 11.62
C LEU B 677 -21.04 27.74 12.85
N ALA B 678 -20.52 27.41 14.04
CA ALA B 678 -21.09 27.95 15.27
C ALA B 678 -20.97 29.46 15.29
N TRP B 679 -19.81 29.99 14.90
CA TRP B 679 -19.70 31.44 14.77
C TRP B 679 -20.78 31.99 13.83
N ALA B 680 -20.83 31.44 12.60
CA ALA B 680 -21.77 31.91 11.60
C ALA B 680 -23.17 32.00 12.16
N HIS B 681 -23.63 30.95 12.84
CA HIS B 681 -24.99 30.95 13.33
C HIS B 681 -25.18 32.01 14.41
N GLU B 682 -24.29 32.02 15.41
CA GLU B 682 -24.47 32.99 16.49
C GLU B 682 -24.47 34.43 15.99
N ARG B 683 -23.96 34.69 14.79
CA ARG B 683 -23.89 36.07 14.29
C ARG B 683 -25.04 36.47 13.37
N THR B 684 -25.98 35.57 13.04
CA THR B 684 -26.92 35.98 12.00
C THR B 684 -28.26 36.40 12.59
N PRO B 685 -28.92 37.40 12.02
CA PRO B 685 -30.14 37.95 12.63
C PRO B 685 -31.38 37.10 12.37
N LEU B 686 -32.25 37.09 13.38
CA LEU B 686 -33.53 36.38 13.46
C LEU B 686 -33.32 34.88 13.65
N ALA B 687 -32.08 34.44 13.51
CA ALA B 687 -31.75 33.04 13.73
C ALA B 687 -30.95 32.82 15.00
N ASN B 688 -30.32 33.86 15.53
CA ASN B 688 -29.68 33.78 16.84
C ASN B 688 -30.66 33.94 17.98
N LEU B 689 -31.93 34.22 17.68
CA LEU B 689 -32.99 34.08 18.68
C LEU B 689 -33.25 32.64 19.05
N ILE B 690 -32.61 31.69 18.37
CA ILE B 690 -32.74 30.27 18.64
C ILE B 690 -31.40 29.79 19.16
N ARG B 691 -31.42 29.06 20.27
CA ARG B 691 -30.19 28.63 20.91
C ARG B 691 -30.21 27.13 21.10
N TRP B 692 -29.21 26.44 20.58
CA TRP B 692 -29.05 25.03 20.88
C TRP B 692 -28.80 24.84 22.36
N ARG B 693 -29.02 23.61 22.83
CA ARG B 693 -28.74 23.30 24.21
C ARG B 693 -27.52 22.42 24.41
N ASP B 694 -27.07 21.71 23.37
CA ASP B 694 -25.79 21.03 23.38
C ASP B 694 -24.86 21.73 22.40
N LYS B 695 -23.66 22.02 22.83
CA LYS B 695 -22.67 22.57 21.92
C LYS B 695 -22.34 21.52 20.88
N PRO B 696 -22.47 21.82 19.60
CA PRO B 696 -22.13 20.83 18.58
C PRO B 696 -20.64 20.58 18.52
N VAL B 697 -20.27 19.31 18.37
CA VAL B 697 -18.88 18.91 18.21
C VAL B 697 -18.80 17.81 17.16
N ALA B 698 -17.64 17.70 16.52
CA ALA B 698 -17.38 16.59 15.61
C ALA B 698 -17.51 15.26 16.35
N LEU B 699 -17.63 14.18 15.59
CA LEU B 699 -17.74 12.86 16.19
C LEU B 699 -16.42 12.47 16.85
N SER B 700 -16.47 11.42 17.65
CA SER B 700 -15.27 10.93 18.29
C SER B 700 -14.43 10.12 17.31
N ILE B 701 -13.22 9.73 17.73
CA ILE B 701 -12.35 8.95 16.87
C ILE B 701 -12.85 7.52 16.74
N VAL B 702 -13.01 6.83 17.87
CA VAL B 702 -13.59 5.49 17.87
C VAL B 702 -14.98 5.52 17.26
N GLN B 703 -15.75 6.55 17.58
CA GLN B 703 -17.10 6.66 17.02
C GLN B 703 -17.05 6.77 15.50
N ALA B 704 -16.13 7.56 14.97
CA ALA B 704 -16.01 7.70 13.54
C ALA B 704 -15.63 6.38 12.88
N ARG B 705 -14.71 5.64 13.50
CA ARG B 705 -14.38 4.33 12.94
C ARG B 705 -15.58 3.41 12.91
N LEU B 706 -16.34 3.37 14.00
CA LEU B 706 -17.52 2.51 14.05
C LEU B 706 -18.55 2.90 12.99
N VAL B 707 -18.80 4.20 12.83
CA VAL B 707 -19.82 4.67 11.89
C VAL B 707 -19.37 4.41 10.45
N GLY B 708 -18.09 4.63 10.16
CA GLY B 708 -17.58 4.27 8.84
C GLY B 708 -17.74 2.79 8.55
N LEU B 709 -17.33 1.94 9.49
CA LEU B 709 -17.43 0.50 9.28
C LEU B 709 -18.87 0.06 9.09
N VAL B 710 -19.79 0.69 9.81
CA VAL B 710 -21.20 0.34 9.68
C VAL B 710 -21.72 0.68 8.29
N HIS B 711 -21.43 1.90 7.81
CA HIS B 711 -21.81 2.25 6.45
C HIS B 711 -21.21 1.30 5.43
N PHE B 712 -19.92 0.98 5.59
CA PHE B 712 -19.24 0.11 4.65
C PHE B 712 -19.93 -1.25 4.54
N SER B 713 -20.21 -1.90 5.67
CA SER B 713 -20.76 -3.24 5.59
C SER B 713 -22.25 -3.24 5.28
N VAL B 714 -22.99 -2.19 5.64
CA VAL B 714 -24.37 -2.07 5.17
C VAL B 714 -24.40 -1.98 3.66
N GLY B 715 -23.56 -1.11 3.09
CA GLY B 715 -23.47 -1.01 1.64
C GLY B 715 -23.13 -2.34 1.01
N TYR B 716 -22.11 -3.01 1.57
CA TYR B 716 -21.70 -4.35 1.14
C TYR B 716 -22.88 -5.31 1.00
N ILE B 717 -23.58 -5.53 2.12
CA ILE B 717 -24.68 -6.50 2.14
C ILE B 717 -25.77 -6.10 1.17
N PHE B 718 -26.12 -4.81 1.13
CA PHE B 718 -27.26 -4.40 0.32
C PHE B 718 -26.97 -4.56 -1.17
N THR B 719 -25.80 -4.12 -1.63
CA THR B 719 -25.51 -4.25 -3.04
C THR B 719 -25.43 -5.71 -3.45
N TYR B 720 -24.79 -6.55 -2.62
CA TYR B 720 -24.68 -7.94 -3.05
C TYR B 720 -26.03 -8.63 -3.04
N ALA B 721 -26.88 -8.32 -2.06
CA ALA B 721 -28.20 -8.95 -2.02
C ALA B 721 -29.02 -8.58 -3.24
N ALA B 722 -29.05 -7.28 -3.57
CA ALA B 722 -29.78 -6.85 -4.76
C ALA B 722 -29.31 -7.58 -6.01
N PHE B 723 -27.99 -7.63 -6.22
CA PHE B 723 -27.50 -8.30 -7.44
C PHE B 723 -27.80 -9.79 -7.43
N LEU B 724 -27.60 -10.47 -6.31
CA LEU B 724 -27.80 -11.91 -6.27
C LEU B 724 -29.26 -12.26 -6.57
N ILE B 725 -30.18 -11.57 -5.91
CA ILE B 725 -31.59 -11.90 -6.12
C ILE B 725 -32.02 -11.52 -7.53
N ALA B 726 -31.57 -10.37 -8.04
CA ALA B 726 -32.06 -9.99 -9.36
C ALA B 726 -31.47 -10.87 -10.46
N SER B 727 -30.24 -11.36 -10.30
CA SER B 727 -29.67 -12.18 -11.35
C SER B 727 -30.12 -13.64 -11.25
N THR B 728 -30.58 -14.11 -10.10
CA THR B 728 -31.19 -15.44 -10.16
C THR B 728 -32.67 -15.36 -10.52
N SER B 729 -33.39 -14.40 -9.96
CA SER B 729 -34.81 -14.25 -10.19
C SER B 729 -35.11 -13.86 -11.63
N GLY B 730 -34.19 -13.14 -12.27
CA GLY B 730 -34.41 -12.75 -13.66
C GLY B 730 -34.37 -13.93 -14.60
N LYS B 731 -33.42 -14.84 -14.38
CA LYS B 731 -33.40 -16.07 -15.15
C LYS B 731 -34.37 -17.11 -14.61
N PHE B 732 -34.66 -17.04 -13.30
CA PHE B 732 -35.34 -18.10 -12.57
C PHE B 732 -34.77 -19.44 -12.98
N GLY B 733 -33.46 -19.50 -13.11
CA GLY B 733 -32.78 -20.66 -13.63
C GLY B 733 -31.34 -20.33 -13.94
N SER C 1 -12.79 15.72 33.49
CA SER C 1 -11.40 15.98 33.77
C SER C 1 -10.56 14.73 33.63
N HIS C 2 -9.47 14.82 32.88
CA HIS C 2 -8.57 13.70 32.73
C HIS C 2 -7.78 13.49 34.02
N SER C 3 -7.05 12.37 34.06
CA SER C 3 -6.15 12.08 35.18
C SER C 3 -4.71 12.12 34.70
N VAL C 4 -3.83 12.67 35.52
CA VAL C 4 -2.40 12.66 35.24
C VAL C 4 -1.70 12.20 36.51
N LYS C 5 -0.82 11.21 36.35
CA LYS C 5 -0.12 10.60 37.47
C LYS C 5 1.37 10.60 37.22
N ILE C 6 2.14 10.78 38.29
CA ILE C 6 3.59 10.80 38.25
C ILE C 6 4.09 9.60 39.05
N TYR C 7 5.05 8.88 38.48
CA TYR C 7 5.57 7.66 39.07
C TYR C 7 7.01 7.88 39.53
N ASP C 8 7.44 7.08 40.51
CA ASP C 8 8.69 7.35 41.21
C ASP C 8 9.93 7.05 40.39
N THR C 9 9.80 6.60 39.15
CA THR C 9 10.95 6.48 38.28
C THR C 9 11.37 7.81 37.68
N CYS C 10 10.70 8.90 38.05
CA CYS C 10 10.99 10.19 37.47
C CYS C 10 12.41 10.62 37.81
N ILE C 11 13.12 11.15 36.81
CA ILE C 11 14.46 11.67 37.02
C ILE C 11 14.49 13.17 37.17
N GLY C 12 13.32 13.82 37.19
CA GLY C 12 13.25 15.25 37.42
C GLY C 12 13.93 16.09 36.35
N CYS C 13 13.69 15.79 35.09
CA CYS C 13 14.28 16.54 34.00
C CYS C 13 13.48 17.79 33.62
N THR C 14 12.25 17.92 34.12
CA THR C 14 11.33 19.04 33.92
C THR C 14 10.78 19.13 32.51
N GLN C 15 11.14 18.22 31.60
CA GLN C 15 10.73 18.35 30.21
C GLN C 15 9.22 18.30 30.05
N CYS C 16 8.52 17.62 30.94
CA CYS C 16 7.06 17.53 30.82
C CYS C 16 6.39 18.84 31.19
N VAL C 17 6.91 19.55 32.20
CA VAL C 17 6.30 20.80 32.61
C VAL C 17 6.49 21.87 31.55
N ARG C 18 7.65 21.87 30.89
CA ARG C 18 7.90 22.84 29.84
C ARG C 18 6.95 22.66 28.66
N ALA C 19 6.40 21.46 28.47
CA ALA C 19 5.63 21.15 27.28
C ALA C 19 4.14 21.40 27.44
N CYS C 20 3.62 21.32 28.67
CA CYS C 20 2.19 21.42 28.87
C CYS C 20 1.65 22.74 28.31
N PRO C 21 0.63 22.71 27.45
CA PRO C 21 0.06 23.95 26.91
C PRO C 21 -0.97 24.62 27.78
N THR C 22 -1.37 24.00 28.90
CA THR C 22 -2.38 24.59 29.78
C THR C 22 -1.88 24.77 31.20
N ASP C 23 -0.61 24.53 31.47
CA ASP C 23 -0.02 24.71 32.80
C ASP C 23 -0.70 23.82 33.84
N VAL C 24 -0.59 22.51 33.61
CA VAL C 24 -1.14 21.55 34.56
C VAL C 24 -0.08 21.12 35.56
N LEU C 25 1.17 21.01 35.11
CA LEU C 25 2.23 20.35 35.86
C LEU C 25 3.07 21.36 36.63
N GLU C 26 3.97 20.85 37.46
CA GLU C 26 4.77 21.67 38.36
C GLU C 26 5.93 20.85 38.89
N MET C 27 7.04 21.50 39.22
CA MET C 27 8.12 20.81 39.90
C MET C 27 8.03 21.05 41.40
N ILE C 28 8.31 20.01 42.17
CA ILE C 28 8.31 20.10 43.63
C ILE C 28 9.56 19.41 44.15
N PRO C 29 10.02 19.81 45.34
CA PRO C 29 11.25 19.21 45.89
C PRO C 29 11.06 17.78 46.32
N TRP C 30 12.16 17.03 46.27
CA TRP C 30 12.15 15.60 46.53
C TRP C 30 13.52 15.19 47.05
N GLY C 31 13.70 13.90 47.26
CA GLY C 31 14.97 13.39 47.77
C GLY C 31 15.37 12.07 47.15
N GLY C 32 14.58 11.58 46.20
CA GLY C 32 14.80 10.29 45.60
C GLY C 32 15.61 10.29 44.31
N CYS C 33 16.19 11.41 43.90
CA CYS C 33 16.96 11.43 42.66
C CYS C 33 18.04 12.48 42.76
N LYS C 34 18.98 12.42 41.80
CA LYS C 34 20.11 13.35 41.78
C LYS C 34 19.65 14.79 41.67
N ALA C 35 18.51 15.04 41.04
CA ALA C 35 18.01 16.39 40.89
C ALA C 35 17.23 16.89 42.10
N LYS C 36 16.88 16.01 43.04
CA LYS C 36 16.07 16.38 44.20
C LYS C 36 14.77 17.05 43.76
N GLN C 37 14.24 16.57 42.63
CA GLN C 37 13.12 17.19 41.96
C GLN C 37 12.14 16.11 41.56
N ILE C 38 10.86 16.46 41.52
CA ILE C 38 9.85 15.52 41.04
C ILE C 38 8.70 16.31 40.46
N ALA C 39 8.04 15.76 39.46
CA ALA C 39 6.90 16.43 38.86
C ALA C 39 5.64 16.14 39.65
N SER C 40 4.71 17.10 39.62
CA SER C 40 3.40 16.97 40.23
C SER C 40 2.40 17.58 39.28
N ALA C 41 1.12 17.25 39.48
CA ALA C 41 0.04 17.65 38.57
C ALA C 41 -1.09 18.25 39.38
N PRO C 42 -0.95 19.49 39.83
CA PRO C 42 -1.94 20.07 40.76
C PRO C 42 -3.20 20.60 40.10
N ARG C 43 -3.24 20.76 38.78
CA ARG C 43 -4.28 21.53 38.10
C ARG C 43 -4.90 20.74 36.96
N THR C 44 -5.32 19.51 37.25
CA THR C 44 -5.85 18.62 36.23
C THR C 44 -7.26 18.98 35.77
N GLU C 45 -7.89 20.02 36.32
CA GLU C 45 -9.18 20.43 35.79
C GLU C 45 -9.05 21.27 34.53
N ASP C 46 -7.82 21.56 34.10
CA ASP C 46 -7.56 22.31 32.89
C ASP C 46 -6.90 21.48 31.81
N CYS C 47 -6.76 20.18 32.01
CA CYS C 47 -5.97 19.34 31.11
C CYS C 47 -6.77 19.03 29.86
N VAL C 48 -6.24 19.37 28.68
CA VAL C 48 -6.93 19.04 27.44
C VAL C 48 -6.64 17.63 26.96
N GLY C 49 -5.63 16.96 27.52
CA GLY C 49 -5.36 15.58 27.17
C GLY C 49 -4.55 15.37 25.92
N CYS C 50 -3.65 16.29 25.61
CA CYS C 50 -2.88 16.24 24.37
C CYS C 50 -1.71 15.26 24.42
N LYS C 51 -1.35 14.78 25.60
CA LYS C 51 -0.19 13.90 25.80
C LYS C 51 1.10 14.51 25.30
N ARG C 52 1.16 15.83 25.18
CA ARG C 52 2.41 16.48 24.83
C ARG C 52 3.47 16.25 25.88
N CYS C 53 3.05 15.98 27.12
CA CYS C 53 4.00 15.68 28.19
C CYS C 53 4.62 14.31 28.02
N GLU C 54 3.82 13.33 27.57
CA GLU C 54 4.32 11.97 27.45
C GLU C 54 5.35 11.85 26.34
N SER C 55 5.16 12.58 25.25
CA SER C 55 6.17 12.58 24.19
C SER C 55 7.50 13.12 24.67
N ALA C 56 7.52 13.87 25.76
CA ALA C 56 8.72 14.52 26.23
C ALA C 56 9.47 13.72 27.28
N CYS C 57 8.83 12.74 27.92
CA CYS C 57 9.48 12.03 29.03
C CYS C 57 10.49 11.02 28.51
N PRO C 58 11.71 10.99 29.05
CA PRO C 58 12.74 10.09 28.55
C PRO C 58 12.85 8.74 29.24
N THR C 59 12.19 8.52 30.38
CA THR C 59 12.40 7.27 31.09
C THR C 59 11.69 6.12 30.38
N ASP C 60 12.10 4.91 30.70
CA ASP C 60 11.57 3.70 30.08
C ASP C 60 11.17 2.73 31.17
N PHE C 61 9.87 2.55 31.39
CA PHE C 61 8.79 3.17 30.63
C PHE C 61 8.48 4.55 31.23
N LEU C 62 7.37 5.16 30.82
CA LEU C 62 7.10 6.56 31.13
C LEU C 62 7.01 6.80 32.63
N SER C 63 7.28 8.05 33.02
CA SER C 63 7.10 8.48 34.40
C SER C 63 5.91 9.40 34.61
N VAL C 64 5.38 9.99 33.54
CA VAL C 64 4.12 10.75 33.58
C VAL C 64 3.12 10.00 32.71
N ARG C 65 1.88 9.88 33.19
CA ARG C 65 0.86 9.17 32.45
C ARG C 65 -0.45 9.94 32.46
N VAL C 66 -1.12 9.97 31.32
CA VAL C 66 -2.38 10.70 31.14
C VAL C 66 -3.47 9.68 30.80
N TYR C 67 -4.47 9.57 31.68
CA TYR C 67 -5.62 8.70 31.49
C TYR C 67 -6.83 9.58 31.16
N LEU C 68 -7.30 9.49 29.92
CA LEU C 68 -8.45 10.28 29.50
C LEU C 68 -9.69 9.84 30.26
N TRP C 69 -10.46 10.81 30.72
CA TRP C 69 -11.59 10.57 31.62
C TRP C 69 -12.73 11.49 31.20
N HIS C 70 -13.70 11.70 32.09
CA HIS C 70 -14.91 12.43 31.76
C HIS C 70 -14.62 13.81 31.18
N GLU C 71 -15.41 14.20 30.20
CA GLU C 71 -15.19 15.40 29.41
C GLU C 71 -16.02 16.57 29.92
N THR C 72 -15.43 17.76 29.79
CA THR C 72 -16.08 19.00 30.22
C THR C 72 -15.93 20.06 29.14
N THR C 73 -16.24 21.32 29.46
CA THR C 73 -16.02 22.38 28.50
C THR C 73 -14.53 22.66 28.33
N ARG C 74 -13.81 22.81 29.43
CA ARG C 74 -12.39 23.11 29.35
C ARG C 74 -11.61 21.95 28.74
N SER C 75 -12.00 20.72 29.05
CA SER C 75 -11.28 19.56 28.56
C SER C 75 -11.43 19.41 27.04
N MET C 76 -12.56 19.80 26.48
CA MET C 76 -12.79 19.64 25.05
C MET C 76 -12.17 20.76 24.22
N GLY C 77 -11.79 21.87 24.84
CA GLY C 77 -11.20 22.97 24.11
C GLY C 77 -12.21 23.73 23.29
N LEU C 78 -13.33 24.09 23.90
CA LEU C 78 -14.39 24.80 23.21
C LEU C 78 -14.31 26.28 23.54
N ALA C 79 -14.29 27.11 22.51
CA ALA C 79 -14.30 28.56 22.67
C ALA C 79 -15.70 29.15 22.58
N TYR C 80 -16.73 28.32 22.42
CA TYR C 80 -18.09 28.80 22.36
C TYR C 80 -18.95 28.03 23.36
N GLY D 1 3.22 34.86 52.00
CA GLY D 1 3.51 33.81 51.04
C GLY D 1 3.06 34.14 49.64
N PHE D 2 3.61 35.22 49.08
CA PHE D 2 3.28 35.69 47.73
C PHE D 2 1.79 35.98 47.60
N THR D 3 1.37 37.08 48.21
CA THR D 3 0.13 37.71 47.79
C THR D 3 0.15 37.87 46.27
N PRO D 4 -0.92 37.50 45.58
CA PRO D 4 -0.95 37.70 44.12
C PRO D 4 -1.42 39.11 43.78
N PRO D 5 -1.00 39.63 42.64
CA PRO D 5 -1.43 40.98 42.25
C PRO D 5 -2.94 41.08 42.14
N GLU D 6 -3.43 42.30 42.07
CA GLU D 6 -4.83 42.55 41.81
C GLU D 6 -5.04 42.84 40.34
N LEU D 7 -6.27 42.66 39.89
CA LEU D 7 -6.65 43.08 38.55
C LEU D 7 -6.93 44.57 38.57
N ASP D 8 -6.14 45.34 37.83
CA ASP D 8 -6.35 46.77 37.75
C ASP D 8 -7.07 47.07 36.45
N PRO D 9 -8.39 47.23 36.44
CA PRO D 9 -9.06 47.68 35.22
C PRO D 9 -8.68 49.12 34.94
N ASN D 10 -9.19 49.69 33.85
CA ASN D 10 -8.68 50.90 33.23
C ASN D 10 -7.28 50.69 32.69
N THR D 11 -6.75 49.48 32.75
CA THR D 11 -5.53 49.16 32.04
C THR D 11 -5.84 49.13 30.54
N PRO D 12 -5.12 49.88 29.73
CA PRO D 12 -5.45 49.93 28.30
C PRO D 12 -5.23 48.59 27.63
N SER D 13 -5.70 48.49 26.39
CA SER D 13 -5.61 47.31 25.57
C SER D 13 -4.80 47.60 24.32
N PRO D 14 -4.29 46.57 23.64
CA PRO D 14 -3.54 46.81 22.40
C PRO D 14 -4.41 47.45 21.34
N ILE D 15 -3.75 47.90 20.27
CA ILE D 15 -4.41 48.57 19.16
C ILE D 15 -4.78 47.50 18.14
N PHE D 16 -6.06 47.14 18.12
CA PHE D 16 -6.58 46.11 17.24
C PHE D 16 -7.71 46.68 16.38
N GLY D 17 -7.88 46.09 15.20
CA GLY D 17 -8.93 46.47 14.30
C GLY D 17 -10.20 45.64 14.40
N GLY D 18 -10.22 44.63 15.25
CA GLY D 18 -11.40 43.77 15.34
C GLY D 18 -11.29 42.57 14.45
N SER D 19 -11.91 41.48 14.88
CA SER D 19 -11.82 40.22 14.17
C SER D 19 -12.91 39.29 14.63
N THR D 20 -13.24 38.34 13.77
CA THR D 20 -14.28 37.36 14.04
C THR D 20 -13.79 36.19 14.87
N GLY D 21 -12.68 36.33 15.58
CA GLY D 21 -12.18 35.24 16.40
C GLY D 21 -12.26 35.48 17.89
N GLY D 22 -12.74 36.66 18.28
CA GLY D 22 -12.78 37.03 19.67
C GLY D 22 -13.86 36.33 20.49
N LEU D 23 -14.33 37.00 21.53
CA LEU D 23 -15.25 36.41 22.48
C LEU D 23 -16.58 36.05 21.82
N LEU D 24 -17.30 35.14 22.45
CA LEU D 24 -18.58 34.66 21.98
C LEU D 24 -19.49 34.51 23.19
N ARG D 25 -20.59 33.77 23.04
CA ARG D 25 -21.60 33.68 24.10
C ARG D 25 -21.05 33.00 25.36
N LYS D 26 -20.07 32.12 25.21
CA LYS D 26 -19.49 31.44 26.37
C LYS D 26 -18.90 32.45 27.35
N ALA D 27 -18.33 33.54 26.83
CA ALA D 27 -17.82 34.59 27.69
C ALA D 27 -18.94 35.39 28.35
N GLN D 28 -20.13 35.37 27.77
CA GLN D 28 -21.26 36.04 28.41
C GLN D 28 -21.80 35.21 29.57
N VAL D 29 -21.89 33.89 29.41
CA VAL D 29 -22.58 33.08 30.41
C VAL D 29 -21.67 32.12 31.19
N GLU D 30 -20.49 31.76 30.70
CA GLU D 30 -19.70 30.75 31.40
C GLU D 30 -18.40 31.30 31.99
N GLU D 31 -17.48 31.80 31.18
CA GLU D 31 -16.22 32.33 31.71
C GLU D 31 -15.39 32.89 30.58
N PHE D 32 -14.41 33.72 30.94
CA PHE D 32 -13.41 34.16 29.98
C PHE D 32 -12.15 34.49 30.75
N TYR D 33 -11.08 34.82 30.02
CA TYR D 33 -9.77 35.00 30.62
C TYR D 33 -9.22 36.37 30.27
N VAL D 34 -8.24 36.81 31.06
CA VAL D 34 -7.64 38.12 30.89
C VAL D 34 -6.15 38.02 31.15
N ILE D 35 -5.34 38.52 30.23
CA ILE D 35 -3.89 38.51 30.39
C ILE D 35 -3.39 39.94 30.46
N THR D 36 -2.34 40.16 31.26
CA THR D 36 -1.75 41.48 31.40
C THR D 36 -0.22 41.36 31.38
N TRP D 37 0.41 42.37 30.80
CA TRP D 37 1.87 42.37 30.69
C TRP D 37 2.38 43.81 30.62
N GLU D 38 3.66 43.97 30.27
CA GLU D 38 4.40 45.21 30.53
C GLU D 38 4.79 45.99 29.29
N SER D 39 5.43 45.37 28.29
CA SER D 39 5.70 46.07 27.04
C SER D 39 6.54 47.32 27.22
N PRO D 40 7.87 47.20 27.36
CA PRO D 40 8.71 48.40 27.48
C PRO D 40 8.42 49.48 26.44
N LYS D 41 8.05 49.10 25.21
CA LYS D 41 7.70 50.07 24.18
C LYS D 41 6.49 49.57 23.41
N GLU D 42 6.07 50.34 22.41
CA GLU D 42 4.99 49.94 21.52
C GLU D 42 5.56 49.01 20.46
N GLN D 43 4.96 47.83 20.29
CA GLN D 43 5.48 46.92 19.27
C GLN D 43 4.37 46.06 18.70
N ILE D 44 4.64 45.49 17.55
CA ILE D 44 3.66 44.67 16.85
C ILE D 44 3.87 43.21 17.24
N PHE D 45 2.77 42.47 17.31
CA PHE D 45 2.83 41.05 17.65
C PHE D 45 1.61 40.36 17.08
N GLU D 46 1.75 39.05 16.90
CA GLU D 46 0.70 38.26 16.26
C GLU D 46 -0.37 37.88 17.28
N MET D 47 -1.61 38.30 17.02
CA MET D 47 -2.72 37.94 17.88
C MET D 47 -2.92 36.43 17.88
N PRO D 48 -3.23 35.81 19.02
CA PRO D 48 -3.38 34.35 19.04
C PRO D 48 -4.72 33.89 18.47
N THR D 49 -5.48 34.84 17.92
CA THR D 49 -6.76 34.56 17.31
C THR D 49 -6.83 34.95 15.84
N GLY D 50 -6.16 36.03 15.44
CA GLY D 50 -6.28 36.54 14.10
C GLY D 50 -4.99 37.12 13.57
N GLY D 51 -5.04 38.35 13.07
CA GLY D 51 -3.87 39.00 12.52
C GLY D 51 -2.95 39.59 13.57
N ALA D 52 -2.54 40.84 13.37
CA ALA D 52 -1.51 41.46 14.20
C ALA D 52 -2.07 42.65 14.96
N ALA D 53 -1.52 42.88 16.14
CA ALA D 53 -1.91 43.98 17.00
C ALA D 53 -0.67 44.76 17.41
N ILE D 54 -0.88 45.95 17.95
CA ILE D 54 0.19 46.79 18.49
C ILE D 54 -0.02 46.91 20.00
N MET D 55 0.91 46.35 20.76
CA MET D 55 0.92 46.55 22.19
C MET D 55 1.50 47.92 22.53
N ARG D 56 0.86 48.57 23.50
CA ARG D 56 1.18 49.92 23.92
C ARG D 56 2.33 49.89 24.93
N GLU D 57 3.06 51.00 24.97
CA GLU D 57 4.10 51.17 25.97
C GLU D 57 3.45 51.31 27.34
N GLY D 58 3.84 50.44 28.28
CA GLY D 58 3.19 50.38 29.56
C GLY D 58 2.30 49.15 29.67
N PRO D 59 1.50 49.08 30.74
CA PRO D 59 0.71 47.86 30.98
C PRO D 59 -0.28 47.58 29.84
N ASN D 60 -0.52 46.30 29.62
CA ASN D 60 -1.41 45.83 28.58
C ASN D 60 -2.36 44.79 29.14
N LEU D 61 -3.62 44.83 28.67
CA LEU D 61 -4.71 44.02 29.22
C LEU D 61 -5.57 43.49 28.06
N LEU D 62 -5.53 42.19 27.85
CA LEU D 62 -6.23 41.52 26.76
C LEU D 62 -7.27 40.55 27.33
N LYS D 63 -8.43 40.45 26.69
CA LYS D 63 -9.44 39.49 27.11
C LYS D 63 -9.61 38.42 26.05
N LEU D 64 -9.38 37.16 26.43
CA LEU D 64 -9.46 36.01 25.56
C LEU D 64 -10.48 35.01 26.11
N ALA D 65 -10.67 33.91 25.39
CA ALA D 65 -11.75 32.98 25.69
C ALA D 65 -11.29 31.62 26.15
N ARG D 66 -9.99 31.37 26.26
CA ARG D 66 -9.51 30.06 26.66
C ARG D 66 -8.19 30.22 27.40
N LYS D 67 -7.92 29.30 28.31
CA LYS D 67 -6.64 29.34 29.02
C LYS D 67 -5.49 29.06 28.08
N GLU D 68 -5.70 28.19 27.09
CA GLU D 68 -4.64 27.87 26.15
C GLU D 68 -4.26 29.07 25.30
N GLN D 69 -5.23 29.93 24.97
CA GLN D 69 -4.89 31.15 24.23
C GLN D 69 -3.97 32.03 25.05
N CYS D 70 -4.34 32.29 26.30
CA CYS D 70 -3.51 33.08 27.19
C CYS D 70 -2.12 32.48 27.32
N LEU D 71 -2.03 31.16 27.48
CA LEU D 71 -0.72 30.56 27.71
C LEU D 71 0.14 30.56 26.46
N ALA D 72 -0.45 30.36 25.28
CA ALA D 72 0.32 30.47 24.06
C ALA D 72 0.83 31.90 23.85
N LEU D 73 -0.04 32.88 24.08
CA LEU D 73 0.40 34.27 23.99
C LEU D 73 1.51 34.57 25.00
N GLY D 74 1.39 34.04 26.21
CA GLY D 74 2.40 34.29 27.22
C GLY D 74 3.72 33.65 26.88
N THR D 75 3.69 32.44 26.31
CA THR D 75 4.92 31.79 25.89
C THR D 75 5.61 32.60 24.81
N ARG D 76 4.85 33.06 23.81
CA ARG D 76 5.41 33.92 22.78
C ARG D 76 5.98 35.20 23.38
N LEU D 77 5.28 35.80 24.34
CA LEU D 77 5.74 37.05 24.94
C LEU D 77 6.99 36.84 25.78
N ARG D 78 7.10 35.69 26.43
CA ARG D 78 8.18 35.46 27.37
C ARG D 78 9.46 35.03 26.68
N SER D 79 9.38 34.30 25.58
CA SER D 79 10.64 33.90 24.97
C SER D 79 11.11 34.89 23.90
N LYS D 80 10.27 35.20 22.93
CA LYS D 80 10.72 36.07 21.84
C LYS D 80 10.95 37.49 22.33
N TYR D 81 10.07 38.00 23.19
CA TYR D 81 10.32 39.20 23.95
C TYR D 81 10.72 38.79 25.35
N LYS D 82 11.23 39.74 26.12
CA LYS D 82 11.57 39.47 27.51
C LYS D 82 10.56 40.22 28.37
N ILE D 83 9.41 39.58 28.60
CA ILE D 83 8.26 40.24 29.19
C ILE D 83 7.65 39.34 30.25
N LYS D 84 7.17 39.94 31.32
CA LYS D 84 6.47 39.22 32.38
C LYS D 84 4.96 39.41 32.22
N TYR D 85 4.22 38.32 32.34
CA TYR D 85 2.79 38.31 32.12
C TYR D 85 2.12 37.59 33.26
N GLN D 86 0.86 37.91 33.48
CA GLN D 86 0.00 37.15 34.39
C GLN D 86 -1.37 37.04 33.77
N PHE D 87 -2.06 35.93 34.02
CA PHE D 87 -3.44 35.89 33.54
C PHE D 87 -4.40 35.35 34.58
N TYR D 88 -5.68 35.64 34.33
CA TYR D 88 -6.78 35.55 35.29
C TYR D 88 -8.00 34.98 34.60
N ARG D 89 -8.91 34.44 35.41
CA ARG D 89 -10.19 33.91 34.95
C ARG D 89 -11.32 34.73 35.55
N VAL D 90 -12.16 35.31 34.70
CA VAL D 90 -13.29 36.13 35.10
C VAL D 90 -14.57 35.38 34.78
N PHE D 91 -15.45 35.27 35.77
CA PHE D 91 -16.78 34.67 35.76
C PHE D 91 -17.83 35.71 35.42
N PRO D 92 -19.04 35.29 35.02
CA PRO D 92 -20.12 36.26 34.77
C PRO D 92 -20.60 36.95 36.03
N SER D 93 -20.15 36.53 37.20
CA SER D 93 -20.52 37.20 38.44
C SER D 93 -19.80 38.52 38.58
N GLY D 94 -18.63 38.66 37.98
CA GLY D 94 -17.75 39.77 38.27
C GLY D 94 -16.74 39.36 39.33
N GLU D 95 -16.18 38.16 39.18
CA GLU D 95 -15.24 37.60 40.13
C GLU D 95 -13.97 37.22 39.39
N VAL D 96 -12.83 37.70 39.85
CA VAL D 96 -11.56 37.47 39.21
C VAL D 96 -10.86 36.30 39.90
N GLN D 97 -9.84 35.76 39.25
CA GLN D 97 -9.12 34.62 39.79
C GLN D 97 -7.72 34.62 39.18
N TYR D 98 -6.74 35.10 39.94
CA TYR D 98 -5.36 35.02 39.50
C TYR D 98 -5.00 33.58 39.20
N LEU D 99 -4.46 33.34 38.01
CA LEU D 99 -4.28 31.98 37.52
C LEU D 99 -2.84 31.56 37.36
N HIS D 100 -1.98 32.43 36.83
CA HIS D 100 -0.65 31.99 36.45
C HIS D 100 0.23 33.22 36.36
N PRO D 101 1.46 33.18 36.92
CA PRO D 101 2.00 32.01 37.64
C PRO D 101 1.46 31.86 39.06
N LYS D 102 1.15 30.63 39.47
CA LYS D 102 0.33 30.41 40.66
C LYS D 102 0.99 30.95 41.93
N ASP D 103 2.19 30.48 42.24
CA ASP D 103 2.86 30.85 43.48
C ASP D 103 4.01 31.83 43.26
N GLY D 104 3.96 32.59 42.17
CA GLY D 104 4.95 33.61 41.90
C GLY D 104 6.14 33.15 41.08
N VAL D 105 6.41 31.85 41.03
CA VAL D 105 7.52 31.32 40.26
C VAL D 105 6.97 30.52 39.08
N TYR D 106 7.78 30.41 38.05
CA TYR D 106 7.34 29.60 36.92
C TYR D 106 7.48 28.12 37.23
N PRO D 107 6.50 27.31 36.81
CA PRO D 107 6.46 25.90 37.26
C PRO D 107 7.64 25.06 36.83
N GLU D 108 8.45 25.48 35.87
CA GLU D 108 9.61 24.68 35.51
C GLU D 108 10.77 24.88 36.48
N LYS D 109 10.61 25.71 37.50
CA LYS D 109 11.62 25.90 38.53
C LYS D 109 11.02 25.48 39.86
N VAL D 110 11.75 24.65 40.59
CA VAL D 110 11.21 24.05 41.81
C VAL D 110 11.23 25.06 42.94
N ASN D 111 10.06 25.28 43.55
CA ASN D 111 9.82 26.18 44.67
C ASN D 111 9.52 25.38 45.93
N PRO D 112 10.08 25.76 47.07
CA PRO D 112 9.96 24.94 48.29
C PRO D 112 8.62 25.02 49.00
N GLY D 113 7.60 25.64 48.42
CA GLY D 113 6.32 25.73 49.10
C GLY D 113 5.21 24.98 48.39
N ARG D 114 5.55 23.86 47.76
CA ARG D 114 4.61 23.12 46.92
C ARG D 114 4.44 21.71 47.45
N GLN D 115 3.22 21.22 47.40
CA GLN D 115 2.91 19.84 47.75
C GLN D 115 2.78 19.00 46.50
N GLY D 116 2.80 17.68 46.70
CA GLY D 116 2.70 16.74 45.60
C GLY D 116 1.26 16.30 45.40
N VAL D 117 0.79 16.45 44.17
CA VAL D 117 -0.55 16.04 43.78
C VAL D 117 -0.40 15.02 42.66
N GLY D 118 -0.98 13.85 42.84
CA GLY D 118 -0.96 12.84 41.81
C GLY D 118 0.36 12.13 41.64
N VAL D 119 1.03 11.79 42.75
CA VAL D 119 2.32 11.12 42.72
C VAL D 119 2.15 9.73 43.32
N ASN D 120 2.49 8.70 42.53
CA ASN D 120 2.55 7.33 43.02
C ASN D 120 4.01 6.95 43.23
N PHE D 121 4.28 6.26 44.34
CA PHE D 121 5.65 5.90 44.70
C PHE D 121 5.90 4.44 44.35
N ARG D 122 6.07 4.20 43.05
CA ARG D 122 6.32 2.88 42.49
C ARG D 122 6.47 3.08 40.99
N SER D 123 6.89 2.03 40.30
CA SER D 123 6.97 2.14 38.85
C SER D 123 5.61 1.88 38.24
N ILE D 124 5.48 2.24 36.95
CA ILE D 124 4.20 2.09 36.28
C ILE D 124 3.89 0.63 35.98
N GLY D 125 4.89 -0.24 36.01
CA GLY D 125 4.67 -1.65 35.81
C GLY D 125 4.12 -2.38 37.01
N LYS D 126 3.83 -1.67 38.09
CA LYS D 126 3.38 -2.28 39.33
C LYS D 126 1.98 -1.80 39.69
N ASN D 127 1.15 -1.59 38.67
CA ASN D 127 -0.28 -1.40 38.88
C ASN D 127 -0.97 -2.75 38.85
N VAL D 128 -2.04 -2.87 39.64
CA VAL D 128 -2.78 -4.12 39.68
C VAL D 128 -3.49 -4.36 38.36
N SER D 129 -3.90 -5.60 38.15
CA SER D 129 -4.74 -5.93 37.01
C SER D 129 -6.15 -5.38 37.22
N PRO D 130 -6.88 -5.11 36.14
CA PRO D 130 -8.25 -4.60 36.31
C PRO D 130 -9.14 -5.55 37.09
N ILE D 131 -8.88 -6.86 37.03
CA ILE D 131 -9.69 -7.81 37.77
C ILE D 131 -9.64 -7.54 39.27
N GLU D 132 -8.61 -6.85 39.75
CA GLU D 132 -8.51 -6.55 41.17
C GLU D 132 -9.42 -5.42 41.59
N VAL D 133 -9.92 -4.62 40.67
CA VAL D 133 -10.73 -3.45 41.02
C VAL D 133 -12.14 -3.55 40.46
N LYS D 134 -12.52 -4.70 39.92
CA LYS D 134 -13.84 -4.84 39.31
C LYS D 134 -14.93 -4.78 40.36
N PHE D 135 -16.02 -4.09 40.01
CA PHE D 135 -17.23 -3.89 40.81
C PHE D 135 -17.03 -2.88 41.93
N THR D 136 -15.82 -2.35 42.12
CA THR D 136 -15.59 -1.22 43.01
C THR D 136 -15.04 -0.06 42.18
N GLY D 137 -15.54 1.14 42.45
CA GLY D 137 -15.43 2.25 41.52
C GLY D 137 -14.06 2.84 41.33
N LYS D 138 -13.03 2.32 41.99
CA LYS D 138 -11.70 2.86 41.82
C LYS D 138 -11.12 2.42 40.48
N GLN D 139 -9.96 2.97 40.15
CA GLN D 139 -9.22 2.58 38.97
C GLN D 139 -7.83 2.09 39.37
N PRO D 140 -7.23 1.18 38.60
CA PRO D 140 -5.93 0.62 39.01
C PRO D 140 -4.85 1.67 39.20
N TYR D 141 -4.88 2.78 38.47
CA TYR D 141 -3.90 3.84 38.66
C TYR D 141 -4.25 4.75 39.82
N ASP D 142 -5.46 4.64 40.39
CA ASP D 142 -5.85 5.46 41.53
C ASP D 142 -4.94 5.26 42.73
N LEU D 143 -4.20 4.16 42.78
CA LEU D 143 -3.42 3.82 43.95
C LEU D 143 -1.95 4.14 43.72
N PRO E 1 33.79 -0.72 50.63
CA PRO E 1 32.81 -1.53 49.89
C PRO E 1 31.77 -0.69 49.16
N PRO E 2 31.79 -0.74 47.83
CA PRO E 2 30.73 -0.07 47.05
C PRO E 2 29.53 -0.98 46.82
N ILE E 3 28.53 -0.50 46.11
CA ILE E 3 27.30 -1.24 45.90
C ILE E 3 27.21 -1.69 44.45
N GLY E 4 26.39 -2.70 44.23
CA GLY E 4 25.93 -3.04 42.90
C GLY E 4 26.96 -3.76 42.07
N PRO E 5 26.63 -3.99 40.81
CA PRO E 5 27.59 -4.61 39.89
C PRO E 5 28.72 -3.65 39.56
N LYS E 6 29.78 -4.22 39.00
CA LYS E 6 30.96 -3.45 38.64
C LYS E 6 30.67 -2.55 37.45
N ARG E 7 31.55 -1.58 37.26
CA ARG E 7 31.42 -0.65 36.15
C ARG E 7 31.85 -1.32 34.86
N GLY E 8 30.98 -1.26 33.85
CA GLY E 8 31.25 -1.93 32.60
C GLY E 8 30.94 -3.40 32.61
N ALA E 9 30.10 -3.86 33.53
CA ALA E 9 29.70 -5.26 33.55
C ALA E 9 28.68 -5.54 32.46
N LYS E 10 28.24 -6.79 32.40
CA LYS E 10 27.24 -7.22 31.43
C LYS E 10 26.05 -7.76 32.21
N VAL E 11 24.93 -7.05 32.18
CA VAL E 11 23.82 -7.41 33.04
C VAL E 11 22.56 -7.61 32.20
N LYS E 12 21.64 -8.38 32.77
CA LYS E 12 20.38 -8.72 32.14
C LYS E 12 19.25 -8.01 32.86
N ILE E 13 18.32 -7.48 32.07
CA ILE E 13 17.22 -6.64 32.56
C ILE E 13 16.05 -7.53 32.96
N LEU E 14 15.43 -7.21 34.09
CA LEU E 14 14.29 -7.96 34.59
C LEU E 14 13.05 -7.11 34.75
N ARG E 15 13.05 -5.87 34.29
CA ARG E 15 11.90 -4.97 34.41
C ARG E 15 11.04 -5.16 33.17
N GLN E 16 9.93 -5.88 33.32
CA GLN E 16 9.23 -6.34 32.12
C GLN E 16 8.56 -5.22 31.33
N GLU E 17 8.33 -4.07 31.95
CA GLU E 17 7.83 -2.94 31.17
C GLU E 17 8.94 -2.23 30.41
N SER E 18 10.14 -2.79 30.39
CA SER E 18 11.25 -2.19 29.69
C SER E 18 11.31 -2.68 28.24
N TYR E 19 11.83 -1.84 27.37
CA TYR E 19 12.03 -2.23 25.98
C TYR E 19 13.08 -3.32 25.87
N TRP E 20 14.15 -3.23 26.67
CA TRP E 20 15.24 -4.19 26.63
C TRP E 20 15.05 -5.33 27.59
N TYR E 21 13.81 -5.64 27.94
CA TYR E 21 13.54 -6.65 28.95
C TYR E 21 14.00 -8.03 28.49
N LYS E 22 14.67 -8.74 29.39
CA LYS E 22 15.36 -10.01 29.14
C LYS E 22 16.51 -9.88 28.15
N GLY E 23 16.86 -8.66 27.76
CA GLY E 23 18.09 -8.42 27.04
C GLY E 23 19.21 -8.06 27.99
N THR E 24 20.33 -7.63 27.41
CA THR E 24 21.51 -7.30 28.19
C THR E 24 22.00 -5.90 27.84
N GLY E 25 22.66 -5.30 28.81
CA GLY E 25 23.27 -4.00 28.64
C GLY E 25 24.53 -3.89 29.47
N SER E 26 25.22 -2.76 29.39
CA SER E 26 26.47 -2.58 30.10
C SER E 26 26.34 -1.47 31.11
N VAL E 27 26.73 -1.76 32.36
CA VAL E 27 26.71 -0.78 33.43
C VAL E 27 27.70 0.33 33.11
N VAL E 28 27.34 1.56 33.47
CA VAL E 28 28.28 2.67 33.35
C VAL E 28 28.45 3.47 34.63
N ALA E 29 27.52 3.41 35.58
CA ALA E 29 27.66 4.14 36.83
C ALA E 29 26.62 3.63 37.80
N VAL E 30 27.02 3.46 39.06
CA VAL E 30 26.12 2.99 40.11
C VAL E 30 26.14 4.04 41.21
N ASP E 31 25.11 4.89 41.24
CA ASP E 31 25.01 5.92 42.27
C ASP E 31 25.11 5.29 43.65
N GLN E 32 26.16 5.64 44.38
CA GLN E 32 26.42 5.00 45.66
C GLN E 32 25.58 5.61 46.77
N ASP E 33 25.23 6.88 46.66
CA ASP E 33 24.43 7.55 47.66
C ASP E 33 23.09 6.85 47.84
N PRO E 34 22.78 6.33 49.02
CA PRO E 34 21.43 5.80 49.25
C PRO E 34 20.39 6.91 49.15
N ASN E 35 19.11 6.58 49.33
CA ASN E 35 17.94 7.42 49.09
C ASN E 35 17.63 7.52 47.59
N THR E 36 18.44 6.92 46.73
CA THR E 36 18.12 6.78 45.32
C THR E 36 17.56 5.40 45.08
N ARG E 37 16.37 5.32 44.50
CA ARG E 37 15.75 4.01 44.32
C ARG E 37 16.17 3.32 43.03
N TYR E 38 16.81 4.03 42.11
CA TYR E 38 17.28 3.43 40.85
C TYR E 38 18.70 3.90 40.58
N PRO E 39 19.68 3.27 41.22
CA PRO E 39 21.07 3.74 41.09
C PRO E 39 21.79 3.31 39.82
N VAL E 40 21.51 2.13 39.29
CA VAL E 40 22.31 1.57 38.22
C VAL E 40 21.97 2.27 36.90
N VAL E 41 22.99 2.68 36.16
CA VAL E 41 22.82 3.28 34.85
C VAL E 41 23.32 2.29 33.81
N VAL E 42 22.45 1.91 32.87
CA VAL E 42 22.77 0.87 31.90
C VAL E 42 22.64 1.45 30.51
N ARG E 43 23.65 1.22 29.68
CA ARG E 43 23.63 1.64 28.29
C ARG E 43 23.46 0.41 27.40
N PHE E 44 22.65 0.56 26.36
CA PHE E 44 22.22 -0.55 25.53
C PHE E 44 22.75 -0.38 24.11
N ASN E 45 22.64 -1.48 23.37
CA ASN E 45 23.15 -1.55 22.01
C ASN E 45 22.15 -1.04 20.98
N LYS E 46 20.86 -1.10 21.28
CA LYS E 46 19.81 -0.64 20.38
C LYS E 46 18.94 0.41 21.06
N VAL E 47 18.40 1.32 20.26
CA VAL E 47 17.49 2.33 20.77
C VAL E 47 16.08 1.75 20.83
N ASN E 48 15.28 2.29 21.74
CA ASN E 48 13.90 1.89 21.89
C ASN E 48 13.01 2.77 21.01
N TYR E 49 11.70 2.71 21.21
CA TYR E 49 10.77 3.43 20.34
C TYR E 49 10.87 4.94 20.52
N ALA E 50 11.38 5.41 21.65
CA ALA E 50 11.56 6.84 21.88
C ALA E 50 12.94 7.32 21.48
N ASN E 51 13.72 6.48 20.79
CA ASN E 51 15.08 6.82 20.36
C ASN E 51 15.97 7.17 21.54
N VAL E 52 16.01 6.28 22.52
CA VAL E 52 16.82 6.44 23.72
C VAL E 52 17.59 5.14 23.93
N SER E 53 18.79 5.26 24.49
CA SER E 53 19.70 4.13 24.55
C SER E 53 20.28 3.88 25.95
N THR E 54 19.81 4.58 26.97
CA THR E 54 20.33 4.44 28.31
C THR E 54 19.20 4.59 29.31
N ASN E 55 19.26 3.84 30.41
CA ASN E 55 18.21 3.99 31.41
C ASN E 55 18.71 3.63 32.80
N ASN E 56 18.02 4.17 33.80
CA ASN E 56 18.30 3.86 35.19
C ASN E 56 17.48 2.65 35.65
N TYR E 57 18.07 1.88 36.55
CA TYR E 57 17.46 0.66 37.06
C TYR E 57 17.80 0.50 38.53
N ALA E 58 16.98 -0.29 39.21
CA ALA E 58 17.21 -0.65 40.59
C ALA E 58 18.24 -1.78 40.67
N LEU E 59 18.61 -2.16 41.88
CA LEU E 59 19.64 -3.17 42.05
C LEU E 59 19.13 -4.58 41.76
N ASP E 60 17.86 -4.86 42.07
CA ASP E 60 17.32 -6.19 41.87
C ASP E 60 16.73 -6.41 40.48
N GLU E 61 16.48 -5.34 39.72
CA GLU E 61 16.06 -5.53 38.33
C GLU E 61 17.22 -5.93 37.43
N VAL E 62 18.44 -5.94 37.96
CA VAL E 62 19.65 -6.21 37.19
C VAL E 62 20.24 -7.52 37.69
N GLU E 63 20.53 -8.43 36.76
CA GLU E 63 21.13 -9.71 37.12
C GLU E 63 22.39 -9.91 36.30
N GLU E 64 23.51 -10.16 36.96
CA GLU E 64 24.77 -10.28 36.24
C GLU E 64 24.79 -11.55 35.41
N VAL E 65 25.15 -11.41 34.13
CA VAL E 65 25.32 -12.54 33.23
C VAL E 65 26.80 -12.66 32.88
N LYS E 66 27.16 -13.81 32.33
CA LYS E 66 28.56 -14.11 32.06
C LYS E 66 28.78 -14.47 30.58
N ASP F 1 -8.02 -42.35 -17.00
CA ASP F 1 -6.75 -42.45 -16.29
C ASP F 1 -6.85 -41.84 -14.90
N ILE F 2 -5.72 -41.36 -14.39
CA ILE F 2 -5.70 -40.66 -13.11
C ILE F 2 -6.66 -39.47 -13.18
N ALA F 3 -7.67 -39.51 -12.30
CA ALA F 3 -8.73 -38.47 -12.16
C ALA F 3 -9.54 -38.32 -13.45
N GLY F 4 -9.54 -39.35 -14.31
CA GLY F 4 -10.30 -39.32 -15.55
C GLY F 4 -9.63 -38.65 -16.72
N LEU F 5 -8.42 -38.11 -16.50
CA LEU F 5 -7.67 -37.41 -17.58
C LEU F 5 -7.01 -38.41 -18.53
N THR F 6 -7.30 -38.29 -19.84
CA THR F 6 -6.68 -39.11 -20.91
C THR F 6 -5.52 -38.28 -21.46
N PRO F 7 -4.27 -38.89 -22.02
CA PRO F 7 -2.98 -38.39 -22.55
C PRO F 7 -3.17 -37.34 -23.65
N CYS F 8 -2.26 -36.36 -23.73
CA CYS F 8 -2.43 -35.30 -24.75
C CYS F 8 -2.16 -35.82 -26.17
N LYS F 9 -1.38 -36.90 -26.33
CA LYS F 9 -1.21 -37.53 -27.67
C LYS F 9 -2.55 -38.11 -28.13
N ASP F 10 -3.30 -38.73 -27.21
CA ASP F 10 -4.60 -39.38 -27.55
C ASP F 10 -5.78 -38.42 -27.39
N SER F 11 -5.53 -37.16 -27.00
CA SER F 11 -6.65 -36.21 -26.78
C SER F 11 -6.99 -35.43 -28.05
N LYS F 12 -8.23 -35.62 -28.56
CA LYS F 12 -8.73 -34.92 -29.77
C LYS F 12 -8.83 -33.41 -29.50
N GLN F 13 -9.27 -33.03 -28.29
CA GLN F 13 -9.44 -31.60 -27.91
C GLN F 13 -8.08 -30.90 -27.96
N PHE F 14 -7.02 -31.60 -27.50
CA PHE F 14 -5.65 -31.03 -27.50
C PHE F 14 -5.25 -30.68 -28.94
N ALA F 15 -5.55 -31.58 -29.88
CA ALA F 15 -5.22 -31.38 -31.31
C ALA F 15 -6.01 -30.18 -31.86
N LYS F 16 -7.33 -30.18 -31.66
CA LYS F 16 -8.20 -29.11 -32.13
C LYS F 16 -7.66 -27.75 -31.73
N ARG F 17 -7.28 -27.60 -30.46
CA ARG F 17 -6.70 -26.34 -30.00
C ARG F 17 -5.45 -25.99 -30.80
N GLU F 18 -4.58 -26.98 -31.01
CA GLU F 18 -3.35 -26.73 -31.76
C GLU F 18 -3.65 -26.17 -33.15
N LYS F 19 -4.50 -26.87 -33.91
CA LYS F 19 -4.71 -26.46 -35.29
C LYS F 19 -5.51 -25.16 -35.39
N GLN F 20 -6.43 -24.94 -34.44
CA GLN F 20 -7.15 -23.68 -34.40
C GLN F 20 -6.21 -22.50 -34.21
N SER F 21 -5.32 -22.59 -33.22
CA SER F 21 -4.39 -21.50 -32.98
C SER F 21 -3.44 -21.32 -34.16
N ILE F 22 -2.97 -22.43 -34.73
CA ILE F 22 -2.02 -22.33 -35.84
C ILE F 22 -2.64 -21.60 -37.02
N LYS F 23 -3.85 -21.99 -37.42
CA LYS F 23 -4.38 -21.34 -38.60
C LYS F 23 -5.01 -19.99 -38.32
N LYS F 24 -5.32 -19.66 -37.05
CA LYS F 24 -5.58 -18.25 -36.74
C LYS F 24 -4.34 -17.41 -37.00
N LEU F 25 -3.19 -17.89 -36.54
CA LEU F 25 -1.93 -17.22 -36.85
C LEU F 25 -1.75 -17.06 -38.35
N GLU F 26 -1.96 -18.15 -39.09
CA GLU F 26 -1.72 -18.10 -40.54
C GLU F 26 -2.78 -17.31 -41.29
N SER F 27 -3.95 -17.07 -40.69
CA SER F 27 -4.88 -16.14 -41.30
C SER F 27 -4.42 -14.71 -41.06
N SER F 28 -3.90 -14.43 -39.87
CA SER F 28 -3.28 -13.13 -39.65
C SER F 28 -2.05 -12.92 -40.54
N LEU F 29 -1.44 -14.01 -41.03
CA LEU F 29 -0.20 -13.90 -41.79
C LEU F 29 -0.42 -13.43 -43.22
N LYS F 30 -1.51 -13.81 -43.87
CA LYS F 30 -1.57 -13.72 -45.32
C LYS F 30 -1.66 -12.27 -45.77
N LEU F 31 -0.62 -11.50 -45.47
CA LEU F 31 -0.57 -10.06 -45.71
C LEU F 31 0.89 -9.62 -45.68
N TYR F 32 1.11 -8.35 -45.96
CA TYR F 32 2.34 -7.58 -45.86
C TYR F 32 3.40 -7.95 -46.90
N ALA F 33 3.42 -9.22 -47.31
CA ALA F 33 4.21 -9.81 -48.40
C ALA F 33 4.14 -11.31 -48.18
N PRO F 34 4.72 -12.13 -49.06
CA PRO F 34 5.12 -13.48 -48.65
C PRO F 34 6.55 -13.62 -48.13
N ASP F 35 7.33 -12.53 -48.03
CA ASP F 35 8.68 -12.61 -47.48
C ASP F 35 9.06 -11.46 -46.55
N SER F 36 8.24 -10.44 -46.38
CA SER F 36 8.63 -9.30 -45.56
C SER F 36 8.89 -9.72 -44.11
N ALA F 37 9.55 -8.84 -43.38
CA ALA F 37 9.91 -9.14 -41.99
C ALA F 37 8.70 -9.49 -41.12
N PRO F 38 7.55 -8.82 -41.23
CA PRO F 38 6.38 -9.31 -40.48
C PRO F 38 6.03 -10.74 -40.78
N ALA F 39 6.07 -11.14 -42.06
CA ALA F 39 5.77 -12.52 -42.41
C ALA F 39 6.76 -13.48 -41.78
N LEU F 40 8.04 -13.10 -41.73
CA LEU F 40 9.04 -13.95 -41.10
C LEU F 40 8.78 -14.10 -39.60
N ALA F 41 8.40 -13.01 -38.94
CA ALA F 41 8.06 -13.10 -37.53
C ALA F 41 6.89 -14.04 -37.29
N ILE F 42 5.85 -13.90 -38.12
CA ILE F 42 4.65 -14.72 -37.93
C ILE F 42 4.96 -16.19 -38.17
N ASN F 43 5.82 -16.48 -39.15
CA ASN F 43 6.18 -17.88 -39.39
C ASN F 43 7.01 -18.44 -38.26
N ALA F 44 7.91 -17.64 -37.68
CA ALA F 44 8.64 -18.09 -36.51
C ALA F 44 7.69 -18.44 -35.36
N THR F 45 6.67 -17.60 -35.16
CA THR F 45 5.71 -17.87 -34.10
C THR F 45 4.94 -19.16 -34.37
N ILE F 46 4.58 -19.40 -35.63
CA ILE F 46 3.90 -20.65 -35.99
C ILE F 46 4.77 -21.86 -35.63
N GLU F 47 6.05 -21.80 -36.00
CA GLU F 47 6.94 -22.93 -35.72
C GLU F 47 7.12 -23.14 -34.23
N LYS F 48 7.19 -22.05 -33.47
CA LYS F 48 7.29 -22.15 -32.02
C LYS F 48 6.05 -22.81 -31.42
N THR F 49 4.88 -22.49 -31.99
CA THR F 49 3.65 -23.12 -31.52
C THR F 49 3.68 -24.62 -31.74
N LYS F 50 4.08 -25.03 -32.94
CA LYS F 50 4.19 -26.46 -33.23
C LYS F 50 5.14 -27.15 -32.26
N ARG F 51 6.29 -26.54 -32.00
CA ARG F 51 7.24 -27.12 -31.07
C ARG F 51 6.65 -27.27 -29.67
N ARG F 52 5.93 -26.25 -29.21
CA ARG F 52 5.34 -26.30 -27.87
C ARG F 52 4.34 -27.45 -27.75
N PHE F 53 3.42 -27.54 -28.70
CA PHE F 53 2.40 -28.58 -28.62
C PHE F 53 3.03 -29.97 -28.71
N ASP F 54 4.04 -30.13 -29.57
CA ASP F 54 4.66 -31.45 -29.69
C ASP F 54 5.45 -31.81 -28.45
N ASN F 55 6.10 -30.83 -27.81
CA ASN F 55 6.84 -31.13 -26.59
C ASN F 55 5.89 -31.57 -25.47
N TYR F 56 4.77 -30.87 -25.33
CA TYR F 56 3.78 -31.33 -24.35
C TYR F 56 3.26 -32.71 -24.69
N GLY F 57 3.22 -33.05 -25.98
CA GLY F 57 2.86 -34.41 -26.35
C GLY F 57 3.90 -35.43 -25.91
N LYS F 58 5.17 -35.11 -26.12
CA LYS F 58 6.25 -36.04 -25.75
C LYS F 58 6.28 -36.28 -24.25
N GLN F 59 6.10 -35.24 -23.46
CA GLN F 59 6.36 -35.34 -22.03
C GLN F 59 5.27 -36.07 -21.26
N GLY F 60 4.24 -36.58 -21.94
CA GLY F 60 3.29 -37.47 -21.28
C GLY F 60 2.37 -36.79 -20.30
N LEU F 61 2.04 -35.52 -20.55
CA LEU F 61 1.14 -34.74 -19.67
C LEU F 61 -0.32 -35.22 -19.79
N LEU F 62 -1.15 -34.88 -18.80
CA LEU F 62 -2.58 -35.31 -18.78
C LEU F 62 -3.48 -34.15 -19.20
N CYS F 63 -4.43 -34.42 -20.10
CA CYS F 63 -5.38 -33.41 -20.63
C CYS F 63 -6.81 -33.75 -20.16
N GLY F 64 -7.70 -32.76 -20.07
CA GLY F 64 -9.09 -32.98 -19.61
C GLY F 64 -10.09 -32.70 -20.72
N ALA F 65 -11.37 -32.44 -20.38
CA ALA F 65 -12.31 -32.15 -21.45
C ALA F 65 -12.07 -30.78 -22.07
N ASP F 66 -11.47 -29.86 -21.32
CA ASP F 66 -11.10 -28.56 -21.86
C ASP F 66 -10.13 -28.70 -23.02
N GLY F 67 -9.23 -29.69 -22.94
CA GLY F 67 -8.21 -29.92 -23.97
C GLY F 67 -6.87 -29.33 -23.54
N LEU F 68 -6.82 -28.73 -22.35
CA LEU F 68 -5.58 -28.10 -21.82
C LEU F 68 -4.86 -29.08 -20.88
N PRO F 69 -3.54 -28.92 -20.63
CA PRO F 69 -2.78 -29.82 -19.77
C PRO F 69 -3.06 -29.61 -18.26
N HIS F 70 -3.11 -30.70 -17.50
CA HIS F 70 -3.39 -30.64 -16.04
C HIS F 70 -2.15 -31.10 -15.26
N LEU F 71 -2.09 -30.82 -13.96
CA LEU F 71 -0.91 -31.19 -13.14
C LEU F 71 -1.30 -32.10 -11.96
N ILE F 72 -0.55 -33.19 -11.80
CA ILE F 72 -0.68 -34.21 -10.71
C ILE F 72 0.51 -34.01 -9.76
N VAL F 73 0.22 -33.60 -8.52
CA VAL F 73 1.18 -33.31 -7.48
C VAL F 73 1.05 -34.26 -6.29
N SER F 74 0.41 -35.42 -6.49
CA SER F 74 0.10 -36.29 -5.37
C SER F 74 1.32 -37.03 -4.83
N GLY F 75 2.35 -37.22 -5.66
CA GLY F 75 3.47 -38.06 -5.33
C GLY F 75 3.65 -39.22 -6.28
N ASP F 76 2.66 -39.54 -7.10
CA ASP F 76 2.80 -40.54 -8.14
C ASP F 76 4.10 -40.33 -8.90
N GLN F 77 4.73 -41.44 -9.29
CA GLN F 77 6.07 -41.39 -9.85
C GLN F 77 6.10 -41.08 -11.33
N ARG F 78 5.00 -41.28 -12.04
CA ARG F 78 4.98 -40.91 -13.46
C ARG F 78 4.94 -39.41 -13.67
N HIS F 79 4.90 -38.60 -12.60
CA HIS F 79 4.67 -37.17 -12.76
C HIS F 79 5.60 -36.32 -11.91
N TRP F 80 6.74 -36.85 -11.46
CA TRP F 80 7.65 -36.04 -10.64
C TRP F 80 8.18 -34.83 -11.40
N GLY F 81 8.30 -34.94 -12.72
CA GLY F 81 8.72 -33.79 -13.50
C GLY F 81 7.76 -32.62 -13.39
N GLU F 82 6.54 -32.87 -12.95
CA GLU F 82 5.56 -31.80 -12.83
C GLU F 82 5.81 -30.96 -11.58
N PHE F 83 5.99 -31.59 -10.44
CA PHE F 83 6.13 -30.73 -9.26
C PHE F 83 7.34 -31.05 -8.40
N ILE F 84 7.68 -32.32 -8.21
CA ILE F 84 8.56 -32.69 -7.11
C ILE F 84 10.02 -32.41 -7.43
N THR F 85 10.46 -32.67 -8.66
CA THR F 85 11.86 -32.37 -8.95
C THR F 85 12.10 -30.87 -9.14
N PRO F 86 11.20 -30.11 -9.79
CA PRO F 86 11.36 -28.65 -9.73
C PRO F 86 11.18 -28.11 -8.32
N GLY F 87 10.41 -28.80 -7.48
CA GLY F 87 10.32 -28.41 -6.09
C GLY F 87 11.62 -28.60 -5.34
N ILE F 88 12.31 -29.72 -5.59
CA ILE F 88 13.61 -29.93 -4.97
C ILE F 88 14.59 -28.87 -5.45
N LEU F 89 14.58 -28.57 -6.75
CA LEU F 89 15.41 -27.50 -7.27
C LEU F 89 15.13 -26.19 -6.55
N PHE F 90 13.84 -25.86 -6.37
CA PHE F 90 13.52 -24.60 -5.74
C PHE F 90 13.99 -24.55 -4.30
N LEU F 91 13.75 -25.63 -3.54
CA LEU F 91 14.15 -25.63 -2.14
C LEU F 91 15.65 -25.49 -2.01
N TYR F 92 16.41 -26.13 -2.90
CA TYR F 92 17.86 -25.98 -2.89
C TYR F 92 18.27 -24.53 -3.15
N ILE F 93 17.75 -23.92 -4.22
CA ILE F 93 18.17 -22.55 -4.54
C ILE F 93 17.76 -21.58 -3.44
N ALA F 94 16.54 -21.76 -2.91
CA ALA F 94 16.05 -20.85 -1.88
C ALA F 94 16.90 -20.94 -0.62
N GLY F 95 17.20 -22.17 -0.19
CA GLY F 95 18.09 -22.32 0.94
C GLY F 95 19.45 -21.70 0.67
N TRP F 96 19.93 -21.79 -0.57
CA TRP F 96 21.19 -21.16 -0.93
C TRP F 96 21.15 -19.66 -0.65
N ILE F 97 20.16 -18.98 -1.21
CA ILE F 97 20.01 -17.53 -0.99
C ILE F 97 19.96 -17.22 0.50
N GLY F 98 19.06 -17.89 1.23
CA GLY F 98 18.87 -17.55 2.62
C GLY F 98 20.08 -17.86 3.48
N TRP F 99 20.79 -18.95 3.17
CA TRP F 99 21.96 -19.32 3.92
C TRP F 99 23.07 -18.30 3.73
N VAL F 100 23.33 -17.91 2.48
CA VAL F 100 24.32 -16.87 2.22
C VAL F 100 23.95 -15.60 2.98
N GLY F 101 22.67 -15.23 2.95
CA GLY F 101 22.26 -14.00 3.63
C GLY F 101 22.48 -14.06 5.14
N ARG F 102 22.14 -15.19 5.75
CA ARG F 102 22.33 -15.31 7.19
C ARG F 102 23.81 -15.33 7.56
N SER F 103 24.65 -15.95 6.74
CA SER F 103 26.07 -15.94 7.06
C SER F 103 26.69 -14.55 6.89
N TYR F 104 26.24 -13.78 5.90
CA TYR F 104 26.68 -12.38 5.80
C TYR F 104 26.26 -11.58 7.04
N LEU F 105 24.98 -11.69 7.40
CA LEU F 105 24.49 -11.00 8.60
C LEU F 105 25.34 -11.34 9.81
N ILE F 106 25.65 -12.62 9.99
CA ILE F 106 26.44 -13.03 11.15
C ILE F 106 27.86 -12.50 11.04
N ALA F 107 28.42 -12.47 9.84
CA ALA F 107 29.80 -12.03 9.67
C ALA F 107 29.99 -10.56 10.04
N ILE F 108 28.97 -9.72 9.81
CA ILE F 108 29.13 -8.29 10.08
C ILE F 108 28.59 -7.86 11.43
N ARG F 109 27.99 -8.77 12.20
CA ARG F 109 27.26 -8.37 13.40
C ARG F 109 28.16 -7.84 14.51
N ASP F 110 29.47 -8.09 14.40
CA ASP F 110 30.44 -7.68 15.45
C ASP F 110 31.15 -6.36 15.09
N ASP F 111 30.74 -5.71 13.99
CA ASP F 111 31.36 -4.43 13.57
C ASP F 111 30.92 -3.30 14.52
N LYS F 112 31.74 -2.25 14.65
CA LYS F 112 31.42 -1.11 15.54
C LYS F 112 30.15 -0.41 15.05
N LYS F 113 30.00 -0.27 13.73
CA LYS F 113 28.81 0.39 13.13
C LYS F 113 28.18 -0.61 12.16
N PRO F 114 27.49 -1.65 12.67
CA PRO F 114 26.89 -2.68 11.82
C PRO F 114 25.92 -2.15 10.76
N THR F 115 25.21 -1.06 11.06
CA THR F 115 24.25 -0.55 10.08
C THR F 115 24.96 0.00 8.85
N GLN F 116 26.20 0.46 9.02
CA GLN F 116 26.97 0.97 7.89
C GLN F 116 27.18 -0.10 6.83
N LYS F 117 27.28 -1.37 7.24
CA LYS F 117 27.44 -2.47 6.31
C LYS F 117 26.12 -3.04 5.83
N GLU F 118 25.00 -2.57 6.37
CA GLU F 118 23.68 -2.99 5.89
C GLU F 118 23.21 -2.13 4.73
N ILE F 119 23.40 -0.82 4.81
CA ILE F 119 23.00 0.07 3.72
C ILE F 119 24.10 0.29 2.71
N ILE F 120 25.34 -0.13 2.99
CA ILE F 120 26.44 -0.08 2.03
C ILE F 120 27.14 -1.44 2.08
N ILE F 121 26.91 -2.26 1.06
CA ILE F 121 27.38 -3.65 1.08
C ILE F 121 28.90 -3.70 1.04
N ASP F 122 29.45 -4.70 1.72
CA ASP F 122 30.86 -5.05 1.63
C ASP F 122 30.97 -6.11 0.54
N VAL F 123 31.24 -5.68 -0.69
CA VAL F 123 31.14 -6.58 -1.84
C VAL F 123 32.23 -7.66 -1.83
N PRO F 124 33.49 -7.37 -1.49
CA PRO F 124 34.47 -8.49 -1.41
C PRO F 124 34.10 -9.53 -0.38
N LEU F 125 33.51 -9.13 0.75
CA LEU F 125 33.07 -10.09 1.75
C LEU F 125 31.95 -10.98 1.20
N ALA F 126 30.93 -10.36 0.61
CA ALA F 126 29.86 -11.13 0.01
C ALA F 126 30.37 -12.04 -1.09
N THR F 127 31.39 -11.58 -1.83
CA THR F 127 31.97 -12.40 -2.89
C THR F 127 32.66 -13.63 -2.31
N GLY F 128 33.25 -13.49 -1.13
CA GLY F 128 33.75 -14.68 -0.46
C GLY F 128 32.67 -15.57 0.11
N LEU F 129 31.49 -15.02 0.38
CA LEU F 129 30.45 -15.83 0.99
C LEU F 129 29.48 -16.47 0.01
N VAL F 130 29.41 -15.99 -1.24
CA VAL F 130 28.34 -16.45 -2.13
C VAL F 130 28.39 -17.96 -2.33
N PHE F 131 29.57 -18.54 -2.39
CA PHE F 131 29.69 -19.91 -2.85
C PHE F 131 29.57 -20.94 -1.74
N ARG F 132 29.35 -20.51 -0.50
CA ARG F 132 29.05 -21.47 0.57
C ARG F 132 27.65 -22.04 0.44
N GLY F 133 26.75 -21.30 -0.19
CA GLY F 133 25.42 -21.82 -0.45
C GLY F 133 25.45 -23.09 -1.26
N PHE F 134 26.54 -23.33 -2.01
CA PHE F 134 26.66 -24.54 -2.79
C PHE F 134 26.58 -25.79 -1.93
N SER F 135 27.06 -25.70 -0.69
CA SER F 135 26.98 -26.83 0.25
C SER F 135 26.16 -26.50 1.48
N TRP F 136 25.38 -25.42 1.44
CA TRP F 136 24.44 -25.08 2.52
C TRP F 136 23.69 -26.25 3.14
N PRO F 137 23.26 -27.30 2.41
CA PRO F 137 22.59 -28.41 3.12
C PRO F 137 23.46 -29.11 4.15
N ILE F 138 24.67 -29.52 3.77
CA ILE F 138 25.55 -30.23 4.71
C ILE F 138 25.92 -29.32 5.87
N ALA F 139 26.27 -28.07 5.57
CA ALA F 139 26.65 -27.12 6.61
C ALA F 139 25.49 -26.90 7.58
N ALA F 140 24.28 -26.69 7.05
CA ALA F 140 23.13 -26.48 7.92
C ALA F 140 22.83 -27.70 8.75
N TYR F 141 23.08 -28.89 8.22
CA TYR F 141 22.87 -30.11 8.98
C TYR F 141 23.83 -30.20 10.15
N ARG F 142 25.13 -30.06 9.88
CA ARG F 142 26.12 -30.12 10.96
C ARG F 142 26.01 -28.92 11.90
N GLU F 143 25.32 -27.87 11.48
CA GLU F 143 25.06 -26.72 12.35
C GLU F 143 23.84 -26.96 13.22
N LEU F 144 22.90 -27.77 12.76
CA LEU F 144 21.80 -28.19 13.61
C LEU F 144 22.25 -29.22 14.64
N LEU F 145 23.07 -30.18 14.24
CA LEU F 145 23.56 -31.15 15.22
C LEU F 145 24.46 -30.50 16.26
N ASN F 146 25.20 -29.46 15.86
CA ASN F 146 26.13 -28.75 16.73
C ASN F 146 25.44 -27.98 17.85
N GLY F 147 24.12 -27.84 17.80
CA GLY F 147 23.50 -26.83 18.62
C GLY F 147 23.97 -25.44 18.24
N GLU F 148 24.04 -25.16 16.94
CA GLU F 148 24.63 -23.93 16.45
C GLU F 148 23.74 -23.14 15.52
N LEU F 149 22.59 -23.68 15.10
CA LEU F 149 21.71 -22.96 14.21
C LEU F 149 20.73 -22.07 14.97
N VAL F 150 20.27 -22.52 16.14
CA VAL F 150 19.24 -21.83 16.88
C VAL F 150 19.91 -21.02 18.00
N ALA F 151 19.67 -19.72 18.01
CA ALA F 151 20.19 -18.88 19.07
C ALA F 151 19.66 -19.37 20.41
N LYS F 152 20.58 -19.82 21.27
CA LYS F 152 20.19 -20.30 22.58
C LYS F 152 19.65 -19.16 23.43
N ASP F 153 18.71 -19.49 24.31
CA ASP F 153 18.20 -18.56 25.31
C ASP F 153 17.43 -17.40 24.66
N VAL F 154 16.54 -17.75 23.73
CA VAL F 154 15.66 -16.77 23.11
C VAL F 154 14.20 -17.24 23.22
N LEU G 1 -35.04 -63.31 22.42
CA LEU G 1 -36.32 -63.41 21.73
C LEU G 1 -37.49 -63.17 22.68
N ASN G 2 -37.58 -63.99 23.72
CA ASN G 2 -38.60 -63.78 24.74
C ASN G 2 -38.28 -62.50 25.50
N PRO G 3 -39.04 -61.42 25.30
CA PRO G 3 -38.58 -60.10 25.77
C PRO G 3 -38.34 -60.01 27.25
N SER G 4 -39.31 -60.38 28.09
CA SER G 4 -39.15 -60.17 29.52
C SER G 4 -38.05 -61.05 30.11
N LEU G 5 -37.85 -62.24 29.57
CA LEU G 5 -36.74 -63.08 29.98
C LEU G 5 -35.42 -62.33 29.85
N VAL G 6 -35.10 -61.90 28.63
CA VAL G 6 -33.84 -61.19 28.38
C VAL G 6 -33.79 -59.91 29.20
N ILE G 7 -34.92 -59.20 29.29
CA ILE G 7 -34.95 -57.92 29.99
C ILE G 7 -34.51 -58.10 31.43
N SER G 8 -35.17 -58.99 32.16
CA SER G 8 -34.83 -59.16 33.56
C SER G 8 -33.48 -59.85 33.74
N LEU G 9 -33.06 -60.67 32.78
CA LEU G 9 -31.72 -61.26 32.87
C LEU G 9 -30.65 -60.17 32.82
N SER G 10 -30.75 -59.28 31.83
CA SER G 10 -29.78 -58.20 31.70
C SER G 10 -29.85 -57.25 32.89
N THR G 11 -31.05 -56.96 33.39
CA THR G 11 -31.19 -56.06 34.53
C THR G 11 -30.58 -56.68 35.79
N GLY G 12 -30.92 -57.94 36.07
CA GLY G 12 -30.38 -58.59 37.25
C GLY G 12 -28.87 -58.72 37.20
N LEU G 13 -28.33 -58.99 36.01
CA LEU G 13 -26.87 -59.05 35.91
C LEU G 13 -26.24 -57.70 36.17
N SER G 14 -26.80 -56.63 35.60
CA SER G 14 -26.25 -55.29 35.82
C SER G 14 -26.29 -54.91 37.30
N LEU G 15 -27.42 -55.19 37.96
CA LEU G 15 -27.55 -54.82 39.36
C LEU G 15 -26.65 -55.64 40.26
N PHE G 16 -26.53 -56.94 39.98
CA PHE G 16 -25.59 -57.77 40.73
C PHE G 16 -24.18 -57.23 40.58
N LEU G 17 -23.78 -56.89 39.36
CA LEU G 17 -22.43 -56.36 39.15
C LEU G 17 -22.23 -55.07 39.93
N GLY G 18 -23.23 -54.18 39.90
CA GLY G 18 -23.11 -52.94 40.63
C GLY G 18 -23.00 -53.13 42.13
N ARG G 19 -23.67 -54.14 42.67
CA ARG G 19 -23.68 -54.34 44.11
C ARG G 19 -22.55 -55.24 44.61
N PHE G 20 -21.89 -56.00 43.74
CA PHE G 20 -20.95 -57.00 44.20
C PHE G 20 -19.59 -56.99 43.52
N VAL G 21 -19.38 -56.14 42.52
CA VAL G 21 -18.10 -56.15 41.82
C VAL G 21 -17.49 -54.76 41.80
N PHE G 22 -18.25 -53.77 41.37
CA PHE G 22 -17.73 -52.41 41.23
C PHE G 22 -18.19 -51.48 42.34
N PHE G 23 -18.96 -51.97 43.31
CA PHE G 23 -19.50 -51.08 44.34
C PHE G 23 -18.39 -50.37 45.10
N ASN G 24 -17.27 -51.07 45.34
CA ASN G 24 -16.17 -50.45 46.06
C ASN G 24 -15.44 -49.44 45.19
N PHE G 25 -15.01 -49.86 44.00
CA PHE G 25 -14.31 -48.98 43.08
C PHE G 25 -15.11 -47.72 42.81
N GLN G 26 -16.44 -47.87 42.66
CA GLN G 26 -17.28 -46.73 42.35
C GLN G 26 -17.37 -45.78 43.54
N ARG G 27 -17.58 -46.32 44.74
CA ARG G 27 -17.64 -45.49 45.92
C ARG G 27 -16.33 -44.74 46.12
N GLU G 28 -15.21 -45.39 45.83
CA GLU G 28 -13.92 -44.73 46.01
C GLU G 28 -13.75 -43.60 45.01
N ASN G 29 -14.13 -43.82 43.75
CA ASN G 29 -14.01 -42.76 42.77
C ASN G 29 -14.94 -41.59 43.09
N VAL G 30 -16.14 -41.87 43.59
CA VAL G 30 -17.05 -40.79 43.96
C VAL G 30 -16.50 -40.03 45.15
N ALA G 31 -15.91 -40.74 46.11
CA ALA G 31 -15.30 -40.06 47.24
C ALA G 31 -14.19 -39.13 46.79
N LYS G 32 -13.28 -39.63 45.95
CA LYS G 32 -12.14 -38.82 45.58
C LYS G 32 -12.50 -37.70 44.61
N GLN G 33 -13.58 -37.82 43.85
CA GLN G 33 -13.99 -36.70 43.01
C GLN G 33 -14.73 -35.64 43.80
N GLY G 34 -15.70 -36.04 44.62
CA GLY G 34 -16.36 -35.13 45.53
C GLY G 34 -17.47 -34.30 44.91
N LEU G 35 -17.93 -33.33 45.69
CA LEU G 35 -18.99 -32.39 45.30
C LEU G 35 -18.40 -31.25 44.47
N PRO G 36 -19.13 -30.78 43.46
CA PRO G 36 -18.64 -29.64 42.67
C PRO G 36 -18.55 -28.37 43.50
N GLU G 37 -17.49 -27.60 43.26
CA GLU G 37 -17.16 -26.42 44.02
C GLU G 37 -17.06 -25.21 43.10
N GLN G 38 -17.46 -24.04 43.62
CA GLN G 38 -17.27 -22.78 42.93
C GLN G 38 -16.51 -21.82 43.84
N ASN G 39 -15.31 -21.42 43.41
CA ASN G 39 -14.47 -20.47 44.12
C ASN G 39 -13.92 -21.02 45.44
N GLY G 40 -13.89 -22.33 45.60
CA GLY G 40 -13.30 -22.95 46.77
C GLY G 40 -14.29 -23.66 47.68
N VAL G 41 -15.57 -23.32 47.60
CA VAL G 41 -16.59 -23.96 48.42
C VAL G 41 -17.60 -24.64 47.51
N THR G 42 -18.37 -25.56 48.10
CA THR G 42 -19.43 -26.23 47.36
C THR G 42 -20.53 -25.24 46.99
N HIS G 43 -21.47 -25.71 46.18
CA HIS G 43 -22.49 -24.81 45.64
C HIS G 43 -23.46 -24.33 46.70
N PHE G 44 -23.65 -25.10 47.76
CA PHE G 44 -24.54 -24.68 48.83
C PHE G 44 -23.90 -23.58 49.67
N GLU G 45 -22.64 -23.76 50.02
CA GLU G 45 -21.93 -22.83 50.87
C GLU G 45 -21.60 -21.56 50.18
N ALA G 46 -22.03 -21.35 48.95
CA ALA G 46 -21.94 -20.04 48.31
C ALA G 46 -23.30 -19.36 48.21
N GLY G 47 -24.36 -19.97 48.72
CA GLY G 47 -25.66 -19.34 48.78
C GLY G 47 -26.72 -19.92 47.87
N ASP G 48 -26.49 -21.07 47.24
CA ASP G 48 -27.46 -21.67 46.33
C ASP G 48 -28.40 -22.57 47.13
N THR G 49 -29.66 -22.13 47.25
CA THR G 49 -30.63 -22.85 48.06
C THR G 49 -30.92 -24.23 47.50
N ARG G 50 -31.21 -24.31 46.20
CA ARG G 50 -31.67 -25.53 45.57
C ARG G 50 -30.55 -26.55 45.33
N ALA G 51 -29.34 -26.29 45.77
CA ALA G 51 -28.19 -27.16 45.49
C ALA G 51 -27.64 -27.83 46.74
N LYS G 52 -28.54 -28.35 47.57
CA LYS G 52 -28.17 -29.04 48.80
C LYS G 52 -28.50 -30.52 48.64
N GLU G 53 -27.54 -31.38 48.93
CA GLU G 53 -27.70 -32.81 48.74
C GLU G 53 -28.94 -33.32 49.47
N TYR G 54 -29.50 -34.41 48.95
CA TYR G 54 -30.72 -34.99 49.49
C TYR G 54 -30.34 -36.09 50.47
N VAL G 55 -29.94 -35.65 51.67
CA VAL G 55 -29.48 -36.57 52.71
C VAL G 55 -30.57 -37.56 53.09
N SER G 56 -31.83 -37.18 52.94
CA SER G 56 -32.92 -38.00 53.46
C SER G 56 -33.02 -39.33 52.72
N LEU G 57 -33.18 -39.29 51.40
CA LEU G 57 -33.39 -40.56 50.69
C LEU G 57 -32.10 -41.30 50.39
N LEU G 58 -30.93 -40.66 50.53
CA LEU G 58 -29.69 -41.36 50.21
C LEU G 58 -29.35 -42.41 51.26
N LYS G 59 -29.64 -42.13 52.52
CA LYS G 59 -29.39 -43.12 53.57
C LYS G 59 -30.18 -44.39 53.29
N SER G 60 -29.59 -45.53 53.65
CA SER G 60 -30.14 -46.82 53.27
C SER G 60 -29.84 -47.83 54.35
N ASN G 61 -30.64 -48.89 54.37
CA ASN G 61 -30.49 -49.98 55.32
C ASN G 61 -29.75 -51.17 54.72
N ASP G 62 -29.13 -51.00 53.56
CA ASP G 62 -28.29 -52.04 53.01
C ASP G 62 -27.08 -52.26 53.91
N PRO G 63 -26.53 -53.47 53.94
CA PRO G 63 -25.28 -53.67 54.68
C PRO G 63 -24.11 -52.85 54.16
N VAL G 64 -24.07 -52.56 52.86
CA VAL G 64 -22.95 -51.80 52.29
C VAL G 64 -23.33 -50.38 51.91
N GLY G 65 -24.61 -50.08 51.71
CA GLY G 65 -24.98 -48.71 51.41
C GLY G 65 -25.60 -48.51 50.04
N PHE G 66 -26.07 -49.60 49.43
CA PHE G 66 -26.83 -49.48 48.20
C PHE G 66 -28.16 -48.78 48.47
N ASN G 67 -28.52 -47.83 47.62
CA ASN G 67 -29.74 -47.09 47.85
C ASN G 67 -30.55 -46.96 46.56
N ILE G 68 -31.52 -46.05 46.55
CA ILE G 68 -32.40 -45.90 45.41
C ILE G 68 -31.63 -45.42 44.19
N VAL G 69 -30.62 -44.57 44.40
CA VAL G 69 -29.93 -43.94 43.27
C VAL G 69 -29.06 -44.96 42.55
N ASP G 70 -28.36 -45.82 43.29
CA ASP G 70 -27.58 -46.86 42.65
C ASP G 70 -28.48 -47.82 41.89
N VAL G 71 -29.64 -48.15 42.46
CA VAL G 71 -30.58 -49.04 41.78
C VAL G 71 -31.03 -48.42 40.47
N LEU G 72 -31.41 -47.14 40.50
CA LEU G 72 -31.84 -46.49 39.25
C LEU G 72 -30.75 -46.52 38.19
N ALA G 73 -29.54 -46.08 38.56
CA ALA G 73 -28.45 -46.03 37.59
C ALA G 73 -28.15 -47.40 36.99
N TRP G 74 -27.86 -48.39 37.84
CA TRP G 74 -27.43 -49.69 37.31
C TRP G 74 -28.58 -50.41 36.61
N GLY G 75 -29.79 -50.32 37.16
CA GLY G 75 -30.93 -50.94 36.50
C GLY G 75 -31.15 -50.41 35.11
N SER G 76 -31.04 -49.09 34.92
CA SER G 76 -31.25 -48.62 33.56
C SER G 76 -30.08 -48.96 32.66
N ILE G 77 -28.86 -49.06 33.20
CA ILE G 77 -27.78 -49.64 32.40
C ILE G 77 -28.20 -51.00 31.83
N GLY G 78 -28.73 -51.85 32.71
CA GLY G 78 -29.20 -53.15 32.26
C GLY G 78 -30.32 -53.07 31.22
N HIS G 79 -31.22 -52.09 31.38
CA HIS G 79 -32.31 -51.95 30.43
C HIS G 79 -31.80 -51.55 29.05
N ILE G 80 -30.86 -50.61 29.01
CA ILE G 80 -30.30 -50.17 27.73
C ILE G 80 -29.59 -51.33 27.05
N VAL G 81 -28.88 -52.15 27.83
CA VAL G 81 -28.24 -53.32 27.26
C VAL G 81 -29.28 -54.28 26.67
N ALA G 82 -30.34 -54.54 27.44
CA ALA G 82 -31.38 -55.46 26.99
C ALA G 82 -32.01 -55.00 25.69
N TYR G 83 -32.26 -53.69 25.56
CA TYR G 83 -32.93 -53.22 24.36
C TYR G 83 -32.01 -53.25 23.16
N TYR G 84 -30.72 -52.94 23.34
CA TYR G 84 -29.78 -53.12 22.24
C TYR G 84 -29.79 -54.57 21.76
N ILE G 85 -29.72 -55.52 22.71
CA ILE G 85 -29.71 -56.93 22.33
C ILE G 85 -30.96 -57.29 21.56
N LEU G 86 -32.13 -56.92 22.07
CA LEU G 86 -33.38 -57.22 21.39
C LEU G 86 -33.40 -56.66 19.97
N ALA G 87 -33.13 -55.37 19.84
CA ALA G 87 -33.27 -54.71 18.55
C ALA G 87 -32.34 -55.33 17.51
N THR G 88 -31.05 -55.42 17.83
CA THR G 88 -30.17 -55.95 16.80
C THR G 88 -30.27 -57.47 16.64
N SER G 89 -30.88 -58.18 17.59
CA SER G 89 -31.10 -59.59 17.38
C SER G 89 -32.33 -59.87 16.53
N SER G 90 -33.25 -58.92 16.42
CA SER G 90 -34.39 -59.09 15.54
C SER G 90 -34.34 -58.21 14.29
N ASN G 91 -33.24 -57.50 14.05
CA ASN G 91 -33.23 -56.57 12.93
C ASN G 91 -32.97 -57.20 11.57
N GLY G 92 -32.62 -58.49 11.51
CA GLY G 92 -32.35 -59.12 10.24
C GLY G 92 -31.12 -58.62 9.51
N TYR G 93 -30.32 -57.75 10.12
CA TYR G 93 -29.15 -57.22 9.44
C TYR G 93 -28.07 -58.28 9.29
N ASP G 94 -27.38 -58.25 8.16
CA ASP G 94 -26.27 -59.18 7.97
C ASP G 94 -25.15 -58.53 7.17
N PRO G 95 -23.93 -58.47 7.71
CA PRO G 95 -22.78 -58.08 6.90
C PRO G 95 -22.35 -59.23 6.01
N LYS G 96 -21.24 -59.13 5.30
CA LYS G 96 -20.78 -60.26 4.51
C LYS G 96 -19.28 -60.42 4.66
N PHE G 97 -18.84 -61.67 4.74
CA PHE G 97 -17.41 -61.95 4.78
C PHE G 97 -16.87 -62.11 3.36
N VAL H 1 -10.28 51.39 26.51
CA VAL H 1 -10.54 50.62 27.72
C VAL H 1 -11.98 50.10 27.76
N TYR H 2 -12.14 48.80 27.57
CA TYR H 2 -13.45 48.15 27.52
C TYR H 2 -13.51 46.99 28.50
N PHE H 3 -13.08 47.23 29.74
CA PHE H 3 -13.11 46.24 30.80
C PHE H 3 -13.57 46.92 32.07
N ASP H 4 -14.71 46.51 32.59
CA ASP H 4 -15.30 47.14 33.76
C ASP H 4 -15.95 46.06 34.63
N LEU H 5 -15.27 45.71 35.73
CA LEU H 5 -15.75 44.62 36.58
C LEU H 5 -17.16 44.85 37.08
N GLU H 6 -17.56 46.10 37.28
CA GLU H 6 -18.91 46.40 37.74
C GLU H 6 -19.94 45.94 36.74
N ASP H 7 -19.93 46.51 35.53
CA ASP H 7 -20.83 46.09 34.46
C ASP H 7 -20.12 45.05 33.60
N LEU H 8 -20.55 43.80 33.72
CA LEU H 8 -19.97 42.70 32.97
C LEU H 8 -20.56 42.56 31.57
N GLY H 9 -21.85 42.83 31.40
CA GLY H 9 -22.48 42.61 30.12
C GLY H 9 -21.97 43.53 29.04
N ASN H 10 -21.58 44.75 29.40
CA ASN H 10 -20.98 45.65 28.43
C ASN H 10 -19.57 45.21 28.07
N THR H 11 -18.88 44.52 28.98
CA THR H 11 -17.55 44.05 28.67
C THR H 11 -17.58 42.79 27.81
N THR H 12 -18.57 41.93 28.02
CA THR H 12 -18.73 40.73 27.21
C THR H 12 -19.73 40.90 26.08
N GLY H 13 -20.31 42.09 25.93
CA GLY H 13 -21.08 42.41 24.74
C GLY H 13 -22.48 41.86 24.65
N GLN H 14 -23.30 42.09 25.68
CA GLN H 14 -24.69 41.64 25.68
C GLN H 14 -25.63 42.76 25.27
N TRP H 15 -25.49 43.22 24.04
CA TRP H 15 -26.37 44.24 23.50
C TRP H 15 -27.44 43.60 22.62
N ASP H 16 -28.53 44.33 22.41
CA ASP H 16 -29.50 44.00 21.38
C ASP H 16 -29.26 44.97 20.23
N LEU H 17 -28.76 44.46 19.12
CA LEU H 17 -28.29 45.35 18.07
C LEU H 17 -29.39 45.83 17.15
N TYR H 18 -30.53 45.15 17.13
CA TYR H 18 -31.61 45.51 16.23
C TYR H 18 -32.96 45.66 16.90
N GLY H 19 -33.08 45.34 18.19
CA GLY H 19 -34.31 45.62 18.90
C GLY H 19 -34.67 47.09 18.86
N SER H 20 -35.96 47.36 19.10
CA SER H 20 -36.52 48.69 18.92
C SER H 20 -36.96 49.35 20.22
N ASP H 21 -37.81 48.66 20.99
CA ASP H 21 -38.42 49.19 22.22
C ASP H 21 -39.33 50.38 21.94
N ALA H 22 -39.90 50.44 20.75
CA ALA H 22 -40.88 51.46 20.42
C ALA H 22 -42.29 50.95 20.69
N PRO H 23 -43.25 51.85 20.87
CA PRO H 23 -44.65 51.44 21.08
C PRO H 23 -45.19 50.64 19.91
N SER H 24 -46.34 50.02 20.15
CA SER H 24 -46.97 49.16 19.16
C SER H 24 -47.45 49.97 17.96
N PRO H 25 -47.17 49.53 16.73
CA PRO H 25 -47.69 50.21 15.54
C PRO H 25 -49.00 49.65 15.03
N TYR H 26 -49.51 48.59 15.65
CA TYR H 26 -50.81 48.00 15.30
C TYR H 26 -51.85 48.60 16.23
N ASN H 27 -52.59 49.58 15.73
CA ASN H 27 -53.59 50.24 16.57
C ASN H 27 -54.64 49.22 17.02
N SER H 28 -55.05 49.44 18.28
CA SER H 28 -55.79 48.53 19.19
C SER H 28 -57.04 47.89 18.58
N LEU H 29 -57.72 48.54 17.63
CA LEU H 29 -58.89 47.84 17.04
C LEU H 29 -58.39 46.53 16.42
N GLN H 30 -57.29 46.58 15.64
CA GLN H 30 -56.70 45.36 15.04
C GLN H 30 -56.13 44.42 16.12
N SER H 31 -55.37 44.95 17.09
CA SER H 31 -54.76 44.10 18.16
C SER H 31 -55.88 43.49 19.01
N LYS H 32 -56.85 44.32 19.39
CA LYS H 32 -58.04 43.90 20.11
C LYS H 32 -58.58 42.59 19.52
N PHE H 33 -58.83 42.62 18.21
CA PHE H 33 -59.41 41.48 17.50
C PHE H 33 -58.57 40.24 17.70
N PHE H 34 -57.27 40.37 17.42
CA PHE H 34 -56.40 39.19 17.43
C PHE H 34 -56.26 38.61 18.83
N GLU H 35 -55.84 39.42 19.81
CA GLU H 35 -55.66 38.86 21.14
C GLU H 35 -56.98 38.48 21.80
N THR H 36 -58.13 38.84 21.22
CA THR H 36 -59.36 38.20 21.67
C THR H 36 -59.52 36.82 21.06
N PHE H 37 -59.44 36.72 19.73
CA PHE H 37 -59.81 35.47 19.07
C PHE H 37 -58.71 34.42 19.08
N ALA H 38 -57.45 34.82 19.24
CA ALA H 38 -56.33 33.89 19.10
C ALA H 38 -55.79 33.41 20.44
N ALA H 39 -56.58 33.52 21.51
CA ALA H 39 -56.12 33.16 22.85
C ALA H 39 -56.14 31.65 23.13
N PRO H 40 -57.22 30.92 22.84
CA PRO H 40 -57.30 29.53 23.31
C PRO H 40 -56.20 28.61 22.82
N PHE H 41 -55.34 29.05 21.90
CA PHE H 41 -54.21 28.25 21.42
C PHE H 41 -52.90 28.70 22.02
N THR H 42 -52.87 29.08 23.29
CA THR H 42 -51.66 29.66 23.87
C THR H 42 -51.19 28.94 25.13
N LYS H 43 -51.56 27.67 25.30
CA LYS H 43 -51.03 26.85 26.37
C LYS H 43 -50.20 25.73 25.76
N ARG H 44 -49.05 25.43 26.37
CA ARG H 44 -48.10 24.51 25.77
C ARG H 44 -48.68 23.11 25.64
N GLY H 45 -49.02 22.47 26.77
CA GLY H 45 -49.57 21.13 26.70
C GLY H 45 -50.85 21.07 25.89
N LEU H 46 -51.71 22.07 26.04
CA LEU H 46 -52.93 22.16 25.26
C LEU H 46 -52.63 22.16 23.77
N LEU H 47 -51.82 23.13 23.32
CA LEU H 47 -51.52 23.24 21.91
C LEU H 47 -50.86 21.97 21.38
N LEU H 48 -49.94 21.39 22.14
CA LEU H 48 -49.20 20.24 21.62
C LEU H 48 -50.12 19.04 21.45
N LYS H 49 -50.87 18.68 22.50
CA LYS H 49 -51.73 17.51 22.40
C LYS H 49 -52.80 17.73 21.34
N PHE H 50 -53.36 18.93 21.26
CA PHE H 50 -54.37 19.22 20.25
C PHE H 50 -53.79 19.11 18.85
N LEU H 51 -52.62 19.71 18.61
CA LEU H 51 -52.02 19.68 17.28
C LEU H 51 -51.73 18.26 16.86
N ILE H 52 -51.12 17.46 17.76
CA ILE H 52 -50.79 16.09 17.43
C ILE H 52 -52.05 15.31 17.06
N LEU H 53 -53.06 15.34 17.94
CA LEU H 53 -54.20 14.47 17.70
C LEU H 53 -55.07 14.98 16.55
N GLY H 54 -55.13 16.29 16.33
CA GLY H 54 -55.86 16.80 15.18
C GLY H 54 -55.19 16.50 13.86
N GLY H 55 -53.86 16.64 13.81
CA GLY H 55 -53.14 16.26 12.60
C GLY H 55 -53.28 14.78 12.30
N GLY H 56 -53.18 13.94 13.33
CA GLY H 56 -53.43 12.52 13.13
C GLY H 56 -54.84 12.24 12.67
N SER H 57 -55.81 13.00 13.20
CA SER H 57 -57.20 12.81 12.79
C SER H 57 -57.36 13.11 11.32
N THR H 58 -56.85 14.25 10.88
CA THR H 58 -56.97 14.62 9.48
C THR H 58 -56.23 13.65 8.58
N LEU H 59 -55.11 13.10 9.04
CA LEU H 59 -54.35 12.19 8.19
C LEU H 59 -55.05 10.84 8.04
N ALA H 60 -55.46 10.24 9.16
CA ALA H 60 -56.23 9.01 9.07
C ALA H 60 -57.49 9.21 8.23
N TYR H 61 -58.16 10.36 8.41
CA TYR H 61 -59.37 10.63 7.63
C TYR H 61 -59.06 10.70 6.14
N PHE H 62 -58.24 11.66 5.74
CA PHE H 62 -57.96 11.86 4.32
C PHE H 62 -57.21 10.69 3.71
N SER H 63 -56.67 9.78 4.53
CA SER H 63 -56.01 8.60 4.00
C SER H 63 -57.02 7.49 3.74
N ALA H 64 -57.99 7.31 4.64
CA ALA H 64 -58.97 6.25 4.47
C ALA H 64 -59.98 6.54 3.37
N THR H 65 -60.16 7.81 2.99
CA THR H 65 -61.21 8.22 2.07
C THR H 65 -60.66 9.12 0.97
N ALA H 66 -59.56 8.71 0.35
CA ALA H 66 -59.02 9.41 -0.81
C ALA H 66 -59.45 8.67 -2.07
N SER H 67 -59.68 9.42 -3.15
CA SER H 67 -60.29 8.87 -4.35
C SER H 67 -59.25 8.44 -5.37
N GLY H 68 -59.71 7.72 -6.39
CA GLY H 68 -58.80 7.07 -7.32
C GLY H 68 -58.06 8.04 -8.19
N ASP H 69 -58.70 9.15 -8.57
CA ASP H 69 -58.01 10.18 -9.35
C ASP H 69 -56.75 10.65 -8.66
N ILE H 70 -56.65 10.44 -7.35
CA ILE H 70 -55.50 10.90 -6.59
C ILE H 70 -54.40 9.85 -6.64
N LEU H 71 -54.69 8.65 -6.11
CA LEU H 71 -53.63 7.70 -5.77
C LEU H 71 -53.69 6.41 -6.60
N PRO H 72 -52.81 6.27 -7.59
CA PRO H 72 -52.76 5.01 -8.37
C PRO H 72 -52.69 3.75 -7.52
N ILE H 73 -52.13 3.82 -6.31
CA ILE H 73 -52.15 2.69 -5.39
C ILE H 73 -53.58 2.28 -5.08
N LYS H 74 -54.54 3.19 -5.24
CA LYS H 74 -55.93 2.87 -4.98
C LYS H 74 -56.65 2.34 -6.20
N LYS H 75 -56.33 2.84 -7.39
CA LYS H 75 -57.05 2.44 -8.59
C LYS H 75 -56.81 0.99 -8.99
N GLY H 76 -55.87 0.31 -8.33
CA GLY H 76 -55.62 -1.08 -8.62
C GLY H 76 -55.02 -1.30 -9.99
N PRO H 77 -54.70 -2.54 -10.31
CA PRO H 77 -54.25 -2.87 -11.66
C PRO H 77 -55.40 -2.87 -12.65
N GLN H 78 -55.07 -2.62 -13.93
CA GLN H 78 -56.07 -2.57 -14.99
C GLN H 78 -55.72 -3.51 -16.14
N LEU H 79 -54.81 -4.45 -15.94
CA LEU H 79 -54.30 -5.27 -17.02
C LEU H 79 -54.22 -6.72 -16.56
N PRO H 80 -54.19 -7.67 -17.51
CA PRO H 80 -53.85 -9.05 -17.16
C PRO H 80 -52.37 -9.20 -16.89
N PRO H 81 -51.98 -10.00 -15.90
CA PRO H 81 -50.57 -10.10 -15.53
C PRO H 81 -49.79 -11.10 -16.36
N GLN H 82 -48.49 -10.84 -16.46
CA GLN H 82 -47.58 -11.69 -17.20
C GLN H 82 -47.23 -12.94 -16.39
N LEU H 83 -46.56 -13.87 -17.07
CA LEU H 83 -45.98 -15.05 -16.44
C LEU H 83 -44.48 -14.86 -16.28
N GLY H 84 -43.94 -15.44 -15.19
CA GLY H 84 -42.54 -15.34 -14.92
C GLY H 84 -41.72 -16.21 -15.85
N PRO H 85 -40.40 -16.13 -15.71
CA PRO H 85 -39.50 -16.92 -16.58
C PRO H 85 -39.88 -18.39 -16.70
N ARG H 86 -40.35 -19.02 -15.64
CA ARG H 86 -41.04 -20.30 -15.77
C ARG H 86 -42.44 -20.23 -15.20
N LEU H 87 -42.59 -19.67 -14.00
CA LEU H 87 -43.80 -19.70 -13.20
C LEU H 87 -44.71 -18.54 -13.58
N GLY H 88 -45.73 -18.29 -12.77
CA GLY H 88 -46.66 -17.20 -13.02
C GLY H 88 -48.10 -17.63 -12.86
N ILE I 1 -61.87 1.88 4.90
CA ILE I 1 -62.17 0.48 5.15
C ILE I 1 -61.02 -0.38 4.63
N ASN I 2 -60.13 0.23 3.85
CA ASN I 2 -58.91 -0.45 3.43
C ASN I 2 -57.93 -0.44 4.60
N LEU I 3 -57.47 -1.64 5.01
CA LEU I 3 -56.73 -1.74 6.26
C LEU I 3 -55.33 -1.12 6.18
N PRO I 4 -54.50 -1.41 5.17
CA PRO I 4 -53.21 -0.71 5.07
C PRO I 4 -53.38 0.78 4.90
N SER I 5 -54.49 1.21 4.32
CA SER I 5 -54.77 2.63 4.12
C SER I 5 -54.72 3.42 5.40
N LEU I 6 -54.79 2.76 6.55
CA LEU I 6 -54.72 3.42 7.84
C LEU I 6 -53.44 3.11 8.59
N PHE I 7 -53.00 1.85 8.57
CA PHE I 7 -51.86 1.45 9.37
C PHE I 7 -50.54 1.92 8.76
N VAL I 8 -50.39 1.81 7.44
CA VAL I 8 -49.15 2.29 6.81
C VAL I 8 -48.93 3.78 7.08
N PRO I 9 -49.92 4.65 6.91
CA PRO I 9 -49.69 6.07 7.25
C PRO I 9 -49.25 6.31 8.68
N LEU I 10 -50.00 5.83 9.67
CA LEU I 10 -49.75 6.24 11.04
C LEU I 10 -48.47 5.60 11.60
N VAL I 11 -48.17 4.36 11.22
CA VAL I 11 -46.87 3.81 11.58
C VAL I 11 -45.75 4.48 10.81
N GLY I 12 -46.03 5.01 9.62
CA GLY I 12 -44.99 5.66 8.85
C GLY I 12 -44.85 7.14 9.12
N LEU I 13 -45.94 7.81 9.48
CA LEU I 13 -45.91 9.26 9.69
C LEU I 13 -46.03 9.66 11.15
N LEU I 14 -47.06 9.21 11.85
CA LEU I 14 -47.33 9.79 13.16
C LEU I 14 -46.59 9.06 14.28
N PHE I 15 -46.42 7.74 14.17
CA PHE I 15 -45.61 7.05 15.17
C PHE I 15 -44.22 7.68 15.30
N PRO I 16 -43.44 7.84 14.22
CA PRO I 16 -42.15 8.51 14.40
C PRO I 16 -42.28 9.96 14.81
N ALA I 17 -43.34 10.65 14.39
CA ALA I 17 -43.53 12.04 14.83
C ALA I 17 -43.62 12.12 16.35
N VAL I 18 -44.57 11.40 16.93
CA VAL I 18 -44.77 11.42 18.37
C VAL I 18 -43.55 10.88 19.09
N ALA I 19 -42.90 9.85 18.53
CA ALA I 19 -41.74 9.26 19.21
C ALA I 19 -40.53 10.19 19.17
N MET I 20 -40.37 10.96 18.10
CA MET I 20 -39.24 11.88 18.02
C MET I 20 -39.44 13.08 18.92
N ALA I 21 -40.64 13.65 18.94
CA ALA I 21 -40.90 14.72 19.91
C ALA I 21 -40.76 14.20 21.33
N SER I 22 -41.25 12.98 21.58
CA SER I 22 -41.12 12.33 22.88
C SER I 22 -39.66 12.26 23.30
N LEU I 23 -38.82 11.63 22.48
CA LEU I 23 -37.44 11.38 22.87
C LEU I 23 -36.63 12.66 22.91
N PHE I 24 -36.97 13.66 22.10
CA PHE I 24 -36.30 14.95 22.19
C PHE I 24 -36.56 15.60 23.54
N LEU I 25 -37.85 15.73 23.91
CA LEU I 25 -38.19 16.31 25.21
C LEU I 25 -37.58 15.51 26.35
N HIS I 26 -37.47 14.19 26.22
CA HIS I 26 -36.89 13.42 27.31
C HIS I 26 -35.38 13.60 27.38
N VAL I 27 -34.70 13.58 26.24
CA VAL I 27 -33.25 13.53 26.24
C VAL I 27 -32.63 14.89 26.55
N GLU I 28 -33.40 15.96 26.41
CA GLU I 28 -32.86 17.32 26.72
C GLU I 28 -33.43 17.84 28.05
N LYS I 29 -33.81 16.92 28.95
CA LYS I 29 -34.45 17.27 30.21
C LYS I 29 -33.48 17.06 31.36
N ARG I 30 -33.22 18.12 32.13
CA ARG I 30 -32.38 18.03 33.31
C ARG I 30 -33.25 17.84 34.54
N LEU I 31 -33.12 16.68 35.17
CA LEU I 31 -33.89 16.41 36.37
C LEU I 31 -33.17 16.95 37.60
N MET J 1 37.75 7.77 -6.70
CA MET J 1 37.66 6.48 -7.39
C MET J 1 37.29 5.41 -6.39
N ARG J 2 37.93 5.47 -5.22
CA ARG J 2 37.50 4.65 -4.09
C ARG J 2 36.11 5.07 -3.62
N ASP J 3 35.85 6.37 -3.57
CA ASP J 3 34.52 6.85 -3.21
C ASP J 3 33.48 6.35 -4.20
N LEU J 4 33.85 6.28 -5.48
CA LEU J 4 32.95 5.71 -6.48
C LEU J 4 32.70 4.24 -6.23
N LYS J 5 33.74 3.48 -5.86
CA LYS J 5 33.55 2.07 -5.57
C LYS J 5 32.62 1.87 -4.39
N THR J 6 32.73 2.74 -3.38
CA THR J 6 31.79 2.68 -2.26
C THR J 6 30.38 3.01 -2.72
N TYR J 7 30.22 4.13 -3.42
CA TYR J 7 28.90 4.56 -3.87
C TYR J 7 28.21 3.48 -4.69
N LEU J 8 28.95 2.79 -5.55
CA LEU J 8 28.37 1.75 -6.37
C LEU J 8 27.85 0.58 -5.55
N SER J 9 28.26 0.46 -4.28
CA SER J 9 27.79 -0.60 -3.40
C SER J 9 26.70 -0.12 -2.44
N VAL J 10 26.19 1.09 -2.63
CA VAL J 10 25.04 1.51 -1.85
C VAL J 10 23.80 0.73 -2.31
N ALA J 11 22.84 0.61 -1.40
CA ALA J 11 21.76 -0.36 -1.57
C ALA J 11 21.01 -0.26 -2.89
N PRO J 12 20.51 0.91 -3.32
CA PRO J 12 19.72 0.92 -4.57
C PRO J 12 20.53 0.52 -5.79
N VAL J 13 21.78 0.98 -5.90
CA VAL J 13 22.58 0.63 -7.07
C VAL J 13 22.91 -0.86 -7.07
N ALA J 14 23.30 -1.39 -5.91
CA ALA J 14 23.62 -2.81 -5.82
C ALA J 14 22.44 -3.67 -6.22
N SER J 15 21.25 -3.35 -5.72
CA SER J 15 20.08 -4.14 -6.07
C SER J 15 19.72 -3.98 -7.55
N THR J 16 19.82 -2.76 -8.08
CA THR J 16 19.58 -2.54 -9.51
C THR J 16 20.45 -3.46 -10.36
N LEU J 17 21.75 -3.48 -10.08
CA LEU J 17 22.65 -4.31 -10.87
C LEU J 17 22.34 -5.79 -10.70
N TRP J 18 22.13 -6.21 -9.44
CA TRP J 18 21.87 -7.62 -9.16
C TRP J 18 20.66 -8.11 -9.95
N PHE J 19 19.58 -7.33 -9.93
CA PHE J 19 18.36 -7.75 -10.60
C PHE J 19 18.44 -7.61 -12.11
N ALA J 20 19.16 -6.61 -12.63
CA ALA J 20 19.33 -6.54 -14.09
C ALA J 20 20.08 -7.77 -14.60
N ALA J 21 21.12 -8.19 -13.90
CA ALA J 21 21.83 -9.40 -14.30
C ALA J 21 20.94 -10.63 -14.19
N LEU J 22 20.20 -10.75 -13.07
CA LEU J 22 19.29 -11.88 -12.92
C LEU J 22 18.25 -11.90 -14.04
N ALA J 23 17.77 -10.73 -14.43
CA ALA J 23 16.75 -10.64 -15.48
C ALA J 23 17.32 -11.10 -16.80
N GLY J 24 18.53 -10.64 -17.15
CA GLY J 24 19.16 -11.13 -18.35
C GLY J 24 19.31 -12.64 -18.36
N LEU J 25 19.68 -13.21 -17.21
CA LEU J 25 19.88 -14.65 -17.12
C LEU J 25 18.57 -15.42 -17.36
N LEU J 26 17.50 -15.01 -16.67
CA LEU J 26 16.23 -15.71 -16.86
C LEU J 26 15.67 -15.50 -18.26
N ILE J 27 15.84 -14.29 -18.80
CA ILE J 27 15.37 -14.01 -20.14
C ILE J 27 16.07 -14.92 -21.15
N GLU J 28 17.38 -15.08 -21.03
CA GLU J 28 18.08 -15.91 -21.99
C GLU J 28 17.73 -17.37 -21.82
N ILE J 29 17.56 -17.81 -20.56
CA ILE J 29 17.13 -19.19 -20.34
C ILE J 29 15.81 -19.46 -21.04
N ASN J 30 14.83 -18.57 -20.85
CA ASN J 30 13.52 -18.75 -21.49
C ASN J 30 13.58 -18.58 -23.00
N ARG J 31 14.54 -17.81 -23.51
CA ARG J 31 14.70 -17.74 -24.96
C ARG J 31 15.29 -19.02 -25.52
N PHE J 32 16.02 -19.79 -24.71
CA PHE J 32 16.55 -21.06 -25.19
C PHE J 32 15.61 -22.24 -24.95
N PHE J 33 14.92 -22.29 -23.81
CA PHE J 33 14.07 -23.41 -23.45
C PHE J 33 12.64 -22.91 -23.23
N PRO J 34 11.94 -22.55 -24.30
CA PRO J 34 10.66 -21.87 -24.15
C PRO J 34 9.52 -22.81 -23.80
N ASP J 35 8.53 -22.26 -23.12
CA ASP J 35 7.27 -22.96 -22.83
C ASP J 35 7.49 -24.23 -22.03
N ALA J 36 8.17 -24.11 -20.89
CA ALA J 36 8.44 -25.26 -20.04
C ALA J 36 7.36 -25.39 -18.98
N LEU J 37 6.69 -26.53 -18.94
CA LEU J 37 5.76 -26.87 -17.87
C LEU J 37 6.28 -27.95 -16.95
N THR J 38 7.27 -28.74 -17.37
CA THR J 38 7.80 -29.84 -16.58
C THR J 38 9.32 -29.85 -16.68
N PHE J 39 9.94 -30.75 -15.92
CA PHE J 39 11.35 -31.04 -15.96
C PHE J 39 11.56 -32.26 -16.85
N PRO J 40 11.88 -32.10 -18.12
CA PRO J 40 11.76 -33.21 -19.07
C PRO J 40 12.99 -34.10 -19.15
N PHE J 41 13.89 -33.98 -18.18
CA PHE J 41 15.21 -34.61 -18.31
C PHE J 41 15.30 -35.94 -17.56
N PHE J 42 15.05 -35.93 -16.26
CA PHE J 42 15.20 -37.15 -15.47
C PHE J 42 14.53 -37.05 -14.11
N PHE K 1 8.77 55.55 -52.75
CA PHE K 1 7.88 55.62 -51.56
C PHE K 1 7.79 57.07 -51.07
N ILE K 2 8.95 57.72 -50.89
CA ILE K 2 9.00 59.13 -50.41
C ILE K 2 8.29 60.02 -51.43
N GLY K 3 7.45 60.96 -50.97
CA GLY K 3 6.73 61.86 -51.89
C GLY K 3 5.70 62.73 -51.19
N SER K 4 4.56 62.14 -50.80
CA SER K 4 3.46 62.91 -50.15
C SER K 4 2.44 61.98 -49.48
N PRO K 5 2.47 60.55 -49.73
CA PRO K 5 1.64 59.14 -49.25
C PRO K 5 1.80 58.91 -47.74
N THR K 6 2.31 57.73 -47.37
CA THR K 6 2.54 57.37 -45.95
C THR K 6 3.61 58.30 -45.35
N ASN K 7 4.64 58.62 -46.16
CA ASN K 7 5.80 59.48 -45.77
C ASN K 7 5.35 60.67 -44.91
N LEU K 8 4.49 61.54 -45.44
CA LEU K 8 3.99 62.70 -44.70
C LEU K 8 3.48 62.27 -43.33
N ILE K 9 2.56 61.30 -43.31
CA ILE K 9 1.90 60.93 -42.06
C ILE K 9 2.93 60.45 -41.03
N MET K 10 3.72 59.44 -41.40
CA MET K 10 4.63 58.82 -40.44
C MET K 10 5.70 59.81 -39.98
N VAL K 11 6.22 60.63 -40.92
CA VAL K 11 7.26 61.58 -40.56
C VAL K 11 6.72 62.60 -39.56
N THR K 12 5.55 63.17 -39.83
CA THR K 12 5.05 64.16 -38.88
C THR K 12 4.70 63.52 -37.54
N SER K 13 4.28 62.27 -37.55
CA SER K 13 3.94 61.60 -36.29
C SER K 13 5.17 61.38 -35.42
N THR K 14 6.18 60.70 -35.97
CA THR K 14 7.40 60.48 -35.20
C THR K 14 8.09 61.80 -34.86
N SER K 15 7.97 62.81 -35.72
CA SER K 15 8.61 64.08 -35.45
C SER K 15 7.95 64.80 -34.27
N LEU K 16 6.62 64.78 -34.22
CA LEU K 16 5.96 65.43 -33.10
C LEU K 16 6.19 64.67 -31.80
N MET K 17 6.28 63.34 -31.85
CA MET K 17 6.55 62.62 -30.61
C MET K 17 7.97 62.86 -30.12
N LEU K 18 8.94 62.99 -31.04
CA LEU K 18 10.29 63.35 -30.61
C LEU K 18 10.32 64.76 -30.03
N PHE K 19 9.62 65.70 -30.69
CA PHE K 19 9.56 67.07 -30.18
C PHE K 19 8.95 67.10 -28.79
N ALA K 20 7.93 66.30 -28.54
CA ALA K 20 7.35 66.19 -27.21
C ALA K 20 8.39 65.66 -26.22
N GLY K 21 8.93 64.47 -26.51
CA GLY K 21 9.84 63.82 -25.56
C GLY K 21 11.04 64.67 -25.20
N ARG K 22 11.60 65.39 -26.17
CA ARG K 22 12.76 66.23 -25.88
C ARG K 22 12.44 67.26 -24.81
N PHE K 23 11.42 68.08 -25.07
CA PHE K 23 10.95 69.05 -24.09
C PHE K 23 10.08 68.31 -23.07
N GLY K 24 9.31 69.05 -22.28
CA GLY K 24 8.46 68.42 -21.28
C GLY K 24 7.27 67.79 -21.96
N LEU K 25 6.08 67.96 -21.38
CA LEU K 25 4.85 67.55 -22.03
C LEU K 25 4.77 66.04 -22.24
N ALA K 26 5.77 65.28 -21.76
CA ALA K 26 5.78 63.85 -22.02
C ALA K 26 6.72 63.15 -21.08
N PRO K 27 6.37 61.96 -20.56
CA PRO K 27 7.32 61.20 -19.75
C PRO K 27 8.57 60.87 -20.54
N SER K 28 9.69 60.73 -19.83
CA SER K 28 10.97 60.64 -20.49
C SER K 28 11.99 60.03 -19.52
N ALA K 29 13.25 59.99 -19.93
CA ALA K 29 14.27 59.35 -19.12
C ALA K 29 14.60 60.14 -17.88
N ASN K 30 14.55 61.47 -17.96
CA ASN K 30 14.78 62.33 -16.81
C ASN K 30 13.48 62.86 -16.20
N ARG K 31 12.33 62.43 -16.71
CA ARG K 31 11.04 62.88 -16.21
C ARG K 31 10.22 61.67 -15.82
N LYS K 32 9.78 61.63 -14.57
CA LYS K 32 8.94 60.54 -14.07
C LYS K 32 7.54 61.11 -13.89
N ALA K 33 6.59 60.63 -14.69
CA ALA K 33 5.22 61.08 -14.55
C ALA K 33 4.59 60.44 -13.35
N THR K 34 3.88 61.24 -12.55
CA THR K 34 3.29 60.73 -11.31
C THR K 34 2.07 59.86 -11.60
N ALA K 35 1.00 60.47 -12.13
CA ALA K 35 -0.21 59.72 -12.48
C ALA K 35 -0.86 60.27 -13.73
N GLY K 36 -0.06 60.75 -14.69
CA GLY K 36 -0.61 61.32 -15.90
C GLY K 36 -0.99 62.79 -15.79
N LEU K 37 -0.65 63.43 -14.67
CA LEU K 37 -0.97 64.84 -14.48
C LEU K 37 0.27 65.73 -14.61
N LYS K 38 1.37 65.39 -13.92
CA LYS K 38 2.56 66.22 -13.94
C LYS K 38 3.79 65.32 -13.81
N LEU K 39 4.95 65.96 -13.97
CA LEU K 39 6.24 65.29 -14.14
C LEU K 39 7.20 65.71 -13.05
N GLU K 40 8.01 64.78 -12.56
CA GLU K 40 9.08 65.10 -11.64
C GLU K 40 10.40 65.12 -12.41
N ALA K 41 11.50 65.27 -11.68
CA ALA K 41 12.84 65.29 -12.25
C ALA K 41 13.66 64.16 -11.66
N ARG K 42 14.57 63.63 -12.46
CA ARG K 42 15.39 62.50 -12.04
C ARG K 42 16.62 62.42 -12.94
N ASP K 43 17.79 62.28 -12.33
CA ASP K 43 19.03 62.07 -13.09
C ASP K 43 19.27 60.58 -13.20
N SER K 44 19.06 60.03 -14.40
CA SER K 44 19.13 58.59 -14.59
C SER K 44 20.55 58.04 -14.45
N GLY K 45 21.56 58.91 -14.34
CA GLY K 45 22.92 58.50 -14.34
C GLY K 45 23.53 58.34 -15.72
N LEU K 46 22.73 57.94 -16.70
CA LEU K 46 23.20 57.86 -18.08
C LEU K 46 23.51 59.26 -18.58
N GLN K 47 24.76 59.47 -18.98
CA GLN K 47 25.21 60.77 -19.44
C GLN K 47 24.77 61.03 -20.86
N THR K 48 24.29 62.25 -21.13
CA THR K 48 23.99 62.71 -22.47
C THR K 48 24.75 64.01 -22.72
N GLY K 49 24.51 64.60 -23.88
CA GLY K 49 25.16 65.84 -24.23
C GLY K 49 24.18 66.93 -24.62
N ASP K 50 22.97 66.54 -24.94
CA ASP K 50 21.94 67.50 -25.30
C ASP K 50 21.64 68.41 -24.11
N PRO K 51 21.46 69.71 -24.34
CA PRO K 51 21.26 70.63 -23.20
C PRO K 51 20.00 70.35 -22.39
N ALA K 52 19.01 69.67 -22.95
CA ALA K 52 17.77 69.41 -22.24
C ALA K 52 17.75 68.05 -21.55
N GLY K 53 18.89 67.38 -21.44
CA GLY K 53 18.91 66.06 -20.83
C GLY K 53 18.18 65.04 -21.65
N PHE K 54 18.44 65.01 -22.95
CA PHE K 54 17.80 64.09 -23.89
C PHE K 54 18.75 62.93 -24.14
N THR K 55 18.41 61.77 -23.57
CA THR K 55 19.27 60.60 -23.68
C THR K 55 19.02 59.88 -25.00
N LEU K 56 19.91 58.93 -25.31
CA LEU K 56 19.65 58.05 -26.43
C LEU K 56 18.52 57.08 -26.11
N ALA K 57 18.42 56.63 -24.86
CA ALA K 57 17.32 55.79 -24.46
C ALA K 57 15.99 56.49 -24.66
N ASP K 58 15.92 57.76 -24.27
CA ASP K 58 14.73 58.57 -24.49
C ASP K 58 14.39 58.66 -25.96
N THR K 59 15.39 58.91 -26.80
CA THR K 59 15.15 59.05 -28.23
C THR K 59 14.61 57.77 -28.81
N LEU K 60 15.24 56.63 -28.48
CA LEU K 60 14.74 55.34 -28.94
C LEU K 60 13.30 55.12 -28.53
N ALA K 61 12.98 55.39 -27.26
CA ALA K 61 11.64 55.14 -26.76
C ALA K 61 10.60 55.98 -27.52
N CYS K 62 10.83 57.29 -27.62
CA CYS K 62 9.85 58.14 -28.29
C CYS K 62 9.80 57.86 -29.79
N GLY K 63 10.90 57.41 -30.38
CA GLY K 63 10.85 57.00 -31.78
C GLY K 63 9.96 55.79 -32.00
N VAL K 64 10.12 54.77 -31.14
CA VAL K 64 9.24 53.61 -31.23
C VAL K 64 7.78 54.04 -31.05
N VAL K 65 7.52 54.95 -30.11
CA VAL K 65 6.14 55.36 -29.88
C VAL K 65 5.59 56.10 -31.09
N GLY K 66 6.38 56.98 -31.68
CA GLY K 66 5.97 57.64 -32.91
C GLY K 66 5.64 56.66 -34.01
N HIS K 67 6.45 55.61 -34.15
CA HIS K 67 6.18 54.63 -35.20
C HIS K 67 4.92 53.84 -34.92
N ILE K 68 4.71 53.44 -33.67
CA ILE K 68 3.50 52.70 -33.33
C ILE K 68 2.26 53.54 -33.61
N ILE K 69 2.28 54.80 -33.17
CA ILE K 69 1.12 55.67 -33.31
C ILE K 69 0.87 56.00 -34.78
N GLY K 70 1.94 56.19 -35.55
CA GLY K 70 1.77 56.46 -36.97
C GLY K 70 1.25 55.27 -37.74
N VAL K 71 1.78 54.08 -37.44
CA VAL K 71 1.28 52.87 -38.09
C VAL K 71 -0.21 52.70 -37.80
N GLY K 72 -0.59 52.87 -36.55
CA GLY K 72 -1.99 52.82 -36.16
C GLY K 72 -2.87 53.74 -36.98
N VAL K 73 -2.59 55.04 -36.96
CA VAL K 73 -3.53 55.96 -37.61
C VAL K 73 -3.44 55.83 -39.14
N VAL K 74 -2.28 55.47 -39.68
CA VAL K 74 -2.19 55.24 -41.12
C VAL K 74 -3.12 54.11 -41.53
N LEU K 75 -3.03 52.97 -40.84
CA LEU K 75 -3.87 51.84 -41.20
C LEU K 75 -5.34 52.17 -41.02
N GLY K 76 -5.67 52.89 -39.95
CA GLY K 76 -7.05 53.31 -39.77
C GLY K 76 -7.59 54.15 -40.90
N LEU K 77 -6.91 55.27 -41.19
CA LEU K 77 -7.37 56.18 -42.24
C LEU K 77 -7.41 55.50 -43.59
N LYS K 78 -6.46 54.61 -43.88
CA LYS K 78 -6.48 53.92 -45.16
C LYS K 78 -7.41 52.72 -45.18
N ASN K 79 -7.98 52.35 -44.04
CA ASN K 79 -9.04 51.35 -44.02
C ASN K 79 -10.44 51.93 -43.99
N ILE K 80 -10.59 53.21 -43.64
CA ILE K 80 -11.91 53.83 -43.64
C ILE K 80 -12.08 54.87 -44.73
N GLY K 81 -11.01 55.43 -45.27
CA GLY K 81 -11.13 56.46 -46.30
C GLY K 81 -9.89 57.31 -46.44
N TYR L 1 -9.96 57.44 5.65
CA TYR L 1 -11.27 56.92 6.00
C TYR L 1 -11.39 55.44 5.67
N GLN L 2 -12.06 54.69 6.54
CA GLN L 2 -12.34 53.28 6.32
C GLN L 2 -13.77 52.99 6.74
N VAL L 3 -14.34 51.94 6.16
CA VAL L 3 -15.77 51.66 6.28
C VAL L 3 -16.07 50.60 7.33
N VAL L 4 -15.20 49.61 7.48
CA VAL L 4 -15.41 48.55 8.48
C VAL L 4 -14.74 48.96 9.78
N GLN L 5 -15.48 48.84 10.88
CA GLN L 5 -15.01 49.15 12.22
C GLN L 5 -15.37 48.01 13.16
N PRO L 6 -14.63 47.85 14.25
CA PRO L 6 -15.02 46.86 15.27
C PRO L 6 -16.37 47.21 15.85
N ILE L 7 -17.07 46.18 16.33
CA ILE L 7 -18.43 46.38 16.81
C ILE L 7 -18.43 47.30 18.02
N ASN L 8 -18.99 48.49 17.84
CA ASN L 8 -19.08 49.51 18.90
C ASN L 8 -17.71 49.80 19.52
N GLY L 9 -16.69 49.96 18.67
CA GLY L 9 -15.37 50.31 19.13
C GLY L 9 -14.65 49.26 19.92
N ASP L 10 -15.28 48.14 20.25
CA ASP L 10 -14.63 47.08 21.01
C ASP L 10 -13.99 46.09 20.04
N PRO L 11 -12.67 46.08 19.90
CA PRO L 11 -12.06 45.22 18.87
C PRO L 11 -11.75 43.82 19.33
N PHE L 12 -12.33 43.38 20.46
CA PHE L 12 -12.08 42.03 20.95
C PHE L 12 -13.37 41.24 21.13
N ILE L 13 -14.47 41.70 20.57
CA ILE L 13 -15.69 40.92 20.42
C ILE L 13 -15.64 40.24 19.05
N GLY L 14 -16.11 38.99 18.99
CA GLY L 14 -16.02 38.23 17.77
C GLY L 14 -17.01 38.60 16.68
N SER L 15 -16.87 39.81 16.13
CA SER L 15 -17.73 40.30 15.07
C SER L 15 -17.11 41.58 14.52
N LEU L 16 -17.78 42.19 13.54
CA LEU L 16 -17.36 43.47 12.97
C LEU L 16 -18.60 44.30 12.66
N GLU L 17 -18.37 45.52 12.18
CA GLU L 17 -19.43 46.37 11.65
C GLU L 17 -19.15 46.67 10.19
N THR L 18 -20.18 46.62 9.39
CA THR L 18 -20.07 46.74 7.93
C THR L 18 -21.22 47.61 7.44
N PRO L 19 -21.34 47.87 6.14
CA PRO L 19 -22.61 48.37 5.61
C PRO L 19 -23.67 47.29 5.49
N VAL L 20 -23.38 46.07 5.92
CA VAL L 20 -24.33 44.97 5.84
C VAL L 20 -24.99 44.71 7.19
N THR L 21 -24.27 44.87 8.29
CA THR L 21 -24.80 44.58 9.60
C THR L 21 -25.15 45.82 10.42
N SER L 22 -24.50 46.95 10.16
CA SER L 22 -24.80 48.20 10.85
C SER L 22 -24.84 49.30 9.80
N SER L 23 -26.00 49.45 9.17
CA SER L 23 -26.24 50.48 8.19
C SER L 23 -27.60 51.08 8.49
N PRO L 24 -27.78 52.39 8.28
CA PRO L 24 -29.02 53.03 8.72
C PRO L 24 -30.27 52.42 8.11
N LEU L 25 -30.25 52.16 6.80
CA LEU L 25 -31.40 51.54 6.16
C LEU L 25 -31.65 50.15 6.72
N VAL L 26 -30.60 49.34 6.80
CA VAL L 26 -30.74 47.99 7.33
C VAL L 26 -31.14 48.02 8.80
N ALA L 27 -30.56 48.95 9.57
CA ALA L 27 -30.87 49.03 10.98
C ALA L 27 -32.34 49.36 11.19
N TRP L 28 -32.83 50.40 10.50
CA TRP L 28 -34.23 50.79 10.64
C TRP L 28 -35.17 49.69 10.18
N TYR L 29 -34.86 49.06 9.04
CA TYR L 29 -35.70 47.97 8.55
C TYR L 29 -35.77 46.84 9.56
N LEU L 30 -34.63 46.22 9.84
CA LEU L 30 -34.59 45.11 10.78
C LEU L 30 -35.21 45.49 12.11
N SER L 31 -35.16 46.77 12.48
CA SER L 31 -35.79 47.19 13.73
C SER L 31 -37.30 47.10 13.64
N ASN L 32 -37.88 47.49 12.50
CA ASN L 32 -39.34 47.54 12.40
C ASN L 32 -39.98 46.19 12.02
N LEU L 33 -39.31 45.05 12.23
CA LEU L 33 -39.87 43.73 11.96
C LEU L 33 -40.42 43.12 13.24
N PRO L 34 -41.27 42.09 13.14
CA PRO L 34 -41.87 41.56 14.38
C PRO L 34 -40.87 41.01 15.38
N GLY L 35 -39.88 40.24 14.92
CA GLY L 35 -38.92 39.67 15.84
C GLY L 35 -38.08 40.68 16.59
N TYR L 36 -38.01 41.92 16.09
CA TYR L 36 -37.19 42.96 16.69
C TYR L 36 -38.02 44.12 17.23
N ARG L 37 -39.31 43.87 17.47
CA ARG L 37 -40.20 44.82 18.14
C ARG L 37 -40.31 44.39 19.60
N THR L 38 -39.27 44.71 20.36
CA THR L 38 -39.14 44.19 21.72
C THR L 38 -40.33 44.61 22.60
N ALA L 39 -40.79 45.85 22.46
CA ALA L 39 -41.77 46.40 23.39
C ALA L 39 -43.21 46.09 22.98
N VAL L 40 -43.44 45.01 22.25
CA VAL L 40 -44.75 44.67 21.72
C VAL L 40 -45.17 43.30 22.22
N ASN L 41 -46.48 43.10 22.30
CA ASN L 41 -47.06 41.85 22.79
C ASN L 41 -46.62 40.68 21.92
N PRO L 42 -46.13 39.59 22.50
CA PRO L 42 -45.66 38.46 21.67
C PRO L 42 -46.68 37.96 20.67
N LEU L 43 -47.97 37.98 21.02
CA LEU L 43 -48.98 37.38 20.16
C LEU L 43 -49.17 38.18 18.87
N LEU L 44 -49.10 39.51 18.94
CA LEU L 44 -49.24 40.32 17.74
C LEU L 44 -48.12 40.04 16.74
N ARG L 45 -46.89 40.05 17.24
CA ARG L 45 -45.73 39.72 16.41
C ARG L 45 -45.90 38.34 15.80
N GLY L 46 -46.26 37.34 16.61
CA GLY L 46 -46.51 36.02 16.09
C GLY L 46 -47.60 36.00 15.02
N ILE L 47 -48.61 36.85 15.18
CA ILE L 47 -49.68 36.92 14.18
C ILE L 47 -49.11 37.35 12.84
N GLU L 48 -48.34 38.45 12.85
CA GLU L 48 -47.70 38.89 11.62
C GLU L 48 -46.89 37.75 11.02
N VAL L 49 -46.12 37.06 11.85
CA VAL L 49 -45.27 35.96 11.41
C VAL L 49 -46.09 34.91 10.66
N GLY L 50 -47.10 34.36 11.34
CA GLY L 50 -47.89 33.28 10.77
C GLY L 50 -48.64 33.69 9.52
N LEU L 51 -49.21 34.90 9.51
CA LEU L 51 -49.85 35.42 8.31
C LEU L 51 -48.91 35.34 7.12
N ALA L 52 -47.78 36.05 7.22
CA ALA L 52 -46.87 36.15 6.09
C ALA L 52 -46.42 34.77 5.63
N HIS L 53 -46.17 33.86 6.57
CA HIS L 53 -45.54 32.62 6.16
C HIS L 53 -46.53 31.60 5.63
N GLY L 54 -47.77 31.55 6.13
CA GLY L 54 -48.77 30.74 5.46
C GLY L 54 -49.04 31.22 4.05
N PHE L 55 -49.21 32.54 3.89
CA PHE L 55 -49.44 33.09 2.56
C PHE L 55 -48.29 32.73 1.61
N LEU L 56 -47.05 32.86 2.07
CA LEU L 56 -45.92 32.51 1.22
C LEU L 56 -45.90 31.02 0.90
N LEU L 57 -46.15 30.17 1.89
CA LEU L 57 -46.01 28.73 1.68
C LEU L 57 -47.15 28.17 0.85
N VAL L 58 -48.15 28.98 0.52
CA VAL L 58 -49.16 28.53 -0.43
C VAL L 58 -48.53 28.12 -1.75
N GLY L 59 -47.88 29.06 -2.44
CA GLY L 59 -47.50 28.93 -3.83
C GLY L 59 -46.80 27.65 -4.26
N PRO L 60 -45.64 27.37 -3.65
CA PRO L 60 -44.84 26.21 -4.12
C PRO L 60 -45.55 24.87 -4.05
N PHE L 61 -46.24 24.56 -2.95
CA PHE L 61 -46.97 23.30 -2.86
C PHE L 61 -48.01 23.17 -3.96
N VAL L 62 -48.55 24.30 -4.43
CA VAL L 62 -49.55 24.26 -5.49
C VAL L 62 -48.89 24.06 -6.84
N LYS L 63 -47.91 24.90 -7.17
CA LYS L 63 -47.41 24.94 -8.53
C LYS L 63 -46.36 23.88 -8.83
N ALA L 64 -46.00 23.04 -7.86
CA ALA L 64 -44.94 22.06 -8.08
C ALA L 64 -45.28 20.65 -7.62
N GLY L 65 -46.31 20.45 -6.81
CA GLY L 65 -46.58 19.16 -6.25
C GLY L 65 -47.01 18.14 -7.29
N PRO L 66 -47.28 16.92 -6.82
CA PRO L 66 -47.60 15.83 -7.77
C PRO L 66 -48.84 16.06 -8.61
N LEU L 67 -49.84 16.78 -8.10
CA LEU L 67 -51.09 17.00 -8.84
C LEU L 67 -51.13 18.38 -9.47
N ARG L 68 -49.99 18.90 -9.93
CA ARG L 68 -49.97 20.28 -10.40
C ARG L 68 -50.85 20.49 -11.62
N ASN L 69 -50.91 19.49 -12.50
CA ASN L 69 -51.69 19.59 -13.73
C ASN L 69 -53.12 19.09 -13.56
N THR L 70 -53.33 18.04 -12.79
CA THR L 70 -54.66 17.65 -12.35
C THR L 70 -55.28 18.80 -11.57
N GLU L 71 -56.30 19.47 -12.11
CA GLU L 71 -56.82 20.61 -11.37
C GLU L 71 -58.17 20.33 -10.73
N ILE L 72 -58.69 19.12 -10.88
CA ILE L 72 -59.72 18.64 -9.98
C ILE L 72 -59.04 18.38 -8.64
N ALA L 73 -57.70 18.50 -8.62
CA ALA L 73 -56.96 18.49 -7.36
C ALA L 73 -55.78 19.48 -7.35
N GLY L 74 -55.62 20.31 -8.38
CA GLY L 74 -54.44 21.17 -8.45
C GLY L 74 -54.46 22.29 -7.43
N GLN L 75 -55.60 22.98 -7.32
CA GLN L 75 -55.67 24.13 -6.44
C GLN L 75 -55.79 23.74 -4.98
N ALA L 76 -56.53 22.67 -4.68
CA ALA L 76 -56.79 22.29 -3.30
C ALA L 76 -55.59 21.68 -2.62
N GLY L 77 -54.42 21.71 -3.24
CA GLY L 77 -53.17 21.32 -2.61
C GLY L 77 -52.72 22.23 -1.48
N SER L 78 -53.51 23.26 -1.15
CA SER L 78 -53.26 24.03 0.07
C SER L 78 -53.36 23.17 1.31
N LEU L 79 -53.99 21.99 1.21
CA LEU L 79 -53.94 21.02 2.28
C LEU L 79 -52.51 20.78 2.72
N ALA L 80 -51.59 20.71 1.76
CA ALA L 80 -50.20 20.43 2.07
C ALA L 80 -49.58 21.55 2.89
N ALA L 81 -49.81 22.81 2.49
CA ALA L 81 -49.25 23.93 3.23
C ALA L 81 -49.85 24.02 4.62
N GLY L 82 -51.14 23.73 4.75
CA GLY L 82 -51.73 23.63 6.08
C GLY L 82 -51.02 22.59 6.93
N GLY L 83 -50.71 21.44 6.35
CA GLY L 83 -50.00 20.41 7.09
C GLY L 83 -48.59 20.83 7.48
N LEU L 84 -47.90 21.53 6.60
CA LEU L 84 -46.57 22.03 6.93
C LEU L 84 -46.63 23.04 8.07
N VAL L 85 -47.61 23.94 8.03
CA VAL L 85 -47.82 24.88 9.12
C VAL L 85 -48.05 24.14 10.43
N VAL L 86 -48.90 23.11 10.40
CA VAL L 86 -49.15 22.33 11.60
C VAL L 86 -47.85 21.72 12.13
N ILE L 87 -47.04 21.16 11.23
CA ILE L 87 -45.87 20.42 11.67
C ILE L 87 -44.84 21.35 12.28
N LEU L 88 -44.53 22.47 11.62
CA LEU L 88 -43.51 23.32 12.22
C LEU L 88 -44.03 24.11 13.41
N SER L 89 -45.34 24.22 13.60
CA SER L 89 -45.79 24.79 14.88
C SER L 89 -45.73 23.76 16.01
N ILE L 90 -45.94 22.48 15.72
CA ILE L 90 -45.60 21.45 16.70
C ILE L 90 -44.13 21.55 17.09
N CYS L 91 -43.27 21.80 16.11
CA CYS L 91 -41.85 21.93 16.41
C CYS L 91 -41.58 23.18 17.25
N LEU L 92 -42.23 24.29 16.92
CA LEU L 92 -42.14 25.48 17.76
C LEU L 92 -42.51 25.15 19.19
N THR L 93 -43.59 24.39 19.37
CA THR L 93 -44.07 24.08 20.71
C THR L 93 -43.05 23.28 21.50
N ILE L 94 -42.49 22.23 20.88
CA ILE L 94 -41.53 21.42 21.64
C ILE L 94 -40.24 22.20 21.89
N TYR L 95 -39.83 23.07 20.96
CA TYR L 95 -38.66 23.90 21.21
C TYR L 95 -38.89 24.79 22.43
N GLY L 96 -40.00 25.51 22.45
CA GLY L 96 -40.30 26.36 23.59
C GLY L 96 -40.41 25.57 24.88
N ILE L 97 -40.99 24.37 24.80
CA ILE L 97 -41.12 23.53 25.98
C ILE L 97 -39.76 23.20 26.55
N SER L 98 -38.80 22.86 25.69
CA SER L 98 -37.53 22.39 26.22
C SER L 98 -36.60 23.54 26.59
N SER L 99 -36.76 24.71 25.96
CA SER L 99 -35.79 25.78 26.14
C SER L 99 -36.09 26.69 27.33
N PHE L 100 -37.27 26.61 27.93
CA PHE L 100 -37.68 27.59 28.92
C PHE L 100 -38.47 26.94 30.05
N ASN L 101 -38.63 27.70 31.14
CA ASN L 101 -39.51 27.37 32.25
C ASN L 101 -40.10 28.66 32.79
N GLU L 102 -41.38 28.63 33.15
CA GLU L 102 -42.08 29.86 33.51
C GLU L 102 -41.46 30.53 34.74
N GLY L 103 -40.95 29.74 35.68
CA GLY L 103 -40.37 30.32 36.87
C GLY L 103 -38.96 30.85 36.69
N ASP L 104 -38.61 31.29 35.48
CA ASP L 104 -37.28 31.79 35.18
C ASP L 104 -37.38 32.99 34.26
N PRO L 105 -36.52 33.98 34.43
CA PRO L 105 -36.59 35.19 33.59
C PRO L 105 -36.19 34.90 32.15
N SER L 106 -36.45 35.87 31.28
CA SER L 106 -36.25 35.72 29.85
C SER L 106 -34.83 36.09 29.48
N THR L 107 -34.15 35.16 28.79
CA THR L 107 -32.70 35.17 28.59
C THR L 107 -32.19 36.28 27.69
N ALA L 108 -33.09 37.11 27.16
CA ALA L 108 -32.71 38.13 26.21
C ALA L 108 -31.75 39.13 26.86
N PRO L 109 -30.97 39.85 26.04
CA PRO L 109 -30.06 40.86 26.60
C PRO L 109 -30.82 42.04 27.18
N SER L 110 -30.28 42.59 28.27
CA SER L 110 -30.87 43.72 28.96
C SER L 110 -30.25 45.05 28.56
N LEU L 111 -29.11 45.04 27.89
CA LEU L 111 -28.44 46.26 27.47
C LEU L 111 -28.80 46.58 26.02
N THR L 112 -28.68 47.84 25.66
CA THR L 112 -28.91 48.25 24.29
C THR L 112 -27.61 48.70 23.64
N LEU L 113 -27.73 49.14 22.39
CA LEU L 113 -26.56 49.41 21.55
C LEU L 113 -25.68 50.51 22.08
N THR L 114 -26.18 51.31 23.02
CA THR L 114 -25.43 52.45 23.54
C THR L 114 -25.07 52.30 25.01
N GLY L 115 -25.66 51.36 25.74
CA GLY L 115 -25.26 51.09 27.10
C GLY L 115 -26.32 51.48 28.12
N ARG L 116 -27.58 51.47 27.71
CA ARG L 116 -28.70 51.73 28.59
C ARG L 116 -29.43 50.43 28.87
N LYS L 117 -30.07 50.36 30.03
CA LYS L 117 -30.78 49.14 30.35
C LYS L 117 -32.16 49.09 29.71
N LYS L 118 -32.55 47.89 29.34
CA LYS L 118 -33.82 47.59 28.71
C LYS L 118 -34.55 46.58 29.58
N GLN L 119 -35.86 46.51 29.42
CA GLN L 119 -36.63 45.46 30.08
C GLN L 119 -36.59 44.21 29.22
N PRO L 120 -36.02 43.10 29.72
CA PRO L 120 -35.75 41.95 28.86
C PRO L 120 -36.92 41.55 27.98
N ASP L 121 -36.61 41.28 26.71
CA ASP L 121 -37.63 40.93 25.75
C ASP L 121 -38.41 39.70 26.21
N GLN L 122 -39.73 39.84 26.31
CA GLN L 122 -40.54 38.78 26.89
C GLN L 122 -40.82 37.64 25.92
N LEU L 123 -40.51 37.78 24.64
CA LEU L 123 -40.72 36.66 23.73
C LEU L 123 -39.92 35.44 24.15
N GLN L 124 -38.77 35.65 24.81
CA GLN L 124 -37.88 34.60 25.28
C GLN L 124 -38.32 33.98 26.59
N THR L 125 -39.59 34.12 26.94
CA THR L 125 -40.16 33.51 28.13
C THR L 125 -40.46 32.05 27.86
N ALA L 126 -41.22 31.42 28.77
CA ALA L 126 -42.02 30.27 28.43
C ALA L 126 -43.44 30.69 28.07
N ASP L 127 -44.04 31.53 28.94
CA ASP L 127 -45.37 32.07 28.70
C ASP L 127 -45.45 32.75 27.34
N GLY L 128 -44.63 33.78 27.14
CA GLY L 128 -44.75 34.57 25.92
C GLY L 128 -44.37 33.80 24.68
N TRP L 129 -43.52 32.79 24.82
CA TRP L 129 -43.22 31.95 23.66
C TRP L 129 -44.43 31.08 23.29
N ALA L 130 -45.15 30.56 24.28
CA ALA L 130 -46.39 29.85 23.96
C ALA L 130 -47.42 30.79 23.35
N LYS L 131 -47.48 32.02 23.84
CA LYS L 131 -48.38 33.03 23.24
C LYS L 131 -48.00 33.29 21.79
N PHE L 132 -46.71 33.52 21.54
CA PHE L 132 -46.21 33.75 20.18
C PHE L 132 -46.45 32.52 19.30
N THR L 133 -46.36 31.33 19.88
CA THR L 133 -46.65 30.11 19.15
C THR L 133 -48.08 30.10 18.66
N GLY L 134 -49.02 30.35 19.58
CA GLY L 134 -50.41 30.43 19.19
C GLY L 134 -50.64 31.48 18.11
N GLY L 135 -49.98 32.63 18.24
CA GLY L 135 -50.15 33.67 17.23
C GLY L 135 -49.65 33.25 15.86
N PHE L 136 -48.43 32.72 15.80
CA PHE L 136 -47.88 32.24 14.54
C PHE L 136 -48.76 31.16 13.93
N PHE L 137 -49.30 30.25 14.74
CA PHE L 137 -50.08 29.16 14.19
C PHE L 137 -51.41 29.64 13.65
N PHE L 138 -52.13 30.44 14.44
CA PHE L 138 -53.36 31.07 13.97
C PHE L 138 -53.14 31.76 12.64
N GLY L 139 -52.10 32.61 12.59
CA GLY L 139 -51.81 33.32 11.35
C GLY L 139 -51.48 32.38 10.21
N GLY L 140 -50.74 31.32 10.49
CA GLY L 140 -50.32 30.43 9.41
C GLY L 140 -51.49 29.73 8.75
N ILE L 141 -52.38 29.15 9.56
CA ILE L 141 -53.51 28.45 8.95
C ILE L 141 -54.43 29.43 8.26
N SER L 142 -54.73 30.58 8.87
CA SER L 142 -55.64 31.47 8.19
C SER L 142 -55.00 32.19 7.00
N GLY L 143 -53.68 32.27 6.94
CA GLY L 143 -53.01 32.79 5.77
C GLY L 143 -53.03 31.80 4.63
N VAL L 144 -52.88 30.51 4.96
CA VAL L 144 -53.13 29.48 3.97
C VAL L 144 -54.53 29.65 3.39
N ILE L 145 -55.50 29.85 4.28
CA ILE L 145 -56.88 30.03 3.86
C ILE L 145 -57.02 31.25 2.96
N TRP L 146 -56.37 32.35 3.31
CA TRP L 146 -56.50 33.58 2.54
C TRP L 146 -55.93 33.40 1.13
N ALA L 147 -54.69 32.92 1.02
CA ALA L 147 -54.14 32.77 -0.31
C ALA L 147 -54.78 31.65 -1.10
N PHE L 148 -55.54 30.76 -0.46
CA PHE L 148 -56.37 29.86 -1.24
C PHE L 148 -57.65 30.54 -1.70
N PHE L 149 -58.08 31.55 -0.93
CA PHE L 149 -59.33 32.30 -1.24
C PHE L 149 -59.17 33.05 -2.57
N LEU L 150 -57.96 33.57 -2.83
CA LEU L 150 -57.72 34.34 -4.09
C LEU L 150 -57.39 33.38 -5.24
N LEU L 151 -58.39 32.60 -5.68
CA LEU L 151 -58.23 31.63 -6.79
C LEU L 151 -58.61 32.31 -8.11
N TYR L 152 -59.03 33.57 -8.04
CA TYR L 152 -59.43 34.35 -9.25
C TYR L 152 -58.20 34.50 -10.15
N VAL L 153 -58.40 34.39 -11.46
CA VAL L 153 -57.27 34.49 -12.43
C VAL L 153 -56.62 35.88 -12.32
N LEU L 154 -55.30 35.91 -12.28
CA LEU L 154 -54.49 37.17 -12.20
C LEU L 154 -53.51 37.12 -13.37
N ASP L 155 -52.24 36.79 -13.10
CA ASP L 155 -51.27 36.65 -14.19
C ASP L 155 -50.78 35.22 -14.35
N LEU L 156 -50.51 34.53 -13.24
CA LEU L 156 -50.12 33.13 -13.27
C LEU L 156 -50.78 32.42 -12.10
N PRO L 157 -51.84 31.66 -12.36
CA PRO L 157 -52.49 30.84 -11.33
C PRO L 157 -51.74 29.53 -11.10
N ASP M 1 24.01 -55.75 28.19
CA ASP M 1 23.68 -54.47 27.59
C ASP M 1 23.08 -54.65 26.21
N TRP M 2 22.04 -53.88 25.91
CA TRP M 2 21.36 -53.99 24.62
C TRP M 2 22.17 -53.38 23.49
N MET M 3 23.18 -52.59 23.81
CA MET M 3 23.99 -51.94 22.78
C MET M 3 25.35 -51.69 23.38
N PRO M 4 26.26 -52.65 23.24
CA PRO M 4 27.61 -52.46 23.78
C PRO M 4 28.21 -51.15 23.28
N GLY M 5 28.82 -50.41 24.20
CA GLY M 5 29.34 -49.09 23.89
C GLY M 5 28.30 -47.99 23.87
N GLN M 6 27.19 -48.15 24.59
CA GLN M 6 26.14 -47.15 24.63
C GLN M 6 25.80 -46.86 26.09
N PRO M 7 25.90 -45.61 26.53
CA PRO M 7 25.69 -45.31 27.95
C PRO M 7 24.30 -45.71 28.43
N ARG M 8 24.25 -46.21 29.65
CA ARG M 8 23.00 -46.67 30.24
C ARG M 8 22.15 -45.50 30.69
N PRO M 9 20.84 -45.69 30.84
CA PRO M 9 20.04 -44.71 31.56
C PRO M 9 20.43 -44.67 33.03
N SER M 10 20.26 -43.51 33.64
CA SER M 10 20.56 -43.36 35.05
C SER M 10 19.62 -44.19 35.92
N TYR M 11 18.34 -44.23 35.57
CA TYR M 11 17.35 -44.89 36.39
C TYR M 11 17.25 -46.39 36.11
N LEU M 12 18.02 -46.91 35.16
CA LEU M 12 18.03 -48.33 34.82
C LEU M 12 19.43 -48.87 35.06
N ASP M 13 19.64 -49.48 36.22
CA ASP M 13 20.96 -49.92 36.63
C ASP M 13 21.30 -51.32 36.13
N GLY M 14 20.38 -52.27 36.27
CA GLY M 14 20.66 -53.64 35.87
C GLY M 14 20.23 -54.67 36.89
N SER M 15 19.44 -54.25 37.88
CA SER M 15 18.98 -55.18 38.90
C SER M 15 17.64 -55.80 38.55
N ALA M 16 16.75 -55.03 37.94
CA ALA M 16 15.43 -55.53 37.58
C ALA M 16 15.56 -56.74 36.65
N PRO M 17 14.63 -57.68 36.70
CA PRO M 17 14.72 -58.84 35.82
C PRO M 17 14.45 -58.46 34.37
N GLY M 18 15.51 -58.38 33.58
CA GLY M 18 15.42 -58.02 32.18
C GLY M 18 16.00 -56.67 31.84
N ASP M 19 16.42 -55.87 32.81
CA ASP M 19 17.00 -54.57 32.50
C ASP M 19 18.30 -54.76 31.75
N PHE M 20 18.28 -54.47 30.45
CA PHE M 20 19.48 -54.40 29.63
C PHE M 20 19.80 -52.98 29.23
N GLY M 21 19.20 -52.01 29.91
CA GLY M 21 19.47 -50.61 29.63
C GLY M 21 18.81 -50.06 28.40
N PHE M 22 17.66 -50.61 28.01
CA PHE M 22 16.98 -50.21 26.78
C PHE M 22 15.79 -49.33 27.11
N ASP M 23 15.93 -48.03 26.85
CA ASP M 23 14.81 -47.09 26.92
C ASP M 23 15.18 -45.81 26.16
N PRO M 24 15.28 -45.85 24.84
CA PRO M 24 15.74 -44.65 24.10
C PRO M 24 14.76 -43.51 24.15
N LEU M 25 13.49 -43.74 24.52
CA LEU M 25 12.49 -42.69 24.57
C LEU M 25 12.23 -42.19 25.98
N ARG M 26 12.97 -42.68 26.98
CA ARG M 26 12.90 -42.18 28.36
C ARG M 26 11.48 -42.19 28.91
N LEU M 27 10.63 -43.11 28.43
CA LEU M 27 9.29 -43.21 28.95
C LEU M 27 9.25 -43.71 30.40
N GLY M 28 10.34 -44.25 30.90
CA GLY M 28 10.41 -44.66 32.28
C GLY M 28 11.23 -43.69 33.12
N GLU M 29 11.27 -42.43 32.68
CA GLU M 29 11.97 -41.39 33.42
C GLU M 29 11.27 -41.01 34.72
N VAL M 30 10.02 -41.42 34.90
CA VAL M 30 9.27 -41.19 36.12
C VAL M 30 9.12 -42.54 36.82
N PRO M 31 9.47 -42.65 38.10
CA PRO M 31 9.41 -43.97 38.77
C PRO M 31 8.01 -44.57 38.82
N GLU M 32 7.00 -43.79 39.21
CA GLU M 32 5.64 -44.33 39.29
C GLU M 32 5.07 -44.64 37.91
N ASN M 33 5.70 -44.16 36.84
CA ASN M 33 5.38 -44.68 35.51
C ASN M 33 6.07 -46.02 35.28
N LEU M 34 7.30 -46.16 35.75
CA LEU M 34 8.07 -47.38 35.49
C LEU M 34 7.48 -48.57 36.21
N GLU M 35 6.90 -48.38 37.38
CA GLU M 35 6.27 -49.50 38.08
C GLU M 35 5.10 -50.07 37.28
N ARG M 36 4.20 -49.17 36.86
CA ARG M 36 3.09 -49.60 36.00
C ARG M 36 3.60 -50.25 34.73
N PHE M 37 4.69 -49.71 34.15
CA PHE M 37 5.21 -50.29 32.91
C PHE M 37 5.75 -51.69 33.14
N LYS M 38 6.34 -51.96 34.30
CA LYS M 38 6.83 -53.31 34.58
C LYS M 38 5.67 -54.29 34.70
N GLU M 39 4.64 -53.91 35.45
CA GLU M 39 3.47 -54.79 35.55
C GLU M 39 2.83 -55.02 34.18
N SER M 40 2.77 -53.95 33.37
CA SER M 40 2.18 -53.99 32.05
C SER M 40 2.98 -54.92 31.14
N GLU M 41 4.32 -54.82 31.19
CA GLU M 41 5.19 -55.67 30.40
C GLU M 41 4.92 -57.12 30.73
N LEU M 42 4.85 -57.46 32.01
CA LEU M 42 4.65 -58.86 32.36
C LEU M 42 3.28 -59.36 31.90
N ILE M 43 2.25 -58.52 31.99
CA ILE M 43 0.93 -58.95 31.54
C ILE M 43 0.93 -59.25 30.04
N HIS M 44 1.47 -58.33 29.24
CA HIS M 44 1.55 -58.55 27.79
C HIS M 44 2.36 -59.80 27.47
N CYS M 45 3.52 -59.94 28.12
CA CYS M 45 4.39 -61.08 27.84
C CYS M 45 3.67 -62.39 28.14
N ARG M 46 2.93 -62.44 29.25
CA ARG M 46 2.25 -63.67 29.62
C ARG M 46 1.12 -63.99 28.66
N TRP M 47 0.34 -62.98 28.24
CA TRP M 47 -0.71 -63.22 27.27
C TRP M 47 -0.14 -63.79 25.96
N ALA M 48 0.95 -63.20 25.47
CA ALA M 48 1.52 -63.68 24.20
C ALA M 48 2.14 -65.07 24.36
N MET M 49 2.81 -65.32 25.49
CA MET M 49 3.37 -66.64 25.74
C MET M 49 2.30 -67.71 25.78
N LEU M 50 1.11 -67.37 26.29
CA LEU M 50 0.02 -68.33 26.22
C LEU M 50 -0.60 -68.40 24.83
N ALA M 51 -0.53 -67.32 24.06
CA ALA M 51 -1.24 -67.25 22.80
C ALA M 51 -0.54 -68.01 21.68
N VAL M 52 0.77 -67.87 21.55
CA VAL M 52 1.44 -68.41 20.36
C VAL M 52 1.34 -69.94 20.27
N PRO M 53 1.32 -70.70 21.37
CA PRO M 53 0.95 -72.12 21.21
C PRO M 53 -0.47 -72.30 20.73
N GLY M 54 -1.40 -71.45 21.20
CA GLY M 54 -2.76 -71.49 20.71
C GLY M 54 -2.89 -71.11 19.25
N ILE M 55 -1.88 -70.47 18.68
CA ILE M 55 -1.89 -70.17 17.25
C ILE M 55 -1.21 -71.27 16.45
N LEU M 56 -0.19 -71.91 17.00
CA LEU M 56 0.54 -72.89 16.21
C LEU M 56 -0.06 -74.29 16.31
N VAL M 57 -0.39 -74.74 17.52
CA VAL M 57 -0.69 -76.16 17.74
C VAL M 57 -1.87 -76.66 16.90
N PRO M 58 -3.06 -76.04 16.95
CA PRO M 58 -4.18 -76.63 16.19
C PRO M 58 -4.01 -76.56 14.69
N GLU M 59 -3.22 -75.61 14.17
CA GLU M 59 -2.91 -75.63 12.75
C GLU M 59 -1.98 -76.79 12.41
N ALA M 60 -0.98 -77.03 13.26
CA ALA M 60 -0.16 -78.24 13.12
C ALA M 60 -1.02 -79.49 13.25
N LEU M 61 -2.14 -79.39 13.95
CA LEU M 61 -3.13 -80.45 13.99
C LEU M 61 -3.93 -80.41 12.68
N GLY M 62 -5.03 -81.12 12.61
CA GLY M 62 -5.80 -81.12 11.38
C GLY M 62 -6.88 -80.05 11.32
N LEU M 63 -6.62 -78.87 11.88
CA LEU M 63 -7.62 -77.82 11.99
C LEU M 63 -7.19 -76.60 11.19
N GLY M 64 -8.05 -75.57 11.20
CA GLY M 64 -7.78 -74.36 10.46
C GLY M 64 -6.89 -73.39 11.20
N ASN M 65 -6.32 -72.45 10.46
CA ASN M 65 -5.39 -71.50 11.04
C ASN M 65 -6.12 -70.47 11.91
N TRP M 66 -5.33 -69.72 12.68
CA TRP M 66 -5.88 -68.88 13.73
C TRP M 66 -6.92 -67.89 13.23
N VAL M 67 -6.83 -67.48 11.97
CA VAL M 67 -7.84 -66.59 11.40
C VAL M 67 -9.07 -67.37 10.97
N LYS M 68 -8.86 -68.49 10.28
CA LYS M 68 -9.97 -69.31 9.83
C LYS M 68 -10.84 -69.79 10.99
N ALA M 69 -10.22 -70.06 12.13
CA ALA M 69 -10.93 -70.60 13.28
C ALA M 69 -11.83 -69.59 13.95
N GLN M 70 -11.78 -68.32 13.56
CA GLN M 70 -12.66 -67.30 14.11
C GLN M 70 -13.47 -66.63 13.01
N GLU M 71 -14.01 -67.43 12.08
CA GLU M 71 -14.75 -66.89 10.95
C GLU M 71 -16.22 -67.27 10.91
N TRP M 72 -16.65 -68.30 11.65
CA TRP M 72 -18.08 -68.58 11.72
C TRP M 72 -18.83 -67.40 12.31
N ALA M 73 -18.15 -66.57 13.12
CA ALA M 73 -18.83 -65.55 13.90
C ALA M 73 -19.49 -64.51 13.01
N ALA M 74 -18.91 -64.22 11.85
CA ALA M 74 -19.43 -63.19 10.96
C ALA M 74 -20.53 -63.71 10.03
N LEU M 75 -21.04 -64.92 10.27
CA LEU M 75 -22.18 -65.39 9.52
C LEU M 75 -23.33 -65.71 10.45
N PRO M 76 -24.58 -65.52 9.99
CA PRO M 76 -25.73 -65.59 10.92
C PRO M 76 -25.86 -66.91 11.65
N GLY M 77 -25.87 -68.03 10.94
CA GLY M 77 -26.02 -69.31 11.60
C GLY M 77 -24.73 -69.84 12.19
N GLY M 78 -23.99 -68.97 12.87
CA GLY M 78 -22.67 -69.35 13.35
C GLY M 78 -22.73 -70.47 14.36
N GLN M 79 -21.70 -71.31 14.34
CA GLN M 79 -21.60 -72.44 15.25
C GLN M 79 -20.14 -72.87 15.30
N ALA M 80 -19.56 -72.87 16.49
CA ALA M 80 -18.16 -73.22 16.65
C ALA M 80 -17.97 -74.73 16.59
N THR M 81 -16.72 -75.16 16.71
CA THR M 81 -16.39 -76.58 16.70
C THR M 81 -15.02 -76.76 17.37
N TYR M 82 -14.99 -77.47 18.48
CA TYR M 82 -13.74 -77.80 19.16
C TYR M 82 -13.37 -79.24 18.85
N LEU M 83 -12.14 -79.44 18.36
CA LEU M 83 -11.65 -80.76 17.99
C LEU M 83 -12.60 -81.46 17.02
N GLY M 84 -13.26 -80.68 16.18
CA GLY M 84 -14.22 -81.23 15.23
C GLY M 84 -15.51 -81.74 15.86
N ASN M 85 -16.06 -81.01 16.82
CA ASN M 85 -17.34 -81.36 17.42
C ASN M 85 -18.12 -80.06 17.60
N PRO M 86 -19.37 -79.99 17.13
CA PRO M 86 -20.11 -78.73 17.19
C PRO M 86 -20.42 -78.30 18.61
N VAL M 87 -19.77 -77.24 19.04
CA VAL M 87 -19.96 -76.65 20.38
C VAL M 87 -21.44 -76.40 20.63
N PRO M 88 -22.00 -76.93 21.71
CA PRO M 88 -23.43 -76.69 21.98
C PRO M 88 -23.74 -75.21 22.20
N TRP M 89 -23.05 -74.57 23.13
CA TRP M 89 -23.22 -73.13 23.38
C TRP M 89 -22.33 -72.31 22.46
N GLY M 90 -22.38 -72.61 21.18
CA GLY M 90 -21.38 -72.09 20.25
C GLY M 90 -21.74 -70.76 19.64
N THR M 91 -23.02 -70.39 19.69
CA THR M 91 -23.47 -69.15 19.09
C THR M 91 -22.70 -67.96 19.64
N LEU M 92 -22.71 -66.86 18.87
CA LEU M 92 -21.90 -65.71 19.26
C LEU M 92 -22.37 -65.06 20.55
N PRO M 93 -23.63 -64.62 20.68
CA PRO M 93 -23.97 -63.73 21.81
C PRO M 93 -23.74 -64.35 23.18
N THR M 94 -24.05 -65.63 23.34
CA THR M 94 -23.77 -66.28 24.63
C THR M 94 -22.28 -66.24 24.94
N ILE M 95 -21.45 -66.47 23.92
CA ILE M 95 -20.00 -66.44 24.12
C ILE M 95 -19.55 -65.04 24.50
N LEU M 96 -20.07 -64.03 23.82
CA LEU M 96 -19.66 -62.65 24.13
C LEU M 96 -20.03 -62.29 25.57
N VAL M 97 -21.24 -62.63 25.99
CA VAL M 97 -21.67 -62.30 27.35
C VAL M 97 -20.81 -63.04 28.38
N ILE M 98 -20.57 -64.34 28.16
CA ILE M 98 -19.82 -65.11 29.14
C ILE M 98 -18.39 -64.59 29.24
N GLU M 99 -17.75 -64.35 28.09
CA GLU M 99 -16.42 -63.78 28.06
C GLU M 99 -16.37 -62.49 28.86
N PHE M 100 -17.32 -61.60 28.60
CA PHE M 100 -17.33 -60.31 29.30
C PHE M 100 -17.38 -60.53 30.80
N LEU M 101 -18.37 -61.28 31.28
CA LEU M 101 -18.55 -61.42 32.73
C LEU M 101 -17.30 -62.00 33.38
N SER M 102 -16.79 -63.11 32.85
CA SER M 102 -15.65 -63.78 33.47
C SER M 102 -14.41 -62.88 33.47
N ILE M 103 -14.08 -62.32 32.29
CA ILE M 103 -12.87 -61.53 32.18
C ILE M 103 -12.96 -60.28 33.04
N ALA M 104 -14.12 -59.63 33.06
CA ALA M 104 -14.28 -58.44 33.89
C ALA M 104 -14.06 -58.77 35.36
N PHE M 105 -14.65 -59.86 35.83
CA PHE M 105 -14.47 -60.23 37.23
C PHE M 105 -12.99 -60.43 37.55
N VAL M 106 -12.29 -61.26 36.76
CA VAL M 106 -10.91 -61.56 37.13
C VAL M 106 -10.01 -60.33 36.96
N GLU M 107 -10.28 -59.48 35.98
CA GLU M 107 -9.41 -58.35 35.73
C GLU M 107 -9.61 -57.25 36.77
N HIS M 108 -10.85 -57.03 37.21
CA HIS M 108 -11.05 -56.11 38.31
C HIS M 108 -10.42 -56.64 39.59
N GLN M 109 -10.57 -57.95 39.85
CA GLN M 109 -9.86 -58.56 40.96
C GLN M 109 -8.38 -58.23 40.92
N ARG M 110 -7.78 -58.30 39.72
CA ARG M 110 -6.38 -57.93 39.59
C ARG M 110 -6.16 -56.46 39.92
N SER M 111 -7.05 -55.58 39.45
CA SER M 111 -6.90 -54.16 39.69
C SER M 111 -7.00 -53.77 41.16
N MET M 112 -7.61 -54.62 41.99
CA MET M 112 -7.89 -54.25 43.38
C MET M 112 -6.76 -54.63 44.34
N GLU M 113 -5.51 -54.60 43.90
CA GLU M 113 -4.38 -54.93 44.76
C GLU M 113 -3.29 -53.87 44.64
N LYS M 114 -2.58 -53.65 45.74
CA LYS M 114 -1.80 -52.42 45.93
C LYS M 114 -0.46 -52.70 46.62
N ASP M 115 0.28 -53.73 46.20
CA ASP M 115 1.42 -54.17 47.01
C ASP M 115 2.62 -53.22 46.95
N PRO M 116 3.21 -52.93 45.77
CA PRO M 116 2.99 -53.30 44.38
C PRO M 116 3.95 -54.38 43.87
N GLU M 117 4.47 -55.22 44.76
CA GLU M 117 5.24 -56.36 44.29
C GLU M 117 4.35 -57.53 43.92
N LYS M 118 3.20 -57.62 44.58
CA LYS M 118 2.19 -58.66 44.27
C LYS M 118 1.59 -58.40 42.90
N LYS M 119 1.64 -57.15 42.42
CA LYS M 119 0.98 -56.84 41.15
C LYS M 119 1.61 -57.62 40.01
N LYS M 120 2.90 -57.93 40.10
CA LYS M 120 3.57 -58.70 39.07
C LYS M 120 3.92 -60.11 39.50
N TYR M 121 4.15 -60.35 40.77
CA TYR M 121 4.42 -61.69 41.29
C TYR M 121 3.57 -61.92 42.53
N PRO M 122 2.28 -62.18 42.36
CA PRO M 122 1.45 -62.48 43.53
C PRO M 122 1.82 -63.79 44.21
N GLY M 123 1.85 -64.88 43.45
CA GLY M 123 2.14 -66.15 44.08
C GLY M 123 1.06 -66.57 45.07
N GLY M 124 1.38 -67.61 45.81
CA GLY M 124 0.42 -68.21 46.73
C GLY M 124 -0.45 -69.23 46.01
N ALA M 125 -1.75 -68.96 45.92
CA ALA M 125 -2.66 -69.80 45.16
C ALA M 125 -2.28 -69.89 43.68
N PHE M 126 -1.28 -69.12 43.23
CA PHE M 126 -0.81 -69.16 41.87
C PHE M 126 0.58 -69.77 41.73
N ASP M 127 1.17 -70.27 42.82
CA ASP M 127 2.47 -70.94 42.79
C ASP M 127 2.33 -72.27 43.51
N PRO M 128 1.67 -73.26 42.89
CA PRO M 128 1.36 -74.49 43.63
C PRO M 128 2.59 -75.28 44.06
N LEU M 129 3.49 -75.58 43.13
CA LEU M 129 4.66 -76.37 43.44
C LEU M 129 5.69 -75.59 44.26
N GLY M 130 5.43 -74.32 44.55
CA GLY M 130 6.30 -73.55 45.41
C GLY M 130 7.69 -73.34 44.85
N TYR M 131 7.78 -72.81 43.64
CA TYR M 131 9.08 -72.47 43.09
C TYR M 131 9.64 -71.16 43.63
N SER M 132 8.93 -70.51 44.55
CA SER M 132 9.41 -69.32 45.23
C SER M 132 10.21 -69.65 46.48
N LYS M 133 10.81 -70.84 46.53
CA LYS M 133 11.55 -71.27 47.69
C LYS M 133 12.69 -70.30 48.00
N ASP M 134 13.66 -70.22 47.11
CA ASP M 134 14.93 -69.59 47.33
C ASP M 134 15.01 -68.30 46.51
N PRO M 135 15.42 -67.19 47.11
CA PRO M 135 15.45 -65.92 46.40
C PRO M 135 16.57 -65.78 45.37
N LYS M 136 17.33 -66.84 45.08
CA LYS M 136 18.38 -66.73 44.07
C LYS M 136 18.08 -67.53 42.82
N LYS M 137 17.48 -68.72 42.96
CA LYS M 137 16.86 -69.35 41.81
C LYS M 137 15.58 -68.65 41.42
N PHE M 138 14.96 -67.94 42.36
CA PHE M 138 13.75 -67.17 42.07
C PHE M 138 14.04 -66.04 41.08
N HIS M 139 15.07 -65.24 41.36
CA HIS M 139 15.44 -64.18 40.43
C HIS M 139 15.84 -64.75 39.08
N GLU M 140 16.49 -65.90 39.07
CA GLU M 140 16.86 -66.55 37.81
C GLU M 140 15.62 -66.95 37.02
N TYR M 141 14.63 -67.52 37.69
CA TYR M 141 13.39 -67.88 37.02
C TYR M 141 12.68 -66.64 36.49
N LYS M 142 12.74 -65.54 37.24
CA LYS M 142 12.14 -64.30 36.76
C LYS M 142 12.79 -63.84 35.47
N ILE M 143 14.12 -63.89 35.40
CA ILE M 143 14.81 -63.46 34.18
C ILE M 143 14.42 -64.36 33.01
N LYS M 144 14.40 -65.67 33.23
CA LYS M 144 14.06 -66.58 32.13
C LYS M 144 12.62 -66.38 31.65
N GLU M 145 11.70 -66.13 32.59
CA GLU M 145 10.31 -65.84 32.22
C GLU M 145 10.23 -64.58 31.36
N VAL M 146 10.85 -63.48 31.80
CA VAL M 146 10.74 -62.23 31.06
C VAL M 146 11.38 -62.37 29.70
N LYS M 147 12.47 -63.13 29.60
CA LYS M 147 13.17 -63.26 28.33
C LYS M 147 12.33 -64.04 27.33
N ASN M 148 11.79 -65.18 27.76
CA ASN M 148 10.88 -65.91 26.89
C ASN M 148 9.67 -65.09 26.52
N GLY M 149 9.19 -64.23 27.43
CA GLY M 149 8.04 -63.41 27.11
C GLY M 149 8.31 -62.38 26.03
N ARG M 150 9.48 -61.74 26.07
CA ARG M 150 9.82 -60.82 24.99
C ARG M 150 9.97 -61.55 23.67
N LEU M 151 10.55 -62.76 23.71
CA LEU M 151 10.60 -63.57 22.49
C LEU M 151 9.21 -63.89 21.98
N ALA M 152 8.28 -64.21 22.88
CA ALA M 152 6.93 -64.54 22.48
C ALA M 152 6.21 -63.35 21.85
N LEU M 153 6.41 -62.17 22.41
CA LEU M 153 5.78 -60.99 21.82
C LEU M 153 6.32 -60.72 20.43
N LEU M 154 7.64 -60.86 20.26
CA LEU M 154 8.24 -60.78 18.93
C LEU M 154 7.56 -61.73 17.95
N ALA M 155 7.35 -62.98 18.38
CA ALA M 155 6.77 -63.97 17.47
C ALA M 155 5.30 -63.68 17.18
N PHE M 156 4.55 -63.14 18.14
CA PHE M 156 3.15 -62.83 17.86
C PHE M 156 3.02 -61.68 16.87
N VAL M 157 3.83 -60.63 17.03
CA VAL M 157 3.74 -59.56 16.04
C VAL M 157 4.23 -60.07 14.69
N GLY M 158 5.21 -60.97 14.66
CA GLY M 158 5.60 -61.57 13.40
C GLY M 158 4.46 -62.31 12.75
N ILE M 159 3.69 -63.05 13.55
CA ILE M 159 2.51 -63.75 13.02
C ILE M 159 1.54 -62.76 12.41
N CYS M 160 1.30 -61.64 13.08
CA CYS M 160 0.32 -60.68 12.58
C CYS M 160 0.78 -60.03 11.27
N VAL M 161 2.07 -59.70 11.16
CA VAL M 161 2.54 -59.05 9.94
C VAL M 161 2.58 -60.05 8.79
N GLN M 162 2.98 -61.30 9.06
CA GLN M 162 2.92 -62.31 8.01
C GLN M 162 1.49 -62.59 7.60
N GLN M 163 0.55 -62.47 8.53
CA GLN M 163 -0.86 -62.60 8.17
C GLN M 163 -1.28 -61.51 7.20
N SER M 164 -1.03 -60.26 7.55
CA SER M 164 -1.43 -59.17 6.67
C SER M 164 -0.64 -59.13 5.38
N ALA M 165 0.48 -59.86 5.29
CA ALA M 165 1.17 -59.94 4.00
C ALA M 165 0.56 -61.01 3.10
N TYR M 166 0.19 -62.17 3.67
CA TYR M 166 -0.40 -63.28 2.93
C TYR M 166 -1.78 -63.61 3.50
N PRO M 167 -2.78 -62.79 3.20
CA PRO M 167 -4.11 -63.00 3.82
C PRO M 167 -4.70 -64.35 3.46
N GLY M 168 -5.16 -65.06 4.49
CA GLY M 168 -5.69 -66.39 4.31
C GLY M 168 -4.61 -67.46 4.37
N THR M 169 -3.70 -67.31 5.33
CA THR M 169 -2.60 -68.24 5.50
C THR M 169 -2.39 -68.49 6.99
N GLY M 170 -1.59 -69.50 7.29
CA GLY M 170 -1.17 -69.76 8.64
C GLY M 170 0.32 -69.62 8.77
N PRO M 171 0.83 -69.53 10.01
CA PRO M 171 2.28 -69.50 10.21
C PRO M 171 3.00 -70.73 9.65
N LEU M 172 2.45 -71.92 9.87
CA LEU M 172 3.12 -73.12 9.41
C LEU M 172 3.04 -73.26 7.90
N GLU M 173 1.96 -72.74 7.29
CA GLU M 173 1.94 -72.64 5.84
C GLU M 173 3.04 -71.70 5.35
N ASN M 174 3.34 -70.65 6.10
CA ASN M 174 4.45 -69.77 5.75
C ASN M 174 5.78 -70.50 5.86
N LEU M 175 5.99 -71.26 6.93
CA LEU M 175 7.23 -72.01 7.07
C LEU M 175 7.38 -73.05 5.96
N ALA M 176 6.29 -73.70 5.58
CA ALA M 176 6.34 -74.65 4.47
C ALA M 176 6.68 -73.95 3.17
N THR M 177 6.02 -72.82 2.91
CA THR M 177 6.31 -72.02 1.71
C THR M 177 7.76 -71.60 1.65
N HIS M 178 8.38 -71.35 2.80
CA HIS M 178 9.76 -70.88 2.80
C HIS M 178 10.76 -72.03 2.71
N LEU M 179 10.46 -73.18 3.31
CA LEU M 179 11.30 -74.36 3.13
C LEU M 179 11.13 -74.99 1.76
N ALA M 180 10.10 -74.62 1.01
CA ALA M 180 9.91 -75.16 -0.33
C ALA M 180 10.80 -74.52 -1.36
N ASP M 181 11.31 -73.31 -1.10
CA ASP M 181 12.28 -72.67 -1.98
C ASP M 181 12.98 -71.55 -1.23
N PRO M 182 13.96 -71.89 -0.38
CA PRO M 182 14.47 -70.89 0.57
C PRO M 182 14.99 -69.63 -0.09
N TRP M 183 15.74 -69.76 -1.17
CA TRP M 183 16.35 -68.65 -1.86
C TRP M 183 15.37 -67.85 -2.70
N HIS M 184 14.08 -68.17 -2.65
CA HIS M 184 13.11 -67.50 -3.51
C HIS M 184 11.85 -67.06 -2.81
N ASN M 185 11.49 -67.65 -1.67
CA ASN M 185 10.30 -67.27 -0.92
C ASN M 185 10.78 -66.69 0.40
N THR M 186 11.05 -65.39 0.40
CA THR M 186 11.51 -64.67 1.57
C THR M 186 10.90 -63.29 1.54
N ILE M 187 11.28 -62.47 2.53
CA ILE M 187 10.60 -61.19 2.75
C ILE M 187 10.83 -60.22 1.60
N GLY M 188 11.86 -60.41 0.79
CA GLY M 188 12.09 -59.50 -0.32
C GLY M 188 10.87 -59.34 -1.21
N ASN M 189 10.17 -60.45 -1.45
CA ASN M 189 9.01 -60.46 -2.34
C ASN M 189 7.82 -59.70 -1.76
N VAL M 190 7.87 -59.27 -0.50
CA VAL M 190 6.84 -58.40 0.05
C VAL M 190 7.40 -57.05 0.46
N LEU M 191 8.68 -56.78 0.22
CA LEU M 191 9.22 -55.46 0.41
C LEU M 191 9.61 -54.79 -0.90
N ILE M 192 9.93 -55.57 -1.91
CA ILE M 192 10.05 -55.09 -3.28
C ILE M 192 9.17 -56.00 -4.13
N PRO M 193 7.85 -55.78 -4.17
CA PRO M 193 6.89 -56.62 -4.89
C PRO M 193 7.17 -56.74 -6.38
N THR N 1 61.51 4.30 -8.47
CA THR N 1 61.96 4.87 -7.22
C THR N 1 63.04 5.94 -7.43
N VAL N 2 62.93 6.67 -8.53
CA VAL N 2 63.71 7.89 -8.76
C VAL N 2 62.70 8.93 -9.24
N ALA N 3 62.18 9.72 -8.30
CA ALA N 3 60.99 10.54 -8.56
C ALA N 3 61.36 11.73 -9.43
N GLU N 4 61.50 11.46 -10.73
CA GLU N 4 61.73 12.49 -11.75
C GLU N 4 60.65 13.55 -11.69
N PRO N 5 60.96 14.76 -11.23
CA PRO N 5 59.91 15.73 -10.91
C PRO N 5 59.43 16.55 -12.09
N ASP N 6 60.27 16.71 -13.11
CA ASP N 6 59.95 17.55 -14.25
C ASP N 6 60.10 16.76 -15.55
N ARG N 7 59.50 15.58 -15.57
CA ARG N 7 59.51 14.73 -16.74
C ARG N 7 58.73 15.38 -17.88
N PRO N 8 58.77 14.79 -19.07
CA PRO N 8 57.83 15.21 -20.11
C PRO N 8 56.39 14.98 -19.70
N LEU N 9 55.51 15.89 -20.10
CA LEU N 9 54.10 15.88 -19.72
C LEU N 9 53.24 15.90 -20.98
N TRP N 10 52.29 14.98 -21.05
CA TRP N 10 51.43 14.88 -22.23
C TRP N 10 50.74 16.20 -22.54
N PHE N 11 50.34 16.95 -21.52
CA PHE N 11 49.75 18.26 -21.73
C PHE N 11 50.67 19.30 -21.11
N PRO N 12 51.54 19.93 -21.89
CA PRO N 12 52.51 20.89 -21.32
C PRO N 12 51.79 21.99 -20.57
N GLY N 13 52.36 22.36 -19.43
CA GLY N 13 51.79 23.36 -18.56
C GLY N 13 50.94 22.80 -17.44
N SER N 14 50.42 21.60 -17.61
CA SER N 14 49.68 20.95 -16.55
C SER N 14 50.55 20.82 -15.30
N THR N 15 49.90 20.48 -14.21
CA THR N 15 50.60 19.98 -13.05
C THR N 15 50.14 18.55 -12.81
N PRO N 16 51.02 17.56 -12.93
CA PRO N 16 50.59 16.17 -12.90
C PRO N 16 49.90 15.82 -11.60
N PRO N 17 49.18 14.70 -11.55
CA PRO N 17 48.49 14.32 -10.33
C PRO N 17 49.48 13.88 -9.26
N PRO N 18 49.09 13.96 -7.98
CA PRO N 18 50.05 13.67 -6.90
C PRO N 18 50.52 12.23 -6.87
N TRP N 19 49.71 11.29 -7.36
CA TRP N 19 50.06 9.87 -7.29
C TRP N 19 50.97 9.43 -8.43
N LEU N 20 51.20 10.29 -9.42
CA LEU N 20 52.04 9.99 -10.57
C LEU N 20 53.32 10.79 -10.39
N ASP N 21 54.27 10.21 -9.65
CA ASP N 21 55.44 10.93 -9.18
C ASP N 21 56.57 10.97 -10.20
N GLY N 22 56.85 9.84 -10.85
CA GLY N 22 57.93 9.79 -11.81
C GLY N 22 58.69 8.48 -11.72
N SER N 23 58.30 7.64 -10.77
CA SER N 23 59.00 6.39 -10.51
C SER N 23 58.72 5.37 -11.61
N LEU N 24 57.45 5.14 -11.91
CA LEU N 24 57.07 4.11 -12.86
C LEU N 24 57.64 4.41 -14.24
N PRO N 25 57.97 3.37 -15.01
CA PRO N 25 58.45 3.60 -16.38
C PRO N 25 57.32 4.03 -17.29
N GLY N 26 57.69 4.70 -18.38
CA GLY N 26 56.67 5.20 -19.28
C GLY N 26 55.72 6.16 -18.62
N ASP N 27 56.18 6.91 -17.63
CA ASP N 27 55.32 7.86 -16.94
C ASP N 27 55.30 9.17 -17.70
N PHE N 28 54.11 9.70 -17.91
CA PHE N 28 53.94 11.00 -18.52
C PHE N 28 52.83 11.80 -17.84
N GLY N 29 52.23 11.27 -16.77
CA GLY N 29 51.26 12.02 -16.00
C GLY N 29 49.89 12.12 -16.62
N PHE N 30 49.39 11.04 -17.22
CA PHE N 30 48.09 11.05 -17.88
C PHE N 30 47.14 10.15 -17.10
N ASP N 31 46.27 10.77 -16.34
CA ASP N 31 45.17 10.12 -15.65
C ASP N 31 44.15 11.20 -15.33
N PRO N 32 43.49 11.78 -16.35
CA PRO N 32 42.57 12.89 -16.07
C PRO N 32 41.30 12.45 -15.38
N LEU N 33 40.90 11.20 -15.51
CA LEU N 33 39.80 10.66 -14.75
C LEU N 33 40.22 10.20 -13.36
N GLY N 34 41.51 10.24 -13.04
CA GLY N 34 41.98 9.79 -11.75
C GLY N 34 41.69 8.32 -11.47
N LEU N 35 41.98 7.46 -12.43
CA LEU N 35 41.73 6.02 -12.27
C LEU N 35 42.87 5.28 -11.60
N GLY N 36 43.95 5.96 -11.24
CA GLY N 36 45.06 5.29 -10.58
C GLY N 36 45.52 5.99 -9.32
N SER N 37 44.58 6.56 -8.55
CA SER N 37 44.94 7.38 -7.40
C SER N 37 45.12 6.56 -6.11
N ASP N 38 45.01 5.24 -6.18
CA ASP N 38 45.22 4.39 -5.02
C ASP N 38 46.33 3.39 -5.33
N PRO N 39 47.34 3.26 -4.46
CA PRO N 39 48.53 2.46 -4.82
C PRO N 39 48.23 1.05 -5.27
N GLU N 40 47.29 0.35 -4.61
CA GLU N 40 46.97 -1.00 -5.04
C GLU N 40 46.28 -1.01 -6.39
N SER N 41 45.36 -0.07 -6.59
CA SER N 41 44.78 0.15 -7.91
C SER N 41 45.87 0.37 -8.94
N LEU N 42 46.84 1.22 -8.61
CA LEU N 42 47.88 1.56 -9.57
C LEU N 42 48.73 0.35 -9.93
N ARG N 43 49.12 -0.46 -8.95
CA ARG N 43 49.95 -1.61 -9.28
C ARG N 43 49.17 -2.66 -10.07
N TRP N 44 47.91 -2.88 -9.70
CA TRP N 44 47.10 -3.83 -10.48
C TRP N 44 46.97 -3.37 -11.92
N ASN N 45 46.65 -2.10 -12.11
CA ASN N 45 46.50 -1.61 -13.47
C ASN N 45 47.82 -1.54 -14.20
N VAL N 46 48.94 -1.48 -13.46
CA VAL N 46 50.24 -1.60 -14.11
C VAL N 46 50.39 -2.97 -14.73
N GLN N 47 50.06 -4.01 -13.96
CA GLN N 47 50.08 -5.36 -14.53
C GLN N 47 49.15 -5.47 -15.73
N ALA N 48 47.95 -4.90 -15.63
CA ALA N 48 46.99 -5.02 -16.71
C ALA N 48 47.49 -4.33 -17.99
N GLU N 49 48.02 -3.10 -17.85
CA GLU N 49 48.57 -2.41 -19.00
C GLU N 49 49.73 -3.18 -19.62
N LEU N 50 50.61 -3.73 -18.78
CA LEU N 50 51.75 -4.48 -19.28
C LEU N 50 51.32 -5.68 -20.10
N VAL N 51 50.47 -6.53 -19.50
CA VAL N 51 50.11 -7.77 -20.18
C VAL N 51 49.28 -7.48 -21.43
N HIS N 52 48.44 -6.44 -21.38
CA HIS N 52 47.74 -6.01 -22.58
C HIS N 52 48.72 -5.59 -23.65
N SER N 53 49.79 -4.91 -23.26
CA SER N 53 50.73 -4.40 -24.26
C SER N 53 51.48 -5.54 -24.94
N ARG N 54 51.90 -6.54 -24.16
CA ARG N 54 52.60 -7.68 -24.76
C ARG N 54 51.65 -8.49 -25.65
N TRP N 55 50.41 -8.72 -25.21
CA TRP N 55 49.44 -9.41 -26.06
C TRP N 55 49.20 -8.65 -27.35
N ALA N 56 49.01 -7.33 -27.24
CA ALA N 56 48.78 -6.52 -28.41
C ALA N 56 49.96 -6.55 -29.36
N MET N 57 51.18 -6.64 -28.83
CA MET N 57 52.34 -6.65 -29.72
C MET N 57 52.41 -7.96 -30.49
N LEU N 58 52.22 -9.08 -29.79
CA LEU N 58 52.10 -10.35 -30.50
C LEU N 58 51.06 -10.27 -31.62
N GLY N 59 49.88 -9.74 -31.30
CA GLY N 59 48.81 -9.68 -32.29
C GLY N 59 49.14 -8.76 -33.46
N ALA N 60 49.73 -7.60 -33.18
CA ALA N 60 50.07 -6.67 -34.24
C ALA N 60 51.10 -7.28 -35.18
N ALA N 61 52.11 -7.95 -34.64
CA ALA N 61 53.02 -8.70 -35.51
C ALA N 61 52.24 -9.69 -36.36
N GLY N 62 51.45 -10.56 -35.72
CA GLY N 62 50.76 -11.62 -36.41
C GLY N 62 49.79 -11.16 -37.47
N ILE N 63 49.34 -9.92 -37.41
CA ILE N 63 48.55 -9.40 -38.53
C ILE N 63 49.47 -8.78 -39.55
N PHE N 64 50.19 -7.74 -39.13
CA PHE N 64 50.75 -6.80 -40.08
C PHE N 64 51.98 -7.33 -40.79
N ILE N 65 52.68 -8.32 -40.24
CA ILE N 65 53.72 -8.95 -41.04
C ILE N 65 53.06 -9.89 -42.06
N PRO N 66 52.22 -10.85 -41.63
CA PRO N 66 51.63 -11.76 -42.62
C PRO N 66 50.82 -11.07 -43.70
N GLU N 67 50.17 -9.95 -43.39
CA GLU N 67 49.42 -9.25 -44.43
C GLU N 67 50.34 -8.54 -45.40
N PHE N 68 51.39 -7.89 -44.88
CA PHE N 68 52.30 -7.17 -45.76
C PHE N 68 53.08 -8.13 -46.66
N LEU N 69 53.25 -9.38 -46.23
CA LEU N 69 53.90 -10.36 -47.08
C LEU N 69 52.92 -11.34 -47.72
N THR N 70 51.62 -11.14 -47.49
CA THR N 70 50.60 -11.82 -48.27
C THR N 70 50.22 -11.00 -49.48
N LYS N 71 50.16 -9.67 -49.34
CA LYS N 71 49.94 -8.83 -50.51
C LYS N 71 51.01 -9.07 -51.55
N LEU N 72 52.26 -8.78 -51.20
CA LEU N 72 53.38 -9.40 -51.88
C LEU N 72 53.18 -10.91 -51.87
N GLY N 73 53.48 -11.56 -52.98
CA GLY N 73 53.35 -13.01 -53.02
C GLY N 73 54.43 -13.74 -52.26
N ILE N 74 54.46 -13.59 -50.94
CA ILE N 74 55.34 -14.41 -50.10
C ILE N 74 54.55 -15.62 -49.63
N LEU N 75 53.49 -15.38 -48.87
CA LEU N 75 52.67 -16.43 -48.29
C LEU N 75 51.23 -16.29 -48.77
N ASN N 76 50.41 -17.26 -48.38
CA ASN N 76 49.01 -17.32 -48.76
C ASN N 76 48.11 -17.47 -47.55
N THR N 77 48.47 -16.80 -46.46
CA THR N 77 47.63 -16.83 -45.28
C THR N 77 46.39 -15.98 -45.51
N PRO N 78 45.20 -16.50 -45.22
CA PRO N 78 43.97 -15.72 -45.48
C PRO N 78 43.85 -14.48 -44.61
N SER N 79 42.77 -13.73 -44.80
CA SER N 79 42.54 -12.52 -44.01
C SER N 79 42.51 -12.83 -42.52
N TRP N 80 43.30 -12.08 -41.76
CA TRP N 80 43.33 -12.25 -40.31
C TRP N 80 41.92 -12.25 -39.72
N TYR N 81 41.02 -11.44 -40.29
CA TYR N 81 39.66 -11.41 -39.79
C TYR N 81 38.93 -12.70 -40.16
N THR N 82 38.99 -13.08 -41.42
CA THR N 82 38.32 -14.28 -41.90
C THR N 82 39.08 -15.56 -41.56
N ALA N 83 40.26 -15.44 -40.93
CA ALA N 83 41.01 -16.61 -40.53
C ALA N 83 40.41 -17.29 -39.31
N GLY N 84 39.34 -16.75 -38.74
CA GLY N 84 38.68 -17.40 -37.62
C GLY N 84 37.97 -18.68 -38.00
N GLU N 85 37.57 -18.82 -39.26
CA GLU N 85 36.74 -19.93 -39.69
C GLU N 85 37.45 -20.97 -40.54
N GLN N 86 38.32 -20.57 -41.47
CA GLN N 86 39.01 -21.52 -42.33
C GLN N 86 39.61 -22.65 -41.50
N GLU N 87 39.10 -23.86 -41.71
CA GLU N 87 39.20 -24.91 -40.71
C GLU N 87 40.46 -25.74 -40.83
N TYR N 88 40.99 -26.15 -39.68
CA TYR N 88 42.25 -26.86 -39.50
C TYR N 88 41.95 -28.34 -39.24
N PHE N 89 42.98 -29.10 -38.82
CA PHE N 89 42.82 -30.54 -38.71
C PHE N 89 41.64 -30.94 -37.82
N THR N 90 41.31 -30.11 -36.83
CA THR N 90 40.13 -30.45 -35.99
C THR N 90 39.01 -29.44 -36.30
N ASP N 91 38.26 -28.98 -35.29
CA ASP N 91 37.17 -27.99 -35.56
C ASP N 91 37.56 -26.63 -35.00
N THR N 92 37.21 -26.35 -33.74
CA THR N 92 37.57 -25.06 -33.07
C THR N 92 37.26 -25.16 -31.56
N THR N 93 36.15 -25.78 -31.20
CA THR N 93 35.78 -25.88 -29.76
C THR N 93 36.83 -26.71 -29.01
N THR N 94 37.25 -27.85 -29.57
CA THR N 94 38.30 -28.68 -28.91
C THR N 94 39.62 -27.90 -28.93
N LEU N 95 39.92 -27.24 -30.06
CA LEU N 95 41.17 -26.44 -30.17
C LEU N 95 41.16 -25.43 -29.04
N PHE N 96 40.00 -24.81 -28.79
CA PHE N 96 39.82 -23.83 -27.73
C PHE N 96 39.96 -24.46 -26.36
N ILE N 97 39.49 -25.71 -26.20
CA ILE N 97 39.59 -26.38 -24.92
C ILE N 97 41.05 -26.66 -24.56
N VAL N 98 41.82 -27.15 -25.53
CA VAL N 98 43.23 -27.42 -25.24
C VAL N 98 43.99 -26.12 -24.98
N GLU N 99 43.70 -25.07 -25.77
CA GLU N 99 44.28 -23.77 -25.50
C GLU N 99 43.91 -23.29 -24.11
N LEU N 100 42.64 -23.51 -23.73
CA LEU N 100 42.14 -23.07 -22.43
C LEU N 100 42.95 -23.70 -21.31
N VAL N 101 43.02 -25.03 -21.30
CA VAL N 101 43.80 -25.73 -20.27
C VAL N 101 45.21 -25.15 -20.21
N PHE N 102 45.90 -25.18 -21.36
CA PHE N 102 47.31 -24.83 -21.41
C PHE N 102 47.56 -23.42 -20.88
N ILE N 103 46.91 -22.42 -21.48
CA ILE N 103 47.18 -21.04 -21.11
C ILE N 103 46.61 -20.71 -19.74
N GLY N 104 45.55 -21.38 -19.30
CA GLY N 104 44.98 -21.09 -18.00
C GLY N 104 45.89 -21.51 -16.88
N TRP N 105 46.62 -22.63 -17.06
CA TRP N 105 47.67 -22.95 -16.09
C TRP N 105 48.62 -21.78 -15.89
N ALA N 106 49.19 -21.28 -16.99
CA ALA N 106 50.17 -20.21 -16.91
C ALA N 106 49.57 -18.95 -16.30
N GLU N 107 48.32 -18.65 -16.64
CA GLU N 107 47.72 -17.44 -16.09
C GLU N 107 47.45 -17.59 -14.60
N GLY N 108 47.14 -18.79 -14.13
CA GLY N 108 47.02 -19.00 -12.70
C GLY N 108 48.34 -18.83 -11.97
N ARG N 109 49.43 -19.29 -12.59
CA ARG N 109 50.76 -19.04 -12.02
C ARG N 109 51.03 -17.54 -11.91
N ARG N 110 50.85 -16.81 -13.02
CA ARG N 110 51.02 -15.36 -12.99
C ARG N 110 50.10 -14.72 -11.96
N TRP N 111 48.89 -15.26 -11.78
CA TRP N 111 47.97 -14.78 -10.76
C TRP N 111 48.61 -14.87 -9.39
N ALA N 112 48.99 -16.09 -9.02
CA ALA N 112 49.62 -16.33 -7.73
C ALA N 112 50.71 -15.30 -7.49
N ASP N 113 51.60 -15.13 -8.47
CA ASP N 113 52.73 -14.22 -8.24
C ASP N 113 52.28 -12.77 -8.14
N ILE N 114 51.20 -12.39 -8.82
CA ILE N 114 50.71 -11.02 -8.69
C ILE N 114 50.18 -10.76 -7.28
N LEU N 115 49.54 -11.76 -6.66
CA LEU N 115 48.97 -11.55 -5.34
C LEU N 115 49.91 -11.94 -4.18
N ASN N 116 51.04 -12.57 -4.47
CA ASN N 116 52.00 -12.93 -3.43
C ASN N 116 53.36 -13.09 -4.10
N PRO N 117 54.16 -12.03 -4.14
CA PRO N 117 55.36 -12.03 -5.00
C PRO N 117 56.38 -13.09 -4.61
N GLY N 118 56.89 -13.78 -5.61
CA GLY N 118 57.97 -14.72 -5.40
C GLY N 118 57.59 -15.98 -4.65
N CYS N 119 56.32 -16.37 -4.66
CA CYS N 119 55.87 -17.53 -3.92
C CYS N 119 55.53 -18.72 -4.81
N VAL N 120 55.87 -18.65 -6.11
CA VAL N 120 55.69 -19.78 -7.01
C VAL N 120 56.96 -19.95 -7.84
N ASN N 121 57.99 -19.17 -7.46
CA ASN N 121 59.29 -19.04 -8.18
C ASN N 121 59.77 -20.34 -8.85
N THR N 122 60.23 -21.28 -8.01
CA THR N 122 60.84 -22.58 -8.43
C THR N 122 59.78 -23.59 -8.88
N ASP N 123 60.25 -24.73 -9.40
CA ASP N 123 59.41 -25.83 -9.92
C ASP N 123 59.22 -26.90 -8.83
N PRO N 124 58.01 -27.49 -8.68
CA PRO N 124 57.79 -28.54 -7.68
C PRO N 124 58.53 -29.84 -8.04
N ILE N 125 58.41 -30.27 -9.30
CA ILE N 125 59.05 -31.52 -9.80
C ILE N 125 60.58 -31.37 -9.71
N PHE N 126 61.10 -30.21 -10.09
CA PHE N 126 62.57 -29.94 -10.08
C PHE N 126 62.82 -28.65 -9.27
N PRO N 127 62.99 -28.74 -7.94
CA PRO N 127 63.22 -27.55 -7.09
C PRO N 127 64.50 -26.75 -7.38
N ASN N 128 65.52 -27.38 -7.99
CA ASN N 128 66.79 -26.69 -8.30
C ASN N 128 66.53 -25.53 -9.26
N ASN N 129 65.67 -25.75 -10.27
CA ASN N 129 65.33 -24.69 -11.26
C ASN N 129 64.62 -23.55 -10.52
N LYS N 130 64.98 -22.31 -10.83
CA LYS N 130 64.38 -21.12 -10.14
C LYS N 130 64.33 -19.93 -11.10
N LEU N 131 63.20 -19.21 -11.15
CA LEU N 131 63.11 -18.00 -12.00
C LEU N 131 64.04 -16.97 -11.35
N THR N 132 64.78 -16.18 -12.14
CA THR N 132 65.78 -15.26 -11.53
C THR N 132 65.31 -13.80 -11.46
N GLY N 133 64.10 -13.46 -11.89
CA GLY N 133 63.74 -12.06 -11.79
C GLY N 133 62.93 -11.66 -10.58
N THR N 134 63.31 -10.55 -9.94
CA THR N 134 62.84 -10.21 -8.61
C THR N 134 61.73 -9.16 -8.61
N ASP N 135 61.10 -8.92 -9.75
CA ASP N 135 59.99 -7.97 -9.83
C ASP N 135 58.76 -8.67 -10.39
N VAL N 136 57.60 -8.12 -10.05
CA VAL N 136 56.32 -8.64 -10.53
C VAL N 136 56.07 -8.09 -11.93
N GLY N 137 55.73 -8.98 -12.86
CA GLY N 137 55.57 -8.62 -14.24
C GLY N 137 56.86 -8.62 -15.04
N TYR N 138 57.98 -9.02 -14.43
CA TYR N 138 59.27 -9.11 -15.11
C TYR N 138 59.91 -10.41 -14.66
N PRO N 139 59.43 -11.54 -15.15
CA PRO N 139 59.77 -12.82 -14.51
C PRO N 139 61.23 -13.21 -14.61
N GLY N 140 61.85 -13.05 -15.76
CA GLY N 140 63.26 -13.40 -15.89
C GLY N 140 63.45 -14.90 -15.93
N GLY N 141 64.40 -15.38 -15.15
CA GLY N 141 64.75 -16.79 -15.18
C GLY N 141 65.29 -17.22 -16.53
N LEU N 142 65.57 -18.51 -16.69
CA LEU N 142 66.07 -18.99 -17.97
C LEU N 142 64.98 -18.92 -19.04
N TRP N 143 63.77 -19.36 -18.72
CA TRP N 143 62.72 -19.45 -19.75
C TRP N 143 62.43 -18.09 -20.36
N PHE N 144 62.18 -17.08 -19.52
CA PHE N 144 61.79 -15.76 -19.99
C PHE N 144 62.95 -14.80 -20.10
N ASP N 145 64.16 -15.23 -19.76
CA ASP N 145 65.33 -14.37 -19.88
C ASP N 145 66.57 -15.23 -19.98
N PRO N 146 66.69 -16.11 -20.97
CA PRO N 146 67.89 -16.94 -21.08
C PRO N 146 69.09 -16.16 -21.55
N LEU N 147 68.86 -15.01 -22.20
CA LEU N 147 69.94 -14.18 -22.72
C LEU N 147 70.49 -13.22 -21.68
N GLY N 148 69.94 -13.21 -20.47
CA GLY N 148 70.38 -12.28 -19.45
C GLY N 148 70.11 -10.83 -19.81
N TRP N 149 69.63 -10.61 -21.03
CA TRP N 149 69.41 -9.30 -21.62
C TRP N 149 68.73 -8.32 -20.66
N GLY N 150 67.83 -8.84 -19.84
CA GLY N 150 66.97 -7.98 -19.04
C GLY N 150 67.49 -7.49 -17.71
N SER N 151 67.98 -8.41 -16.87
CA SER N 151 68.38 -8.04 -15.52
C SER N 151 69.62 -7.16 -15.56
N ALA N 152 69.50 -5.95 -15.02
CA ALA N 152 70.62 -5.03 -14.90
C ALA N 152 70.25 -3.99 -13.84
N SER N 153 71.04 -2.94 -13.75
CA SER N 153 70.78 -1.95 -12.74
C SER N 153 70.29 -0.65 -13.38
N PRO N 154 69.51 0.17 -12.64
CA PRO N 154 68.75 1.27 -13.25
C PRO N 154 69.52 2.21 -14.16
N GLN N 155 68.78 3.08 -14.85
CA GLN N 155 69.16 3.88 -16.01
C GLN N 155 69.31 2.99 -17.23
N LYS N 156 69.43 1.68 -17.01
CA LYS N 156 69.55 0.71 -18.12
C LYS N 156 68.25 -0.07 -18.23
N LEU N 157 67.82 -0.66 -17.11
CA LEU N 157 66.55 -1.43 -17.03
C LEU N 157 65.36 -0.48 -17.23
N LYS N 158 65.42 0.71 -16.63
CA LYS N 158 64.30 1.70 -16.69
C LYS N 158 64.03 2.11 -18.15
N GLU N 159 65.09 2.37 -18.92
CA GLU N 159 64.92 2.76 -20.31
C GLU N 159 64.39 1.61 -21.15
N LEU N 160 64.97 0.42 -20.99
CA LEU N 160 64.43 -0.72 -21.72
C LEU N 160 62.92 -0.91 -21.48
N ARG N 161 62.49 -0.74 -20.22
CA ARG N 161 61.11 -0.95 -19.84
C ARG N 161 60.20 0.13 -20.40
N THR N 162 60.63 1.40 -20.35
CA THR N 162 59.84 2.44 -20.99
C THR N 162 59.69 2.18 -22.47
N LYS N 163 60.76 1.72 -23.12
CA LYS N 163 60.67 1.39 -24.53
C LYS N 163 59.62 0.30 -24.76
N GLU N 164 59.62 -0.70 -23.88
CA GLU N 164 58.60 -1.74 -23.96
C GLU N 164 57.21 -1.16 -23.88
N ILE N 165 56.94 -0.33 -22.87
CA ILE N 165 55.57 0.13 -22.65
C ILE N 165 55.12 1.04 -23.80
N LYS N 166 56.04 1.78 -24.43
CA LYS N 166 55.63 2.61 -25.56
C LYS N 166 55.32 1.76 -26.79
N ASN N 167 56.18 0.79 -27.09
CA ASN N 167 55.87 -0.14 -28.18
C ASN N 167 54.53 -0.81 -27.95
N GLY N 168 54.24 -1.16 -26.70
CA GLY N 168 52.99 -1.83 -26.40
C GLY N 168 51.77 -0.94 -26.59
N ARG N 169 51.88 0.33 -26.19
CA ARG N 169 50.77 1.24 -26.40
C ARG N 169 50.48 1.39 -27.89
N LEU N 170 51.54 1.56 -28.70
CA LEU N 170 51.32 1.68 -30.13
C LEU N 170 50.72 0.40 -30.71
N ALA N 171 51.08 -0.77 -30.19
CA ALA N 171 50.53 -2.01 -30.74
C ALA N 171 49.05 -2.18 -30.39
N MET N 172 48.66 -1.87 -29.15
CA MET N 172 47.25 -1.85 -28.80
C MET N 172 46.47 -0.98 -29.79
N LEU N 173 46.93 0.26 -29.97
CA LEU N 173 46.24 1.16 -30.89
C LEU N 173 46.23 0.58 -32.30
N ALA N 174 47.33 -0.07 -32.70
CA ALA N 174 47.45 -0.57 -34.06
C ALA N 174 46.39 -1.64 -34.34
N VAL N 175 46.25 -2.60 -33.43
CA VAL N 175 45.30 -3.67 -33.72
C VAL N 175 43.87 -3.13 -33.62
N MET N 176 43.69 -2.10 -32.81
CA MET N 176 42.35 -1.45 -32.70
C MET N 176 42.02 -0.82 -34.06
N GLY N 177 42.99 -0.19 -34.70
CA GLY N 177 42.82 0.41 -36.01
C GLY N 177 42.55 -0.62 -37.09
N ALA N 178 43.28 -1.74 -37.05
CA ALA N 178 43.00 -2.84 -37.96
C ALA N 178 41.55 -3.29 -37.85
N TRP N 179 41.08 -3.51 -36.60
CA TRP N 179 39.70 -3.92 -36.40
C TRP N 179 38.71 -2.92 -37.00
N PHE N 180 38.85 -1.65 -36.64
CA PHE N 180 37.82 -0.70 -37.01
C PHE N 180 37.86 -0.36 -38.49
N GLN N 181 39.03 -0.42 -39.11
CA GLN N 181 39.09 -0.22 -40.55
C GLN N 181 38.42 -1.37 -41.28
N HIS N 182 38.72 -2.60 -40.88
CA HIS N 182 38.11 -3.73 -41.59
C HIS N 182 36.65 -3.94 -41.24
N ILE N 183 36.13 -3.28 -40.20
CA ILE N 183 34.69 -3.29 -40.01
C ILE N 183 34.01 -2.14 -40.76
N TYR N 184 34.67 -0.98 -40.83
CA TYR N 184 34.15 0.13 -41.62
C TYR N 184 34.21 -0.21 -43.10
N THR N 185 35.40 -0.45 -43.61
CA THR N 185 35.56 -0.94 -44.97
C THR N 185 35.39 -2.46 -44.97
N GLY N 186 35.50 -3.06 -46.16
CA GLY N 186 35.43 -4.50 -46.26
C GLY N 186 36.72 -5.02 -46.86
N THR N 187 37.82 -4.37 -46.51
CA THR N 187 39.10 -4.51 -47.18
C THR N 187 40.13 -5.11 -46.24
N GLY N 188 41.38 -5.17 -46.72
CA GLY N 188 42.50 -5.45 -45.87
C GLY N 188 43.21 -4.16 -45.48
N PRO N 189 44.00 -4.21 -44.41
CA PRO N 189 44.66 -2.98 -43.97
C PRO N 189 45.73 -2.49 -44.93
N ILE N 190 46.49 -3.40 -45.54
CA ILE N 190 47.53 -2.95 -46.47
C ILE N 190 46.90 -2.33 -47.69
N ASP N 191 45.71 -2.81 -48.09
CA ASP N 191 44.95 -2.15 -49.14
C ASP N 191 44.56 -0.74 -48.73
N ASN N 192 44.11 -0.57 -47.49
CA ASN N 192 43.80 0.76 -46.98
C ASN N 192 45.03 1.67 -47.09
N LEU N 193 46.18 1.16 -46.64
CA LEU N 193 47.39 1.96 -46.64
C LEU N 193 47.78 2.36 -48.05
N PHE N 194 47.75 1.41 -48.99
CA PHE N 194 48.16 1.70 -50.36
C PHE N 194 47.21 2.69 -51.02
N ALA N 195 45.90 2.50 -50.83
CA ALA N 195 44.93 3.42 -51.42
C ALA N 195 45.13 4.83 -50.87
N HIS N 196 45.24 4.95 -49.55
CA HIS N 196 45.46 6.26 -48.94
C HIS N 196 46.78 6.86 -49.41
N LEU N 197 47.80 6.04 -49.63
CA LEU N 197 49.07 6.60 -50.08
C LEU N 197 49.01 7.06 -51.52
N ALA N 198 48.27 6.35 -52.36
CA ALA N 198 48.13 6.74 -53.76
C ALA N 198 47.24 7.95 -53.94
N ASP N 199 46.34 8.22 -53.00
CA ASP N 199 45.55 9.46 -53.01
C ASP N 199 45.31 9.93 -51.58
N PRO N 200 46.33 10.50 -50.93
CA PRO N 200 46.14 10.97 -49.55
C PRO N 200 45.09 12.05 -49.42
N GLY N 201 45.11 13.04 -50.30
CA GLY N 201 44.17 14.14 -50.20
C GLY N 201 42.72 13.74 -50.43
N HIS N 202 42.45 12.51 -50.84
CA HIS N 202 41.08 12.09 -51.09
C HIS N 202 40.71 10.71 -50.53
N ALA N 203 41.67 9.81 -50.31
CA ALA N 203 41.34 8.44 -49.92
C ALA N 203 41.41 8.28 -48.40
N THR N 204 40.62 9.10 -47.72
CA THR N 204 40.52 9.08 -46.27
C THR N 204 39.25 8.36 -45.83
N ILE N 205 38.94 8.46 -44.54
CA ILE N 205 37.67 7.93 -44.03
C ILE N 205 36.49 8.68 -44.64
N PHE N 206 36.69 9.93 -45.06
CA PHE N 206 35.58 10.71 -45.60
C PHE N 206 35.34 10.37 -47.06
N ALA N 207 35.19 9.08 -47.36
CA ALA N 207 34.90 8.63 -48.72
C ALA N 207 33.50 8.07 -48.88
N ALA N 208 32.83 7.68 -47.79
CA ALA N 208 31.48 7.17 -47.85
C ALA N 208 30.51 8.24 -48.32
N ARG O 1 39.94 63.00 -23.53
CA ARG O 1 39.22 61.74 -23.59
C ARG O 1 37.75 61.96 -23.95
N PRO O 2 37.43 61.90 -25.25
CA PRO O 2 36.03 62.00 -25.66
C PRO O 2 35.24 60.80 -25.19
N LEU O 3 33.97 61.04 -24.84
CA LEU O 3 33.11 60.01 -24.29
C LEU O 3 31.90 59.81 -25.20
N TRP O 4 31.50 58.56 -25.36
CA TRP O 4 30.34 58.18 -26.18
C TRP O 4 29.34 57.48 -25.28
N PHE O 5 28.21 58.14 -25.02
CA PHE O 5 27.10 57.53 -24.27
C PHE O 5 27.59 56.96 -22.96
N ALA O 6 28.51 57.67 -22.32
CA ALA O 6 29.05 57.23 -21.05
C ALA O 6 27.96 57.26 -19.97
N SER O 7 28.32 56.82 -18.78
CA SER O 7 27.40 56.88 -17.66
C SER O 7 28.22 56.83 -16.38
N LYS O 8 27.58 57.21 -15.28
CA LYS O 8 28.28 57.20 -14.01
C LYS O 8 28.58 55.80 -13.51
N GLN O 9 27.97 54.77 -14.11
CA GLN O 9 28.35 53.40 -13.77
C GLN O 9 29.56 52.96 -14.59
N SER O 10 29.47 53.09 -15.92
CA SER O 10 30.59 52.69 -16.77
C SER O 10 31.83 53.52 -16.46
N LEU O 11 31.67 54.83 -16.29
CA LEU O 11 32.80 55.72 -16.05
C LEU O 11 33.47 55.49 -14.71
N SER O 12 32.95 54.61 -13.87
CA SER O 12 33.63 54.27 -12.63
C SER O 12 34.85 53.41 -12.91
N TYR O 13 34.65 52.23 -13.50
CA TYR O 13 35.74 51.30 -13.68
C TYR O 13 36.55 51.54 -14.95
N LEU O 14 36.03 52.32 -15.89
CA LEU O 14 36.75 52.64 -17.12
C LEU O 14 37.61 53.87 -16.89
N ASP O 15 38.74 53.66 -16.20
CA ASP O 15 39.59 54.77 -15.84
C ASP O 15 40.38 55.31 -17.02
N GLY O 16 40.94 54.43 -17.85
CA GLY O 16 41.61 54.89 -19.05
C GLY O 16 42.88 54.15 -19.43
N SER O 17 43.30 53.19 -18.60
CA SER O 17 44.56 52.49 -18.84
C SER O 17 44.56 51.67 -20.12
N LEU O 18 43.40 51.42 -20.73
CA LEU O 18 43.22 50.57 -21.90
C LEU O 18 43.17 51.40 -23.18
N PRO O 19 43.67 50.88 -24.30
CA PRO O 19 43.66 51.67 -25.54
C PRO O 19 42.26 51.82 -26.10
N GLY O 20 41.97 53.02 -26.60
CA GLY O 20 40.64 53.30 -27.11
C GLY O 20 39.58 53.24 -26.04
N ASP O 21 39.93 53.58 -24.81
CA ASP O 21 38.97 53.63 -23.70
C ASP O 21 38.09 54.85 -23.87
N TYR O 22 36.87 54.65 -24.33
CA TYR O 22 35.94 55.73 -24.61
C TYR O 22 34.80 55.78 -23.59
N GLY O 23 34.89 55.03 -22.50
CA GLY O 23 33.85 55.02 -21.50
C GLY O 23 32.50 54.58 -22.01
N PHE O 24 32.45 53.91 -23.15
CA PHE O 24 31.21 53.44 -23.74
C PHE O 24 30.97 52.02 -23.28
N ASP O 25 29.97 51.84 -22.44
CA ASP O 25 29.60 50.52 -21.94
C ASP O 25 28.13 50.54 -21.52
N PRO O 26 27.21 50.86 -22.43
CA PRO O 26 25.82 51.10 -22.02
C PRO O 26 25.14 49.88 -21.41
N LEU O 27 25.77 48.72 -21.43
CA LEU O 27 25.23 47.53 -20.80
C LEU O 27 25.94 47.14 -19.52
N GLY O 28 27.10 47.75 -19.25
CA GLY O 28 27.84 47.46 -18.03
C GLY O 28 28.45 46.08 -18.00
N LEU O 29 29.18 45.71 -19.05
CA LEU O 29 29.75 44.37 -19.10
C LEU O 29 31.11 44.26 -18.42
N SER O 30 31.84 45.37 -18.29
CA SER O 30 33.15 45.35 -17.65
C SER O 30 33.09 45.51 -16.15
N ASP O 31 31.90 45.60 -15.56
CA ASP O 31 31.81 45.90 -14.14
C ASP O 31 32.47 44.80 -13.34
N PRO O 32 33.51 45.10 -12.57
CA PRO O 32 34.26 44.05 -11.85
C PRO O 32 33.58 43.53 -10.60
N GLU O 33 32.33 43.94 -10.32
CA GLU O 33 31.67 43.55 -9.09
C GLU O 33 31.44 42.05 -8.99
N GLY O 34 30.51 41.53 -9.80
CA GLY O 34 30.21 40.11 -9.80
C GLY O 34 30.82 39.30 -10.93
N THR O 35 32.13 39.19 -11.00
CA THR O 35 32.77 38.58 -12.16
C THR O 35 33.02 37.10 -11.94
N GLY O 36 32.77 36.30 -12.98
CA GLY O 36 32.90 34.86 -12.91
C GLY O 36 33.67 34.28 -14.08
N GLY O 37 33.05 33.35 -14.81
CA GLY O 37 33.69 32.74 -15.96
C GLY O 37 33.36 33.48 -17.24
N PHE O 38 34.38 33.81 -18.00
CA PHE O 38 34.28 34.50 -19.30
C PHE O 38 33.56 35.84 -19.22
N ILE O 39 33.29 36.35 -18.02
CA ILE O 39 32.83 37.71 -17.84
C ILE O 39 33.86 38.60 -17.20
N GLU O 40 34.97 38.04 -16.73
CA GLU O 40 36.07 38.83 -16.20
C GLU O 40 36.52 39.86 -17.24
N PRO O 41 36.85 41.09 -16.82
CA PRO O 41 37.18 42.14 -17.80
C PRO O 41 38.48 41.92 -18.56
N ARG O 42 39.51 41.32 -17.95
CA ARG O 42 40.74 41.04 -18.69
C ARG O 42 40.47 40.13 -19.86
N TRP O 43 39.67 39.09 -19.64
CA TRP O 43 39.35 38.18 -20.73
C TRP O 43 38.54 38.88 -21.81
N LEU O 44 37.72 39.84 -21.44
CA LEU O 44 36.96 40.58 -22.46
C LEU O 44 37.88 41.46 -23.29
N ALA O 45 38.89 42.06 -22.67
CA ALA O 45 39.85 42.86 -23.45
C ALA O 45 40.66 41.98 -24.38
N TYR O 46 41.15 40.85 -23.86
CA TYR O 46 41.86 39.89 -24.71
C TYR O 46 41.00 39.41 -25.86
N GLY O 47 39.71 39.16 -25.59
CA GLY O 47 38.82 38.69 -26.63
C GLY O 47 38.56 39.73 -27.70
N GLU O 48 38.42 40.99 -27.30
CA GLU O 48 38.31 42.05 -28.30
C GLU O 48 39.57 42.11 -29.15
N VAL O 49 40.73 41.95 -28.53
CA VAL O 49 41.97 42.01 -29.29
C VAL O 49 42.02 40.90 -30.33
N ILE O 50 41.71 39.67 -29.92
CA ILE O 50 41.82 38.55 -30.83
C ILE O 50 40.75 38.64 -31.93
N ASN O 51 39.52 39.00 -31.57
CA ASN O 51 38.49 39.20 -32.58
C ASN O 51 38.92 40.24 -33.60
N GLY O 52 39.49 41.36 -33.15
CA GLY O 52 39.89 42.39 -34.08
C GLY O 52 41.05 41.96 -34.97
N ARG O 53 42.01 41.21 -34.43
CA ARG O 53 43.12 40.74 -35.23
C ARG O 53 42.64 39.80 -36.33
N PHE O 54 41.90 38.76 -35.94
CA PHE O 54 41.35 37.86 -36.94
C PHE O 54 40.44 38.60 -37.90
N ALA O 55 39.78 39.66 -37.46
CA ALA O 55 38.89 40.39 -38.34
C ALA O 55 39.67 41.17 -39.38
N MET O 56 40.78 41.78 -39.00
CA MET O 56 41.63 42.43 -40.00
C MET O 56 42.05 41.42 -41.05
N LEU O 57 42.58 40.28 -40.61
CA LEU O 57 42.99 39.23 -41.54
C LEU O 57 41.83 38.82 -42.46
N GLY O 58 40.71 38.41 -41.88
CA GLY O 58 39.62 37.85 -42.65
C GLY O 58 38.91 38.87 -43.52
N ALA O 59 38.79 40.11 -43.05
CA ALA O 59 38.14 41.13 -43.85
C ALA O 59 39.00 41.53 -45.04
N VAL O 60 40.33 41.53 -44.89
CA VAL O 60 41.08 41.80 -46.09
C VAL O 60 41.08 40.58 -47.02
N GLY O 61 40.97 39.37 -46.45
CA GLY O 61 41.04 38.19 -47.28
C GLY O 61 39.78 37.84 -48.04
N ALA O 62 38.61 38.14 -47.46
CA ALA O 62 37.36 37.77 -48.10
C ALA O 62 37.04 38.62 -49.32
N ILE O 63 37.77 39.70 -49.54
CA ILE O 63 37.54 40.58 -50.70
C ILE O 63 38.70 40.53 -51.69
N ALA O 64 39.85 40.01 -51.29
CA ALA O 64 41.02 40.03 -52.16
C ALA O 64 40.83 39.28 -53.46
N PRO O 65 40.28 38.06 -53.50
CA PRO O 65 40.20 37.34 -54.78
C PRO O 65 39.39 38.08 -55.83
N GLU O 66 38.14 38.41 -55.52
CA GLU O 66 37.30 39.06 -56.53
C GLU O 66 37.78 40.45 -56.89
N TYR O 67 38.80 40.98 -56.22
CA TYR O 67 39.43 42.18 -56.74
C TYR O 67 40.51 41.84 -57.77
N LEU O 68 41.30 40.80 -57.51
CA LEU O 68 42.27 40.32 -58.47
C LEU O 68 41.65 39.47 -59.57
N GLY O 69 40.35 39.19 -59.48
CA GLY O 69 39.65 38.63 -60.62
C GLY O 69 39.50 39.59 -61.78
N LYS O 70 39.73 40.89 -61.55
CA LYS O 70 39.54 41.90 -62.56
C LYS O 70 40.83 42.50 -63.08
N VAL O 71 41.96 42.23 -62.44
CA VAL O 71 43.21 42.88 -62.85
C VAL O 71 44.36 41.87 -62.82
N GLY O 72 44.72 41.35 -63.98
CA GLY O 72 45.84 40.43 -64.10
C GLY O 72 45.41 39.10 -64.71
N LEU O 73 46.40 38.22 -64.82
CA LEU O 73 46.20 36.89 -65.39
C LEU O 73 45.61 35.90 -64.41
N ILE O 74 45.22 36.37 -63.23
CA ILE O 74 44.64 35.55 -62.17
C ILE O 74 43.41 34.83 -62.73
N PRO O 75 43.41 33.50 -62.77
CA PRO O 75 42.35 32.79 -63.51
C PRO O 75 41.01 32.89 -62.80
N GLN O 76 39.97 33.21 -63.58
CA GLN O 76 38.67 33.53 -63.00
C GLN O 76 38.07 32.37 -62.21
N GLU O 77 38.34 31.13 -62.63
CA GLU O 77 37.88 30.00 -61.83
C GLU O 77 38.39 30.09 -60.41
N THR O 78 39.56 30.70 -60.22
CA THR O 78 40.07 31.06 -58.90
C THR O 78 39.79 32.52 -58.57
N ALA O 79 38.67 33.06 -59.06
CA ALA O 79 38.18 34.37 -58.65
C ALA O 79 36.72 34.20 -58.26
N LEU O 80 36.50 33.77 -57.03
CA LEU O 80 35.17 33.56 -56.49
C LEU O 80 34.88 34.62 -55.44
N ALA O 81 33.62 34.67 -55.00
CA ALA O 81 33.29 35.52 -53.88
C ALA O 81 33.79 34.87 -52.59
N TRP O 82 33.49 35.51 -51.46
CA TRP O 82 33.81 34.86 -50.20
C TRP O 82 32.75 33.88 -49.76
N PHE O 83 31.57 33.89 -50.36
CA PHE O 83 30.54 32.93 -50.00
C PHE O 83 30.40 31.79 -51.01
N GLN O 84 31.07 31.88 -52.16
CA GLN O 84 31.00 30.79 -53.13
C GLN O 84 32.37 30.18 -53.38
N THR O 85 33.10 29.91 -52.31
CA THR O 85 34.36 29.19 -52.38
C THR O 85 34.31 27.84 -51.69
N GLY O 86 33.24 27.53 -50.96
CA GLY O 86 33.14 26.30 -50.21
C GLY O 86 32.67 26.56 -48.80
N VAL O 87 32.63 27.84 -48.42
CA VAL O 87 32.20 28.21 -47.08
C VAL O 87 30.76 27.81 -46.85
N ILE O 88 29.92 27.96 -47.87
CA ILE O 88 28.54 27.51 -47.79
C ILE O 88 28.26 26.71 -49.05
N PRO O 89 28.41 25.39 -49.01
CA PRO O 89 28.29 24.57 -50.21
C PRO O 89 26.94 24.71 -50.90
N PRO O 90 25.84 24.93 -50.16
CA PRO O 90 24.59 25.31 -50.85
C PRO O 90 24.66 26.65 -51.56
N ALA O 91 25.80 27.32 -51.58
CA ALA O 91 25.95 28.57 -52.29
C ALA O 91 27.11 28.58 -53.28
N GLY O 92 27.78 27.44 -53.48
CA GLY O 92 28.91 27.36 -54.38
C GLY O 92 30.10 26.66 -53.75
N THR O 93 30.66 25.67 -54.44
CA THR O 93 31.80 24.93 -53.93
C THR O 93 32.89 24.85 -55.00
N TYR O 94 34.03 24.28 -54.61
CA TYR O 94 35.21 24.18 -55.45
C TYR O 94 35.80 22.79 -55.29
N ASN O 95 36.83 22.49 -56.08
CA ASN O 95 37.54 21.21 -56.02
C ASN O 95 39.03 21.48 -55.81
N TYR O 96 39.43 21.63 -54.56
CA TYR O 96 40.83 21.83 -54.22
C TYR O 96 41.55 20.48 -54.28
N TRP O 97 42.76 20.44 -53.75
CA TRP O 97 43.49 19.18 -53.71
C TRP O 97 42.99 18.24 -52.62
N ALA O 98 42.05 18.69 -51.78
CA ALA O 98 41.51 17.83 -50.73
C ALA O 98 39.98 17.91 -50.69
N ASP O 99 39.38 17.33 -49.65
CA ASP O 99 37.97 16.99 -49.68
C ASP O 99 37.03 18.11 -49.22
N ASN O 100 37.52 19.10 -48.48
CA ASN O 100 36.80 20.08 -47.66
C ASN O 100 36.37 19.49 -46.32
N TYR O 101 36.52 18.20 -46.09
CA TYR O 101 36.34 17.59 -44.78
C TYR O 101 37.66 17.12 -44.20
N THR O 102 38.47 16.44 -45.01
CA THR O 102 39.88 16.29 -44.69
C THR O 102 40.52 17.66 -44.48
N LEU O 103 40.13 18.64 -45.29
CA LEU O 103 40.61 20.00 -45.08
C LEU O 103 40.23 20.51 -43.70
N PHE O 104 38.99 20.27 -43.29
CA PHE O 104 38.58 20.72 -41.96
C PHE O 104 39.38 20.03 -40.87
N VAL O 105 39.58 18.71 -40.99
CA VAL O 105 40.28 17.98 -39.95
C VAL O 105 41.72 18.45 -39.85
N LEU O 106 42.38 18.64 -40.99
CA LEU O 106 43.79 19.03 -40.96
C LEU O 106 43.97 20.46 -40.46
N GLU O 107 43.10 21.37 -40.91
CA GLU O 107 43.16 22.73 -40.40
C GLU O 107 42.87 22.77 -38.90
N MET O 108 41.94 21.95 -38.43
CA MET O 108 41.67 21.90 -36.99
C MET O 108 42.86 21.33 -36.23
N ALA O 109 43.58 20.36 -36.81
CA ALA O 109 44.76 19.83 -36.14
C ALA O 109 45.81 20.93 -35.97
N LEU O 110 46.10 21.65 -37.04
CA LEU O 110 47.11 22.70 -36.96
C LEU O 110 46.69 23.79 -35.98
N MET O 111 45.43 24.23 -36.06
CA MET O 111 45.01 25.27 -35.14
C MET O 111 44.87 24.78 -33.71
N GLY O 112 44.64 23.48 -33.49
CA GLY O 112 44.70 22.96 -32.14
C GLY O 112 46.10 23.08 -31.57
N PHE O 113 47.09 22.68 -32.37
CA PHE O 113 48.48 22.85 -31.95
C PHE O 113 48.81 24.30 -31.63
N ALA O 114 48.24 25.24 -32.38
CA ALA O 114 48.53 26.63 -32.09
C ALA O 114 47.79 27.14 -30.86
N GLU O 115 46.48 26.91 -30.81
CA GLU O 115 45.62 27.60 -29.84
C GLU O 115 45.70 26.98 -28.46
N HIS O 116 45.93 25.67 -28.34
CA HIS O 116 46.11 25.10 -27.00
C HIS O 116 47.33 25.72 -26.32
N ARG O 117 48.39 25.97 -27.09
CA ARG O 117 49.59 26.58 -26.51
C ARG O 117 49.38 28.05 -26.20
N ARG O 118 48.69 28.78 -27.07
CA ARG O 118 48.38 30.17 -26.75
C ARG O 118 47.55 30.26 -25.46
N PHE O 119 46.55 29.40 -25.31
CA PHE O 119 45.79 29.38 -24.07
C PHE O 119 46.69 29.07 -22.88
N GLN O 120 47.44 27.96 -22.95
CA GLN O 120 48.31 27.61 -21.83
C GLN O 120 49.26 28.72 -21.47
N ASP O 121 49.57 29.61 -22.41
CA ASP O 121 50.27 30.83 -22.02
C ASP O 121 49.36 31.74 -21.23
N TRP O 122 48.08 31.83 -21.62
CA TRP O 122 47.16 32.69 -20.87
C TRP O 122 46.98 32.20 -19.42
N ALA O 123 46.95 30.89 -19.22
CA ALA O 123 46.49 30.34 -17.95
C ALA O 123 47.60 30.28 -16.92
N LYS O 124 48.75 29.72 -17.26
CA LYS O 124 49.92 29.66 -16.39
C LYS O 124 51.04 30.44 -17.07
N PRO O 125 50.99 31.78 -17.01
CA PRO O 125 51.86 32.59 -17.88
C PRO O 125 53.34 32.26 -17.77
N GLY O 126 53.90 31.73 -18.85
CA GLY O 126 55.26 31.27 -18.90
C GLY O 126 55.45 29.76 -18.91
N SER O 127 54.45 29.00 -19.35
CA SER O 127 54.53 27.55 -19.28
C SER O 127 55.27 26.97 -20.48
N MET O 128 55.06 27.53 -21.66
CA MET O 128 55.43 26.85 -22.89
C MET O 128 56.92 26.93 -23.20
N GLY O 129 57.64 27.87 -22.60
CA GLY O 129 59.07 27.95 -22.81
C GLY O 129 59.86 27.12 -21.83
N LYS O 130 59.26 26.04 -21.35
CA LYS O 130 59.92 25.17 -20.38
C LYS O 130 59.99 23.72 -20.81
N GLN O 131 58.95 23.20 -21.45
CA GLN O 131 58.96 21.84 -21.94
C GLN O 131 59.57 21.78 -23.32
N TYR O 132 60.15 20.63 -23.66
CA TYR O 132 60.82 20.48 -24.93
C TYR O 132 59.82 20.54 -26.09
N PHE O 133 60.22 21.24 -27.16
CA PHE O 133 59.39 21.34 -28.36
C PHE O 133 60.23 21.32 -29.63
N LEU O 134 61.36 20.61 -29.63
CA LEU O 134 62.30 20.59 -30.76
C LEU O 134 62.95 21.96 -30.97
N GLY O 135 63.52 22.52 -29.90
CA GLY O 135 63.69 23.95 -29.99
C GLY O 135 62.30 24.55 -29.96
N LEU O 136 62.11 25.68 -30.62
CA LEU O 136 60.81 26.33 -30.66
C LEU O 136 60.28 26.68 -29.29
N GLU O 137 61.09 26.55 -28.24
CA GLU O 137 60.68 26.92 -26.90
C GLU O 137 61.33 28.20 -26.41
N LYS O 138 62.54 28.48 -26.88
CA LYS O 138 63.24 29.70 -26.49
C LYS O 138 62.52 30.95 -26.98
N GLY O 139 61.61 30.80 -27.94
CA GLY O 139 60.90 31.94 -28.48
C GLY O 139 59.49 32.08 -27.95
N PHE O 140 59.00 31.04 -27.29
CA PHE O 140 57.65 31.01 -26.75
C PHE O 140 57.64 31.17 -25.23
N GLY O 141 58.53 32.01 -24.73
CA GLY O 141 58.55 32.33 -23.32
C GLY O 141 57.37 33.19 -22.92
N GLY O 142 57.29 34.39 -23.48
CA GLY O 142 56.19 35.30 -23.24
C GLY O 142 56.67 36.63 -22.71
N SER O 143 55.69 37.47 -22.37
CA SER O 143 55.98 38.81 -21.85
C SER O 143 55.09 39.21 -20.69
N GLY O 144 54.50 38.24 -19.99
CA GLY O 144 53.65 38.59 -18.87
C GLY O 144 52.26 39.02 -19.26
N ASN O 145 52.14 39.67 -20.42
CA ASN O 145 50.84 40.11 -20.92
C ASN O 145 50.41 39.18 -22.05
N PRO O 146 49.25 38.54 -21.93
CA PRO O 146 48.86 37.55 -22.96
C PRO O 146 48.76 38.13 -24.35
N ALA O 147 48.08 39.25 -24.52
CA ALA O 147 47.78 39.74 -25.85
C ALA O 147 48.99 40.31 -26.58
N TYR O 148 50.13 40.44 -25.90
CA TYR O 148 51.34 41.06 -26.47
C TYR O 148 52.55 40.24 -26.06
N PRO O 149 52.66 39.00 -26.56
CA PRO O 149 53.67 38.09 -26.03
C PRO O 149 55.09 38.48 -26.37
N GLY O 150 55.33 39.08 -27.52
CA GLY O 150 56.69 39.37 -27.89
C GLY O 150 57.54 38.11 -28.08
N GLY O 151 58.83 38.34 -28.24
CA GLY O 151 59.79 37.29 -28.43
C GLY O 151 60.56 37.47 -29.73
N PRO O 152 61.35 36.45 -30.10
CA PRO O 152 61.98 36.48 -31.42
C PRO O 152 61.00 36.21 -32.54
N PHE O 153 59.82 35.67 -32.24
CA PHE O 153 58.87 35.26 -33.28
C PHE O 153 57.82 36.33 -33.57
N PHE O 154 57.03 36.70 -32.56
CA PHE O 154 55.92 37.61 -32.79
C PHE O 154 56.35 39.07 -32.88
N ASN O 155 57.64 39.35 -32.70
CA ASN O 155 58.19 40.68 -32.96
C ASN O 155 59.60 40.51 -33.49
N PRO O 156 59.74 40.26 -34.78
CA PRO O 156 61.08 40.22 -35.38
C PRO O 156 61.69 41.60 -35.56
N LEU O 157 60.91 42.54 -36.07
CA LEU O 157 61.45 43.84 -36.46
C LEU O 157 61.70 44.77 -35.29
N GLY O 158 61.23 44.43 -34.10
CA GLY O 158 61.51 45.24 -32.93
C GLY O 158 60.82 46.59 -32.92
N PHE O 159 59.51 46.61 -33.15
CA PHE O 159 58.75 47.84 -33.08
C PHE O 159 58.38 48.15 -31.64
N GLY O 160 58.59 49.40 -31.24
CA GLY O 160 58.07 49.86 -29.96
C GLY O 160 58.81 49.42 -28.72
N LYS O 161 60.05 49.86 -28.55
CA LYS O 161 60.84 49.54 -27.37
C LYS O 161 60.70 50.56 -26.25
N ASP O 162 59.74 51.48 -26.36
CA ASP O 162 59.44 52.43 -25.29
C ASP O 162 57.95 52.39 -24.96
N GLU O 163 57.47 53.38 -24.21
CA GLU O 163 56.08 53.38 -23.75
C GLU O 163 55.16 54.14 -24.70
N LYS O 164 55.54 55.35 -25.13
CA LYS O 164 54.75 56.05 -26.13
C LYS O 164 54.60 55.23 -27.39
N SER O 165 55.70 54.61 -27.84
CA SER O 165 55.68 53.67 -28.95
C SER O 165 54.52 52.71 -28.82
N LEU O 166 54.54 51.93 -27.75
CA LEU O 166 53.61 50.83 -27.59
C LEU O 166 52.19 51.33 -27.42
N LYS O 167 52.01 52.44 -26.71
CA LYS O 167 50.65 52.93 -26.48
C LYS O 167 50.03 53.45 -27.77
N GLU O 168 50.78 54.23 -28.55
CA GLU O 168 50.27 54.74 -29.81
C GLU O 168 49.95 53.60 -30.78
N LEU O 169 50.88 52.64 -30.89
CA LEU O 169 50.65 51.52 -31.80
C LEU O 169 49.47 50.67 -31.35
N LYS O 170 49.33 50.44 -30.04
CA LYS O 170 48.22 49.65 -29.53
C LYS O 170 46.88 50.33 -29.80
N LEU O 171 46.83 51.64 -29.63
CA LEU O 171 45.62 52.38 -29.97
C LEU O 171 45.25 52.16 -31.43
N LYS O 172 46.20 52.39 -32.33
CA LYS O 172 45.89 52.21 -33.75
C LYS O 172 45.45 50.79 -34.06
N GLU O 173 46.06 49.81 -33.37
CA GLU O 173 45.71 48.42 -33.62
C GLU O 173 44.27 48.11 -33.22
N VAL O 174 43.88 48.49 -32.00
CA VAL O 174 42.53 48.17 -31.58
C VAL O 174 41.49 48.94 -32.40
N LYS O 175 41.82 50.17 -32.82
CA LYS O 175 40.86 50.91 -33.64
C LYS O 175 40.67 50.27 -35.01
N ASN O 176 41.76 49.92 -35.68
CA ASN O 176 41.63 49.23 -36.96
C ASN O 176 40.90 47.90 -36.80
N GLY O 177 41.15 47.21 -35.69
CA GLY O 177 40.45 45.96 -35.43
C GLY O 177 38.95 46.16 -35.32
N ARG O 178 38.53 47.21 -34.62
CA ARG O 178 37.09 47.50 -34.53
C ARG O 178 36.51 47.81 -35.90
N LEU O 179 37.23 48.60 -36.70
CA LEU O 179 36.76 48.92 -38.04
C LEU O 179 36.57 47.66 -38.88
N ALA O 180 37.54 46.75 -38.84
CA ALA O 180 37.44 45.52 -39.62
C ALA O 180 36.34 44.61 -39.10
N MET O 181 36.09 44.61 -37.78
CA MET O 181 34.97 43.83 -37.25
C MET O 181 33.65 44.33 -37.81
N LEU O 182 33.44 45.64 -37.74
CA LEU O 182 32.28 46.25 -38.38
C LEU O 182 32.18 45.83 -39.84
N ALA O 183 33.31 45.86 -40.55
CA ALA O 183 33.31 45.56 -41.97
C ALA O 183 32.89 44.12 -42.24
N ILE O 184 33.33 43.19 -41.40
CA ILE O 184 32.96 41.79 -41.59
C ILE O 184 31.46 41.59 -41.34
N LEU O 185 30.92 42.24 -40.31
CA LEU O 185 29.48 42.16 -40.09
C LEU O 185 28.71 42.71 -41.31
N GLY O 186 29.19 43.83 -41.85
CA GLY O 186 28.59 44.36 -43.07
C GLY O 186 28.69 43.40 -44.23
N TYR O 187 29.85 42.77 -44.40
CA TYR O 187 30.00 41.71 -45.40
C TYR O 187 28.89 40.69 -45.27
N PHE O 188 28.69 40.18 -44.06
CA PHE O 188 27.72 39.12 -43.85
C PHE O 188 26.32 39.56 -44.28
N ILE O 189 25.85 40.66 -43.73
CA ILE O 189 24.44 41.01 -43.97
C ILE O 189 24.22 41.58 -45.38
N GLN O 190 25.23 42.24 -45.96
CA GLN O 190 25.14 42.63 -47.36
C GLN O 190 25.08 41.41 -48.27
N GLY O 191 26.02 40.48 -48.10
CA GLY O 191 26.07 39.30 -48.93
C GLY O 191 24.88 38.39 -48.77
N LEU O 192 24.13 38.53 -47.67
CA LEU O 192 22.83 37.87 -47.66
C LEU O 192 21.80 38.70 -48.41
N VAL O 193 21.67 39.99 -48.08
CA VAL O 193 20.51 40.75 -48.52
C VAL O 193 20.52 40.93 -50.03
N THR O 194 21.62 41.44 -50.58
CA THR O 194 21.72 41.59 -52.02
C THR O 194 22.24 40.33 -52.70
N GLY O 195 23.03 39.52 -52.00
CA GLY O 195 23.43 38.22 -52.49
C GLY O 195 24.32 38.23 -53.71
N VAL O 196 25.27 39.15 -53.80
CA VAL O 196 26.16 39.22 -54.94
C VAL O 196 27.63 39.29 -54.57
N GLY O 197 28.02 39.76 -53.40
CA GLY O 197 29.41 39.94 -53.08
C GLY O 197 29.76 41.39 -52.80
N PRO O 198 30.57 41.62 -51.77
CA PRO O 198 30.83 43.01 -51.34
C PRO O 198 31.54 43.85 -52.37
N TYR O 199 32.54 43.31 -53.08
CA TYR O 199 33.20 44.11 -54.09
C TYR O 199 32.26 44.45 -55.23
N GLN O 200 31.58 43.44 -55.78
CA GLN O 200 30.58 43.70 -56.80
C GLN O 200 29.51 44.66 -56.30
N ASN O 201 29.13 44.53 -55.02
CA ASN O 201 28.13 45.43 -54.45
C ASN O 201 28.63 46.88 -54.45
N LEU O 202 29.87 47.08 -54.00
CA LEU O 202 30.45 48.41 -54.01
C LEU O 202 30.51 48.97 -55.43
N LEU O 203 30.90 48.14 -56.39
CA LEU O 203 31.02 48.63 -57.76
C LEU O 203 29.66 48.87 -58.40
N ASP O 204 28.62 48.19 -57.90
CA ASP O 204 27.25 48.45 -58.35
C ASP O 204 26.64 49.66 -57.65
N HIS O 205 27.23 50.11 -56.54
CA HIS O 205 26.77 51.32 -55.88
C HIS O 205 27.54 52.57 -56.29
N VAL O 206 28.81 52.44 -56.65
CA VAL O 206 29.61 53.58 -57.05
C VAL O 206 29.08 54.22 -58.32
N ALA O 207 28.40 53.45 -59.17
CA ALA O 207 27.87 54.02 -60.40
C ALA O 207 26.65 54.88 -60.12
N ASP O 208 25.57 54.27 -59.63
CA ASP O 208 24.43 55.09 -59.29
C ASP O 208 24.01 54.87 -57.84
N PRO O 209 23.47 55.88 -57.20
CA PRO O 209 22.94 55.67 -55.84
C PRO O 209 21.46 55.33 -55.85
N VAL O 210 20.90 54.99 -57.02
CA VAL O 210 19.47 54.71 -57.09
C VAL O 210 19.12 53.55 -56.18
N ASN O 211 19.98 52.53 -56.11
CA ASN O 211 19.68 51.31 -55.36
C ASN O 211 20.64 51.10 -54.21
N ASN O 212 20.81 52.15 -53.41
CA ASN O 212 21.74 52.11 -52.28
C ASN O 212 21.36 51.09 -51.24
N ASN O 213 20.32 51.34 -50.44
CA ASN O 213 19.99 50.42 -49.36
C ASN O 213 18.55 49.91 -49.38
N VAL O 214 17.59 50.84 -49.33
CA VAL O 214 16.19 50.46 -49.20
C VAL O 214 15.68 49.74 -50.43
N LEU O 215 16.39 49.87 -51.55
CA LEU O 215 15.99 49.17 -52.76
C LEU O 215 16.06 47.67 -52.57
N THR O 216 17.10 47.22 -51.89
CA THR O 216 17.35 45.80 -51.71
C THR O 216 16.47 45.17 -50.63
N SER O 217 15.60 45.95 -50.00
CA SER O 217 14.67 45.36 -49.03
C SER O 217 13.60 44.52 -49.69
N LEU O 218 13.50 44.54 -51.02
CA LEU O 218 12.67 43.53 -51.68
C LEU O 218 13.27 42.15 -51.54
N LYS O 219 14.57 42.06 -51.23
CA LYS O 219 15.27 40.82 -50.92
C LYS O 219 14.92 39.71 -51.92
N PHE O 220 15.45 39.90 -53.13
CA PHE O 220 15.25 39.00 -54.25
C PHE O 220 15.12 37.52 -53.85
N HIS O 221 15.99 37.06 -52.96
CA HIS O 221 16.04 35.65 -52.58
C HIS O 221 16.18 35.48 -51.07
N LYS P 1 57.26 -27.90 4.54
CA LYS P 1 56.02 -27.58 3.85
C LYS P 1 55.13 -28.82 3.69
N LYS P 2 53.94 -28.76 4.30
CA LYS P 2 53.00 -29.87 4.29
C LYS P 2 52.12 -29.91 3.05
N GLY P 3 52.56 -29.29 1.96
CA GLY P 3 51.88 -29.42 0.69
C GLY P 3 50.78 -28.41 0.49
N GLU P 4 50.75 -27.78 -0.68
CA GLU P 4 49.76 -26.77 -1.00
C GLU P 4 48.97 -27.22 -2.20
N TRP P 5 47.64 -27.22 -2.08
CA TRP P 5 46.82 -27.38 -3.27
C TRP P 5 46.82 -26.13 -4.14
N LEU P 6 47.37 -25.04 -3.68
CA LEU P 6 47.48 -23.84 -4.48
C LEU P 6 48.71 -23.08 -4.01
N PRO P 7 49.80 -23.12 -4.77
CA PRO P 7 51.08 -22.60 -4.27
C PRO P 7 51.06 -21.16 -3.80
N GLY P 8 50.08 -20.36 -4.22
CA GLY P 8 49.99 -19.02 -3.71
C GLY P 8 49.16 -18.90 -2.44
N LEU P 9 48.17 -19.78 -2.28
CA LEU P 9 47.16 -19.60 -1.25
C LEU P 9 47.64 -20.09 0.10
N ALA P 10 47.29 -19.33 1.14
CA ALA P 10 47.70 -19.65 2.50
C ALA P 10 46.84 -20.77 3.08
N SER P 11 47.36 -21.39 4.13
CA SER P 11 46.67 -22.47 4.80
C SER P 11 45.43 -21.95 5.51
N PRO P 12 44.53 -22.84 5.91
CA PRO P 12 43.53 -22.47 6.90
C PRO P 12 44.02 -22.79 8.30
N GLY P 13 43.69 -21.95 9.27
CA GLY P 13 44.20 -22.15 10.62
C GLY P 13 43.78 -23.45 11.27
N TYR P 14 42.72 -24.08 10.78
CA TYR P 14 42.19 -25.28 11.41
C TYR P 14 42.79 -26.57 10.84
N LEU P 15 43.60 -26.48 9.80
CA LEU P 15 44.32 -27.62 9.26
C LEU P 15 45.77 -27.52 9.71
N THR P 16 46.28 -28.60 10.31
CA THR P 16 47.55 -28.57 11.04
C THR P 16 48.60 -29.48 10.41
N GLY P 17 48.32 -30.10 9.28
CA GLY P 17 49.25 -31.06 8.75
C GLY P 17 49.40 -32.29 9.60
N SER P 18 48.41 -32.59 10.42
CA SER P 18 48.46 -33.71 11.37
C SER P 18 47.95 -34.99 10.73
N LEU P 19 46.73 -34.97 10.21
CA LEU P 19 46.18 -36.13 9.54
C LEU P 19 46.84 -36.30 8.17
N PRO P 20 47.01 -37.54 7.72
CA PRO P 20 47.56 -37.78 6.39
C PRO P 20 46.75 -37.07 5.31
N GLY P 21 47.43 -36.79 4.19
CA GLY P 21 46.80 -36.20 3.03
C GLY P 21 46.56 -34.71 3.14
N ASP P 22 46.91 -34.09 4.26
CA ASP P 22 46.70 -32.66 4.43
C ASP P 22 47.47 -31.88 3.39
N ASN P 23 46.77 -31.24 2.47
CA ASN P 23 47.38 -30.30 1.54
C ASN P 23 46.79 -28.91 1.70
N GLY P 24 45.95 -28.71 2.70
CA GLY P 24 45.41 -27.39 2.99
C GLY P 24 44.26 -26.96 2.11
N PHE P 25 43.36 -27.88 1.75
CA PHE P 25 42.28 -27.58 0.82
C PHE P 25 40.94 -27.72 1.53
N ASP P 26 40.29 -26.59 1.78
CA ASP P 26 38.91 -26.54 2.24
C ASP P 26 38.34 -25.15 2.04
N PRO P 27 38.13 -24.71 0.79
CA PRO P 27 37.72 -23.32 0.57
C PRO P 27 36.33 -22.97 1.05
N LEU P 28 35.41 -23.92 1.11
CA LEU P 28 34.04 -23.61 1.48
C LEU P 28 33.79 -23.68 2.99
N GLY P 29 34.85 -23.74 3.79
CA GLY P 29 34.70 -23.66 5.23
C GLY P 29 33.91 -24.78 5.85
N LEU P 30 33.95 -25.97 5.27
CA LEU P 30 33.12 -27.06 5.76
C LEU P 30 33.59 -27.58 7.11
N ALA P 31 34.89 -27.55 7.37
CA ALA P 31 35.46 -28.20 8.54
C ALA P 31 36.17 -27.21 9.46
N GLU P 32 35.65 -25.99 9.55
CA GLU P 32 36.23 -25.05 10.51
C GLU P 32 35.82 -25.35 11.95
N ASP P 33 35.20 -26.50 12.20
CA ASP P 33 34.82 -27.03 13.50
C ASP P 33 35.51 -28.37 13.74
N PRO P 34 36.11 -28.59 14.92
CA PRO P 34 36.84 -29.84 15.13
C PRO P 34 35.95 -31.09 15.13
N GLU P 35 34.73 -31.00 15.64
CA GLU P 35 33.83 -32.16 15.59
C GLU P 35 33.42 -32.48 14.16
N ASN P 36 33.10 -31.44 13.38
CA ASN P 36 32.85 -31.63 11.97
C ASN P 36 34.02 -32.32 11.28
N LEU P 37 35.25 -31.92 11.61
CA LEU P 37 36.41 -32.50 10.95
C LEU P 37 36.61 -33.94 11.36
N LYS P 38 36.43 -34.25 12.64
CA LYS P 38 36.55 -35.64 13.09
C LYS P 38 35.57 -36.54 12.35
N TRP P 39 34.35 -36.05 12.11
CA TRP P 39 33.37 -36.83 11.35
C TRP P 39 33.76 -36.94 9.86
N PHE P 40 34.20 -35.82 9.27
CA PHE P 40 34.46 -35.80 7.84
C PHE P 40 35.65 -36.65 7.43
N VAL P 41 36.67 -36.71 8.28
CA VAL P 41 37.82 -37.56 7.98
C VAL P 41 37.36 -38.99 7.79
N GLN P 42 36.52 -39.47 8.72
CA GLN P 42 36.04 -40.84 8.66
C GLN P 42 35.22 -41.07 7.39
N ALA P 43 34.31 -40.14 7.10
CA ALA P 43 33.49 -40.29 5.90
C ALA P 43 34.35 -40.35 4.65
N GLU P 44 35.39 -39.51 4.58
CA GLU P 44 36.28 -39.52 3.42
C GLU P 44 36.99 -40.86 3.27
N LEU P 45 37.56 -41.38 4.36
CA LEU P 45 38.25 -42.67 4.28
C LEU P 45 37.31 -43.77 3.80
N VAL P 46 36.10 -43.83 4.38
CA VAL P 46 35.24 -44.98 4.07
C VAL P 46 34.67 -44.86 2.66
N ASN P 47 34.26 -43.65 2.26
CA ASN P 47 33.79 -43.46 0.90
C ASN P 47 34.89 -43.82 -0.09
N GLY P 48 36.14 -43.47 0.24
CA GLY P 48 37.24 -43.76 -0.66
C GLY P 48 37.51 -45.25 -0.80
N ARG P 49 37.44 -45.98 0.30
CA ARG P 49 37.65 -47.42 0.21
C ARG P 49 36.55 -48.10 -0.61
N TRP P 50 35.30 -47.65 -0.43
CA TRP P 50 34.23 -48.21 -1.25
C TRP P 50 34.41 -47.87 -2.73
N ALA P 51 34.82 -46.64 -3.02
CA ALA P 51 35.07 -46.26 -4.41
C ALA P 51 36.20 -47.08 -5.00
N MET P 52 37.24 -47.35 -4.21
CA MET P 52 38.34 -48.19 -4.69
C MET P 52 37.83 -49.55 -5.11
N LEU P 53 37.14 -50.23 -4.20
CA LEU P 53 36.63 -51.56 -4.53
C LEU P 53 35.71 -51.49 -5.74
N GLY P 54 34.82 -50.49 -5.77
CA GLY P 54 33.84 -50.41 -6.84
C GLY P 54 34.47 -50.21 -8.20
N VAL P 55 35.39 -49.26 -8.32
CA VAL P 55 35.98 -48.97 -9.62
C VAL P 55 36.87 -50.11 -10.09
N ALA P 56 37.64 -50.70 -9.18
CA ALA P 56 38.44 -51.86 -9.59
C ALA P 56 37.55 -52.97 -10.12
N GLY P 57 36.52 -53.34 -9.34
CA GLY P 57 35.61 -54.40 -9.77
C GLY P 57 34.77 -54.02 -10.97
N MET P 58 34.67 -52.74 -11.28
CA MET P 58 33.96 -52.29 -12.48
C MET P 58 34.82 -52.47 -13.71
N LEU P 59 36.05 -51.96 -13.64
CA LEU P 59 36.91 -51.80 -14.81
C LEU P 59 37.74 -53.03 -15.14
N LEU P 60 38.32 -53.71 -14.14
CA LEU P 60 39.17 -54.85 -14.47
C LEU P 60 38.42 -55.98 -15.14
N PRO P 61 37.22 -56.37 -14.71
CA PRO P 61 36.47 -57.36 -15.48
C PRO P 61 36.30 -56.99 -16.93
N GLU P 62 36.21 -55.70 -17.26
CA GLU P 62 36.01 -55.29 -18.64
C GLU P 62 37.19 -55.71 -19.50
N VAL P 63 38.41 -55.36 -19.10
CA VAL P 63 39.55 -55.71 -19.95
C VAL P 63 39.80 -57.21 -19.90
N PHE P 64 39.51 -57.86 -18.77
CA PHE P 64 39.65 -59.32 -18.72
C PHE P 64 38.76 -60.00 -19.76
N THR P 65 37.51 -59.56 -19.86
CA THR P 65 36.64 -60.12 -20.89
C THR P 65 36.88 -59.54 -22.27
N SER P 66 37.64 -58.45 -22.39
CA SER P 66 37.90 -57.84 -23.67
C SER P 66 39.18 -58.32 -24.33
N ILE P 67 40.01 -59.08 -23.63
CA ILE P 67 41.05 -59.81 -24.35
C ILE P 67 40.84 -61.31 -24.14
N GLY P 68 39.58 -61.70 -23.99
CA GLY P 68 39.16 -63.08 -24.12
C GLY P 68 39.73 -64.07 -23.11
N ILE P 69 39.30 -63.98 -21.85
CA ILE P 69 39.64 -64.99 -20.86
C ILE P 69 38.37 -65.54 -20.25
N ILE P 70 37.54 -64.65 -19.72
CA ILE P 70 36.22 -64.98 -19.19
C ILE P 70 35.23 -64.05 -19.87
N ASN P 71 33.96 -64.46 -19.92
CA ASN P 71 32.92 -63.61 -20.45
C ASN P 71 32.04 -63.12 -19.30
N VAL P 72 32.19 -61.84 -18.96
CA VAL P 72 31.37 -61.19 -17.96
C VAL P 72 30.53 -60.11 -18.64
N PRO P 73 29.39 -59.74 -18.09
CA PRO P 73 28.62 -58.61 -18.63
C PRO P 73 29.24 -57.26 -18.30
N LYS P 74 28.52 -56.19 -18.62
CA LYS P 74 28.94 -54.86 -18.20
C LYS P 74 28.32 -54.52 -16.85
N TRP P 75 28.98 -53.61 -16.13
CA TRP P 75 28.51 -53.26 -14.80
C TRP P 75 27.11 -52.68 -14.84
N TYR P 76 26.81 -51.81 -15.81
CA TYR P 76 25.46 -51.27 -15.91
C TYR P 76 24.48 -52.25 -16.52
N ASP P 77 24.87 -53.52 -16.65
CA ASP P 77 23.99 -54.60 -17.05
C ASP P 77 23.96 -55.74 -16.06
N ALA P 78 25.02 -55.92 -15.27
CA ALA P 78 25.18 -57.14 -14.48
C ALA P 78 24.09 -57.34 -13.45
N GLY P 79 23.37 -56.27 -13.08
CA GLY P 79 22.27 -56.42 -12.15
C GLY P 79 21.06 -57.10 -12.73
N LYS P 80 21.00 -57.25 -14.04
CA LYS P 80 19.86 -57.87 -14.70
C LYS P 80 20.03 -59.35 -14.96
N GLU P 81 21.26 -59.82 -15.19
CA GLU P 81 21.47 -61.24 -15.44
C GLU P 81 20.96 -62.05 -14.26
N GLU P 82 20.24 -63.12 -14.56
CA GLU P 82 19.65 -63.92 -13.50
C GLU P 82 20.74 -64.71 -12.77
N TYR P 83 20.61 -64.79 -11.46
CA TYR P 83 21.56 -65.44 -10.58
C TYR P 83 20.88 -66.62 -9.91
N PHE P 84 21.60 -67.25 -8.98
CA PHE P 84 21.01 -68.37 -8.24
C PHE P 84 19.91 -67.93 -7.29
N ALA P 85 19.70 -66.63 -7.11
CA ALA P 85 18.69 -66.14 -6.18
C ALA P 85 18.13 -64.83 -6.69
N SER P 86 16.95 -64.49 -6.18
CA SER P 86 16.30 -63.25 -6.51
C SER P 86 17.25 -62.09 -6.27
N SER P 87 17.02 -60.96 -6.91
CA SER P 87 17.74 -59.79 -6.44
C SER P 87 17.12 -59.25 -5.14
N SER P 88 15.85 -59.55 -4.90
CA SER P 88 15.28 -59.18 -3.61
C SER P 88 15.93 -59.93 -2.45
N THR P 89 16.18 -61.23 -2.65
CA THR P 89 16.80 -62.02 -1.59
C THR P 89 18.19 -61.50 -1.27
N LEU P 90 19.00 -61.30 -2.30
CA LEU P 90 20.34 -60.78 -2.10
C LEU P 90 20.31 -59.40 -1.44
N PHE P 91 19.34 -58.56 -1.82
CA PHE P 91 19.26 -57.24 -1.21
C PHE P 91 18.93 -57.34 0.27
N VAL P 92 18.03 -58.24 0.66
CA VAL P 92 17.69 -58.33 2.08
C VAL P 92 18.86 -58.87 2.90
N ILE P 93 19.54 -59.90 2.39
CA ILE P 93 20.74 -60.39 3.07
C ILE P 93 21.73 -59.25 3.25
N GLU P 94 21.99 -58.51 2.18
CA GLU P 94 22.91 -57.39 2.24
C GLU P 94 22.48 -56.39 3.30
N PHE P 95 21.18 -56.12 3.39
CA PHE P 95 20.70 -55.13 4.35
C PHE P 95 21.00 -55.57 5.78
N ILE P 96 20.73 -56.83 6.11
CA ILE P 96 20.95 -57.25 7.49
C ILE P 96 22.44 -57.24 7.83
N LEU P 97 23.29 -57.76 6.93
CA LEU P 97 24.71 -57.81 7.22
C LEU P 97 25.32 -56.39 7.33
N PHE P 98 24.92 -55.49 6.44
CA PHE P 98 25.44 -54.14 6.52
C PHE P 98 24.89 -53.40 7.71
N HIS P 99 23.66 -53.71 8.12
CA HIS P 99 23.15 -53.20 9.38
C HIS P 99 24.11 -53.50 10.52
N TYR P 100 24.46 -54.78 10.67
CA TYR P 100 25.34 -55.16 11.76
C TYR P 100 26.66 -54.40 11.70
N VAL P 101 27.36 -54.51 10.57
CA VAL P 101 28.72 -53.98 10.57
C VAL P 101 28.73 -52.46 10.65
N GLU P 102 27.73 -51.79 10.09
CA GLU P 102 27.73 -50.33 10.14
C GLU P 102 27.38 -49.82 11.54
N ILE P 103 26.52 -50.51 12.29
CA ILE P 103 26.31 -50.03 13.64
C ILE P 103 27.53 -50.33 14.53
N ARG P 104 28.26 -51.41 14.25
CA ARG P 104 29.51 -51.63 14.97
C ARG P 104 30.50 -50.50 14.72
N ARG P 105 30.72 -50.19 13.44
CA ARG P 105 31.58 -49.06 13.08
C ARG P 105 31.10 -47.78 13.76
N TRP P 106 29.78 -47.58 13.80
CA TRP P 106 29.22 -46.40 14.43
C TRP P 106 29.67 -46.28 15.88
N GLN P 107 29.43 -47.33 16.67
CA GLN P 107 29.80 -47.26 18.08
C GLN P 107 31.29 -47.03 18.25
N ASP P 108 32.12 -47.58 17.36
CA ASP P 108 33.56 -47.33 17.51
C ASP P 108 33.94 -45.89 17.17
N ILE P 109 33.27 -45.27 16.20
CA ILE P 109 33.49 -43.84 15.96
C ILE P 109 33.08 -43.04 17.18
N LYS P 110 31.93 -43.39 17.76
CA LYS P 110 31.40 -42.63 18.89
C LYS P 110 32.24 -42.81 20.14
N ASN P 111 32.83 -43.98 20.32
CA ASN P 111 33.43 -44.37 21.59
C ASN P 111 34.54 -45.38 21.31
N PRO P 112 35.73 -44.90 20.95
CA PRO P 112 36.81 -45.82 20.55
C PRO P 112 37.09 -46.86 21.61
N GLY P 113 37.36 -48.08 21.15
CA GLY P 113 37.73 -49.18 22.02
C GLY P 113 36.58 -49.90 22.69
N SER P 114 35.35 -49.43 22.53
CA SER P 114 34.21 -49.98 23.25
C SER P 114 33.55 -51.15 22.53
N VAL P 115 33.79 -51.33 21.23
CA VAL P 115 33.22 -52.43 20.48
C VAL P 115 34.30 -53.40 20.03
N ASN P 116 35.44 -53.41 20.73
CA ASN P 116 36.59 -54.17 20.26
C ASN P 116 36.41 -55.65 20.44
N GLN P 117 36.03 -56.08 21.64
CA GLN P 117 36.07 -57.50 21.97
C GLN P 117 34.91 -58.26 21.35
N ASP P 118 35.19 -59.50 20.96
CA ASP P 118 34.20 -60.40 20.40
C ASP P 118 32.99 -60.50 21.34
N PRO P 119 31.76 -60.40 20.83
CA PRO P 119 30.59 -60.56 21.69
C PRO P 119 30.19 -62.01 21.92
N ILE P 120 30.77 -62.97 21.19
CA ILE P 120 30.40 -64.37 21.39
C ILE P 120 31.43 -65.06 22.26
N PHE P 121 32.69 -64.99 21.85
CA PHE P 121 33.80 -65.55 22.61
C PHE P 121 34.43 -64.42 23.41
N LYS P 122 34.45 -64.58 24.74
CA LYS P 122 34.87 -63.48 25.59
C LYS P 122 36.38 -63.23 25.53
N GLN P 123 37.14 -64.10 24.90
CA GLN P 123 38.51 -63.80 24.50
C GLN P 123 38.46 -63.12 23.13
N TYR P 124 39.62 -63.03 22.46
CA TYR P 124 39.69 -62.60 21.07
C TYR P 124 39.09 -61.20 20.89
N SER P 125 39.76 -60.25 21.51
CA SER P 125 39.42 -58.84 21.38
C SER P 125 40.23 -58.24 20.22
N LEU P 126 40.29 -56.91 20.15
CA LEU P 126 41.21 -56.24 19.25
C LEU P 126 42.19 -55.37 20.04
N PRO P 127 43.42 -55.23 19.57
CA PRO P 127 44.34 -54.25 20.17
C PRO P 127 43.86 -52.83 19.91
N ALA P 128 44.47 -51.89 20.63
CA ALA P 128 43.93 -50.53 20.76
C ALA P 128 44.56 -49.59 19.73
N GLY P 129 44.10 -49.72 18.49
CA GLY P 129 44.57 -48.84 17.43
C GLY P 129 43.88 -47.49 17.44
N GLU P 130 43.57 -46.94 16.27
CA GLU P 130 42.90 -45.66 16.16
C GLU P 130 41.63 -45.80 15.32
N VAL P 131 40.82 -44.76 15.34
CA VAL P 131 39.56 -44.75 14.60
C VAL P 131 39.82 -44.43 13.15
N GLY P 132 39.19 -45.19 12.26
CA GLY P 132 39.52 -45.15 10.85
C GLY P 132 40.60 -46.12 10.44
N TYR P 133 41.22 -46.81 11.39
CA TYR P 133 42.35 -47.71 11.10
C TYR P 133 42.31 -48.87 12.07
N PRO P 134 41.32 -49.76 11.95
CA PRO P 134 41.27 -50.92 12.82
C PRO P 134 42.19 -52.03 12.34
N GLY P 135 43.36 -52.19 12.97
CA GLY P 135 44.28 -53.21 12.52
C GLY P 135 43.92 -54.56 13.07
N GLY P 136 44.89 -55.26 13.64
CA GLY P 136 44.59 -56.50 14.35
C GLY P 136 44.21 -57.62 13.40
N ILE P 137 43.06 -58.25 13.65
CA ILE P 137 42.59 -59.33 12.78
C ILE P 137 42.31 -58.78 11.39
N PHE P 138 41.79 -57.57 11.31
CA PHE P 138 41.57 -56.93 10.04
C PHE P 138 42.86 -56.57 9.34
N ASN P 139 43.99 -56.98 9.91
CA ASN P 139 45.31 -56.76 9.30
C ASN P 139 46.17 -57.99 9.50
N PRO P 140 45.83 -59.10 8.82
CA PRO P 140 46.59 -60.34 9.02
C PRO P 140 48.05 -60.24 8.60
N LEU P 141 48.31 -59.61 7.47
CA LEU P 141 49.67 -59.48 6.97
C LEU P 141 50.52 -58.56 7.81
N ASN P 142 49.95 -57.93 8.84
CA ASN P 142 50.70 -57.16 9.83
C ASN P 142 51.59 -56.11 9.18
N PHE P 143 51.09 -55.50 8.11
CA PHE P 143 51.80 -54.40 7.48
C PHE P 143 51.91 -53.24 8.45
N ALA P 144 53.01 -52.50 8.33
CA ALA P 144 53.21 -51.36 9.21
C ALA P 144 52.23 -50.24 8.86
N PRO P 145 51.27 -49.92 9.71
CA PRO P 145 50.34 -48.82 9.38
C PRO P 145 50.99 -47.46 9.53
N THR P 146 52.03 -47.20 8.75
CA THR P 146 52.89 -46.05 8.94
C THR P 146 52.28 -44.81 8.28
N LEU P 147 52.92 -43.66 8.56
CA LEU P 147 52.42 -42.41 7.99
C LEU P 147 52.53 -42.41 6.48
N GLU P 148 53.59 -43.01 5.95
CA GLU P 148 53.78 -43.01 4.50
C GLU P 148 52.62 -43.71 3.81
N ALA P 149 52.14 -44.81 4.39
CA ALA P 149 51.15 -45.63 3.72
C ALA P 149 49.74 -45.10 3.87
N LYS P 150 49.48 -44.28 4.88
CA LYS P 150 48.17 -43.66 5.00
C LYS P 150 47.95 -42.60 3.91
N GLU P 151 49.01 -41.85 3.59
CA GLU P 151 48.93 -40.92 2.47
C GLU P 151 48.73 -41.67 1.15
N LYS P 152 49.43 -42.81 1.00
CA LYS P 152 49.14 -43.70 -0.12
C LYS P 152 47.66 -44.05 -0.17
N GLU P 153 47.12 -44.48 0.97
CA GLU P 153 45.74 -44.90 1.03
C GLU P 153 44.80 -43.81 0.55
N ILE P 154 44.90 -42.63 1.18
CA ILE P 154 43.89 -41.62 0.88
C ILE P 154 44.06 -41.08 -0.53
N ALA P 155 45.27 -41.11 -1.07
CA ALA P 155 45.43 -40.69 -2.45
C ALA P 155 44.78 -41.68 -3.41
N ASN P 156 44.97 -42.98 -3.18
CA ASN P 156 44.28 -43.98 -3.99
C ASN P 156 42.77 -43.85 -3.86
N GLY P 157 42.30 -43.55 -2.64
CA GLY P 157 40.86 -43.42 -2.44
C GLY P 157 40.26 -42.22 -3.16
N ARG P 158 40.97 -41.08 -3.13
CA ARG P 158 40.48 -39.90 -3.83
C ARG P 158 40.42 -40.16 -5.33
N LEU P 159 41.51 -40.71 -5.88
CA LEU P 159 41.49 -40.99 -7.31
C LEU P 159 40.41 -41.98 -7.67
N ALA P 160 40.10 -42.91 -6.77
CA ALA P 160 39.04 -43.87 -7.04
C ALA P 160 37.67 -43.21 -7.05
N MET P 161 37.43 -42.26 -6.14
CA MET P 161 36.17 -41.54 -6.16
C MET P 161 36.00 -40.76 -7.47
N LEU P 162 37.08 -40.14 -7.96
CA LEU P 162 36.99 -39.44 -9.23
C LEU P 162 36.76 -40.41 -10.39
N ALA P 163 37.38 -41.59 -10.33
CA ALA P 163 37.14 -42.59 -11.35
C ALA P 163 35.68 -43.02 -11.38
N PHE P 164 35.05 -43.10 -10.20
CA PHE P 164 33.63 -43.46 -10.14
C PHE P 164 32.77 -42.39 -10.80
N LEU P 165 32.99 -41.12 -10.41
CA LEU P 165 32.31 -40.00 -11.06
C LEU P 165 32.39 -40.15 -12.57
N GLY P 166 33.61 -40.40 -13.06
CA GLY P 166 33.81 -40.54 -14.49
C GLY P 166 32.99 -41.66 -15.08
N PHE P 167 33.06 -42.85 -14.49
CA PHE P 167 32.35 -44.00 -15.04
C PHE P 167 30.87 -43.71 -15.20
N ILE P 168 30.26 -43.10 -14.18
CA ILE P 168 28.81 -42.95 -14.24
C ILE P 168 28.40 -41.86 -15.23
N ILE P 169 29.09 -40.71 -15.23
CA ILE P 169 28.71 -39.68 -16.20
C ILE P 169 28.99 -40.16 -17.61
N GLN P 170 30.11 -40.87 -17.79
CA GLN P 170 30.44 -41.46 -19.08
C GLN P 170 29.31 -42.35 -19.57
N HIS P 171 28.91 -43.33 -18.76
CA HIS P 171 27.89 -44.26 -19.20
C HIS P 171 26.60 -43.52 -19.54
N ASN P 172 26.24 -42.50 -18.75
CA ASN P 172 24.96 -41.86 -19.01
C ASN P 172 24.97 -40.97 -20.23
N VAL P 173 26.14 -40.47 -20.68
CA VAL P 173 26.12 -39.59 -21.85
C VAL P 173 26.51 -40.34 -23.12
N THR P 174 27.41 -41.32 -23.04
CA THR P 174 27.85 -42.06 -24.23
C THR P 174 27.06 -43.34 -24.42
N GLY P 175 27.14 -44.25 -23.46
CA GLY P 175 26.26 -45.41 -23.46
C GLY P 175 26.94 -46.77 -23.51
N LYS P 176 28.26 -46.83 -23.35
CA LYS P 176 28.96 -48.11 -23.40
C LYS P 176 29.98 -48.16 -22.27
N GLY P 177 30.87 -49.15 -22.32
CA GLY P 177 31.80 -49.40 -21.25
C GLY P 177 32.91 -48.36 -21.21
N PRO P 178 33.56 -48.22 -20.06
CA PRO P 178 34.70 -47.29 -19.96
C PRO P 178 35.93 -47.74 -20.74
N PHE P 179 36.09 -49.03 -21.02
CA PHE P 179 37.19 -49.49 -21.86
C PHE P 179 36.90 -49.20 -23.34
N ASP P 180 35.66 -49.48 -23.78
CA ASP P 180 35.17 -48.95 -25.04
C ASP P 180 35.56 -47.49 -25.18
N ASN P 181 35.11 -46.69 -24.23
CA ASN P 181 35.37 -45.26 -24.23
C ASN P 181 36.86 -44.98 -24.38
N LEU P 182 37.68 -45.60 -23.53
CA LEU P 182 39.09 -45.29 -23.52
C LEU P 182 39.72 -45.56 -24.87
N LEU P 183 39.67 -46.80 -25.33
CA LEU P 183 40.42 -47.12 -26.55
C LEU P 183 39.87 -46.41 -27.79
N GLN P 184 38.53 -46.32 -27.89
CA GLN P 184 37.94 -45.57 -28.98
C GLN P 184 38.34 -44.11 -28.94
N HIS P 185 38.73 -43.58 -27.79
CA HIS P 185 39.44 -42.30 -27.83
C HIS P 185 40.91 -42.47 -28.17
N ILE P 186 41.49 -43.62 -27.82
CA ILE P 186 42.95 -43.76 -27.87
C ILE P 186 43.44 -43.66 -29.29
N SER P 187 42.95 -44.54 -30.16
CA SER P 187 43.57 -44.62 -31.48
C SER P 187 43.39 -43.31 -32.27
N ASP P 188 42.16 -42.90 -32.50
CA ASP P 188 42.02 -41.57 -33.10
C ASP P 188 41.52 -40.57 -32.07
N PRO P 189 42.44 -39.86 -31.40
CA PRO P 189 42.05 -38.97 -30.29
C PRO P 189 41.56 -37.60 -30.72
N TRP P 190 42.15 -37.06 -31.77
CA TRP P 190 41.80 -35.67 -32.06
C TRP P 190 40.44 -35.50 -32.68
N HIS P 191 39.67 -36.59 -32.76
CA HIS P 191 38.25 -36.52 -33.07
C HIS P 191 37.44 -37.37 -32.11
N ASN P 192 37.97 -37.63 -30.90
CA ASN P 192 37.31 -38.48 -29.91
C ASN P 192 37.38 -37.79 -28.56
N THR P 193 36.38 -36.95 -28.29
CA THR P 193 36.37 -36.10 -27.11
C THR P 193 35.05 -36.20 -26.38
N ILE P 194 34.90 -35.39 -25.32
CA ILE P 194 33.58 -35.13 -24.78
C ILE P 194 32.81 -34.16 -25.67
N VAL P 195 33.52 -33.39 -26.51
CA VAL P 195 32.87 -32.37 -27.33
C VAL P 195 32.07 -33.02 -28.44
N GLN P 196 32.71 -33.90 -29.22
CA GLN P 196 31.96 -34.62 -30.24
C GLN P 196 30.91 -35.53 -29.63
N THR P 197 31.11 -35.96 -28.39
CA THR P 197 30.06 -36.68 -27.69
C THR P 197 28.87 -35.77 -27.41
N LEU P 198 29.11 -34.47 -27.29
CA LEU P 198 28.03 -33.51 -27.08
C LEU P 198 27.81 -32.66 -28.32
N ALA Q 1 43.08 11.18 20.10
CA ALA Q 1 42.91 10.12 21.07
C ALA Q 1 42.45 10.67 22.41
N SER Q 2 43.30 10.54 23.43
CA SER Q 2 42.94 10.88 24.79
C SER Q 2 43.46 12.29 25.10
N TYR Q 3 42.75 13.28 24.58
CA TYR Q 3 43.11 14.68 24.80
C TYR Q 3 42.72 15.14 26.20
N LYS Q 4 43.43 16.15 26.68
CA LYS Q 4 43.16 16.69 27.99
C LYS Q 4 41.96 17.61 27.95
N VAL Q 5 41.14 17.53 28.99
CA VAL Q 5 39.89 18.28 29.08
C VAL Q 5 40.02 19.31 30.18
N LYS Q 6 39.42 20.47 29.96
CA LYS Q 6 39.41 21.55 30.93
C LYS Q 6 37.98 22.00 31.19
N LEU Q 7 37.57 21.99 32.45
CA LEU Q 7 36.21 22.36 32.84
C LEU Q 7 36.27 23.43 33.92
N VAL Q 8 35.89 24.66 33.56
CA VAL Q 8 35.59 25.64 34.59
C VAL Q 8 34.37 25.15 35.36
N THR Q 9 34.33 25.44 36.66
CA THR Q 9 33.30 24.94 37.54
C THR Q 9 33.34 25.74 38.83
N PRO Q 10 32.20 25.97 39.49
CA PRO Q 10 32.22 26.63 40.81
C PRO Q 10 33.19 25.98 41.80
N ASP Q 11 33.47 24.69 41.65
CA ASP Q 11 34.50 24.05 42.46
C ASP Q 11 35.90 24.45 42.03
N GLY Q 12 36.06 24.98 40.82
CA GLY Q 12 37.36 25.33 40.30
C GLY Q 12 37.52 24.90 38.86
N THR Q 13 38.75 24.59 38.44
CA THR Q 13 39.03 24.12 37.10
C THR Q 13 40.01 22.96 37.19
N GLN Q 14 39.60 21.78 36.73
CA GLN Q 14 40.41 20.57 36.83
C GLN Q 14 40.47 19.84 35.49
N GLU Q 15 41.53 19.06 35.34
CA GLU Q 15 41.82 18.36 34.11
C GLU Q 15 41.86 16.87 34.35
N PHE Q 16 41.44 16.12 33.34
CA PHE Q 16 41.46 14.68 33.36
C PHE Q 16 41.66 14.21 31.93
N GLU Q 17 42.26 13.04 31.77
CA GLU Q 17 42.56 12.58 30.43
C GLU Q 17 41.59 11.51 29.99
N CYS Q 18 41.23 11.53 28.71
CA CYS Q 18 40.17 10.63 28.33
C CYS Q 18 39.94 10.52 26.83
N PRO Q 19 39.89 9.27 26.33
CA PRO Q 19 39.91 9.05 24.88
C PRO Q 19 38.76 9.71 24.14
N SER Q 20 39.00 10.01 22.86
CA SER Q 20 38.01 10.68 22.02
C SER Q 20 36.76 9.84 21.79
N ASP Q 21 36.80 8.53 22.03
CA ASP Q 21 35.58 7.74 21.72
C ASP Q 21 34.58 7.84 22.88
N VAL Q 22 34.77 8.75 23.85
CA VAL Q 22 33.95 8.69 25.01
C VAL Q 22 33.10 9.96 25.13
N TYR Q 23 32.06 9.88 25.96
CA TYR Q 23 31.31 11.06 26.37
C TYR Q 23 31.98 11.72 27.56
N ILE Q 24 31.95 13.05 27.57
CA ILE Q 24 32.66 13.83 28.58
C ILE Q 24 32.22 13.45 29.98
N LEU Q 25 30.92 13.17 30.15
CA LEU Q 25 30.36 13.04 31.49
C LEU Q 25 30.92 11.84 32.22
N ASP Q 26 31.06 10.69 31.54
CA ASP Q 26 31.56 9.51 32.21
C ASP Q 26 33.03 9.64 32.52
N HIS Q 27 33.69 10.54 31.84
CA HIS Q 27 35.10 10.77 32.02
C HIS Q 27 35.40 11.73 33.16
N ALA Q 28 34.56 12.74 33.34
CA ALA Q 28 34.56 13.46 34.61
C ALA Q 28 34.04 12.58 35.74
N GLU Q 29 33.28 11.53 35.40
CA GLU Q 29 32.90 10.52 36.38
C GLU Q 29 34.09 9.69 36.82
N GLU Q 30 35.04 9.42 35.92
CA GLU Q 30 36.17 8.57 36.24
C GLU Q 30 37.02 9.17 37.36
N VAL Q 31 37.57 10.35 37.13
CA VAL Q 31 38.50 10.93 38.08
C VAL Q 31 37.78 11.45 39.32
N GLY Q 32 36.53 11.87 39.17
CA GLY Q 32 35.71 12.20 40.32
C GLY Q 32 35.49 13.68 40.56
N ILE Q 33 35.28 14.46 39.51
CA ILE Q 33 34.88 15.86 39.66
C ILE Q 33 33.40 15.92 39.31
N ASP Q 34 32.57 16.14 40.33
CA ASP Q 34 31.13 15.97 40.21
C ASP Q 34 30.51 17.04 39.31
N LEU Q 35 29.61 16.62 38.44
CA LEU Q 35 28.90 17.49 37.52
C LEU Q 35 27.41 17.21 37.59
N PRO Q 36 26.59 18.19 37.19
CA PRO Q 36 25.13 17.98 37.27
C PRO Q 36 24.55 17.32 36.03
N TYR Q 37 23.83 16.21 36.23
CA TYR Q 37 23.15 15.54 35.14
C TYR Q 37 21.78 15.08 35.62
N SER Q 38 20.87 14.88 34.67
CA SER Q 38 19.58 14.26 34.95
C SER Q 38 19.32 13.04 34.07
N CYS Q 39 19.50 13.17 32.76
CA CYS Q 39 19.01 12.24 31.76
C CYS Q 39 20.05 11.22 31.33
N ARG Q 40 21.28 11.65 31.05
CA ARG Q 40 22.34 10.83 30.45
C ARG Q 40 21.93 10.30 29.08
N ALA Q 41 20.92 10.91 28.46
CA ALA Q 41 20.41 10.46 27.18
C ALA Q 41 20.26 11.57 26.15
N GLY Q 42 20.64 12.80 26.48
CA GLY Q 42 20.58 13.88 25.51
C GLY Q 42 19.19 14.40 25.24
N SER Q 43 18.33 14.46 26.25
CA SER Q 43 16.95 14.87 26.07
C SER Q 43 16.50 15.81 27.17
N CYS Q 44 17.41 16.63 27.70
CA CYS Q 44 17.09 17.64 28.70
C CYS Q 44 18.25 18.64 28.74
N SER Q 45 18.18 19.59 29.69
CA SER Q 45 19.22 20.65 29.72
C SER Q 45 19.96 20.74 31.05
N SER Q 46 20.09 19.62 31.78
CA SER Q 46 20.85 19.68 33.03
C SER Q 46 22.36 19.60 32.80
N CYS Q 47 22.79 18.81 31.82
CA CYS Q 47 24.21 18.67 31.51
C CYS Q 47 24.70 19.72 30.52
N ALA Q 48 24.05 20.87 30.46
CA ALA Q 48 24.39 21.89 29.48
C ALA Q 48 25.69 22.60 29.86
N GLY Q 49 26.40 23.07 28.84
CA GLY Q 49 27.64 23.82 29.03
C GLY Q 49 28.07 24.44 27.73
N LYS Q 50 28.99 25.39 27.83
CA LYS Q 50 29.57 26.05 26.67
C LYS Q 50 31.08 25.92 26.68
N VAL Q 51 31.71 26.38 25.61
CA VAL Q 51 33.09 26.06 25.29
C VAL Q 51 33.95 27.33 25.35
N VAL Q 52 35.21 27.14 25.74
CA VAL Q 52 36.21 28.19 25.69
C VAL Q 52 37.09 28.08 24.45
N GLY Q 53 37.30 26.85 23.96
CA GLY Q 53 38.20 26.63 22.86
C GLY Q 53 38.07 25.23 22.31
N GLY Q 54 38.49 25.07 21.05
CA GLY Q 54 38.23 23.82 20.36
C GLY Q 54 36.74 23.71 20.08
N GLU Q 55 36.32 22.48 19.75
CA GLU Q 55 34.90 22.20 19.60
C GLU Q 55 34.67 20.70 19.71
N VAL Q 56 33.46 20.35 20.15
CA VAL Q 56 33.14 19.00 20.61
C VAL Q 56 32.15 18.36 19.65
N ASP Q 57 32.34 17.07 19.40
CA ASP Q 57 31.47 16.29 18.52
C ASP Q 57 30.07 16.19 19.10
N GLN Q 58 29.10 16.74 18.37
CA GLN Q 58 27.69 16.69 18.77
C GLN Q 58 26.84 15.96 17.73
N SER Q 59 27.35 14.84 17.23
CA SER Q 59 26.61 14.05 16.26
C SER Q 59 25.36 13.43 16.90
N ASP Q 60 25.54 12.71 18.00
CA ASP Q 60 24.41 12.06 18.67
C ASP Q 60 23.80 12.96 19.73
N GLY Q 61 23.51 14.21 19.36
CA GLY Q 61 22.81 15.12 20.22
C GLY Q 61 21.48 15.50 19.60
N SER Q 62 20.47 15.62 20.46
CA SER Q 62 19.09 15.88 20.00
C SER Q 62 18.35 16.74 21.02
N PHE Q 63 17.10 17.11 20.70
CA PHE Q 63 16.29 18.01 21.55
C PHE Q 63 17.08 19.31 21.80
N LEU Q 64 17.64 19.88 20.73
CA LEU Q 64 18.40 21.13 20.85
C LEU Q 64 17.89 22.08 19.77
N ASP Q 65 18.11 23.39 19.95
CA ASP Q 65 17.69 24.38 18.92
C ASP Q 65 18.61 24.22 17.70
N ASP Q 66 18.10 24.51 16.51
CA ASP Q 66 18.91 24.44 15.26
C ASP Q 66 20.02 25.48 15.36
N GLU Q 67 20.35 25.93 16.57
CA GLU Q 67 21.40 26.97 16.78
C GLU Q 67 22.28 26.60 17.97
N GLN Q 68 21.68 26.05 19.04
CA GLN Q 68 22.38 25.67 20.30
C GLN Q 68 23.72 24.98 20.01
N ILE Q 69 23.93 24.52 18.77
CA ILE Q 69 25.19 23.81 18.41
C ILE Q 69 26.03 24.70 17.49
N GLU Q 70 25.65 25.97 17.34
CA GLU Q 70 26.40 26.89 16.44
C GLU Q 70 26.77 28.19 17.18
N ALA Q 71 26.35 28.33 18.45
CA ALA Q 71 26.66 29.52 19.22
C ALA Q 71 27.14 29.19 20.63
N GLY Q 72 27.46 27.93 20.91
CA GLY Q 72 28.23 27.60 22.10
C GLY Q 72 27.80 26.48 23.03
N PHE Q 73 26.50 26.39 23.31
CA PHE Q 73 26.02 25.38 24.30
C PHE Q 73 26.30 23.94 23.85
N VAL Q 74 26.54 23.09 24.84
CA VAL Q 74 26.75 21.67 24.57
C VAL Q 74 26.23 20.85 25.76
N LEU Q 75 25.71 19.66 25.47
CA LEU Q 75 25.27 18.69 26.52
C LEU Q 75 26.48 17.78 26.77
N THR Q 76 26.94 17.70 28.01
CA THR Q 76 28.17 16.96 28.29
C THR Q 76 28.01 15.45 28.16
N CYS Q 77 26.81 14.92 28.24
CA CYS Q 77 26.66 13.47 28.30
C CYS Q 77 26.56 12.79 26.95
N VAL Q 78 26.39 13.54 25.86
CA VAL Q 78 26.36 12.91 24.53
C VAL Q 78 27.46 13.47 23.64
N ALA Q 79 28.56 13.94 24.25
CA ALA Q 79 29.55 14.71 23.52
C ALA Q 79 30.90 14.03 23.54
N TYR Q 80 31.56 13.94 22.34
CA TYR Q 80 32.88 13.39 22.09
C TYR Q 80 33.90 14.51 21.99
N PRO Q 81 34.93 14.53 22.83
CA PRO Q 81 35.90 15.65 22.82
C PRO Q 81 36.99 15.50 21.78
N THR Q 82 36.73 15.96 20.55
CA THR Q 82 37.66 15.77 19.44
C THR Q 82 39.03 16.42 19.68
N SER Q 83 39.12 17.40 20.57
CA SER Q 83 40.35 18.17 20.75
C SER Q 83 40.61 18.36 22.24
N ASP Q 84 41.76 18.94 22.54
CA ASP Q 84 42.07 19.38 23.90
C ASP Q 84 41.18 20.57 24.20
N VAL Q 85 40.11 20.32 24.94
CA VAL Q 85 39.02 21.26 25.04
C VAL Q 85 39.11 22.04 26.35
N VAL Q 86 38.33 23.09 26.45
CA VAL Q 86 38.22 23.89 27.67
C VAL Q 86 36.77 24.36 27.77
N ILE Q 87 36.03 23.80 28.73
CA ILE Q 87 34.57 23.84 28.70
C ILE Q 87 34.03 24.41 30.00
N GLU Q 88 32.74 24.69 29.99
CA GLU Q 88 32.00 25.20 31.15
C GLU Q 88 31.08 24.12 31.68
N THR Q 89 30.77 24.21 32.97
CA THR Q 89 29.81 23.33 33.62
C THR Q 89 28.77 24.19 34.33
N HIS Q 90 27.71 23.54 34.78
CA HIS Q 90 26.58 24.21 35.44
C HIS Q 90 26.10 25.40 34.62
N LYS Q 91 25.65 25.11 33.40
CA LYS Q 91 25.34 26.12 32.41
C LYS Q 91 23.94 25.95 31.84
N GLU Q 92 23.03 25.40 32.64
CA GLU Q 92 21.70 25.09 32.12
C GLU Q 92 20.87 26.35 31.92
N GLU Q 93 20.83 27.24 32.91
CA GLU Q 93 19.83 28.30 32.85
C GLU Q 93 20.25 29.46 31.94
N ASP Q 94 21.53 29.83 31.94
CA ASP Q 94 21.92 30.86 30.98
C ASP Q 94 21.86 30.33 29.56
N LEU Q 95 21.42 29.06 29.49
CA LEU Q 95 21.08 28.31 28.27
C LEU Q 95 19.55 28.27 28.25
N THR Q 96 18.95 28.01 29.42
CA THR Q 96 17.50 28.05 29.60
C THR Q 96 16.94 29.44 29.39
N ALA Q 97 17.75 30.47 29.59
CA ALA Q 97 17.37 31.86 29.43
C ALA Q 97 16.23 32.20 30.38
#